data_3EK1
#
_entry.id   3EK1
#
_cell.length_a   91.870
_cell.length_b   93.010
_cell.length_c   143.700
_cell.angle_alpha   92.03
_cell.angle_beta   107.58
_cell.angle_gamma   109.65
#
_symmetry.space_group_name_H-M   'P 1'
#
loop_
_entity.id
_entity.type
_entity.pdbx_description
1 polymer 'Aldehyde dehydrogenase'
2 non-polymer 'SULFATE ION'
3 non-polymer '2-(N-MORPHOLINO)-ETHANESULFONIC ACID'
4 water water
#
_entity_poly.entity_id   1
_entity_poly.type   'polypeptide(L)'
_entity_poly.pdbx_seq_one_letter_code
;MAHHHHHHMGTLEAQTQGPGSMLALKDPSLLKSQCLVNGRWIDAADGTTIKVTNPADGSVIGTVPSLSVATIKEAIDASA
KALSGWAAKTAKERAGILRKWFDLIIANADDIALIMTSEQGKPLAEARGEVLYAASFIEWFAEEAKRVYGDTIPAPQNGQ
RLTVIRQPVGVTAAITPWNFPAAMITRKAAPALAAGCTMIVRPADLTPLTALALGVLAEKAGIPAGVLQIVTGKAREIGA
ELTSNDTVRKLSFTGSTEVGRLLMAQCAPTIKRISLELGGNAPFIVFDDADLDAAVDGAMVSKYRNAGQTCVCANRIYVQ
RGVYDKFAEKLAAKVKELKVGNGTEPGVVIGPMIEEKAITKVKAHIEDAVSKGAKLITGGKELGGLFFEPGILTGVTSDM
LVAKEETFGPLAPLFAFDTEEEVIAQANDTIFGLAAYFYTENFSRAIRVSEALEYGMVGHNTGLISNEVAPFGGVKQSGL
GREGSKYGIEEYLETKYICSAYKR
;
_entity_poly.pdbx_strand_id   A,B,C,D,E,F,G,H
#
loop_
_chem_comp.id
_chem_comp.type
_chem_comp.name
_chem_comp.formula
MES non-polymer '2-(N-MORPHOLINO)-ETHANESULFONIC ACID' 'C6 H13 N O4 S'
SO4 non-polymer 'SULFATE ION' 'O4 S -2'
#
# COMPACT_ATOMS: atom_id res chain seq x y z
N GLY A 20 -31.79 -8.12 -35.32
CA GLY A 20 -31.30 -6.76 -34.92
C GLY A 20 -30.63 -6.82 -33.55
N SER A 21 -30.09 -5.66 -33.10
CA SER A 21 -29.36 -5.55 -31.85
C SER A 21 -29.51 -4.16 -31.15
N MET A 22 -29.11 -4.09 -29.87
CA MET A 22 -29.37 -2.91 -29.03
C MET A 22 -28.37 -2.93 -27.86
N LEU A 23 -28.07 -1.80 -27.24
CA LEU A 23 -27.49 -1.81 -25.90
C LEU A 23 -28.47 -2.54 -24.95
N ALA A 24 -27.93 -3.22 -23.95
CA ALA A 24 -28.75 -3.99 -23.04
C ALA A 24 -29.32 -3.05 -21.95
N LEU A 25 -30.11 -2.07 -22.39
CA LEU A 25 -30.74 -1.11 -21.50
C LEU A 25 -31.88 -1.74 -20.73
N LYS A 26 -31.98 -1.42 -19.46
CA LYS A 26 -33.09 -1.88 -18.66
C LYS A 26 -34.34 -1.13 -19.09
N ASP A 27 -34.16 0.14 -19.44
CA ASP A 27 -35.23 0.97 -19.98
C ASP A 27 -34.80 1.52 -21.34
N PRO A 28 -35.35 0.96 -22.45
CA PRO A 28 -34.96 1.35 -23.78
C PRO A 28 -35.33 2.77 -24.12
N SER A 29 -36.30 3.37 -23.43
CA SER A 29 -36.75 4.70 -23.76
C SER A 29 -35.75 5.84 -23.42
N LEU A 30 -34.64 5.50 -22.80
CA LEU A 30 -33.63 6.50 -22.42
C LEU A 30 -32.74 6.80 -23.60
N LEU A 31 -32.70 5.93 -24.62
CA LEU A 31 -31.81 6.07 -25.77
C LEU A 31 -32.66 6.76 -26.83
N LYS A 32 -32.27 7.99 -27.15
CA LYS A 32 -33.05 8.84 -28.07
C LYS A 32 -32.27 9.06 -29.35
N SER A 33 -33.00 9.40 -30.42
CA SER A 33 -32.38 9.81 -31.69
C SER A 33 -32.95 11.15 -32.14
N GLN A 34 -33.51 11.87 -31.19
CA GLN A 34 -34.17 13.13 -31.45
C GLN A 34 -33.79 14.12 -30.39
N CYS A 35 -34.02 15.38 -30.72
CA CYS A 35 -33.74 16.50 -29.88
C CYS A 35 -35.01 16.85 -29.15
N LEU A 36 -34.82 17.42 -27.96
CA LEU A 36 -35.93 17.87 -27.15
C LEU A 36 -36.12 19.37 -27.33
N VAL A 37 -37.20 19.76 -27.99
CA VAL A 37 -37.49 21.12 -28.34
C VAL A 37 -38.94 21.41 -27.97
N ASN A 38 -39.11 22.32 -27.05
CA ASN A 38 -40.40 22.71 -26.55
C ASN A 38 -41.29 21.52 -26.22
N GLY A 39 -40.78 20.64 -25.39
CA GLY A 39 -41.60 19.57 -24.85
C GLY A 39 -41.88 18.47 -25.86
N ARG A 40 -41.30 18.56 -27.05
CA ARG A 40 -41.46 17.50 -28.06
C ARG A 40 -40.12 16.93 -28.48
N TRP A 41 -40.14 15.71 -28.96
CA TRP A 41 -38.94 15.05 -29.45
C TRP A 41 -38.91 15.18 -30.97
N ILE A 42 -37.91 15.86 -31.54
CA ILE A 42 -37.95 16.26 -32.96
C ILE A 42 -36.71 15.81 -33.74
N ASP A 43 -36.88 15.66 -35.04
CA ASP A 43 -35.76 15.51 -35.98
C ASP A 43 -35.50 16.88 -36.61
N ALA A 44 -34.39 16.97 -37.34
CA ALA A 44 -34.00 18.15 -38.09
C ALA A 44 -35.00 18.32 -39.22
N ALA A 45 -35.38 19.56 -39.50
CA ALA A 45 -36.31 19.84 -40.64
C ALA A 45 -35.81 19.19 -41.94
N ASP A 46 -34.49 19.16 -42.14
CA ASP A 46 -33.98 18.57 -43.37
C ASP A 46 -33.63 17.07 -43.23
N GLY A 47 -33.92 16.47 -42.08
CA GLY A 47 -33.58 15.06 -41.88
C GLY A 47 -32.11 14.72 -41.70
N THR A 48 -31.19 15.67 -41.75
CA THR A 48 -29.79 15.28 -41.60
C THR A 48 -29.46 14.97 -40.13
N THR A 49 -28.41 14.17 -39.93
CA THR A 49 -28.10 13.56 -38.65
C THR A 49 -26.60 13.56 -38.43
N ILE A 50 -26.20 13.32 -37.17
CA ILE A 50 -24.82 13.08 -36.74
C ILE A 50 -24.82 11.64 -36.23
N LYS A 51 -23.83 10.84 -36.62
CA LYS A 51 -23.66 9.49 -36.15
C LYS A 51 -22.81 9.44 -34.86
N VAL A 52 -23.30 8.72 -33.87
CA VAL A 52 -22.57 8.44 -32.64
C VAL A 52 -21.93 7.02 -32.69
N THR A 53 -20.61 6.99 -32.62
CA THR A 53 -19.81 5.78 -32.73
C THR A 53 -19.15 5.48 -31.41
N ASN A 54 -19.16 4.20 -31.09
CA ASN A 54 -18.50 3.68 -29.94
C ASN A 54 -17.01 3.67 -30.17
N PRO A 55 -16.24 4.41 -29.36
CA PRO A 55 -14.82 4.45 -29.66
C PRO A 55 -14.08 3.16 -29.34
N ALA A 56 -14.69 2.24 -28.61
CA ALA A 56 -14.03 1.00 -28.22
C ALA A 56 -13.96 0.06 -29.39
N ASP A 57 -14.94 0.14 -30.31
CA ASP A 57 -14.95 -0.81 -31.46
C ASP A 57 -15.49 -0.26 -32.77
N GLY A 58 -15.73 1.03 -32.88
CA GLY A 58 -16.24 1.54 -34.15
C GLY A 58 -17.70 1.22 -34.51
N SER A 59 -18.40 0.37 -33.76
CA SER A 59 -19.88 0.21 -33.95
C SER A 59 -20.72 1.50 -33.83
N VAL A 60 -21.77 1.62 -34.65
CA VAL A 60 -22.62 2.82 -34.66
C VAL A 60 -23.70 2.60 -33.60
N ILE A 61 -23.82 3.49 -32.61
CA ILE A 61 -24.75 3.30 -31.50
C ILE A 61 -26.09 3.83 -31.94
N GLY A 62 -26.05 4.90 -32.70
CA GLY A 62 -27.26 5.59 -33.14
C GLY A 62 -26.93 6.92 -33.78
N THR A 63 -27.95 7.63 -34.22
CA THR A 63 -27.78 9.00 -34.73
C THR A 63 -28.57 9.98 -33.92
N VAL A 64 -28.23 11.25 -34.05
CA VAL A 64 -29.04 12.33 -33.52
C VAL A 64 -29.14 13.38 -34.59
N PRO A 65 -30.13 14.27 -34.50
CA PRO A 65 -30.30 15.26 -35.54
C PRO A 65 -29.22 16.28 -35.64
N SER A 66 -29.02 16.79 -36.86
CA SER A 66 -28.20 18.00 -37.05
C SER A 66 -29.13 19.20 -37.31
N LEU A 67 -29.53 19.90 -36.26
CA LEU A 67 -30.56 20.86 -36.40
C LEU A 67 -30.09 22.14 -37.07
N SER A 68 -31.03 22.86 -37.68
CA SER A 68 -30.70 24.12 -38.37
C SER A 68 -30.80 25.34 -37.46
N VAL A 69 -30.17 26.40 -37.92
CA VAL A 69 -30.27 27.67 -37.21
C VAL A 69 -31.73 28.09 -37.06
N ALA A 70 -32.56 27.87 -38.07
CA ALA A 70 -33.98 28.19 -37.93
C ALA A 70 -34.63 27.41 -36.79
N THR A 71 -34.36 26.12 -36.71
CA THR A 71 -34.90 25.34 -35.62
C THR A 71 -34.32 25.85 -34.26
N ILE A 72 -33.03 26.13 -34.20
CA ILE A 72 -32.50 26.78 -33.02
C ILE A 72 -33.30 28.05 -32.65
N LYS A 73 -33.64 28.92 -33.61
CA LYS A 73 -34.38 30.16 -33.27
C LYS A 73 -35.75 29.89 -32.70
N GLU A 74 -36.43 28.87 -33.23
CA GLU A 74 -37.68 28.43 -32.66
C GLU A 74 -37.51 27.91 -31.22
N ALA A 75 -36.42 27.21 -30.94
CA ALA A 75 -36.15 26.73 -29.56
C ALA A 75 -35.98 27.91 -28.63
N ILE A 76 -35.31 28.97 -29.08
CA ILE A 76 -35.11 30.16 -28.27
C ILE A 76 -36.44 30.87 -27.97
N ASP A 77 -37.33 31.01 -28.98
CA ASP A 77 -38.67 31.59 -28.76
C ASP A 77 -39.44 30.76 -27.75
N ALA A 78 -39.31 29.43 -27.86
CA ALA A 78 -40.01 28.50 -26.94
C ALA A 78 -39.52 28.64 -25.49
N SER A 79 -38.22 28.84 -25.34
CA SER A 79 -37.60 29.08 -24.05
C SER A 79 -38.12 30.37 -23.41
N ALA A 80 -38.22 31.43 -24.24
CA ALA A 80 -38.76 32.74 -23.82
C ALA A 80 -40.22 32.61 -23.40
N LYS A 81 -40.99 31.86 -24.17
CA LYS A 81 -42.38 31.64 -23.83
C LYS A 81 -42.54 30.84 -22.52
N ALA A 82 -41.67 29.88 -22.26
CA ALA A 82 -41.78 29.03 -21.08
C ALA A 82 -41.34 29.73 -19.76
N LEU A 83 -40.53 30.79 -19.90
CA LEU A 83 -39.79 31.42 -18.80
C LEU A 83 -40.72 32.05 -17.77
N SER A 84 -41.75 32.73 -18.23
CA SER A 84 -42.61 33.50 -17.30
C SER A 84 -43.24 32.60 -16.27
N GLY A 85 -43.82 31.49 -16.70
CA GLY A 85 -44.52 30.56 -15.81
C GLY A 85 -43.56 29.78 -14.91
N TRP A 86 -42.39 29.42 -15.44
CA TRP A 86 -41.37 28.71 -14.69
C TRP A 86 -40.82 29.62 -13.61
N ALA A 87 -40.51 30.90 -13.94
CA ALA A 87 -40.01 31.86 -12.96
C ALA A 87 -41.04 32.22 -11.92
N ALA A 88 -42.33 32.22 -12.30
CA ALA A 88 -43.44 32.58 -11.40
C ALA A 88 -43.80 31.48 -10.39
N LYS A 89 -43.34 30.27 -10.60
CA LYS A 89 -43.45 29.21 -9.56
C LYS A 89 -42.67 29.61 -8.30
N THR A 90 -43.10 29.13 -7.13
CA THR A 90 -42.30 29.27 -5.90
C THR A 90 -40.98 28.46 -6.00
N ALA A 91 -40.00 28.87 -5.21
CA ALA A 91 -38.75 28.13 -5.13
C ALA A 91 -39.09 26.70 -4.73
N LYS A 92 -40.02 26.56 -3.78
CA LYS A 92 -40.42 25.23 -3.33
C LYS A 92 -40.91 24.29 -4.46
N GLU A 93 -41.72 24.81 -5.37
N GLU A 93 -41.72 24.81 -5.38
CA GLU A 93 -42.19 23.99 -6.49
CA GLU A 93 -42.22 23.93 -6.45
C GLU A 93 -41.01 23.59 -7.37
C GLU A 93 -41.16 23.66 -7.55
N ARG A 94 -40.20 24.57 -7.76
CA ARG A 94 -39.08 24.27 -8.65
C ARG A 94 -38.19 23.23 -7.99
N ALA A 95 -37.95 23.33 -6.68
CA ALA A 95 -37.15 22.33 -5.94
C ALA A 95 -37.72 20.94 -6.00
N GLY A 96 -39.01 20.83 -5.79
CA GLY A 96 -39.70 19.54 -5.84
C GLY A 96 -39.57 18.88 -7.19
N ILE A 97 -39.68 19.69 -8.26
CA ILE A 97 -39.52 19.20 -9.62
C ILE A 97 -38.06 18.75 -9.82
N LEU A 98 -37.14 19.61 -9.44
CA LEU A 98 -35.71 19.26 -9.52
C LEU A 98 -35.34 18.02 -8.72
N ARG A 99 -35.91 17.85 -7.53
CA ARG A 99 -35.62 16.66 -6.74
C ARG A 99 -36.18 15.35 -7.38
N LYS A 100 -37.38 15.44 -7.99
CA LYS A 100 -37.88 14.35 -8.83
C LYS A 100 -36.88 13.98 -9.94
N TRP A 101 -36.29 14.95 -10.63
CA TRP A 101 -35.31 14.64 -11.71
C TRP A 101 -34.09 13.93 -11.13
N PHE A 102 -33.59 14.46 -10.00
CA PHE A 102 -32.51 13.86 -9.30
C PHE A 102 -32.83 12.41 -8.95
N ASP A 103 -33.96 12.17 -8.29
CA ASP A 103 -34.35 10.82 -7.89
C ASP A 103 -34.39 9.91 -9.13
N LEU A 104 -34.85 10.44 -10.26
CA LEU A 104 -35.02 9.61 -11.46
C LEU A 104 -33.65 9.26 -12.05
N ILE A 105 -32.71 10.20 -12.01
CA ILE A 105 -31.34 9.92 -12.49
C ILE A 105 -30.70 8.78 -11.70
N ILE A 106 -30.81 8.88 -10.38
CA ILE A 106 -30.31 7.86 -9.47
C ILE A 106 -30.94 6.52 -9.77
N ALA A 107 -32.24 6.51 -9.95
CA ALA A 107 -32.98 5.31 -10.25
C ALA A 107 -32.58 4.71 -11.61
N ASN A 108 -32.02 5.51 -12.51
CA ASN A 108 -31.66 5.05 -13.87
C ASN A 108 -30.16 5.09 -14.15
N ALA A 109 -29.36 5.03 -13.07
CA ALA A 109 -27.93 5.36 -13.17
C ALA A 109 -27.19 4.35 -14.02
N ASP A 110 -27.52 3.07 -13.87
CA ASP A 110 -26.84 2.02 -14.61
C ASP A 110 -27.05 2.11 -16.12
N ASP A 111 -28.26 2.44 -16.56
CA ASP A 111 -28.57 2.66 -17.99
C ASP A 111 -27.88 3.93 -18.51
N ILE A 112 -27.93 5.03 -17.75
CA ILE A 112 -27.20 6.26 -18.19
C ILE A 112 -25.68 5.98 -18.31
N ALA A 113 -25.13 5.27 -17.34
CA ALA A 113 -23.72 4.84 -17.36
C ALA A 113 -23.42 4.02 -18.61
N LEU A 114 -24.27 3.04 -18.94
CA LEU A 114 -23.98 2.24 -20.12
C LEU A 114 -24.01 3.11 -21.40
N ILE A 115 -24.95 4.03 -21.52
CA ILE A 115 -25.03 4.95 -22.65
C ILE A 115 -23.75 5.76 -22.74
N MET A 116 -23.37 6.34 -21.59
CA MET A 116 -22.16 7.13 -21.49
C MET A 116 -20.90 6.33 -21.88
N THR A 117 -20.66 5.17 -21.28
CA THR A 117 -19.49 4.36 -21.60
C THR A 117 -19.46 4.02 -23.09
N SER A 118 -20.64 3.74 -23.67
CA SER A 118 -20.77 3.35 -25.06
C SER A 118 -20.30 4.42 -26.05
N GLU A 119 -20.75 5.66 -25.86
CA GLU A 119 -20.35 6.77 -26.74
C GLU A 119 -18.99 7.48 -26.42
N GLN A 120 -18.55 7.49 -25.17
CA GLN A 120 -17.41 8.32 -24.71
C GLN A 120 -16.13 7.52 -24.43
N GLY A 121 -16.30 6.30 -23.96
CA GLY A 121 -15.24 5.35 -23.80
C GLY A 121 -14.91 4.96 -22.36
N LYS A 122 -15.23 5.82 -21.39
CA LYS A 122 -14.78 5.57 -20.00
C LYS A 122 -15.34 4.27 -19.41
N PRO A 123 -14.60 3.66 -18.51
CA PRO A 123 -15.09 2.39 -17.92
C PRO A 123 -16.48 2.58 -17.19
N LEU A 124 -17.29 1.54 -17.18
CA LEU A 124 -18.61 1.64 -16.53
C LEU A 124 -18.58 2.17 -15.09
N ALA A 125 -17.52 1.80 -14.33
CA ALA A 125 -17.49 2.20 -12.95
C ALA A 125 -17.31 3.71 -12.93
N GLU A 126 -16.55 4.23 -13.89
CA GLU A 126 -16.31 5.66 -13.96
C GLU A 126 -17.56 6.35 -14.41
N ALA A 127 -18.19 5.81 -15.46
CA ALA A 127 -19.47 6.33 -15.95
C ALA A 127 -20.51 6.44 -14.79
N ARG A 128 -20.62 5.39 -14.01
CA ARG A 128 -21.57 5.31 -12.90
CA ARG A 128 -21.62 5.33 -12.94
C ARG A 128 -21.26 6.39 -11.89
N GLY A 129 -19.97 6.49 -11.60
CA GLY A 129 -19.47 7.56 -10.72
C GLY A 129 -19.82 8.93 -11.23
N GLU A 130 -19.66 9.16 -12.54
CA GLU A 130 -20.01 10.47 -13.07
C GLU A 130 -21.52 10.74 -12.95
N VAL A 131 -22.34 9.75 -13.24
CA VAL A 131 -23.80 9.96 -13.16
C VAL A 131 -24.21 10.38 -11.76
N LEU A 132 -23.68 9.70 -10.74
CA LEU A 132 -24.02 10.10 -9.37
C LEU A 132 -23.50 11.48 -9.03
N TYR A 133 -22.29 11.80 -9.49
CA TYR A 133 -21.75 13.14 -9.39
C TYR A 133 -22.62 14.17 -10.14
N ALA A 134 -22.93 13.90 -11.40
CA ALA A 134 -23.92 14.73 -12.13
C ALA A 134 -25.20 14.96 -11.35
N ALA A 135 -25.79 13.90 -10.82
CA ALA A 135 -27.06 13.95 -10.12
C ALA A 135 -26.98 14.86 -8.89
N SER A 136 -25.80 14.79 -8.21
CA SER A 136 -25.57 15.58 -7.00
C SER A 136 -25.72 17.10 -7.19
N PHE A 137 -25.40 17.63 -8.38
CA PHE A 137 -25.68 19.02 -8.65
C PHE A 137 -27.16 19.36 -8.64
N ILE A 138 -27.99 18.49 -9.17
CA ILE A 138 -29.44 18.70 -9.18
C ILE A 138 -29.99 18.65 -7.78
N GLU A 139 -29.54 17.68 -6.98
CA GLU A 139 -29.97 17.66 -5.60
C GLU A 139 -29.59 18.95 -4.90
N TRP A 140 -28.32 19.32 -5.03
CA TRP A 140 -27.79 20.48 -4.39
C TRP A 140 -28.50 21.77 -4.77
N PHE A 141 -28.69 21.97 -6.08
CA PHE A 141 -29.39 23.16 -6.51
C PHE A 141 -30.90 23.17 -6.22
N ALA A 142 -31.51 21.98 -6.09
CA ALA A 142 -32.91 21.92 -5.69
C ALA A 142 -33.03 22.55 -4.29
N GLU A 143 -32.05 22.28 -3.45
CA GLU A 143 -31.97 22.78 -2.10
C GLU A 143 -31.64 24.26 -2.09
N GLU A 144 -30.69 24.66 -2.96
CA GLU A 144 -30.33 26.05 -3.14
C GLU A 144 -31.52 26.92 -3.61
N ALA A 145 -32.36 26.38 -4.49
CA ALA A 145 -33.44 27.17 -4.97
C ALA A 145 -34.14 27.94 -3.83
N LYS A 146 -34.33 27.28 -2.69
CA LYS A 146 -35.14 27.81 -1.58
C LYS A 146 -34.30 28.68 -0.69
N ARG A 147 -33.05 28.81 -1.06
CA ARG A 147 -32.08 29.57 -0.30
C ARG A 147 -31.53 30.73 -1.15
N VAL A 148 -32.29 31.24 -2.10
CA VAL A 148 -31.82 32.44 -2.81
C VAL A 148 -32.14 33.66 -1.91
N TYR A 149 -31.21 34.04 -1.00
CA TYR A 149 -31.45 35.10 -0.05
C TYR A 149 -31.07 36.46 -0.63
N GLY A 150 -31.94 37.45 -0.43
CA GLY A 150 -31.53 38.82 -0.61
C GLY A 150 -31.19 39.46 0.70
N ASP A 151 -31.13 40.81 0.70
CA ASP A 151 -30.66 41.59 1.85
C ASP A 151 -31.60 42.75 2.23
N THR A 152 -31.49 43.17 3.47
CA THR A 152 -31.85 44.52 3.82
C THR A 152 -30.57 45.21 4.35
N ILE A 153 -30.35 46.47 3.95
CA ILE A 153 -29.15 47.23 4.20
C ILE A 153 -29.53 48.54 4.91
N PRO A 154 -28.87 48.82 6.04
CA PRO A 154 -29.16 50.07 6.76
C PRO A 154 -29.03 51.27 5.83
N ALA A 155 -30.03 52.13 5.83
CA ALA A 155 -30.07 53.27 4.91
C ALA A 155 -29.18 54.37 5.42
N PRO A 156 -28.32 54.92 4.57
CA PRO A 156 -27.63 56.17 5.07
C PRO A 156 -28.56 57.35 5.42
N GLN A 157 -29.77 57.37 4.88
CA GLN A 157 -30.69 58.45 5.21
C GLN A 157 -31.94 57.94 5.89
N ASN A 158 -32.45 58.70 6.84
CA ASN A 158 -33.73 58.38 7.49
C ASN A 158 -34.87 58.50 6.49
N GLY A 159 -35.94 57.75 6.68
CA GLY A 159 -37.05 57.74 5.72
C GLY A 159 -36.85 56.90 4.47
N GLN A 160 -35.78 56.10 4.43
CA GLN A 160 -35.56 55.16 3.34
C GLN A 160 -35.27 53.75 3.86
N ARG A 161 -35.56 52.78 3.01
CA ARG A 161 -35.30 51.40 3.29
C ARG A 161 -34.68 50.79 2.05
N LEU A 162 -33.60 50.03 2.27
CA LEU A 162 -32.86 49.41 1.17
C LEU A 162 -33.04 47.90 1.20
N THR A 163 -33.33 47.30 0.04
CA THR A 163 -33.50 45.90 -0.10
C THR A 163 -32.72 45.49 -1.32
N VAL A 164 -32.23 44.26 -1.31
CA VAL A 164 -31.60 43.58 -2.45
C VAL A 164 -32.33 42.25 -2.66
N ILE A 165 -32.84 42.04 -3.88
CA ILE A 165 -33.47 40.79 -4.27
C ILE A 165 -32.67 40.25 -5.43
N ARG A 166 -32.84 38.95 -5.65
CA ARG A 166 -32.14 38.26 -6.71
C ARG A 166 -33.19 37.55 -7.54
N GLN A 167 -33.18 37.74 -8.85
CA GLN A 167 -34.18 37.22 -9.78
C GLN A 167 -33.45 36.52 -10.92
N PRO A 168 -34.11 35.59 -11.61
CA PRO A 168 -33.40 34.89 -12.65
C PRO A 168 -33.01 35.75 -13.83
N VAL A 169 -31.89 35.43 -14.45
CA VAL A 169 -31.38 36.22 -15.53
C VAL A 169 -32.29 36.10 -16.73
N GLY A 170 -32.87 34.92 -16.94
CA GLY A 170 -33.85 34.66 -18.03
C GLY A 170 -33.60 33.40 -18.84
N VAL A 171 -33.67 33.53 -20.17
CA VAL A 171 -33.21 32.52 -21.10
C VAL A 171 -31.70 32.40 -21.17
N THR A 172 -31.21 31.16 -21.02
CA THR A 172 -29.78 30.92 -20.89
C THR A 172 -29.47 29.81 -21.82
N ALA A 173 -28.20 29.71 -22.20
CA ALA A 173 -27.70 28.65 -23.09
C ALA A 173 -26.45 27.99 -22.53
N ALA A 174 -26.33 26.69 -22.70
CA ALA A 174 -25.17 25.93 -22.25
C ALA A 174 -24.55 25.23 -23.43
N ILE A 175 -23.23 25.21 -23.50
CA ILE A 175 -22.50 24.43 -24.50
C ILE A 175 -21.48 23.63 -23.75
N THR A 176 -21.60 22.30 -23.88
CA THR A 176 -20.94 21.34 -22.98
C THR A 176 -20.06 20.36 -23.78
N PRO A 177 -18.94 19.90 -23.16
CA PRO A 177 -17.99 19.01 -23.82
C PRO A 177 -18.30 17.54 -23.67
N TRP A 178 -17.42 16.74 -24.28
CA TRP A 178 -17.56 15.30 -24.30
C TRP A 178 -16.93 14.55 -23.15
N ASN A 179 -16.04 15.17 -22.36
CA ASN A 179 -15.30 14.39 -21.39
C ASN A 179 -16.10 14.00 -20.15
N PHE A 180 -17.06 14.85 -19.77
CA PHE A 180 -18.04 14.52 -18.76
C PHE A 180 -19.42 14.76 -19.30
N PRO A 181 -19.91 13.81 -20.11
CA PRO A 181 -21.13 14.04 -20.83
C PRO A 181 -22.40 14.19 -19.99
N ALA A 182 -22.39 13.82 -18.71
CA ALA A 182 -23.60 14.07 -17.88
C ALA A 182 -23.34 15.30 -16.98
N ALA A 183 -22.21 15.31 -16.27
CA ALA A 183 -22.00 16.35 -15.24
C ALA A 183 -21.91 17.76 -15.76
N MET A 184 -21.24 17.95 -16.87
CA MET A 184 -21.13 19.28 -17.44
C MET A 184 -22.51 19.86 -17.74
N ILE A 185 -23.47 19.02 -18.10
CA ILE A 185 -24.83 19.48 -18.32
C ILE A 185 -25.55 19.78 -17.01
N THR A 186 -25.41 18.91 -16.00
CA THR A 186 -26.16 19.11 -14.76
C THR A 186 -25.59 20.28 -13.99
N ARG A 187 -24.28 20.50 -14.11
CA ARG A 187 -23.68 21.61 -13.42
C ARG A 187 -24.16 22.98 -13.92
N LYS A 188 -24.70 23.04 -15.14
CA LYS A 188 -25.22 24.29 -15.69
C LYS A 188 -26.75 24.36 -15.59
N ALA A 189 -27.41 23.29 -16.04
CA ALA A 189 -28.91 23.21 -15.98
C ALA A 189 -29.50 23.25 -14.56
N ALA A 190 -28.84 22.60 -13.59
CA ALA A 190 -29.42 22.56 -12.23
C ALA A 190 -29.50 23.94 -11.64
N PRO A 191 -28.38 24.69 -11.60
CA PRO A 191 -28.54 26.04 -11.04
C PRO A 191 -29.43 27.00 -11.84
N ALA A 192 -29.37 26.93 -13.15
CA ALA A 192 -30.20 27.79 -14.01
C ALA A 192 -31.66 27.57 -13.66
N LEU A 193 -32.06 26.30 -13.67
CA LEU A 193 -33.51 26.04 -13.48
C LEU A 193 -33.92 26.33 -12.05
N ALA A 194 -33.03 25.98 -11.11
CA ALA A 194 -33.29 26.27 -9.70
C ALA A 194 -33.54 27.77 -9.54
N ALA A 195 -32.78 28.59 -10.25
CA ALA A 195 -32.87 30.02 -10.11
C ALA A 195 -34.18 30.56 -10.74
N GLY A 196 -34.83 29.78 -11.60
CA GLY A 196 -35.99 30.28 -12.31
C GLY A 196 -35.75 30.64 -13.77
N CYS A 197 -34.57 30.33 -14.30
CA CYS A 197 -34.27 30.44 -15.73
C CYS A 197 -34.73 29.23 -16.49
N THR A 198 -34.75 29.41 -17.81
CA THR A 198 -34.83 28.35 -18.75
C THR A 198 -33.44 28.23 -19.35
N MET A 199 -33.20 27.06 -19.93
CA MET A 199 -31.90 26.72 -20.51
C MET A 199 -32.00 25.87 -21.76
N ILE A 200 -31.21 26.26 -22.77
CA ILE A 200 -31.03 25.50 -23.98
C ILE A 200 -29.63 24.94 -23.93
N VAL A 201 -29.53 23.63 -24.10
CA VAL A 201 -28.25 22.93 -23.99
C VAL A 201 -27.88 22.35 -25.32
N ARG A 202 -26.67 22.65 -25.79
CA ARG A 202 -26.08 21.96 -26.89
C ARG A 202 -24.95 21.13 -26.37
N PRO A 203 -25.06 19.80 -26.45
CA PRO A 203 -23.96 18.97 -26.01
C PRO A 203 -23.03 18.63 -27.16
N ALA A 204 -21.90 18.04 -26.85
CA ALA A 204 -20.84 17.72 -27.82
C ALA A 204 -21.34 16.67 -28.81
N ASP A 205 -20.98 16.85 -30.07
CA ASP A 205 -21.38 15.89 -31.09
C ASP A 205 -20.89 14.50 -30.78
N LEU A 206 -19.76 14.37 -30.09
CA LEU A 206 -19.20 13.07 -29.79
C LEU A 206 -19.99 12.35 -28.75
N THR A 207 -20.72 13.06 -27.87
CA THR A 207 -21.43 12.38 -26.76
C THR A 207 -22.79 13.02 -26.42
N PRO A 208 -23.75 13.03 -27.35
CA PRO A 208 -25.04 13.65 -27.16
C PRO A 208 -26.06 12.76 -26.51
N LEU A 209 -25.82 11.45 -26.52
CA LEU A 209 -26.85 10.50 -26.07
C LEU A 209 -27.13 10.59 -24.56
N THR A 210 -26.08 10.82 -23.82
CA THR A 210 -26.18 10.97 -22.37
C THR A 210 -27.05 12.17 -22.03
N ALA A 211 -26.82 13.23 -22.74
CA ALA A 211 -27.58 14.46 -22.56
C ALA A 211 -29.04 14.22 -22.91
N LEU A 212 -29.32 13.53 -24.03
CA LEU A 212 -30.73 13.22 -24.35
C LEU A 212 -31.42 12.33 -23.28
N ALA A 213 -30.70 11.34 -22.75
CA ALA A 213 -31.23 10.50 -21.66
C ALA A 213 -31.59 11.38 -20.46
N LEU A 214 -30.78 12.37 -20.15
CA LEU A 214 -31.09 13.28 -19.04
C LEU A 214 -32.34 14.07 -19.35
N GLY A 215 -32.52 14.43 -20.62
CA GLY A 215 -33.74 15.12 -21.04
C GLY A 215 -35.01 14.30 -20.91
N VAL A 216 -34.93 12.99 -21.22
CA VAL A 216 -36.08 12.10 -21.02
C VAL A 216 -36.51 12.14 -19.54
N LEU A 217 -35.52 12.04 -18.65
CA LEU A 217 -35.85 12.03 -17.24
C LEU A 217 -36.32 13.45 -16.75
N ALA A 218 -35.80 14.55 -17.34
CA ALA A 218 -36.30 15.96 -17.08
C ALA A 218 -37.83 16.08 -17.39
N GLU A 219 -38.24 15.52 -18.51
CA GLU A 219 -39.64 15.58 -18.90
C GLU A 219 -40.43 14.80 -17.90
N LYS A 220 -39.99 13.58 -17.68
CA LYS A 220 -40.62 12.69 -16.76
C LYS A 220 -40.72 13.32 -15.36
N ALA A 221 -39.75 14.16 -14.99
CA ALA A 221 -39.81 14.81 -13.69
C ALA A 221 -40.84 15.95 -13.60
N GLY A 222 -41.34 16.37 -14.75
CA GLY A 222 -42.28 17.43 -14.80
C GLY A 222 -41.66 18.77 -15.12
N ILE A 223 -40.46 18.78 -15.71
CA ILE A 223 -39.87 20.05 -16.14
C ILE A 223 -40.69 20.46 -17.36
N PRO A 224 -41.35 21.64 -17.33
CA PRO A 224 -42.33 21.94 -18.39
C PRO A 224 -41.73 22.25 -19.76
N ALA A 225 -42.55 22.06 -20.77
CA ALA A 225 -42.20 22.27 -22.15
C ALA A 225 -41.48 23.61 -22.31
N GLY A 226 -40.32 23.54 -22.90
CA GLY A 226 -39.53 24.70 -23.20
C GLY A 226 -38.58 25.16 -22.11
N VAL A 227 -38.75 24.64 -20.89
CA VAL A 227 -37.97 25.12 -19.76
C VAL A 227 -36.52 24.58 -19.91
N LEU A 228 -36.38 23.31 -20.22
CA LEU A 228 -35.11 22.71 -20.58
C LEU A 228 -35.24 22.15 -21.97
N GLN A 229 -34.29 22.43 -22.85
CA GLN A 229 -34.31 21.92 -24.22
C GLN A 229 -32.92 21.47 -24.62
N ILE A 230 -32.81 20.42 -25.42
CA ILE A 230 -31.48 19.87 -25.78
C ILE A 230 -31.41 19.75 -27.29
N VAL A 231 -30.47 20.48 -27.89
CA VAL A 231 -30.41 20.65 -29.34
C VAL A 231 -29.03 20.16 -29.83
N THR A 232 -29.03 19.37 -30.90
CA THR A 232 -27.83 18.80 -31.41
C THR A 232 -27.62 19.33 -32.83
N GLY A 233 -26.37 19.39 -33.24
CA GLY A 233 -26.01 20.04 -34.49
C GLY A 233 -24.63 20.71 -34.47
N LYS A 234 -24.34 21.49 -35.51
CA LYS A 234 -23.00 21.97 -35.72
C LYS A 234 -22.63 23.04 -34.71
N ALA A 235 -21.42 22.94 -34.15
CA ALA A 235 -21.06 23.78 -33.02
C ALA A 235 -21.03 25.22 -33.42
N ARG A 236 -20.42 25.50 -34.57
CA ARG A 236 -20.16 26.87 -34.97
C ARG A 236 -21.46 27.60 -35.16
N GLU A 237 -22.29 27.02 -36.01
CA GLU A 237 -23.57 27.58 -36.36
C GLU A 237 -24.52 27.73 -35.20
N ILE A 238 -24.68 26.68 -34.44
CA ILE A 238 -25.57 26.72 -33.29
C ILE A 238 -25.03 27.73 -32.28
N GLY A 239 -23.72 27.68 -31.97
CA GLY A 239 -23.07 28.66 -31.06
C GLY A 239 -23.18 30.11 -31.51
N ALA A 240 -23.01 30.33 -32.83
CA ALA A 240 -23.24 31.66 -33.39
C ALA A 240 -24.66 32.15 -33.08
N GLU A 241 -25.66 31.29 -33.26
CA GLU A 241 -27.04 31.75 -33.06
C GLU A 241 -27.27 32.05 -31.57
N LEU A 242 -26.85 31.12 -30.70
CA LEU A 242 -27.03 31.27 -29.25
C LEU A 242 -26.40 32.54 -28.75
N THR A 243 -25.23 32.86 -29.31
CA THR A 243 -24.51 34.03 -28.87
C THR A 243 -24.90 35.32 -29.55
N SER A 244 -25.62 35.26 -30.66
CA SER A 244 -26.05 36.51 -31.28
C SER A 244 -27.48 36.82 -30.97
N ASN A 245 -28.28 35.86 -30.58
CA ASN A 245 -29.71 36.11 -30.37
C ASN A 245 -30.01 36.94 -29.11
N ASP A 246 -30.65 38.10 -29.27
CA ASP A 246 -30.96 39.01 -28.14
C ASP A 246 -31.69 38.35 -26.96
N THR A 247 -32.46 37.29 -27.23
CA THR A 247 -33.28 36.63 -26.21
C THR A 247 -32.43 35.93 -25.17
N VAL A 248 -31.32 35.32 -25.61
CA VAL A 248 -30.43 34.65 -24.68
C VAL A 248 -29.65 35.70 -23.84
N ARG A 249 -29.76 35.64 -22.52
CA ARG A 249 -29.08 36.62 -21.69
C ARG A 249 -27.85 36.14 -20.99
N LYS A 250 -27.60 34.84 -21.03
CA LYS A 250 -26.43 34.26 -20.39
C LYS A 250 -25.97 33.07 -21.21
N LEU A 251 -24.68 32.95 -21.41
CA LEU A 251 -24.12 31.70 -21.94
C LEU A 251 -23.26 31.03 -20.87
N SER A 252 -23.27 29.70 -20.79
CA SER A 252 -22.30 28.98 -19.97
C SER A 252 -21.67 27.93 -20.83
N PHE A 253 -20.33 27.92 -20.82
CA PHE A 253 -19.56 27.06 -21.69
C PHE A 253 -18.43 26.37 -20.97
N THR A 254 -18.20 25.11 -21.34
CA THR A 254 -17.08 24.37 -20.84
C THR A 254 -16.44 23.73 -22.04
N GLY A 255 -15.16 24.00 -22.24
CA GLY A 255 -14.42 23.41 -23.33
C GLY A 255 -13.10 24.11 -23.56
N SER A 256 -12.62 24.10 -24.79
CA SER A 256 -11.30 24.57 -25.06
C SER A 256 -11.22 26.09 -24.80
N THR A 257 -10.03 26.56 -24.41
CA THR A 257 -9.81 28.01 -24.26
C THR A 257 -9.99 28.75 -25.57
N GLU A 258 -9.54 28.15 -26.67
CA GLU A 258 -9.67 28.81 -27.99
C GLU A 258 -11.15 29.11 -28.33
N VAL A 259 -12.01 28.14 -28.09
CA VAL A 259 -13.44 28.36 -28.30
C VAL A 259 -14.07 29.38 -27.30
N GLY A 260 -13.68 29.32 -26.03
CA GLY A 260 -14.22 30.24 -25.02
C GLY A 260 -13.85 31.69 -25.37
N ARG A 261 -12.63 31.87 -25.88
CA ARG A 261 -12.21 33.19 -26.37
C ARG A 261 -13.15 33.66 -27.46
N LEU A 262 -13.50 32.75 -28.39
CA LEU A 262 -14.38 33.15 -29.49
C LEU A 262 -15.76 33.50 -28.95
N LEU A 263 -16.24 32.68 -28.03
CA LEU A 263 -17.59 32.79 -27.55
C LEU A 263 -17.78 34.07 -26.73
N MET A 264 -16.78 34.43 -25.92
CA MET A 264 -16.86 35.67 -25.14
C MET A 264 -16.91 36.87 -26.07
N ALA A 265 -16.08 36.84 -27.12
CA ALA A 265 -16.13 37.91 -28.17
C ALA A 265 -17.54 37.98 -28.78
N GLN A 266 -18.16 36.84 -29.03
CA GLN A 266 -19.49 36.76 -29.66
C GLN A 266 -20.62 37.18 -28.75
N CYS A 267 -20.45 37.09 -27.43
CA CYS A 267 -21.41 37.67 -26.46
C CYS A 267 -21.30 39.20 -26.28
N ALA A 268 -20.16 39.78 -26.70
CA ALA A 268 -19.88 41.22 -26.48
C ALA A 268 -20.94 42.16 -27.06
N PRO A 269 -21.40 41.93 -28.30
CA PRO A 269 -22.36 42.91 -28.91
C PRO A 269 -23.59 43.17 -28.05
N THR A 270 -24.01 42.18 -27.26
CA THR A 270 -25.18 42.36 -26.39
C THR A 270 -24.86 42.19 -24.91
N ILE A 271 -23.57 42.27 -24.57
CA ILE A 271 -23.13 42.31 -23.19
C ILE A 271 -23.72 41.10 -22.39
N LYS A 272 -23.64 39.89 -22.92
CA LYS A 272 -24.27 38.77 -22.21
C LYS A 272 -23.51 38.36 -20.98
N ARG A 273 -24.22 37.99 -19.92
CA ARG A 273 -23.62 37.28 -18.81
C ARG A 273 -22.98 36.01 -19.37
N ILE A 274 -21.80 35.66 -18.86
CA ILE A 274 -21.04 34.57 -19.40
C ILE A 274 -20.29 33.85 -18.27
N SER A 275 -20.38 32.51 -18.26
CA SER A 275 -19.58 31.65 -17.41
C SER A 275 -18.74 30.75 -18.33
N LEU A 276 -17.51 30.51 -17.94
CA LEU A 276 -16.54 29.75 -18.76
C LEU A 276 -15.69 28.85 -17.87
N GLU A 277 -15.56 27.59 -18.27
CA GLU A 277 -14.60 26.70 -17.65
C GLU A 277 -13.77 26.14 -18.79
N LEU A 278 -12.49 26.47 -18.83
CA LEU A 278 -11.70 26.29 -20.01
C LEU A 278 -10.49 25.36 -19.75
N GLY A 279 -9.39 25.58 -20.44
CA GLY A 279 -8.22 24.72 -20.31
C GLY A 279 -7.52 24.94 -18.99
N GLY A 280 -6.73 23.95 -18.62
CA GLY A 280 -5.92 24.01 -17.42
C GLY A 280 -4.50 23.57 -17.75
N ASN A 281 -3.64 23.58 -16.77
CA ASN A 281 -2.34 22.95 -17.00
C ASN A 281 -1.90 22.57 -15.64
N ALA A 282 -2.59 21.56 -15.09
CA ALA A 282 -2.52 21.33 -13.63
C ALA A 282 -1.14 20.85 -13.19
N PRO A 283 -0.49 21.57 -12.26
CA PRO A 283 0.69 21.04 -11.64
C PRO A 283 0.29 20.17 -10.43
N PHE A 284 1.01 19.05 -10.27
CA PHE A 284 0.80 18.13 -9.17
C PHE A 284 2.18 18.03 -8.52
N ILE A 285 2.29 18.52 -7.29
CA ILE A 285 3.61 18.74 -6.68
C ILE A 285 3.80 17.82 -5.47
N VAL A 286 4.90 17.00 -5.50
CA VAL A 286 5.19 16.07 -4.41
C VAL A 286 6.50 16.55 -3.76
N PHE A 287 6.41 16.99 -2.49
CA PHE A 287 7.58 17.39 -1.72
C PHE A 287 8.22 16.20 -1.02
N ASP A 288 9.46 16.40 -0.57
CA ASP A 288 10.20 15.38 0.18
C ASP A 288 9.50 14.91 1.42
N ASP A 289 8.74 15.80 2.07
CA ASP A 289 7.99 15.42 3.27
C ASP A 289 6.56 15.00 2.98
N ALA A 290 6.28 14.53 1.76
CA ALA A 290 4.98 13.96 1.46
C ALA A 290 4.90 12.56 2.06
N ASP A 291 3.68 12.13 2.31
CA ASP A 291 3.37 10.74 2.42
C ASP A 291 3.41 10.19 0.99
N LEU A 292 4.45 9.43 0.69
CA LEU A 292 4.82 9.18 -0.67
C LEU A 292 3.88 8.24 -1.33
N ASP A 293 3.41 7.23 -0.60
CA ASP A 293 2.44 6.31 -1.16
C ASP A 293 1.09 6.98 -1.46
N ALA A 294 0.65 7.88 -0.57
CA ALA A 294 -0.58 8.61 -0.77
C ALA A 294 -0.43 9.51 -2.00
N ALA A 295 0.73 10.10 -2.21
CA ALA A 295 0.95 10.94 -3.42
C ALA A 295 0.93 10.12 -4.69
N VAL A 296 1.46 8.93 -4.64
CA VAL A 296 1.38 8.09 -5.80
C VAL A 296 -0.08 7.77 -6.10
N ASP A 297 -0.84 7.42 -5.06
CA ASP A 297 -2.29 7.16 -5.28
C ASP A 297 -3.00 8.41 -5.85
N GLY A 298 -2.67 9.58 -5.32
CA GLY A 298 -3.29 10.80 -5.78
C GLY A 298 -2.92 11.08 -7.23
N ALA A 299 -1.67 10.75 -7.60
CA ALA A 299 -1.22 10.95 -8.96
C ALA A 299 -1.99 10.05 -9.92
N MET A 300 -2.20 8.81 -9.51
CA MET A 300 -2.83 7.81 -10.35
C MET A 300 -4.27 8.18 -10.67
N VAL A 301 -5.00 8.62 -9.65
CA VAL A 301 -6.34 9.10 -9.83
C VAL A 301 -6.43 10.42 -10.61
N SER A 302 -5.55 11.41 -10.37
CA SER A 302 -5.67 12.66 -11.14
C SER A 302 -5.04 12.60 -12.50
N LYS A 303 -4.19 11.64 -12.73
CA LYS A 303 -3.60 11.57 -14.05
C LYS A 303 -4.43 10.63 -14.93
N TYR A 304 -4.79 9.47 -14.43
CA TYR A 304 -5.27 8.41 -15.32
C TYR A 304 -6.80 8.20 -15.37
N ARG A 305 -7.54 8.87 -14.49
CA ARG A 305 -9.00 8.88 -14.60
C ARG A 305 -9.41 9.45 -15.92
N ASN A 306 -10.41 8.83 -16.55
CA ASN A 306 -10.92 9.24 -17.87
C ASN A 306 -9.79 9.23 -18.87
N ALA A 307 -8.88 8.29 -18.69
CA ALA A 307 -7.70 8.17 -19.57
C ALA A 307 -6.95 9.51 -19.69
N GLY A 308 -7.01 10.33 -18.65
CA GLY A 308 -6.31 11.62 -18.66
C GLY A 308 -7.00 12.76 -19.39
N GLN A 309 -8.28 12.54 -19.77
CA GLN A 309 -9.06 13.52 -20.55
C GLN A 309 -10.05 14.30 -19.61
N THR A 310 -9.56 14.86 -18.50
CA THR A 310 -10.42 15.69 -17.62
C THR A 310 -9.75 17.02 -17.52
N CYS A 311 -10.50 18.11 -17.34
CA CYS A 311 -9.97 19.48 -17.31
CA CYS A 311 -9.75 19.36 -17.43
C CYS A 311 -9.00 19.71 -16.15
N VAL A 312 -9.27 19.02 -15.05
CA VAL A 312 -8.43 19.10 -13.86
C VAL A 312 -7.34 18.00 -13.79
N CYS A 313 -7.12 17.25 -14.88
CA CYS A 313 -6.13 16.15 -14.79
C CYS A 313 -4.75 16.72 -14.54
N ALA A 314 -3.98 16.06 -13.69
CA ALA A 314 -2.58 16.46 -13.49
C ALA A 314 -1.93 16.50 -14.90
N ASN A 315 -1.29 17.61 -15.26
CA ASN A 315 -0.60 17.74 -16.57
C ASN A 315 0.92 17.68 -16.43
N ARG A 316 1.40 18.21 -15.32
CA ARG A 316 2.80 18.33 -15.03
C ARG A 316 2.99 17.80 -13.61
N ILE A 317 3.78 16.74 -13.45
CA ILE A 317 3.97 16.18 -12.13
C ILE A 317 5.35 16.53 -11.63
N TYR A 318 5.39 17.42 -10.64
CA TYR A 318 6.67 17.93 -10.06
C TYR A 318 7.00 17.15 -8.82
N VAL A 319 8.19 16.56 -8.79
CA VAL A 319 8.62 15.77 -7.64
C VAL A 319 9.99 16.25 -7.16
N GLN A 320 10.09 16.45 -5.85
CA GLN A 320 11.25 16.99 -5.25
C GLN A 320 12.39 15.98 -5.36
N ARG A 321 13.59 16.49 -5.60
CA ARG A 321 14.71 15.63 -5.97
C ARG A 321 14.93 14.46 -5.03
N GLY A 322 14.84 14.75 -3.73
CA GLY A 322 14.99 13.72 -2.71
C GLY A 322 14.09 12.50 -2.81
N VAL A 323 12.90 12.63 -3.41
CA VAL A 323 11.94 11.48 -3.53
C VAL A 323 11.63 11.13 -5.00
N TYR A 324 12.32 11.79 -5.90
CA TYR A 324 12.07 11.62 -7.31
C TYR A 324 12.13 10.17 -7.72
N ASP A 325 13.25 9.54 -7.41
CA ASP A 325 13.47 8.16 -7.82
C ASP A 325 12.46 7.18 -7.23
N LYS A 326 12.27 7.25 -5.92
CA LYS A 326 11.30 6.42 -5.26
C LYS A 326 9.86 6.63 -5.84
N PHE A 327 9.51 7.90 -6.09
CA PHE A 327 8.18 8.22 -6.59
C PHE A 327 7.97 7.55 -7.96
N ALA A 328 8.93 7.74 -8.87
CA ALA A 328 8.84 7.19 -10.24
C ALA A 328 8.70 5.67 -10.20
N GLU A 329 9.44 5.04 -9.32
CA GLU A 329 9.42 3.56 -9.27
C GLU A 329 8.06 3.11 -8.82
N LYS A 330 7.52 3.79 -7.80
CA LYS A 330 6.19 3.41 -7.30
C LYS A 330 5.09 3.66 -8.34
N LEU A 331 5.14 4.81 -9.01
CA LEU A 331 4.15 5.16 -10.00
C LEU A 331 4.24 4.15 -11.14
N ALA A 332 5.47 3.85 -11.56
CA ALA A 332 5.68 2.94 -12.66
C ALA A 332 5.05 1.55 -12.33
N ALA A 333 5.16 1.07 -11.09
CA ALA A 333 4.56 -0.22 -10.74
C ALA A 333 3.04 -0.18 -10.84
N LYS A 334 2.41 0.93 -10.41
CA LYS A 334 0.94 1.10 -10.52
C LYS A 334 0.46 1.18 -11.96
N VAL A 335 1.18 1.97 -12.75
CA VAL A 335 0.86 2.16 -14.19
C VAL A 335 0.93 0.83 -14.92
N LYS A 336 1.93 -0.01 -14.61
CA LYS A 336 2.01 -1.36 -15.22
C LYS A 336 0.78 -2.27 -15.00
N GLU A 337 0.10 -2.11 -13.87
CA GLU A 337 -1.09 -2.88 -13.53
C GLU A 337 -2.37 -2.35 -14.14
N LEU A 338 -2.32 -1.20 -14.84
CA LEU A 338 -3.57 -0.62 -15.40
C LEU A 338 -4.09 -1.51 -16.53
N LYS A 339 -5.33 -1.96 -16.43
CA LYS A 339 -5.92 -2.75 -17.52
C LYS A 339 -6.72 -1.86 -18.49
N VAL A 340 -6.35 -1.99 -19.76
CA VAL A 340 -6.87 -1.24 -20.86
C VAL A 340 -7.85 -2.12 -21.69
N GLY A 341 -9.00 -1.59 -22.06
CA GLY A 341 -9.98 -2.38 -22.80
C GLY A 341 -11.29 -1.64 -22.98
N ASN A 342 -12.27 -2.33 -23.58
CA ASN A 342 -13.62 -1.86 -23.70
C ASN A 342 -14.14 -1.59 -22.28
N GLY A 343 -14.68 -0.39 -22.11
CA GLY A 343 -15.14 0.09 -20.83
C GLY A 343 -16.27 -0.74 -20.19
N THR A 344 -16.93 -1.61 -20.97
CA THR A 344 -17.87 -2.55 -20.37
C THR A 344 -17.24 -3.88 -19.88
N GLU A 345 -15.96 -4.12 -20.17
CA GLU A 345 -15.30 -5.34 -19.67
C GLU A 345 -14.90 -5.26 -18.23
N PRO A 346 -15.09 -6.36 -17.50
CA PRO A 346 -14.75 -6.33 -16.08
C PRO A 346 -13.24 -6.09 -15.87
N GLY A 347 -12.89 -5.29 -14.86
CA GLY A 347 -11.48 -4.97 -14.58
C GLY A 347 -10.87 -3.82 -15.39
N VAL A 348 -11.49 -3.45 -16.51
CA VAL A 348 -10.95 -2.36 -17.34
C VAL A 348 -11.00 -1.02 -16.60
N VAL A 349 -9.84 -0.38 -16.43
CA VAL A 349 -9.74 0.92 -15.80
C VAL A 349 -9.25 2.02 -16.74
N ILE A 350 -8.82 1.65 -17.95
CA ILE A 350 -8.49 2.60 -18.98
C ILE A 350 -9.23 2.19 -20.23
N GLY A 351 -10.06 3.11 -20.70
CA GLY A 351 -10.76 2.96 -21.96
C GLY A 351 -9.98 3.47 -23.13
N PRO A 352 -10.62 3.50 -24.30
CA PRO A 352 -9.97 4.10 -25.44
C PRO A 352 -10.04 5.62 -25.39
N MET A 353 -9.15 6.31 -26.09
CA MET A 353 -9.29 7.73 -26.28
C MET A 353 -10.46 8.04 -27.23
N ILE A 354 -10.95 9.27 -27.14
CA ILE A 354 -12.19 9.69 -27.77
C ILE A 354 -12.10 9.80 -29.30
N GLU A 355 -10.88 10.04 -29.81
CA GLU A 355 -10.68 10.25 -31.25
C GLU A 355 -9.20 10.29 -31.62
N GLU A 356 -8.89 10.02 -32.88
CA GLU A 356 -7.46 9.91 -33.31
C GLU A 356 -6.63 11.16 -33.13
N LYS A 357 -7.19 12.37 -33.25
CA LYS A 357 -6.38 13.53 -33.01
C LYS A 357 -5.85 13.62 -31.56
N ALA A 358 -6.56 13.03 -30.60
CA ALA A 358 -6.15 13.04 -29.23
C ALA A 358 -4.89 12.21 -29.11
N ILE A 359 -4.86 11.07 -29.79
CA ILE A 359 -3.69 10.22 -29.85
C ILE A 359 -2.47 10.98 -30.45
N THR A 360 -2.68 11.66 -31.57
CA THR A 360 -1.61 12.41 -32.23
C THR A 360 -0.96 13.39 -31.28
N LYS A 361 -1.80 14.10 -30.51
CA LYS A 361 -1.29 15.05 -29.54
C LYS A 361 -0.44 14.34 -28.49
N VAL A 362 -0.94 13.27 -27.90
CA VAL A 362 -0.16 12.57 -26.86
C VAL A 362 1.21 12.14 -27.48
N LYS A 363 1.18 11.69 -28.71
CA LYS A 363 2.39 11.28 -29.39
C LYS A 363 3.32 12.46 -29.63
N ALA A 364 2.77 13.63 -29.93
CA ALA A 364 3.58 14.82 -30.14
C ALA A 364 4.27 15.21 -28.85
N HIS A 365 3.52 15.13 -27.76
CA HIS A 365 4.09 15.39 -26.47
C HIS A 365 5.21 14.43 -26.07
N ILE A 366 5.00 13.14 -26.28
CA ILE A 366 6.09 12.16 -26.05
C ILE A 366 7.28 12.53 -26.90
N GLU A 367 7.09 12.69 -28.22
CA GLU A 367 8.24 12.88 -29.15
C GLU A 367 8.97 14.16 -28.84
N ASP A 368 8.26 15.26 -28.61
CA ASP A 368 8.92 16.46 -28.19
C ASP A 368 9.76 16.24 -26.92
N ALA A 369 9.20 15.57 -25.92
CA ALA A 369 9.93 15.42 -24.65
C ALA A 369 11.23 14.63 -24.82
N VAL A 370 11.13 13.49 -25.48
CA VAL A 370 12.25 12.61 -25.73
C VAL A 370 13.30 13.36 -26.60
N SER A 371 12.84 14.17 -27.54
CA SER A 371 13.78 14.86 -28.41
C SER A 371 14.59 15.82 -27.57
N LYS A 372 14.06 16.21 -26.40
CA LYS A 372 14.71 17.22 -25.58
C LYS A 372 15.32 16.65 -24.31
N GLY A 373 15.50 15.34 -24.29
CA GLY A 373 16.19 14.69 -23.20
C GLY A 373 15.38 13.82 -22.22
N ALA A 374 14.04 13.93 -22.24
CA ALA A 374 13.19 13.12 -21.38
C ALA A 374 13.30 11.66 -21.75
N LYS A 375 12.91 10.76 -20.85
CA LYS A 375 12.97 9.34 -21.13
C LYS A 375 11.59 8.68 -20.95
N LEU A 376 11.15 7.94 -21.96
CA LEU A 376 9.87 7.23 -21.91
C LEU A 376 10.10 5.90 -21.21
N ILE A 377 9.80 5.84 -19.91
CA ILE A 377 10.18 4.67 -19.11
C ILE A 377 9.16 3.58 -19.14
N THR A 378 7.93 3.93 -19.54
CA THR A 378 6.93 2.94 -19.86
C THR A 378 5.79 3.44 -20.71
N GLY A 379 5.16 2.49 -21.40
CA GLY A 379 3.95 2.77 -22.10
C GLY A 379 4.12 3.75 -23.19
N GLY A 380 3.08 4.58 -23.37
CA GLY A 380 3.08 5.61 -24.38
C GLY A 380 3.12 5.16 -25.82
N LYS A 381 2.41 4.06 -26.12
CA LYS A 381 2.31 3.50 -27.49
C LYS A 381 0.86 3.23 -27.87
N GLU A 382 0.57 3.31 -29.18
CA GLU A 382 -0.72 2.90 -29.72
C GLU A 382 -0.92 1.42 -29.52
N LEU A 383 -2.12 1.05 -29.13
CA LEU A 383 -2.45 -0.35 -28.93
C LEU A 383 -3.40 -0.90 -30.03
N GLY A 384 -3.84 -0.05 -30.95
CA GLY A 384 -4.82 -0.48 -31.95
C GLY A 384 -6.13 0.30 -31.74
N GLY A 385 -6.78 0.66 -32.83
CA GLY A 385 -7.95 1.48 -32.72
C GLY A 385 -7.61 2.79 -32.04
N LEU A 386 -8.49 3.19 -31.10
CA LEU A 386 -8.32 4.40 -30.37
C LEU A 386 -7.69 4.21 -29.00
N PHE A 387 -7.17 3.01 -28.78
CA PHE A 387 -6.51 2.64 -27.57
C PHE A 387 -5.05 3.05 -27.54
N PHE A 388 -4.63 3.52 -26.38
CA PHE A 388 -3.31 4.10 -26.15
C PHE A 388 -2.82 3.65 -24.82
N GLU A 389 -1.54 3.26 -24.76
CA GLU A 389 -1.03 2.69 -23.56
C GLU A 389 -0.60 3.80 -22.57
N PRO A 390 -1.17 3.77 -21.32
CA PRO A 390 -0.71 4.69 -20.30
C PRO A 390 0.81 4.70 -20.23
N GLY A 391 1.39 5.88 -20.06
CA GLY A 391 2.83 5.92 -19.92
C GLY A 391 3.38 6.97 -19.03
N ILE A 392 4.72 6.93 -18.90
CA ILE A 392 5.45 7.80 -17.95
C ILE A 392 6.71 8.31 -18.63
N LEU A 393 6.93 9.63 -18.56
CA LEU A 393 8.22 10.21 -18.90
C LEU A 393 8.99 10.64 -17.64
N THR A 394 10.28 10.35 -17.57
CA THR A 394 11.18 11.01 -16.61
C THR A 394 12.08 12.04 -17.26
N GLY A 395 12.78 12.84 -16.45
CA GLY A 395 13.61 13.94 -16.97
C GLY A 395 12.87 14.98 -17.79
N VAL A 396 11.67 15.34 -17.37
CA VAL A 396 10.90 16.35 -18.06
C VAL A 396 11.31 17.72 -17.54
N THR A 397 11.45 18.69 -18.44
CA THR A 397 11.80 20.05 -18.05
C THR A 397 10.89 21.11 -18.67
N SER A 398 11.09 22.34 -18.20
CA SER A 398 10.27 23.48 -18.55
C SER A 398 10.31 23.86 -20.01
N ASP A 399 11.30 23.39 -20.76
CA ASP A 399 11.38 23.75 -22.18
C ASP A 399 10.67 22.75 -23.07
N MET A 400 10.07 21.72 -22.48
CA MET A 400 9.31 20.74 -23.24
C MET A 400 7.89 21.23 -23.40
N LEU A 401 7.31 20.85 -24.51
CA LEU A 401 5.95 21.24 -24.84
C LEU A 401 4.92 21.00 -23.71
N VAL A 402 5.00 19.80 -23.10
CA VAL A 402 4.07 19.45 -22.03
C VAL A 402 4.12 20.45 -20.85
N ALA A 403 5.21 21.19 -20.70
CA ALA A 403 5.24 22.24 -19.69
C ALA A 403 4.22 23.37 -19.99
N LYS A 404 3.86 23.54 -21.25
CA LYS A 404 2.96 24.65 -21.62
C LYS A 404 1.59 24.25 -22.15
N GLU A 405 1.46 23.01 -22.64
CA GLU A 405 0.25 22.55 -23.32
C GLU A 405 -0.33 21.28 -22.69
N GLU A 406 -1.64 21.23 -22.52
CA GLU A 406 -2.32 20.05 -22.01
C GLU A 406 -2.24 18.86 -22.94
N THR A 407 -1.87 17.70 -22.40
CA THR A 407 -1.72 16.49 -23.19
C THR A 407 -3.09 15.86 -23.44
N PHE A 408 -3.96 15.92 -22.43
CA PHE A 408 -5.29 15.34 -22.45
C PHE A 408 -5.17 13.86 -22.82
N GLY A 409 -4.23 13.18 -22.19
CA GLY A 409 -4.00 11.77 -22.42
C GLY A 409 -3.37 11.07 -21.25
N PRO A 410 -3.21 9.74 -21.35
CA PRO A 410 -2.67 8.98 -20.19
C PRO A 410 -1.08 8.90 -20.14
N LEU A 411 -0.49 10.05 -19.85
CA LEU A 411 0.94 10.27 -19.93
C LEU A 411 1.31 11.04 -18.68
N ALA A 412 2.11 10.46 -17.81
CA ALA A 412 2.57 11.16 -16.60
C ALA A 412 3.97 11.76 -16.86
N PRO A 413 4.08 13.10 -17.00
CA PRO A 413 5.42 13.75 -17.21
C PRO A 413 6.08 14.16 -15.88
N LEU A 414 7.21 13.57 -15.57
CA LEU A 414 7.78 13.73 -14.23
C LEU A 414 8.90 14.75 -14.22
N PHE A 415 8.59 15.90 -13.66
CA PHE A 415 9.55 16.98 -13.58
C PHE A 415 10.24 16.98 -12.24
N ALA A 416 11.58 17.02 -12.23
CA ALA A 416 12.34 17.10 -10.97
C ALA A 416 12.39 18.57 -10.56
N PHE A 417 12.40 18.84 -9.26
CA PHE A 417 12.67 20.20 -8.76
C PHE A 417 13.44 20.14 -7.45
N ASP A 418 14.12 21.23 -7.09
CA ASP A 418 14.90 21.29 -5.84
C ASP A 418 14.23 22.08 -4.74
N THR A 419 13.71 23.27 -5.02
CA THR A 419 13.11 24.06 -3.90
C THR A 419 11.65 24.45 -4.09
N GLU A 420 10.99 24.74 -2.97
CA GLU A 420 9.65 25.22 -2.97
C GLU A 420 9.50 26.44 -3.83
N GLU A 421 10.44 27.38 -3.73
CA GLU A 421 10.28 28.63 -4.49
C GLU A 421 10.31 28.36 -6.00
N GLU A 422 11.17 27.45 -6.40
CA GLU A 422 11.36 27.13 -7.82
C GLU A 422 10.12 26.41 -8.34
N VAL A 423 9.56 25.49 -7.56
CA VAL A 423 8.37 24.79 -8.04
C VAL A 423 7.14 25.71 -8.06
N ILE A 424 7.07 26.64 -7.13
CA ILE A 424 5.95 27.59 -7.15
C ILE A 424 6.01 28.41 -8.44
N ALA A 425 7.17 28.96 -8.74
CA ALA A 425 7.37 29.77 -9.95
C ALA A 425 7.07 28.94 -11.20
N GLN A 426 7.49 27.68 -11.21
CA GLN A 426 7.18 26.89 -12.42
C GLN A 426 5.69 26.54 -12.55
N ALA A 427 5.06 26.18 -11.45
CA ALA A 427 3.64 25.88 -11.40
C ALA A 427 2.83 27.01 -11.97
N ASN A 428 3.17 28.22 -11.55
CA ASN A 428 2.44 29.44 -11.95
C ASN A 428 2.81 30.02 -13.30
N ASP A 429 3.85 29.48 -13.95
CA ASP A 429 4.32 29.98 -15.28
C ASP A 429 3.44 29.45 -16.44
N THR A 430 2.22 29.94 -16.50
CA THR A 430 1.23 29.40 -17.40
C THR A 430 0.13 30.45 -17.49
N ILE A 431 -0.51 30.57 -18.66
CA ILE A 431 -1.70 31.41 -18.79
C ILE A 431 -2.93 30.82 -18.10
N PHE A 432 -2.83 29.54 -17.70
CA PHE A 432 -3.94 28.83 -17.08
C PHE A 432 -3.96 28.88 -15.57
N GLY A 433 -5.07 28.42 -14.98
CA GLY A 433 -5.23 28.49 -13.55
C GLY A 433 -6.47 27.80 -13.06
N LEU A 434 -6.63 26.53 -13.42
CA LEU A 434 -7.84 25.80 -13.08
C LEU A 434 -7.53 25.02 -11.80
N ALA A 435 -7.00 23.80 -11.93
CA ALA A 435 -6.76 22.94 -10.76
C ALA A 435 -5.24 22.83 -10.56
N ALA A 436 -4.83 22.65 -9.30
CA ALA A 436 -3.41 22.31 -8.94
C ALA A 436 -3.50 21.39 -7.75
N TYR A 437 -2.47 20.59 -7.56
CA TYR A 437 -2.40 19.64 -6.43
C TYR A 437 -1.05 19.70 -5.76
N PHE A 438 -0.99 19.44 -4.44
CA PHE A 438 0.32 19.28 -3.81
C PHE A 438 0.27 18.38 -2.58
N TYR A 439 1.35 17.60 -2.35
CA TYR A 439 1.47 16.72 -1.18
C TYR A 439 2.59 17.19 -0.23
N THR A 440 2.26 17.51 1.04
CA THR A 440 3.28 17.74 2.09
C THR A 440 2.58 17.43 3.41
N GLU A 441 3.32 16.93 4.40
CA GLU A 441 2.77 16.81 5.74
C GLU A 441 3.01 18.03 6.59
N ASN A 442 3.68 19.07 6.06
CA ASN A 442 4.05 20.21 6.91
C ASN A 442 3.02 21.34 6.90
N PHE A 443 2.57 21.73 8.09
CA PHE A 443 1.55 22.72 8.25
C PHE A 443 1.85 24.03 7.57
N SER A 444 3.02 24.60 7.82
CA SER A 444 3.34 25.91 7.25
C SER A 444 3.46 25.88 5.73
N ARG A 445 4.02 24.80 5.20
CA ARG A 445 4.19 24.70 3.78
C ARG A 445 2.84 24.66 3.07
N ALA A 446 1.90 23.98 3.72
CA ALA A 446 0.54 23.81 3.25
C ALA A 446 -0.07 25.19 3.06
N ILE A 447 0.09 26.07 4.04
CA ILE A 447 -0.37 27.44 3.93
C ILE A 447 0.32 28.17 2.78
N ARG A 448 1.64 28.09 2.73
CA ARG A 448 2.40 28.86 1.76
C ARG A 448 2.03 28.46 0.36
N VAL A 449 2.01 27.16 0.14
CA VAL A 449 1.86 26.64 -1.24
C VAL A 449 0.45 26.82 -1.70
N SER A 450 -0.50 26.50 -0.84
CA SER A 450 -1.90 26.61 -1.25
C SER A 450 -2.23 28.06 -1.58
N GLU A 451 -1.72 29.02 -0.80
CA GLU A 451 -1.97 30.47 -1.11
C GLU A 451 -1.25 31.00 -2.31
N ALA A 452 -0.01 30.57 -2.49
CA ALA A 452 0.83 30.97 -3.65
C ALA A 452 0.39 30.46 -5.01
N LEU A 453 -0.25 29.30 -5.07
CA LEU A 453 -0.64 28.69 -6.36
C LEU A 453 -1.75 29.53 -7.01
N GLU A 454 -1.54 29.94 -8.26
CA GLU A 454 -2.49 30.76 -9.01
C GLU A 454 -3.54 29.92 -9.74
N TYR A 455 -4.42 29.29 -8.95
CA TYR A 455 -5.39 28.35 -9.41
C TYR A 455 -6.72 28.62 -8.65
N GLY A 456 -7.84 28.31 -9.27
CA GLY A 456 -9.15 28.43 -8.62
C GLY A 456 -9.40 27.29 -7.66
N MET A 457 -8.74 26.15 -7.90
CA MET A 457 -8.93 24.92 -7.12
C MET A 457 -7.61 24.23 -6.75
N VAL A 458 -7.45 23.90 -5.48
CA VAL A 458 -6.22 23.28 -5.03
C VAL A 458 -6.56 22.04 -4.20
N GLY A 459 -6.01 20.90 -4.60
CA GLY A 459 -5.99 19.70 -3.76
C GLY A 459 -4.73 19.55 -2.96
N HIS A 460 -4.89 19.44 -1.63
CA HIS A 460 -3.78 19.23 -0.71
C HIS A 460 -3.91 17.82 -0.15
N ASN A 461 -2.89 17.00 -0.38
CA ASN A 461 -2.82 15.57 -0.02
C ASN A 461 -3.95 14.75 -0.64
N THR A 462 -4.46 15.19 -1.77
CA THR A 462 -5.47 14.42 -2.45
C THR A 462 -5.48 14.77 -3.89
N GLY A 463 -5.83 13.78 -4.72
CA GLY A 463 -5.93 13.95 -6.14
C GLY A 463 -7.35 14.06 -6.62
N LEU A 464 -8.30 13.90 -5.71
CA LEU A 464 -9.72 14.09 -5.99
C LEU A 464 -10.37 15.20 -5.17
N ILE A 465 -10.76 16.24 -5.84
CA ILE A 465 -11.29 17.42 -5.24
C ILE A 465 -12.76 17.68 -5.65
N SER A 466 -13.26 16.87 -6.58
CA SER A 466 -14.56 17.14 -7.22
C SER A 466 -15.76 16.82 -6.33
N ASN A 467 -16.68 17.76 -6.18
CA ASN A 467 -17.97 17.49 -5.54
C ASN A 467 -18.90 18.63 -5.93
N GLU A 468 -20.07 18.70 -5.31
CA GLU A 468 -21.08 19.63 -5.69
C GLU A 468 -21.12 20.83 -4.78
N VAL A 469 -20.46 20.74 -3.63
CA VAL A 469 -20.63 21.74 -2.55
C VAL A 469 -19.59 22.86 -2.50
N ALA A 470 -18.50 22.72 -3.25
CA ALA A 470 -17.43 23.72 -3.31
C ALA A 470 -17.38 24.37 -4.70
N PRO A 471 -16.89 25.60 -4.79
CA PRO A 471 -16.93 26.33 -6.02
C PRO A 471 -15.83 25.87 -6.96
N PHE A 472 -16.25 25.52 -8.16
CA PHE A 472 -15.39 24.96 -9.17
C PHE A 472 -15.25 25.94 -10.29
N GLY A 473 -14.00 26.27 -10.59
CA GLY A 473 -13.68 27.10 -11.73
C GLY A 473 -12.26 27.66 -11.65
N GLY A 474 -11.97 28.55 -12.55
CA GLY A 474 -10.60 28.92 -12.82
C GLY A 474 -10.33 30.44 -12.69
N VAL A 475 -9.04 30.74 -12.54
CA VAL A 475 -8.48 32.06 -12.65
C VAL A 475 -7.74 32.22 -13.97
N LYS A 476 -7.36 33.47 -14.28
CA LYS A 476 -6.57 33.72 -15.44
C LYS A 476 -7.29 33.20 -16.69
N GLN A 477 -6.64 32.44 -17.59
CA GLN A 477 -7.38 32.03 -18.79
C GLN A 477 -8.16 30.73 -18.67
N SER A 478 -8.31 30.20 -17.46
CA SER A 478 -9.07 29.00 -17.21
C SER A 478 -10.57 29.25 -17.08
N GLY A 479 -10.98 30.51 -17.01
CA GLY A 479 -12.41 30.82 -17.08
C GLY A 479 -12.98 31.91 -16.18
N LEU A 480 -14.32 31.97 -16.19
CA LEU A 480 -15.14 32.98 -15.48
C LEU A 480 -16.30 32.30 -14.70
N GLY A 481 -16.47 32.70 -13.45
CA GLY A 481 -17.51 32.18 -12.62
C GLY A 481 -17.20 30.83 -12.02
N ARG A 482 -18.09 30.43 -11.13
CA ARG A 482 -17.99 29.15 -10.39
C ARG A 482 -19.23 28.32 -10.54
N GLU A 483 -19.05 27.00 -10.48
CA GLU A 483 -20.10 26.00 -10.56
C GLU A 483 -20.12 25.17 -9.23
N GLY A 484 -21.29 24.71 -8.86
CA GLY A 484 -21.46 24.07 -7.57
C GLY A 484 -21.40 25.12 -6.47
N SER A 485 -21.64 24.64 -5.27
CA SER A 485 -21.53 25.44 -4.04
C SER A 485 -22.63 26.49 -3.89
N LYS A 486 -22.60 27.15 -2.74
CA LYS A 486 -23.38 28.36 -2.38
C LYS A 486 -23.11 29.48 -3.35
N TYR A 487 -22.04 29.40 -4.14
CA TYR A 487 -21.81 30.41 -5.13
C TYR A 487 -22.35 30.13 -6.52
N GLY A 488 -22.78 28.92 -6.82
CA GLY A 488 -23.15 28.63 -8.20
C GLY A 488 -24.40 29.26 -8.80
N ILE A 489 -25.43 29.39 -7.99
CA ILE A 489 -26.72 29.86 -8.47
C ILE A 489 -26.68 31.34 -8.88
N GLU A 490 -25.78 32.10 -8.26
CA GLU A 490 -25.73 33.54 -8.57
C GLU A 490 -25.25 33.81 -10.00
N GLU A 491 -24.63 32.83 -10.65
CA GLU A 491 -24.31 32.95 -12.08
C GLU A 491 -25.56 33.03 -12.95
N TYR A 492 -26.69 32.61 -12.39
CA TYR A 492 -27.99 32.58 -13.09
C TYR A 492 -28.99 33.57 -12.51
N LEU A 493 -28.52 34.50 -11.68
CA LEU A 493 -29.35 35.51 -11.05
C LEU A 493 -28.82 36.91 -11.33
N GLU A 494 -29.73 37.88 -11.28
CA GLU A 494 -29.39 39.31 -11.30
C GLU A 494 -29.69 39.90 -9.99
N THR A 495 -28.82 40.79 -9.54
CA THR A 495 -29.04 41.56 -8.33
C THR A 495 -29.85 42.81 -8.61
N LYS A 496 -30.90 42.99 -7.82
CA LYS A 496 -31.72 44.19 -7.91
C LYS A 496 -31.71 44.90 -6.57
N TYR A 497 -31.34 46.19 -6.63
CA TYR A 497 -31.31 47.05 -5.49
C TYR A 497 -32.56 47.91 -5.49
N ILE A 498 -33.32 47.85 -4.42
CA ILE A 498 -34.53 48.67 -4.31
C ILE A 498 -34.36 49.59 -3.14
N CYS A 499 -34.49 50.88 -3.44
CA CYS A 499 -34.51 51.95 -2.48
C CYS A 499 -35.89 52.56 -2.35
N SER A 500 -36.52 52.43 -1.18
CA SER A 500 -37.90 52.82 -0.98
C SER A 500 -37.96 53.89 0.01
N ALA A 501 -38.62 55.00 -0.32
CA ALA A 501 -38.79 56.08 0.61
C ALA A 501 -40.07 55.78 1.33
N TYR A 502 -40.13 56.12 2.62
CA TYR A 502 -41.40 56.03 3.33
C TYR A 502 -41.62 57.24 4.28
N LYS A 503 -42.89 57.52 4.58
CA LYS A 503 -43.27 58.54 5.58
C LYS A 503 -43.14 58.06 7.01
N ARG A 504 -42.29 58.71 7.79
CA ARG A 504 -42.18 58.43 9.24
C ARG A 504 -43.36 58.99 10.03
N MET B 22 -60.60 0.24 18.63
CA MET B 22 -59.20 0.44 18.11
C MET B 22 -59.17 1.65 17.16
N LEU B 23 -58.01 2.27 17.00
CA LEU B 23 -57.83 3.31 15.99
C LEU B 23 -57.69 2.59 14.67
N ALA B 24 -58.29 3.13 13.61
CA ALA B 24 -58.18 2.51 12.29
C ALA B 24 -56.91 2.94 11.53
N LEU B 25 -55.78 2.41 12.01
CA LEU B 25 -54.44 2.75 11.47
C LEU B 25 -54.05 1.77 10.38
N LYS B 26 -53.52 2.27 9.28
CA LYS B 26 -52.99 1.43 8.23
C LYS B 26 -51.80 0.67 8.80
N ASP B 27 -50.98 1.30 9.62
CA ASP B 27 -49.89 0.61 10.30
C ASP B 27 -50.04 0.71 11.81
N PRO B 28 -50.62 -0.32 12.40
CA PRO B 28 -50.87 -0.26 13.81
C PRO B 28 -49.60 -0.24 14.66
N SER B 29 -48.47 -0.65 14.11
CA SER B 29 -47.20 -0.52 14.85
C SER B 29 -46.77 0.94 15.12
N LEU B 30 -47.47 1.92 14.55
CA LEU B 30 -47.21 3.31 14.89
C LEU B 30 -47.68 3.74 16.27
N LEU B 31 -48.58 2.98 16.88
CA LEU B 31 -49.19 3.38 18.15
C LEU B 31 -48.51 2.64 19.26
N LYS B 32 -47.84 3.38 20.13
CA LYS B 32 -46.94 2.83 21.11
C LYS B 32 -47.43 3.07 22.52
N SER B 33 -47.05 2.15 23.41
CA SER B 33 -47.27 2.27 24.87
C SER B 33 -45.96 2.26 25.65
N GLN B 34 -44.85 2.47 24.96
CA GLN B 34 -43.51 2.43 25.54
C GLN B 34 -42.65 3.60 25.08
N CYS B 35 -41.57 3.86 25.82
CA CYS B 35 -40.58 4.88 25.49
C CYS B 35 -39.44 4.34 24.65
N LEU B 36 -38.82 5.25 23.89
CA LEU B 36 -37.67 4.93 23.06
C LEU B 36 -36.40 5.32 23.80
N VAL B 37 -35.67 4.35 24.28
CA VAL B 37 -34.48 4.63 25.08
C VAL B 37 -33.34 3.75 24.58
N ASN B 38 -32.27 4.38 24.12
CA ASN B 38 -31.14 3.66 23.58
C ASN B 38 -31.56 2.56 22.54
N GLY B 39 -32.46 2.95 21.65
CA GLY B 39 -32.89 2.09 20.55
C GLY B 39 -33.75 0.88 20.93
N ARG B 40 -34.25 0.83 22.16
CA ARG B 40 -35.23 -0.16 22.56
C ARG B 40 -36.50 0.50 23.10
N TRP B 41 -37.60 -0.23 23.04
CA TRP B 41 -38.86 0.28 23.50
C TRP B 41 -39.09 -0.30 24.90
N ILE B 42 -39.20 0.54 25.91
CA ILE B 42 -39.21 0.10 27.31
C ILE B 42 -40.45 0.57 28.09
N ASP B 43 -40.78 -0.14 29.16
CA ASP B 43 -41.69 0.39 30.15
C ASP B 43 -40.87 0.97 31.29
N ALA B 44 -41.58 1.61 32.20
CA ALA B 44 -40.99 2.15 33.43
C ALA B 44 -40.46 1.04 34.30
N ALA B 45 -39.30 1.22 34.93
CA ALA B 45 -38.81 0.19 35.86
C ALA B 45 -39.95 -0.33 36.77
N ASP B 46 -40.72 0.59 37.34
CA ASP B 46 -41.79 0.24 38.27
C ASP B 46 -43.16 -0.06 37.62
N GLY B 47 -43.21 -0.11 36.29
CA GLY B 47 -44.48 -0.38 35.64
C GLY B 47 -45.56 0.71 35.69
N THR B 48 -45.33 1.85 36.34
CA THR B 48 -46.34 2.92 36.40
C THR B 48 -46.52 3.59 35.02
N THR B 49 -47.73 4.13 34.80
CA THR B 49 -48.12 4.66 33.49
C THR B 49 -48.95 5.94 33.60
N ILE B 50 -49.15 6.58 32.45
CA ILE B 50 -50.00 7.78 32.25
C ILE B 50 -51.05 7.33 31.24
N LYS B 51 -52.32 7.57 31.50
CA LYS B 51 -53.39 7.25 30.56
C LYS B 51 -53.42 8.39 29.52
N VAL B 52 -53.68 8.08 28.26
CA VAL B 52 -53.89 9.10 27.24
C VAL B 52 -55.33 8.91 26.80
N THR B 53 -56.14 9.97 26.98
CA THR B 53 -57.58 9.98 26.78
C THR B 53 -57.91 10.92 25.60
N ASN B 54 -58.96 10.60 24.86
CA ASN B 54 -59.41 11.36 23.71
C ASN B 54 -60.32 12.43 24.21
N PRO B 55 -59.96 13.70 24.01
CA PRO B 55 -60.74 14.81 24.53
C PRO B 55 -62.14 14.91 23.93
N ALA B 56 -62.35 14.28 22.77
CA ALA B 56 -63.68 14.28 22.12
C ALA B 56 -64.69 13.43 22.88
N ASP B 57 -64.29 12.30 23.44
CA ASP B 57 -65.29 11.39 24.05
C ASP B 57 -64.87 10.81 25.37
N GLY B 58 -63.72 11.19 25.88
CA GLY B 58 -63.24 10.62 27.12
C GLY B 58 -62.71 9.20 27.02
N SER B 59 -62.62 8.60 25.83
CA SER B 59 -62.16 7.19 25.74
C SER B 59 -60.61 7.09 25.90
N VAL B 60 -60.13 5.97 26.45
CA VAL B 60 -58.74 5.84 26.84
C VAL B 60 -58.12 5.25 25.61
N ILE B 61 -57.15 5.96 25.01
CA ILE B 61 -56.54 5.57 23.73
C ILE B 61 -55.54 4.51 24.03
N GLY B 62 -54.83 4.69 25.15
CA GLY B 62 -53.78 3.77 25.60
C GLY B 62 -53.00 4.41 26.74
N THR B 63 -51.90 3.79 27.15
CA THR B 63 -51.06 4.34 28.21
C THR B 63 -49.65 4.52 27.69
N VAL B 64 -48.86 5.32 28.40
CA VAL B 64 -47.43 5.46 28.14
C VAL B 64 -46.71 5.36 29.48
N PRO B 65 -45.41 5.03 29.48
CA PRO B 65 -44.75 4.91 30.76
C PRO B 65 -44.60 6.21 31.54
N SER B 66 -44.49 6.05 32.86
CA SER B 66 -44.06 7.13 33.70
C SER B 66 -42.66 6.81 34.20
N LEU B 67 -41.66 7.20 33.39
CA LEU B 67 -40.27 6.88 33.69
C LEU B 67 -39.71 7.64 34.90
N SER B 68 -38.86 6.93 35.65
CA SER B 68 -38.11 7.48 36.75
C SER B 68 -36.86 8.20 36.31
N VAL B 69 -36.34 8.98 37.24
CA VAL B 69 -35.14 9.75 37.12
C VAL B 69 -33.98 8.82 36.81
N ALA B 70 -33.92 7.68 37.49
CA ALA B 70 -32.89 6.68 37.25
C ALA B 70 -32.83 6.29 35.77
N THR B 71 -33.96 5.96 35.19
CA THR B 71 -34.04 5.66 33.79
C THR B 71 -33.68 6.89 32.94
N ILE B 72 -34.11 8.10 33.35
CA ILE B 72 -33.73 9.28 32.61
C ILE B 72 -32.21 9.40 32.59
N LYS B 73 -31.56 9.13 33.71
CA LYS B 73 -30.08 9.17 33.80
C LYS B 73 -29.40 8.16 32.83
N GLU B 74 -30.00 6.99 32.71
CA GLU B 74 -29.56 5.98 31.75
C GLU B 74 -29.74 6.46 30.29
N ALA B 75 -30.83 7.17 30.03
CA ALA B 75 -31.07 7.73 28.68
C ALA B 75 -30.02 8.77 28.38
N ILE B 76 -29.68 9.59 29.38
CA ILE B 76 -28.65 10.60 29.22
C ILE B 76 -27.27 9.97 28.95
N ASP B 77 -26.96 8.90 29.66
CA ASP B 77 -25.68 8.13 29.42
C ASP B 77 -25.71 7.56 28.01
N ALA B 78 -26.83 6.97 27.61
CA ALA B 78 -26.94 6.39 26.28
C ALA B 78 -26.78 7.47 25.19
N SER B 79 -27.27 8.68 25.47
CA SER B 79 -27.17 9.79 24.52
C SER B 79 -25.70 10.15 24.34
N ALA B 80 -25.02 10.29 25.47
CA ALA B 80 -23.62 10.65 25.44
C ALA B 80 -22.83 9.55 24.74
N LYS B 81 -23.22 8.30 24.91
CA LYS B 81 -22.46 7.26 24.23
C LYS B 81 -22.64 7.26 22.70
N ALA B 82 -23.85 7.59 22.22
CA ALA B 82 -24.14 7.66 20.77
C ALA B 82 -23.55 8.90 20.09
N LEU B 83 -23.24 9.95 20.87
CA LEU B 83 -22.83 11.26 20.35
C LEU B 83 -21.62 11.19 19.47
N SER B 84 -20.61 10.43 19.88
CA SER B 84 -19.36 10.35 19.12
C SER B 84 -19.52 9.94 17.68
N GLY B 85 -20.13 8.79 17.51
CA GLY B 85 -20.37 8.25 16.19
C GLY B 85 -21.36 9.01 15.30
N TRP B 86 -22.31 9.71 15.91
CA TRP B 86 -23.32 10.40 15.13
C TRP B 86 -22.59 11.65 14.61
N ALA B 87 -21.88 12.30 15.52
CA ALA B 87 -21.17 13.55 15.20
C ALA B 87 -20.02 13.32 14.18
N ALA B 88 -19.44 12.13 14.22
CA ALA B 88 -18.31 11.79 13.37
C ALA B 88 -18.78 11.40 11.97
N LYS B 89 -20.09 11.22 11.75
CA LYS B 89 -20.55 11.00 10.38
C LYS B 89 -20.34 12.29 9.61
N THR B 90 -20.31 12.19 8.30
CA THR B 90 -20.36 13.39 7.45
C THR B 90 -21.76 14.06 7.53
N ALA B 91 -21.83 15.33 7.16
CA ALA B 91 -23.09 16.07 7.09
C ALA B 91 -23.97 15.37 6.05
N LYS B 92 -23.35 14.94 4.95
CA LYS B 92 -24.09 14.25 3.88
C LYS B 92 -24.71 12.96 4.43
N GLU B 93 -24.01 12.19 5.26
CA GLU B 93 -24.63 10.95 5.80
CA GLU B 93 -24.59 10.95 5.84
C GLU B 93 -25.79 11.25 6.76
N ARG B 94 -25.62 12.21 7.63
CA ARG B 94 -26.70 12.57 8.55
C ARG B 94 -27.87 13.09 7.72
N ALA B 95 -27.60 13.84 6.66
CA ALA B 95 -28.66 14.39 5.83
C ALA B 95 -29.44 13.28 5.13
N GLY B 96 -28.74 12.26 4.64
CA GLY B 96 -29.46 11.08 3.99
C GLY B 96 -30.40 10.36 4.97
N ILE B 97 -29.89 10.17 6.17
CA ILE B 97 -30.73 9.53 7.23
C ILE B 97 -31.92 10.44 7.60
N LEU B 98 -31.73 11.74 7.75
CA LEU B 98 -32.86 12.65 8.07
C LEU B 98 -33.86 12.72 6.94
N ARG B 99 -33.38 12.71 5.71
CA ARG B 99 -34.28 12.67 4.58
C ARG B 99 -35.15 11.39 4.49
N LYS B 100 -34.59 10.23 4.84
CA LYS B 100 -35.38 9.01 5.01
C LYS B 100 -36.44 9.17 6.09
N TRP B 101 -36.11 9.80 7.21
CA TRP B 101 -37.10 10.02 8.25
C TRP B 101 -38.23 10.91 7.69
N PHE B 102 -37.85 12.01 7.01
CA PHE B 102 -38.80 12.91 6.37
C PHE B 102 -39.75 12.13 5.43
N ASP B 103 -39.15 11.38 4.49
CA ASP B 103 -39.95 10.53 3.56
C ASP B 103 -40.88 9.56 4.29
N LEU B 104 -40.40 8.94 5.37
CA LEU B 104 -41.25 8.03 6.16
C LEU B 104 -42.42 8.80 6.81
N ILE B 105 -42.18 9.97 7.35
CA ILE B 105 -43.29 10.72 7.97
C ILE B 105 -44.35 11.05 6.91
N ILE B 106 -43.89 11.47 5.73
CA ILE B 106 -44.78 11.87 4.67
C ILE B 106 -45.62 10.65 4.27
N ALA B 107 -44.98 9.49 4.12
CA ALA B 107 -45.68 8.28 3.68
C ALA B 107 -46.66 7.76 4.72
N ASN B 108 -46.48 8.11 5.98
CA ASN B 108 -47.38 7.69 7.03
C ASN B 108 -48.20 8.82 7.62
N ALA B 109 -48.32 9.91 6.87
CA ALA B 109 -49.02 11.13 7.35
C ALA B 109 -50.44 10.89 7.86
N ASP B 110 -51.19 10.02 7.20
CA ASP B 110 -52.60 9.82 7.57
C ASP B 110 -52.72 9.15 8.93
N ASP B 111 -51.94 8.10 9.13
CA ASP B 111 -51.88 7.43 10.43
C ASP B 111 -51.45 8.39 11.55
N ILE B 112 -50.36 9.14 11.32
CA ILE B 112 -49.88 10.04 12.35
C ILE B 112 -50.98 11.09 12.69
N ALA B 113 -51.65 11.59 11.66
CA ALA B 113 -52.72 12.58 11.81
C ALA B 113 -53.85 12.03 12.67
N LEU B 114 -54.17 10.75 12.54
CA LEU B 114 -55.26 10.17 13.30
C LEU B 114 -54.84 10.01 14.74
N ILE B 115 -53.58 9.61 14.95
CA ILE B 115 -53.10 9.52 16.32
C ILE B 115 -53.23 10.90 16.98
N MET B 116 -52.78 11.93 16.27
CA MET B 116 -52.80 13.26 16.82
C MET B 116 -54.19 13.81 17.10
N THR B 117 -55.09 13.69 16.14
CA THR B 117 -56.44 14.15 16.33
C THR B 117 -57.04 13.42 17.53
N SER B 118 -56.67 12.14 17.66
CA SER B 118 -57.24 11.26 18.69
C SER B 118 -56.85 11.77 20.06
N GLU B 119 -55.56 12.04 20.28
CA GLU B 119 -55.11 12.44 21.62
C GLU B 119 -55.24 13.94 21.84
N GLN B 120 -55.16 14.77 20.80
CA GLN B 120 -55.10 16.20 20.98
C GLN B 120 -56.41 16.95 20.73
N GLY B 121 -57.26 16.48 19.83
CA GLY B 121 -58.58 17.09 19.59
C GLY B 121 -58.75 17.67 18.20
N LYS B 122 -57.68 18.22 17.67
CA LYS B 122 -57.78 18.99 16.44
C LYS B 122 -58.30 18.18 15.27
N PRO B 123 -58.95 18.83 14.33
CA PRO B 123 -59.53 18.04 13.28
C PRO B 123 -58.45 17.40 12.40
N LEU B 124 -58.80 16.27 11.78
CA LEU B 124 -57.87 15.51 10.93
C LEU B 124 -57.19 16.37 9.89
N ALA B 125 -57.91 17.33 9.28
CA ALA B 125 -57.28 18.13 8.22
C ALA B 125 -56.18 19.03 8.78
N GLU B 126 -56.39 19.52 10.00
CA GLU B 126 -55.38 20.28 10.70
C GLU B 126 -54.24 19.38 11.12
N ALA B 127 -54.57 18.20 11.59
CA ALA B 127 -53.59 17.27 12.09
C ALA B 127 -52.69 16.93 10.95
N ARG B 128 -53.29 16.62 9.81
CA ARG B 128 -52.55 16.26 8.59
CA ARG B 128 -52.49 16.22 8.65
C ARG B 128 -51.67 17.40 8.12
N GLY B 129 -52.21 18.62 8.19
CA GLY B 129 -51.47 19.85 7.85
C GLY B 129 -50.27 19.98 8.78
N GLU B 130 -50.47 19.67 10.06
CA GLU B 130 -49.36 19.76 11.03
C GLU B 130 -48.32 18.73 10.69
N VAL B 131 -48.74 17.53 10.32
CA VAL B 131 -47.76 16.51 10.03
C VAL B 131 -46.85 17.00 8.88
N LEU B 132 -47.42 17.61 7.83
CA LEU B 132 -46.60 18.00 6.70
C LEU B 132 -45.64 19.15 7.09
N TYR B 133 -46.15 20.07 7.91
CA TYR B 133 -45.39 21.16 8.46
C TYR B 133 -44.25 20.66 9.34
N ALA B 134 -44.56 19.77 10.28
CA ALA B 134 -43.58 19.06 11.10
C ALA B 134 -42.49 18.41 10.23
N ALA B 135 -42.91 17.60 9.24
CA ALA B 135 -41.99 16.95 8.29
C ALA B 135 -41.08 17.98 7.60
N SER B 136 -41.60 19.15 7.28
CA SER B 136 -40.80 20.17 6.53
C SER B 136 -39.55 20.64 7.25
N PHE B 137 -39.57 20.71 8.60
CA PHE B 137 -38.34 21.03 9.32
C PHE B 137 -37.26 19.97 9.16
N ILE B 138 -37.66 18.67 9.11
CA ILE B 138 -36.67 17.59 8.92
C ILE B 138 -36.07 17.71 7.53
N GLU B 139 -36.91 17.93 6.51
CA GLU B 139 -36.40 18.14 5.19
C GLU B 139 -35.47 19.32 5.18
N TRP B 140 -35.92 20.44 5.74
CA TRP B 140 -35.14 21.67 5.69
C TRP B 140 -33.82 21.53 6.40
N PHE B 141 -33.80 20.86 7.56
CA PHE B 141 -32.53 20.73 8.26
C PHE B 141 -31.59 19.59 7.74
N ALA B 142 -32.15 18.62 7.02
CA ALA B 142 -31.36 17.67 6.28
C ALA B 142 -30.54 18.51 5.30
N GLU B 143 -31.15 19.48 4.66
CA GLU B 143 -30.42 20.30 3.68
C GLU B 143 -29.42 21.25 4.38
N GLU B 144 -29.83 21.77 5.55
CA GLU B 144 -28.95 22.63 6.32
C GLU B 144 -27.70 21.91 6.79
N ALA B 145 -27.78 20.62 7.03
CA ALA B 145 -26.68 19.88 7.65
C ALA B 145 -25.44 20.03 6.79
N LYS B 146 -25.63 20.14 5.50
CA LYS B 146 -24.53 20.29 4.54
C LYS B 146 -24.07 21.73 4.33
N ARG B 147 -24.70 22.65 5.04
CA ARG B 147 -24.53 24.04 4.82
C ARG B 147 -24.12 24.73 6.14
N VAL B 148 -23.52 23.97 7.01
CA VAL B 148 -23.00 24.49 8.27
C VAL B 148 -21.67 25.12 7.89
N TYR B 149 -21.68 26.39 7.51
CA TYR B 149 -20.47 27.00 7.01
C TYR B 149 -19.65 27.73 8.09
N GLY B 150 -18.35 27.53 8.05
CA GLY B 150 -17.43 28.34 8.83
C GLY B 150 -16.86 29.48 8.01
N ASP B 151 -15.95 30.22 8.62
CA ASP B 151 -15.38 31.42 8.03
C ASP B 151 -13.85 31.35 7.97
N THR B 152 -13.24 32.10 7.07
CA THR B 152 -11.86 32.57 7.25
C THR B 152 -11.96 34.12 7.33
N ILE B 153 -11.09 34.75 8.12
CA ILE B 153 -11.20 36.16 8.47
C ILE B 153 -9.79 36.71 8.31
N PRO B 154 -9.67 37.86 7.60
CA PRO B 154 -8.32 38.46 7.46
C PRO B 154 -7.69 38.71 8.83
N ALA B 155 -6.45 38.28 9.00
CA ALA B 155 -5.73 38.38 10.25
C ALA B 155 -5.13 39.78 10.38
N PRO B 156 -5.23 40.38 11.59
CA PRO B 156 -4.58 41.70 11.77
C PRO B 156 -3.07 41.65 11.80
N GLN B 157 -2.49 40.47 11.97
CA GLN B 157 -1.04 40.30 11.87
C GLN B 157 -0.63 39.37 10.79
N ASN B 158 0.48 39.68 10.13
CA ASN B 158 1.14 38.79 9.21
C ASN B 158 1.60 37.55 9.94
N GLY B 159 1.60 36.44 9.22
CA GLY B 159 2.07 35.18 9.78
C GLY B 159 1.00 34.41 10.55
N GLN B 160 -0.20 34.94 10.56
CA GLN B 160 -1.37 34.28 11.14
C GLN B 160 -2.51 34.17 10.15
N ARG B 161 -3.31 33.11 10.35
CA ARG B 161 -4.51 32.80 9.60
C ARG B 161 -5.61 32.48 10.61
N LEU B 162 -6.77 33.05 10.39
CA LEU B 162 -7.88 32.95 11.33
C LEU B 162 -9.00 32.17 10.69
N THR B 163 -9.49 31.14 11.41
CA THR B 163 -10.59 30.30 10.93
C THR B 163 -11.69 30.22 11.97
N VAL B 164 -12.93 30.05 11.54
CA VAL B 164 -14.04 29.81 12.47
C VAL B 164 -14.71 28.54 11.94
N ILE B 165 -14.87 27.55 12.81
CA ILE B 165 -15.64 26.36 12.50
C ILE B 165 -16.76 26.25 13.53
N ARG B 166 -17.80 25.47 13.19
CA ARG B 166 -18.96 25.23 14.02
C ARG B 166 -19.15 23.76 14.24
N GLN B 167 -19.33 23.35 15.48
CA GLN B 167 -19.36 21.93 15.83
C GLN B 167 -20.55 21.71 16.78
N PRO B 168 -21.04 20.48 16.88
CA PRO B 168 -22.24 20.29 17.68
C PRO B 168 -22.01 20.57 19.13
N VAL B 169 -23.03 21.15 19.78
CA VAL B 169 -23.02 21.37 21.19
C VAL B 169 -22.90 20.08 21.99
N GLY B 170 -23.56 19.03 21.54
CA GLY B 170 -23.40 17.74 22.16
C GLY B 170 -24.72 17.10 22.49
N VAL B 171 -24.85 16.57 23.72
CA VAL B 171 -26.13 16.01 24.17
C VAL B 171 -27.12 17.13 24.50
N THR B 172 -28.35 17.00 23.98
CA THR B 172 -29.36 18.02 24.06
C THR B 172 -30.68 17.40 24.48
N ALA B 173 -31.53 18.27 25.00
CA ALA B 173 -32.79 17.88 25.62
C ALA B 173 -33.85 18.79 25.07
N ALA B 174 -35.02 18.25 24.81
CA ALA B 174 -36.16 19.03 24.39
C ALA B 174 -37.35 18.72 25.26
N ILE B 175 -38.13 19.75 25.60
CA ILE B 175 -39.39 19.56 26.34
C ILE B 175 -40.44 20.31 25.55
N THR B 176 -41.48 19.57 25.17
CA THR B 176 -42.43 20.04 24.16
C THR B 176 -43.86 19.98 24.64
N PRO B 177 -44.68 20.91 24.14
CA PRO B 177 -46.05 21.01 24.56
C PRO B 177 -47.05 20.15 23.76
N TRP B 178 -48.31 20.23 24.17
CA TRP B 178 -49.43 19.45 23.60
C TRP B 178 -50.14 20.07 22.39
N ASN B 179 -49.95 21.37 22.15
CA ASN B 179 -50.77 22.03 21.15
C ASN B 179 -50.36 21.73 19.72
N PHE B 180 -49.07 21.40 19.57
CA PHE B 180 -48.51 20.94 18.31
C PHE B 180 -47.63 19.73 18.52
N PRO B 181 -48.26 18.58 18.83
CA PRO B 181 -47.57 17.38 19.22
C PRO B 181 -46.56 16.74 18.26
N ALA B 182 -46.57 17.11 16.99
CA ALA B 182 -45.55 16.63 16.07
C ALA B 182 -44.52 17.71 15.81
N ALA B 183 -45.01 18.90 15.45
CA ALA B 183 -44.19 19.99 14.91
C ALA B 183 -43.28 20.55 15.96
N MET B 184 -43.73 20.69 17.20
CA MET B 184 -42.76 21.17 18.21
C MET B 184 -41.57 20.18 18.42
N ILE B 185 -41.80 18.91 18.22
CA ILE B 185 -40.72 17.93 18.26
C ILE B 185 -39.71 18.05 17.11
N THR B 186 -40.19 18.07 15.87
CA THR B 186 -39.30 18.13 14.72
C THR B 186 -38.55 19.47 14.60
N ARG B 187 -39.18 20.58 15.02
CA ARG B 187 -38.48 21.85 15.08
C ARG B 187 -37.21 21.87 15.96
N LYS B 188 -37.13 20.97 16.94
CA LYS B 188 -36.00 20.82 17.83
C LYS B 188 -35.10 19.65 17.42
N ALA B 189 -35.71 18.50 17.12
CA ALA B 189 -34.92 17.28 16.85
C ALA B 189 -34.20 17.41 15.48
N ALA B 190 -34.86 18.05 14.52
CA ALA B 190 -34.28 18.20 13.18
C ALA B 190 -32.95 18.95 13.19
N PRO B 191 -32.92 20.20 13.70
CA PRO B 191 -31.66 20.94 13.67
C PRO B 191 -30.61 20.31 14.57
N ALA B 192 -31.02 19.80 15.73
CA ALA B 192 -30.11 19.12 16.63
C ALA B 192 -29.43 17.95 15.92
N LEU B 193 -30.22 17.04 15.38
CA LEU B 193 -29.61 15.86 14.75
C LEU B 193 -28.79 16.28 13.51
N ALA B 194 -29.31 17.23 12.73
CA ALA B 194 -28.58 17.74 11.56
C ALA B 194 -27.21 18.27 11.97
N ALA B 195 -27.14 19.03 13.04
CA ALA B 195 -25.86 19.60 13.52
C ALA B 195 -24.86 18.57 14.04
N GLY B 196 -25.31 17.34 14.26
CA GLY B 196 -24.48 16.30 14.80
C GLY B 196 -24.62 16.13 16.31
N CYS B 197 -25.67 16.68 16.92
CA CYS B 197 -26.01 16.44 18.34
C CYS B 197 -26.95 15.26 18.51
N THR B 198 -27.10 14.80 19.75
CA THR B 198 -28.08 13.81 20.09
C THR B 198 -29.18 14.53 20.81
N MET B 199 -30.34 13.92 20.91
CA MET B 199 -31.45 14.58 21.61
C MET B 199 -32.34 13.59 22.35
N ILE B 200 -32.70 14.00 23.55
CA ILE B 200 -33.70 13.36 24.32
C ILE B 200 -34.90 14.31 24.41
N VAL B 201 -36.09 13.80 24.06
CA VAL B 201 -37.34 14.56 24.00
C VAL B 201 -38.29 14.03 25.05
N ARG B 202 -38.86 14.95 25.84
CA ARG B 202 -39.98 14.60 26.66
C ARG B 202 -41.20 15.35 26.14
N PRO B 203 -42.15 14.63 25.50
CA PRO B 203 -43.39 15.21 25.06
C PRO B 203 -44.38 15.42 26.19
N ALA B 204 -45.34 16.30 25.99
CA ALA B 204 -46.33 16.60 27.01
C ALA B 204 -47.14 15.36 27.36
N ASP B 205 -47.55 15.27 28.64
CA ASP B 205 -48.36 14.12 29.08
C ASP B 205 -49.65 13.94 28.31
N LEU B 206 -50.30 15.03 27.92
CA LEU B 206 -51.60 14.94 27.23
C LEU B 206 -51.48 14.42 25.80
N THR B 207 -50.30 14.56 25.19
CA THR B 207 -50.15 14.18 23.76
C THR B 207 -48.82 13.47 23.44
N PRO B 208 -48.57 12.29 24.06
CA PRO B 208 -47.25 11.69 23.86
C PRO B 208 -47.23 10.74 22.68
N LEU B 209 -48.39 10.28 22.25
CA LEU B 209 -48.44 9.22 21.26
C LEU B 209 -47.91 9.67 19.87
N THR B 210 -48.18 10.91 19.47
CA THR B 210 -47.61 11.43 18.22
C THR B 210 -46.09 11.37 18.29
N ALA B 211 -45.52 11.74 19.42
CA ALA B 211 -44.10 11.75 19.52
C ALA B 211 -43.57 10.32 19.34
N LEU B 212 -44.27 9.34 19.95
CA LEU B 212 -43.77 7.98 19.94
C LEU B 212 -43.77 7.45 18.54
N ALA B 213 -44.80 7.81 17.79
CA ALA B 213 -44.94 7.40 16.39
C ALA B 213 -43.80 7.96 15.52
N LEU B 214 -43.48 9.24 15.69
CA LEU B 214 -42.33 9.82 15.03
C LEU B 214 -41.07 9.06 15.44
N GLY B 215 -41.00 8.53 16.67
CA GLY B 215 -39.85 7.72 17.11
C GLY B 215 -39.72 6.37 16.38
N VAL B 216 -40.86 5.75 16.14
CA VAL B 216 -40.90 4.51 15.34
C VAL B 216 -40.28 4.76 14.00
N LEU B 217 -40.64 5.89 13.37
CA LEU B 217 -40.15 6.19 12.02
C LEU B 217 -38.69 6.64 12.02
N ALA B 218 -38.27 7.31 13.10
CA ALA B 218 -36.85 7.66 13.34
C ALA B 218 -35.99 6.41 13.33
N GLU B 219 -36.41 5.42 14.09
CA GLU B 219 -35.71 4.15 14.09
C GLU B 219 -35.70 3.48 12.69
N LYS B 220 -36.85 3.45 12.03
CA LYS B 220 -36.91 2.89 10.69
C LYS B 220 -36.05 3.66 9.70
N ALA B 221 -35.90 4.95 9.92
CA ALA B 221 -35.02 5.75 9.07
C ALA B 221 -33.54 5.44 9.21
N GLY B 222 -33.12 4.74 10.27
CA GLY B 222 -31.70 4.50 10.51
C GLY B 222 -31.02 5.46 11.46
N ILE B 223 -31.83 6.19 12.24
CA ILE B 223 -31.26 7.09 13.25
C ILE B 223 -30.80 6.16 14.34
N PRO B 224 -29.50 6.12 14.59
CA PRO B 224 -29.00 5.01 15.41
C PRO B 224 -29.41 5.09 16.85
N ALA B 225 -29.30 3.94 17.50
CA ALA B 225 -29.59 3.76 18.92
C ALA B 225 -29.04 4.89 19.78
N GLY B 226 -29.90 5.56 20.54
CA GLY B 226 -29.41 6.63 21.42
C GLY B 226 -29.29 8.04 20.83
N VAL B 227 -29.39 8.20 19.51
CA VAL B 227 -29.25 9.51 18.92
C VAL B 227 -30.49 10.34 19.23
N LEU B 228 -31.65 9.70 19.09
CA LEU B 228 -32.94 10.27 19.44
C LEU B 228 -33.63 9.35 20.45
N GLN B 229 -34.15 9.92 21.51
CA GLN B 229 -34.82 9.18 22.59
C GLN B 229 -36.04 9.98 22.97
N ILE B 230 -37.11 9.24 23.24
CA ILE B 230 -38.39 9.81 23.62
C ILE B 230 -38.78 9.24 24.98
N VAL B 231 -38.87 10.14 25.97
CA VAL B 231 -39.14 9.78 27.34
C VAL B 231 -40.38 10.48 27.85
N THR B 232 -41.21 9.71 28.57
CA THR B 232 -42.45 10.20 29.15
C THR B 232 -42.47 9.98 30.65
N GLY B 233 -43.08 10.93 31.37
CA GLY B 233 -43.20 10.84 32.80
C GLY B 233 -43.41 12.24 33.34
N LYS B 234 -43.24 12.41 34.65
CA LYS B 234 -43.66 13.64 35.32
C LYS B 234 -42.80 14.80 34.89
N ALA B 235 -43.43 15.93 34.54
CA ALA B 235 -42.72 17.04 33.93
C ALA B 235 -41.58 17.52 34.85
N ARG B 236 -41.92 17.75 36.11
CA ARG B 236 -41.02 18.37 37.07
C ARG B 236 -39.79 17.55 37.34
N GLU B 237 -39.99 16.28 37.68
CA GLU B 237 -38.86 15.38 37.98
C GLU B 237 -37.97 15.18 36.73
N ILE B 238 -38.57 14.94 35.58
CA ILE B 238 -37.74 14.71 34.39
C ILE B 238 -37.01 15.98 34.02
N GLY B 239 -37.74 17.09 34.11
CA GLY B 239 -37.24 18.43 33.77
C GLY B 239 -36.08 18.83 34.65
N ALA B 240 -36.17 18.47 35.93
CA ALA B 240 -35.14 18.81 36.90
C ALA B 240 -33.85 18.01 36.67
N GLU B 241 -33.96 16.75 36.28
CA GLU B 241 -32.79 15.92 35.92
C GLU B 241 -32.11 16.43 34.62
N LEU B 242 -32.92 16.71 33.59
CA LEU B 242 -32.38 17.22 32.29
C LEU B 242 -31.60 18.55 32.50
N THR B 243 -32.06 19.38 33.42
CA THR B 243 -31.43 20.67 33.64
C THR B 243 -30.32 20.60 34.66
N SER B 244 -30.28 19.56 35.50
CA SER B 244 -29.19 19.44 36.47
C SER B 244 -28.05 18.51 36.00
N ASN B 245 -28.31 17.60 35.09
CA ASN B 245 -27.27 16.67 34.64
C ASN B 245 -26.21 17.36 33.77
N ASP B 246 -24.95 17.23 34.19
CA ASP B 246 -23.85 17.90 33.47
C ASP B 246 -23.66 17.49 32.02
N THR B 247 -24.10 16.28 31.66
CA THR B 247 -23.92 15.74 30.31
C THR B 247 -24.76 16.51 29.27
N VAL B 248 -25.94 17.00 29.70
CA VAL B 248 -26.84 17.71 28.83
C VAL B 248 -26.29 19.10 28.71
N ARG B 249 -26.04 19.55 27.49
CA ARG B 249 -25.36 20.83 27.29
C ARG B 249 -26.26 21.95 26.76
N LYS B 250 -27.50 21.59 26.46
CA LYS B 250 -28.43 22.43 25.76
C LYS B 250 -29.86 21.89 26.00
N LEU B 251 -30.76 22.80 26.36
CA LEU B 251 -32.16 22.55 26.56
C LEU B 251 -32.93 23.43 25.59
N SER B 252 -33.92 22.85 24.95
CA SER B 252 -34.85 23.62 24.20
C SER B 252 -36.25 23.31 24.71
N PHE B 253 -37.01 24.36 25.05
CA PHE B 253 -38.36 24.20 25.61
C PHE B 253 -39.39 25.13 24.95
N THR B 254 -40.58 24.57 24.77
CA THR B 254 -41.69 25.33 24.29
C THR B 254 -42.85 25.03 25.20
N GLY B 255 -43.50 26.07 25.69
CA GLY B 255 -44.57 25.94 26.69
C GLY B 255 -44.78 27.28 27.37
N SER B 256 -45.25 27.26 28.61
CA SER B 256 -45.64 28.48 29.31
C SER B 256 -44.41 29.25 29.78
N THR B 257 -44.64 30.56 29.92
CA THR B 257 -43.61 31.43 30.43
C THR B 257 -43.22 31.06 31.84
N GLU B 258 -44.19 30.72 32.66
CA GLU B 258 -43.89 30.33 34.03
C GLU B 258 -42.88 29.19 34.07
N VAL B 259 -43.10 28.14 33.27
CA VAL B 259 -42.21 26.99 33.29
C VAL B 259 -40.87 27.38 32.65
N GLY B 260 -40.91 28.18 31.60
CA GLY B 260 -39.71 28.67 30.97
C GLY B 260 -38.78 29.39 31.94
N ARG B 261 -39.34 30.29 32.75
CA ARG B 261 -38.60 30.98 33.78
C ARG B 261 -37.92 29.99 34.72
N LEU B 262 -38.63 28.93 35.10
CA LEU B 262 -38.03 27.96 36.02
C LEU B 262 -36.89 27.20 35.39
N LEU B 263 -37.09 26.82 34.14
CA LEU B 263 -36.12 26.01 33.47
C LEU B 263 -34.83 26.79 33.25
N MET B 264 -34.93 28.07 32.88
CA MET B 264 -33.76 28.92 32.68
C MET B 264 -33.00 28.99 33.99
N ALA B 265 -33.72 29.17 35.10
CA ALA B 265 -33.04 29.21 36.40
C ALA B 265 -32.31 27.89 36.68
N GLN B 266 -32.96 26.78 36.33
CA GLN B 266 -32.45 25.43 36.62
C GLN B 266 -31.26 25.06 35.75
N CYS B 267 -31.12 25.69 34.57
CA CYS B 267 -29.92 25.64 33.74
C CYS B 267 -28.73 26.49 34.21
N ALA B 268 -28.99 27.49 35.06
CA ALA B 268 -27.97 28.47 35.41
C ALA B 268 -26.74 27.84 36.09
N PRO B 269 -26.92 26.84 36.99
CA PRO B 269 -25.74 26.30 37.67
C PRO B 269 -24.67 25.66 36.77
N THR B 270 -25.04 25.18 35.59
CA THR B 270 -24.06 24.69 34.63
C THR B 270 -24.06 25.52 33.32
N ILE B 271 -24.69 26.69 33.34
CA ILE B 271 -24.57 27.65 32.24
C ILE B 271 -25.00 26.92 30.93
N LYS B 272 -26.12 26.20 30.93
CA LYS B 272 -26.49 25.43 29.74
C LYS B 272 -26.94 26.34 28.66
N ARG B 273 -26.69 25.99 27.42
CA ARG B 273 -27.30 26.69 26.33
C ARG B 273 -28.78 26.45 26.46
N ILE B 274 -29.60 27.48 26.22
CA ILE B 274 -31.05 27.36 26.30
C ILE B 274 -31.78 28.08 25.12
N SER B 275 -32.85 27.45 24.62
CA SER B 275 -33.77 28.06 23.66
C SER B 275 -35.14 27.88 24.28
N LEU B 276 -35.97 28.88 24.14
CA LEU B 276 -37.26 28.93 24.77
C LEU B 276 -38.21 29.58 23.80
N GLU B 277 -39.39 28.99 23.67
CA GLU B 277 -40.48 29.62 22.98
C GLU B 277 -41.68 29.54 23.92
N LEU B 278 -42.11 30.69 24.40
CA LEU B 278 -43.00 30.77 25.54
C LEU B 278 -44.34 31.45 25.21
N GLY B 279 -44.93 32.15 26.17
CA GLY B 279 -46.22 32.81 25.94
C GLY B 279 -46.20 33.96 24.95
N GLY B 280 -47.36 34.27 24.42
CA GLY B 280 -47.54 35.50 23.60
C GLY B 280 -48.77 36.27 24.07
N ASN B 281 -49.13 37.30 23.36
CA ASN B 281 -50.36 38.03 23.59
C ASN B 281 -50.51 38.78 22.29
N ALA B 282 -50.78 38.02 21.24
CA ALA B 282 -50.69 38.53 19.88
C ALA B 282 -51.74 39.60 19.60
N PRO B 283 -51.28 40.78 19.19
CA PRO B 283 -52.28 41.69 18.67
C PRO B 283 -52.42 41.43 17.20
N PHE B 284 -53.64 41.71 16.72
CA PHE B 284 -54.06 41.56 15.32
C PHE B 284 -54.77 42.87 14.99
N ILE B 285 -54.14 43.70 14.16
CA ILE B 285 -54.57 45.13 13.97
C ILE B 285 -55.13 45.34 12.58
N VAL B 286 -56.38 45.80 12.50
CA VAL B 286 -57.02 46.04 11.25
C VAL B 286 -57.20 47.54 11.10
N PHE B 287 -56.53 48.12 10.12
CA PHE B 287 -56.69 49.57 9.86
C PHE B 287 -57.85 49.82 8.87
N ASP B 288 -58.33 51.07 8.85
CA ASP B 288 -59.43 51.52 7.97
C ASP B 288 -59.17 51.25 6.52
N ASP B 289 -57.91 51.26 6.09
CA ASP B 289 -57.64 50.97 4.70
C ASP B 289 -57.20 49.52 4.46
N ALA B 290 -57.61 48.60 5.33
CA ALA B 290 -57.38 47.18 5.11
C ALA B 290 -58.24 46.73 3.98
N ASP B 291 -57.80 45.71 3.28
CA ASP B 291 -58.71 44.87 2.56
C ASP B 291 -59.49 44.08 3.61
N LEU B 292 -60.77 44.46 3.82
CA LEU B 292 -61.49 44.09 5.02
C LEU B 292 -61.85 42.61 5.00
N ASP B 293 -62.37 42.13 3.88
CA ASP B 293 -62.58 40.71 3.69
C ASP B 293 -61.32 39.87 3.94
N ALA B 294 -60.17 40.33 3.47
CA ALA B 294 -58.91 39.61 3.68
C ALA B 294 -58.58 39.64 5.17
N ALA B 295 -58.81 40.80 5.84
CA ALA B 295 -58.59 40.90 7.26
C ALA B 295 -59.47 39.93 8.01
N VAL B 296 -60.73 39.79 7.62
CA VAL B 296 -61.60 38.81 8.20
C VAL B 296 -61.11 37.37 8.05
N ASP B 297 -60.64 37.02 6.87
CA ASP B 297 -60.07 35.66 6.65
C ASP B 297 -58.83 35.45 7.48
N GLY B 298 -58.03 36.50 7.63
CA GLY B 298 -56.83 36.39 8.42
C GLY B 298 -57.14 36.16 9.89
N ALA B 299 -58.12 36.90 10.41
CA ALA B 299 -58.55 36.74 11.78
C ALA B 299 -59.10 35.36 12.03
N MET B 300 -59.82 34.83 11.07
CA MET B 300 -60.41 33.52 11.23
C MET B 300 -59.35 32.47 11.38
N VAL B 301 -58.33 32.50 10.54
CA VAL B 301 -57.24 31.53 10.62
C VAL B 301 -56.33 31.73 11.80
N SER B 302 -56.00 32.96 12.17
CA SER B 302 -55.05 33.13 13.28
C SER B 302 -55.74 33.05 14.64
N LYS B 303 -57.05 33.24 14.70
CA LYS B 303 -57.77 33.10 15.93
C LYS B 303 -58.33 31.70 16.18
N TYR B 304 -58.95 31.07 15.18
CA TYR B 304 -59.71 29.86 15.39
C TYR B 304 -58.97 28.58 14.99
N ARG B 305 -57.79 28.66 14.34
CA ARG B 305 -57.05 27.42 14.12
C ARG B 305 -56.72 26.75 15.46
N ASN B 306 -56.82 25.43 15.50
CA ASN B 306 -56.54 24.68 16.73
C ASN B 306 -57.40 25.20 17.92
N ALA B 307 -58.61 25.65 17.62
CA ALA B 307 -59.56 26.08 18.62
C ALA B 307 -58.98 27.25 19.45
N GLY B 308 -58.09 28.05 18.86
CA GLY B 308 -57.41 29.14 19.53
C GLY B 308 -56.22 28.78 20.42
N GLN B 309 -55.76 27.54 20.35
CA GLN B 309 -54.80 27.03 21.33
C GLN B 309 -53.37 26.99 20.74
N THR B 310 -52.99 27.89 19.84
CA THR B 310 -51.60 28.01 19.33
C THR B 310 -50.91 29.19 20.02
N CYS B 311 -49.57 29.15 20.14
CA CYS B 311 -48.77 30.19 20.81
CA CYS B 311 -48.95 30.25 20.90
C CYS B 311 -48.88 31.56 20.09
N VAL B 312 -48.98 31.47 18.77
CA VAL B 312 -49.11 32.63 17.88
C VAL B 312 -50.57 33.08 17.59
N CYS B 313 -51.56 32.60 18.33
CA CYS B 313 -52.95 32.92 18.02
C CYS B 313 -53.23 34.38 18.34
N ALA B 314 -53.97 35.05 17.47
CA ALA B 314 -54.46 36.38 17.74
C ALA B 314 -55.12 36.34 19.13
N ASN B 315 -54.67 37.15 20.10
CA ASN B 315 -55.34 37.20 21.45
C ASN B 315 -56.21 38.44 21.64
N ARG B 316 -55.82 39.52 20.93
CA ARG B 316 -56.45 40.81 20.97
C ARG B 316 -56.58 41.31 19.52
N ILE B 317 -57.82 41.51 19.05
CA ILE B 317 -58.11 42.03 17.70
C ILE B 317 -58.48 43.51 17.74
N TYR B 318 -57.57 44.35 17.28
CA TYR B 318 -57.74 45.79 17.39
C TYR B 318 -58.25 46.21 16.04
N VAL B 319 -59.41 46.88 16.02
CA VAL B 319 -60.03 47.29 14.76
C VAL B 319 -60.35 48.78 14.77
N GLN B 320 -59.98 49.49 13.68
CA GLN B 320 -60.06 50.92 13.69
C GLN B 320 -61.53 51.35 13.63
N ARG B 321 -61.87 52.44 14.32
CA ARG B 321 -63.27 52.90 14.46
C ARG B 321 -64.04 52.86 13.18
N GLY B 322 -63.47 53.41 12.12
CA GLY B 322 -64.16 53.44 10.84
C GLY B 322 -64.65 52.12 10.29
N VAL B 323 -64.00 50.99 10.61
CA VAL B 323 -64.34 49.72 9.96
C VAL B 323 -64.77 48.71 11.03
N TYR B 324 -64.88 49.17 12.26
CA TYR B 324 -65.20 48.29 13.38
C TYR B 324 -66.49 47.53 13.22
N ASP B 325 -67.58 48.22 12.91
CA ASP B 325 -68.88 47.53 12.85
C ASP B 325 -68.93 46.53 11.68
N LYS B 326 -68.48 46.97 10.52
CA LYS B 326 -68.39 46.11 9.37
C LYS B 326 -67.51 44.89 9.63
N PHE B 327 -66.39 45.08 10.32
CA PHE B 327 -65.47 43.97 10.51
C PHE B 327 -66.14 42.97 11.44
N ALA B 328 -66.68 43.46 12.56
CA ALA B 328 -67.37 42.64 13.53
C ALA B 328 -68.53 41.85 12.88
N GLU B 329 -69.29 42.51 12.04
CA GLU B 329 -70.42 41.84 11.37
C GLU B 329 -69.94 40.77 10.39
N LYS B 330 -68.86 41.03 9.67
CA LYS B 330 -68.35 40.04 8.75
C LYS B 330 -67.78 38.86 9.50
N LEU B 331 -67.09 39.13 10.62
CA LEU B 331 -66.45 38.06 11.39
C LEU B 331 -67.52 37.15 11.97
N ALA B 332 -68.61 37.75 12.47
CA ALA B 332 -69.72 36.97 13.01
C ALA B 332 -70.32 36.00 11.99
N ALA B 333 -70.54 36.48 10.76
CA ALA B 333 -71.03 35.64 9.69
C ALA B 333 -70.14 34.42 9.54
N LYS B 334 -68.83 34.59 9.66
CA LYS B 334 -67.93 33.44 9.48
C LYS B 334 -67.86 32.52 10.71
N VAL B 335 -67.88 33.12 11.92
CA VAL B 335 -67.76 32.36 13.17
C VAL B 335 -69.00 31.49 13.32
N LYS B 336 -70.16 32.05 13.00
CA LYS B 336 -71.43 31.33 13.00
C LYS B 336 -71.44 30.05 12.13
N GLU B 337 -70.72 30.05 11.02
CA GLU B 337 -70.62 28.86 10.18
C GLU B 337 -69.64 27.79 10.67
N LEU B 338 -68.87 28.01 11.73
CA LEU B 338 -67.82 27.03 12.10
C LEU B 338 -68.45 25.76 12.68
N LYS B 339 -68.18 24.61 12.09
CA LYS B 339 -68.64 23.32 12.64
C LYS B 339 -67.77 22.79 13.76
N VAL B 340 -68.37 22.61 14.94
CA VAL B 340 -67.74 22.03 16.14
C VAL B 340 -68.07 20.53 16.35
N GLY B 341 -67.09 19.70 16.62
CA GLY B 341 -67.35 18.30 16.87
C GLY B 341 -66.11 17.45 16.92
N ASN B 342 -66.33 16.15 17.01
CA ASN B 342 -65.28 15.20 16.97
C ASN B 342 -64.41 15.40 15.73
N GLY B 343 -63.10 15.56 15.96
CA GLY B 343 -62.15 15.77 14.86
C GLY B 343 -62.09 14.79 13.71
N THR B 344 -62.60 13.58 13.87
CA THR B 344 -62.59 12.63 12.75
C THR B 344 -63.83 12.76 11.86
N GLU B 345 -64.76 13.61 12.26
CA GLU B 345 -66.01 13.75 11.54
C GLU B 345 -65.88 14.76 10.39
N PRO B 346 -66.50 14.44 9.24
CA PRO B 346 -66.34 15.23 8.03
C PRO B 346 -66.88 16.59 8.29
N GLY B 347 -66.21 17.64 7.81
CA GLY B 347 -66.70 19.00 8.01
C GLY B 347 -66.35 19.66 9.34
N VAL B 348 -65.94 18.90 10.36
CA VAL B 348 -65.58 19.56 11.65
C VAL B 348 -64.33 20.40 11.48
N VAL B 349 -64.41 21.67 11.87
CA VAL B 349 -63.27 22.61 11.81
C VAL B 349 -62.86 23.10 13.19
N ILE B 350 -63.69 22.86 14.20
CA ILE B 350 -63.30 23.09 15.56
C ILE B 350 -63.51 21.81 16.42
N GLY B 351 -62.42 21.35 17.03
CA GLY B 351 -62.45 20.25 17.92
C GLY B 351 -62.76 20.61 19.34
N PRO B 352 -62.71 19.61 20.21
CA PRO B 352 -62.82 19.92 21.60
C PRO B 352 -61.56 20.65 22.09
N MET B 353 -61.71 21.36 23.18
CA MET B 353 -60.59 21.87 23.91
C MET B 353 -59.87 20.78 24.71
N ILE B 354 -58.59 21.02 25.04
CA ILE B 354 -57.71 19.95 25.46
C ILE B 354 -58.07 19.45 26.86
N GLU B 355 -58.55 20.36 27.71
CA GLU B 355 -58.77 20.03 29.13
C GLU B 355 -59.75 21.01 29.71
N GLU B 356 -60.38 20.63 30.81
CA GLU B 356 -61.48 21.41 31.41
C GLU B 356 -61.00 22.77 31.90
N LYS B 357 -59.77 22.84 32.42
CA LYS B 357 -59.31 24.13 32.93
C LYS B 357 -59.10 25.15 31.80
N ALA B 358 -58.97 24.68 30.56
CA ALA B 358 -58.87 25.59 29.39
C ALA B 358 -60.20 26.31 29.22
N ILE B 359 -61.29 25.55 29.39
CA ILE B 359 -62.62 26.08 29.26
C ILE B 359 -62.91 27.09 30.36
N THR B 360 -62.57 26.74 31.59
CA THR B 360 -62.76 27.69 32.70
C THR B 360 -62.11 29.02 32.37
N LYS B 361 -60.90 29.00 31.84
CA LYS B 361 -60.21 30.23 31.52
C LYS B 361 -60.92 31.06 30.46
N VAL B 362 -61.31 30.43 29.33
CA VAL B 362 -62.07 31.18 28.30
C VAL B 362 -63.34 31.77 28.96
N LYS B 363 -63.99 30.99 29.81
CA LYS B 363 -65.18 31.52 30.49
C LYS B 363 -64.87 32.73 31.35
N ALA B 364 -63.75 32.68 32.08
CA ALA B 364 -63.38 33.78 32.94
C ALA B 364 -63.07 35.03 32.10
N HIS B 365 -62.39 34.82 30.99
CA HIS B 365 -62.17 35.95 30.12
C HIS B 365 -63.47 36.57 29.68
N ILE B 366 -64.42 35.73 29.27
CA ILE B 366 -65.71 36.22 28.79
C ILE B 366 -66.41 36.99 29.89
N GLU B 367 -66.43 36.42 31.09
CA GLU B 367 -67.22 36.97 32.17
C GLU B 367 -66.60 38.27 32.64
N ASP B 368 -65.28 38.33 32.72
CA ASP B 368 -64.62 39.60 33.00
C ASP B 368 -64.95 40.69 31.97
N ALA B 369 -64.90 40.35 30.69
CA ALA B 369 -65.05 41.42 29.71
C ALA B 369 -66.48 41.98 29.84
N VAL B 370 -67.45 41.07 29.93
CA VAL B 370 -68.85 41.44 29.93
C VAL B 370 -69.17 42.29 31.20
N SER B 371 -68.68 41.87 32.36
CA SER B 371 -68.77 42.67 33.60
C SER B 371 -68.11 44.05 33.50
N LYS B 372 -67.14 44.22 32.62
CA LYS B 372 -66.62 45.56 32.31
C LYS B 372 -67.29 46.28 31.11
N GLY B 373 -68.38 45.73 30.57
CA GLY B 373 -69.15 46.44 29.54
C GLY B 373 -69.06 45.90 28.11
N ALA B 374 -68.21 44.89 27.90
CA ALA B 374 -68.14 44.23 26.60
C ALA B 374 -69.43 43.45 26.35
N LYS B 375 -69.70 43.11 25.09
CA LYS B 375 -70.88 42.32 24.70
C LYS B 375 -70.47 41.03 24.04
N LEU B 376 -70.93 39.91 24.59
CA LEU B 376 -70.68 38.62 23.95
C LEU B 376 -71.71 38.53 22.85
N ILE B 377 -71.32 38.81 21.61
CA ILE B 377 -72.29 38.92 20.55
C ILE B 377 -72.59 37.58 19.90
N THR B 378 -71.73 36.60 20.10
CA THR B 378 -72.00 35.30 19.59
C THR B 378 -71.16 34.23 20.27
N GLY B 379 -71.79 33.08 20.43
CA GLY B 379 -71.12 31.90 20.91
C GLY B 379 -70.55 32.12 22.30
N GLY B 380 -69.37 31.52 22.52
CA GLY B 380 -68.73 31.54 23.81
C GLY B 380 -69.49 30.75 24.84
N LYS B 381 -70.07 29.63 24.47
CA LYS B 381 -70.80 28.82 25.42
C LYS B 381 -70.31 27.42 25.37
N GLU B 382 -70.40 26.76 26.53
CA GLU B 382 -70.14 25.34 26.65
C GLU B 382 -71.14 24.47 25.92
N LEU B 383 -70.65 23.46 25.24
CA LEU B 383 -71.54 22.63 24.47
C LEU B 383 -71.61 21.24 25.03
N GLY B 384 -70.94 20.98 26.14
CA GLY B 384 -70.89 19.63 26.74
C GLY B 384 -69.51 19.01 26.57
N GLY B 385 -69.12 18.25 27.58
CA GLY B 385 -67.78 17.68 27.65
C GLY B 385 -66.78 18.83 27.49
N LEU B 386 -65.82 18.62 26.60
CA LEU B 386 -64.70 19.58 26.47
C LEU B 386 -64.97 20.50 25.26
N PHE B 387 -66.19 20.48 24.74
CA PHE B 387 -66.50 21.28 23.61
C PHE B 387 -66.94 22.67 24.01
N PHE B 388 -66.44 23.63 23.25
CA PHE B 388 -66.76 24.99 23.52
C PHE B 388 -67.05 25.73 22.21
N GLU B 389 -68.09 26.58 22.22
CA GLU B 389 -68.50 27.28 21.03
C GLU B 389 -67.62 28.50 20.69
N PRO B 390 -67.15 28.59 19.44
CA PRO B 390 -66.40 29.80 19.07
C PRO B 390 -67.24 31.05 19.31
N GLY B 391 -66.60 32.12 19.76
CA GLY B 391 -67.36 33.32 20.16
C GLY B 391 -66.63 34.61 19.89
N ILE B 392 -67.39 35.69 20.01
CA ILE B 392 -66.92 37.04 19.73
C ILE B 392 -67.40 37.99 20.82
N LEU B 393 -66.49 38.84 21.32
CA LEU B 393 -66.88 39.99 22.09
C LEU B 393 -66.65 41.27 21.32
N THR B 394 -67.59 42.23 21.46
CA THR B 394 -67.38 43.61 21.05
C THR B 394 -67.23 44.54 22.26
N GLY B 395 -66.67 45.74 22.03
CA GLY B 395 -66.54 46.72 23.12
C GLY B 395 -65.43 46.37 24.12
N VAL B 396 -64.42 45.63 23.65
CA VAL B 396 -63.36 45.18 24.54
C VAL B 396 -62.33 46.33 24.73
N THR B 397 -61.84 46.49 25.96
CA THR B 397 -60.97 47.60 26.29
C THR B 397 -59.75 47.13 27.08
N SER B 398 -58.75 47.99 27.18
CA SER B 398 -57.51 47.64 27.83
C SER B 398 -57.58 47.31 29.31
N ASP B 399 -58.68 47.62 30.00
CA ASP B 399 -58.78 47.24 31.41
C ASP B 399 -59.33 45.84 31.63
N MET B 400 -59.71 45.15 30.57
CA MET B 400 -60.22 43.79 30.65
C MET B 400 -59.05 42.77 30.69
N LEU B 401 -59.31 41.63 31.34
CA LEU B 401 -58.30 40.62 31.60
C LEU B 401 -57.59 40.15 30.31
N VAL B 402 -58.38 40.03 29.26
CA VAL B 402 -57.93 39.50 28.01
C VAL B 402 -56.88 40.40 27.38
N ALA B 403 -56.84 41.68 27.79
CA ALA B 403 -55.83 42.60 27.30
C ALA B 403 -54.44 42.18 27.78
N LYS B 404 -54.38 41.48 28.91
CA LYS B 404 -53.09 41.14 29.53
C LYS B 404 -52.79 39.64 29.58
N GLU B 405 -53.81 38.81 29.44
CA GLU B 405 -53.62 37.39 29.57
C GLU B 405 -54.08 36.64 28.30
N GLU B 406 -53.41 35.53 28.02
CA GLU B 406 -53.68 34.70 26.87
C GLU B 406 -54.95 33.94 27.14
N THR B 407 -55.93 34.03 26.26
CA THR B 407 -57.14 33.23 26.42
C THR B 407 -56.86 31.74 26.17
N PHE B 408 -56.00 31.45 25.21
CA PHE B 408 -55.78 30.07 24.72
C PHE B 408 -57.05 29.31 24.32
N GLY B 409 -58.00 30.02 23.73
CA GLY B 409 -59.26 29.41 23.28
C GLY B 409 -59.94 30.19 22.16
N PRO B 410 -61.02 29.62 21.59
CA PRO B 410 -61.69 30.19 20.45
C PRO B 410 -62.62 31.42 20.77
N LEU B 411 -62.01 32.51 21.23
CA LEU B 411 -62.69 33.74 21.55
C LEU B 411 -61.99 34.89 20.86
N ALA B 412 -62.72 35.70 20.13
CA ALA B 412 -62.22 36.88 19.46
C ALA B 412 -62.65 38.15 20.20
N PRO B 413 -61.71 38.80 20.89
CA PRO B 413 -62.08 40.05 21.53
C PRO B 413 -61.74 41.22 20.63
N LEU B 414 -62.75 42.02 20.32
CA LEU B 414 -62.56 43.10 19.36
C LEU B 414 -62.45 44.41 20.10
N PHE B 415 -61.25 45.00 20.06
CA PHE B 415 -60.92 46.26 20.74
C PHE B 415 -61.03 47.39 19.71
N ALA B 416 -61.87 48.41 19.93
CA ALA B 416 -61.85 49.59 19.04
C ALA B 416 -60.59 50.42 19.25
N PHE B 417 -60.08 51.08 18.20
CA PHE B 417 -59.10 52.16 18.37
C PHE B 417 -59.29 53.26 17.36
N ASP B 418 -58.78 54.46 17.67
CA ASP B 418 -58.88 55.59 16.77
C ASP B 418 -57.59 55.84 15.94
N THR B 419 -56.43 55.83 16.57
CA THR B 419 -55.17 56.25 15.89
C THR B 419 -54.03 55.18 15.89
N GLU B 420 -53.19 55.25 14.87
CA GLU B 420 -52.07 54.35 14.74
C GLU B 420 -51.17 54.39 15.94
N GLU B 421 -50.81 55.59 16.42
CA GLU B 421 -49.96 55.75 17.62
C GLU B 421 -50.56 54.98 18.81
N GLU B 422 -51.84 55.17 19.00
CA GLU B 422 -52.53 54.57 20.12
C GLU B 422 -52.48 53.01 20.01
N VAL B 423 -52.77 52.49 18.83
CA VAL B 423 -52.77 51.06 18.66
C VAL B 423 -51.36 50.44 18.86
N ILE B 424 -50.34 51.16 18.44
CA ILE B 424 -49.01 50.62 18.54
C ILE B 424 -48.65 50.53 20.03
N ALA B 425 -48.98 51.60 20.75
CA ALA B 425 -48.81 51.65 22.19
C ALA B 425 -49.54 50.50 22.89
N GLN B 426 -50.82 50.26 22.57
CA GLN B 426 -51.49 49.15 23.22
C GLN B 426 -50.91 47.75 22.81
N ALA B 427 -50.61 47.58 21.53
CA ALA B 427 -50.01 46.34 21.01
C ALA B 427 -48.75 45.97 21.77
N ASN B 428 -47.88 46.96 22.04
CA ASN B 428 -46.60 46.75 22.75
C ASN B 428 -46.67 46.72 24.24
N ASP B 429 -47.85 47.02 24.78
CA ASP B 429 -48.03 47.16 26.23
C ASP B 429 -48.23 45.78 26.82
N THR B 430 -47.15 44.99 26.82
CA THR B 430 -47.20 43.58 27.27
C THR B 430 -45.78 43.12 27.58
N ILE B 431 -45.66 42.14 28.47
CA ILE B 431 -44.37 41.53 28.74
C ILE B 431 -43.94 40.57 27.61
N PHE B 432 -44.83 40.24 26.70
CA PHE B 432 -44.61 39.23 25.70
C PHE B 432 -44.33 39.91 24.34
N GLY B 433 -43.99 39.08 23.35
CA GLY B 433 -43.50 39.55 22.07
C GLY B 433 -43.20 38.45 21.08
N LEU B 434 -44.16 37.55 20.91
CA LEU B 434 -44.00 36.43 19.98
C LEU B 434 -44.45 36.92 18.61
N ALA B 435 -45.74 36.79 18.36
CA ALA B 435 -46.33 37.10 17.10
C ALA B 435 -47.29 38.30 17.19
N ALA B 436 -47.34 39.05 16.08
CA ALA B 436 -48.34 40.11 15.86
C ALA B 436 -48.74 40.11 14.39
N TYR B 437 -49.91 40.69 14.12
CA TYR B 437 -50.43 40.79 12.76
C TYR B 437 -51.06 42.15 12.52
N PHE B 438 -50.98 42.63 11.28
CA PHE B 438 -51.72 43.84 10.92
C PHE B 438 -52.07 43.87 9.45
N TYR B 439 -53.21 44.52 9.16
CA TYR B 439 -53.68 44.68 7.81
C TYR B 439 -53.74 46.15 7.42
N THR B 440 -53.09 46.47 6.30
CA THR B 440 -53.14 47.79 5.71
C THR B 440 -52.67 47.71 4.28
N GLU B 441 -53.21 48.55 3.42
CA GLU B 441 -52.71 48.59 2.01
C GLU B 441 -51.68 49.68 1.74
N ASN B 442 -51.44 50.51 2.74
CA ASN B 442 -50.55 51.62 2.56
C ASN B 442 -49.09 51.24 2.79
N PHE B 443 -48.26 51.53 1.82
CA PHE B 443 -46.88 51.12 1.87
C PHE B 443 -46.17 51.68 3.12
N SER B 444 -46.21 52.99 3.29
CA SER B 444 -45.58 53.64 4.42
C SER B 444 -46.00 53.07 5.77
N ARG B 445 -47.28 52.84 5.97
CA ARG B 445 -47.70 52.36 7.28
C ARG B 445 -47.24 50.93 7.48
N ALA B 446 -47.13 50.17 6.41
CA ALA B 446 -46.57 48.81 6.48
C ALA B 446 -45.18 48.83 7.12
N ILE B 447 -44.33 49.73 6.63
CA ILE B 447 -43.02 49.95 7.21
C ILE B 447 -43.08 50.36 8.67
N ARG B 448 -43.80 51.42 9.00
CA ARG B 448 -43.82 51.94 10.35
C ARG B 448 -44.28 50.93 11.36
N VAL B 449 -45.43 50.33 11.08
CA VAL B 449 -46.05 49.42 12.01
C VAL B 449 -45.26 48.07 12.12
N SER B 450 -44.83 47.51 11.00
CA SER B 450 -44.03 46.29 11.08
C SER B 450 -42.78 46.56 11.93
N GLU B 451 -42.15 47.72 11.78
CA GLU B 451 -40.94 48.01 12.58
C GLU B 451 -41.21 48.34 14.02
N ALA B 452 -42.28 49.08 14.29
CA ALA B 452 -42.63 49.54 15.65
C ALA B 452 -43.14 48.41 16.52
N LEU B 453 -43.64 47.34 15.93
CA LEU B 453 -44.19 46.23 16.74
C LEU B 453 -43.06 45.45 17.43
N GLU B 454 -43.14 45.36 18.75
CA GLU B 454 -42.12 44.70 19.56
C GLU B 454 -42.39 43.19 19.67
N TYR B 455 -42.16 42.52 18.54
CA TYR B 455 -42.54 41.14 18.33
C TYR B 455 -41.48 40.42 17.49
N GLY B 456 -41.31 39.11 17.71
CA GLY B 456 -40.37 38.36 16.90
C GLY B 456 -40.84 38.04 15.49
N MET B 457 -42.14 38.06 15.30
CA MET B 457 -42.75 37.65 14.06
C MET B 457 -43.91 38.54 13.82
N VAL B 458 -44.04 39.03 12.58
CA VAL B 458 -45.13 39.93 12.18
C VAL B 458 -45.79 39.48 10.89
N GLY B 459 -47.11 39.22 10.93
CA GLY B 459 -47.84 38.92 9.70
C GLY B 459 -48.37 40.26 9.20
N HIS B 460 -48.07 40.63 7.95
CA HIS B 460 -48.68 41.80 7.31
C HIS B 460 -49.59 41.38 6.17
N ASN B 461 -50.86 41.65 6.35
CA ASN B 461 -51.89 41.24 5.42
C ASN B 461 -52.08 39.71 5.32
N THR B 462 -51.64 39.01 6.33
CA THR B 462 -51.84 37.60 6.33
C THR B 462 -51.91 37.16 7.77
N GLY B 463 -52.81 36.22 8.03
CA GLY B 463 -52.87 35.52 9.32
C GLY B 463 -52.07 34.22 9.43
N LEU B 464 -51.34 33.87 8.41
CA LEU B 464 -50.60 32.65 8.44
C LEU B 464 -49.18 32.86 8.03
N ILE B 465 -48.34 32.78 9.02
CA ILE B 465 -46.96 33.13 8.90
C ILE B 465 -46.04 31.87 9.03
N SER B 466 -46.65 30.73 9.38
CA SER B 466 -45.89 29.53 9.76
C SER B 466 -45.27 28.81 8.59
N ASN B 467 -43.97 28.58 8.67
CA ASN B 467 -43.27 27.71 7.71
C ASN B 467 -41.95 27.30 8.35
N GLU B 468 -41.12 26.59 7.58
CA GLU B 468 -39.84 26.12 8.03
C GLU B 468 -38.65 27.01 7.63
N VAL B 469 -38.84 27.96 6.72
CA VAL B 469 -37.72 28.69 6.11
C VAL B 469 -37.42 30.02 6.76
N ALA B 470 -38.30 30.45 7.65
CA ALA B 470 -38.22 31.76 8.30
C ALA B 470 -37.94 31.57 9.80
N PRO B 471 -37.14 32.47 10.42
CA PRO B 471 -36.86 32.20 11.83
C PRO B 471 -38.08 32.56 12.73
N PHE B 472 -38.44 31.59 13.56
CA PHE B 472 -39.56 31.66 14.47
C PHE B 472 -39.15 31.74 15.89
N GLY B 473 -39.73 32.71 16.60
CA GLY B 473 -39.44 32.94 17.98
C GLY B 473 -39.83 34.32 18.52
N GLY B 474 -39.51 34.53 19.78
CA GLY B 474 -39.94 35.72 20.51
C GLY B 474 -38.87 36.67 21.00
N VAL B 475 -39.32 37.91 21.31
CA VAL B 475 -38.59 38.94 22.02
C VAL B 475 -39.22 39.09 23.42
N LYS B 476 -38.55 39.84 24.29
CA LYS B 476 -39.06 40.10 25.64
C LYS B 476 -39.26 38.79 26.34
N GLN B 477 -40.41 38.58 26.95
CA GLN B 477 -40.59 37.34 27.69
C GLN B 477 -41.14 36.17 26.88
N SER B 478 -41.22 36.30 25.55
CA SER B 478 -41.70 35.20 24.68
C SER B 478 -40.65 34.20 24.28
N GLY B 479 -39.39 34.48 24.62
CA GLY B 479 -38.38 33.42 24.56
C GLY B 479 -37.01 33.86 24.15
N LEU B 480 -36.22 32.87 23.79
CA LEU B 480 -34.78 33.02 23.40
C LEU B 480 -34.54 32.11 22.23
N GLY B 481 -33.81 32.60 21.24
CA GLY B 481 -33.41 31.81 20.11
C GLY B 481 -34.48 31.72 19.07
N ARG B 482 -34.12 31.13 17.95
CA ARG B 482 -35.06 31.01 16.80
C ARG B 482 -35.12 29.58 16.31
N GLU B 483 -36.28 29.23 15.75
CA GLU B 483 -36.47 27.95 15.09
C GLU B 483 -36.77 28.09 13.59
N GLY B 484 -36.49 27.03 12.85
CA GLY B 484 -36.58 27.10 11.41
C GLY B 484 -35.48 27.97 10.82
N SER B 485 -35.44 28.02 9.50
CA SER B 485 -34.60 28.95 8.75
C SER B 485 -33.10 28.60 8.80
N LYS B 486 -32.36 29.36 7.98
CA LYS B 486 -30.89 29.49 8.06
C LYS B 486 -30.38 29.78 9.48
N TYR B 487 -31.21 30.25 10.42
CA TYR B 487 -30.72 30.61 11.81
C TYR B 487 -30.94 29.48 12.84
N GLY B 488 -31.73 28.48 12.50
CA GLY B 488 -32.11 27.46 13.43
C GLY B 488 -30.97 26.53 13.85
N ILE B 489 -30.14 26.06 12.91
CA ILE B 489 -29.16 25.07 13.24
C ILE B 489 -28.11 25.59 14.27
N GLU B 490 -27.90 26.91 14.31
CA GLU B 490 -26.83 27.46 15.15
C GLU B 490 -27.16 27.37 16.64
N GLU B 491 -28.41 27.12 16.93
CA GLU B 491 -28.85 26.89 18.29
C GLU B 491 -28.24 25.59 18.83
N TYR B 492 -27.78 24.70 17.93
CA TYR B 492 -27.28 23.42 18.31
C TYR B 492 -25.79 23.32 17.97
N LEU B 493 -25.17 24.44 17.63
CA LEU B 493 -23.73 24.47 17.34
C LEU B 493 -22.98 25.37 18.31
N GLU B 494 -21.69 25.07 18.53
CA GLU B 494 -20.75 25.99 19.15
C GLU B 494 -19.77 26.50 18.11
N THR B 495 -19.51 27.79 18.20
CA THR B 495 -18.52 28.48 17.41
C THR B 495 -17.10 28.30 17.98
N LYS B 496 -16.14 27.95 17.13
CA LYS B 496 -14.75 27.81 17.61
C LYS B 496 -13.91 28.71 16.72
N TYR B 497 -13.10 29.55 17.33
CA TYR B 497 -12.18 30.41 16.63
C TYR B 497 -10.79 29.75 16.73
N ILE B 498 -10.19 29.53 15.56
CA ILE B 498 -8.86 28.99 15.48
C ILE B 498 -7.93 30.03 14.88
N CYS B 499 -6.92 30.37 15.66
CA CYS B 499 -5.88 31.31 15.31
C CYS B 499 -4.59 30.55 15.11
N SER B 500 -4.08 30.46 13.88
CA SER B 500 -2.91 29.59 13.56
C SER B 500 -1.76 30.43 13.08
N ALA B 501 -0.55 30.20 13.63
CA ALA B 501 0.60 30.97 13.18
C ALA B 501 1.32 30.05 12.23
N TYR B 502 1.97 30.62 11.22
CA TYR B 502 2.74 29.77 10.26
C TYR B 502 4.05 30.47 9.88
N LYS B 503 5.00 29.68 9.39
CA LYS B 503 6.28 30.18 8.91
C LYS B 503 6.13 30.62 7.49
N ARG B 504 6.26 31.94 7.30
CA ARG B 504 6.21 32.60 5.97
C ARG B 504 7.43 32.31 5.09
N MET C 22 1.08 62.61 42.92
CA MET C 22 -0.05 62.68 41.94
C MET C 22 0.33 61.90 40.67
N LEU C 23 -0.68 61.49 39.90
CA LEU C 23 -0.44 60.87 38.60
C LEU C 23 -0.18 61.96 37.60
N ALA C 24 0.85 61.76 36.80
CA ALA C 24 1.28 62.70 35.76
C ALA C 24 0.48 62.57 34.47
N LEU C 25 -0.76 63.05 34.50
CA LEU C 25 -1.69 62.98 33.36
C LEU C 25 -1.60 64.25 32.50
N LYS C 26 -1.40 64.09 31.20
CA LYS C 26 -1.54 65.23 30.29
C LYS C 26 -2.94 65.85 30.38
N ASP C 27 -3.96 65.05 30.65
CA ASP C 27 -5.30 65.56 30.84
C ASP C 27 -5.93 65.03 32.12
N PRO C 28 -5.72 65.76 33.21
CA PRO C 28 -6.12 65.30 34.53
C PRO C 28 -7.62 65.25 34.68
N SER C 29 -8.35 65.85 33.76
CA SER C 29 -9.78 65.76 33.84
C SER C 29 -10.31 64.36 33.47
N LEU C 30 -9.42 63.47 33.01
CA LEU C 30 -9.74 62.07 32.77
C LEU C 30 -9.87 61.28 34.05
N LEU C 31 -9.19 61.72 35.12
CA LEU C 31 -9.28 61.01 36.42
C LEU C 31 -10.54 61.48 37.11
N LYS C 32 -11.54 60.60 37.20
CA LYS C 32 -12.81 60.96 37.80
C LYS C 32 -13.03 60.37 39.20
N SER C 33 -13.92 61.01 39.96
CA SER C 33 -14.33 60.51 41.29
C SER C 33 -15.84 60.41 41.35
N GLN C 34 -16.47 60.49 40.17
CA GLN C 34 -17.91 60.48 40.04
C GLN C 34 -18.34 59.46 38.99
N CYS C 35 -19.61 59.08 39.11
CA CYS C 35 -20.30 58.21 38.17
C CYS C 35 -20.95 59.02 37.06
N LEU C 36 -21.16 58.38 35.91
CA LEU C 36 -21.81 58.98 34.77
C LEU C 36 -23.26 58.50 34.66
N VAL C 37 -24.18 59.38 35.05
CA VAL C 37 -25.59 59.09 35.09
C VAL C 37 -26.33 60.20 34.38
N ASN C 38 -27.07 59.78 33.38
CA ASN C 38 -27.82 60.68 32.54
C ASN C 38 -27.11 61.91 32.05
N GLY C 39 -25.86 61.73 31.67
CA GLY C 39 -25.05 62.79 31.10
C GLY C 39 -24.51 63.76 32.15
N ARG C 40 -24.76 63.50 33.42
CA ARG C 40 -24.19 64.28 34.51
C ARG C 40 -23.23 63.43 35.32
N TRP C 41 -22.20 64.09 35.86
CA TRP C 41 -21.28 63.42 36.77
C TRP C 41 -21.71 63.63 38.23
N ILE C 42 -21.97 62.51 38.92
CA ILE C 42 -22.65 62.52 40.20
C ILE C 42 -21.88 61.73 41.25
N ASP C 43 -22.09 62.12 42.52
CA ASP C 43 -21.65 61.35 43.69
C ASP C 43 -22.85 60.57 44.19
N ALA C 44 -22.67 59.70 45.18
CA ALA C 44 -23.81 59.03 45.81
C ALA C 44 -24.70 60.03 46.56
N ALA C 45 -25.96 59.68 46.72
CA ALA C 45 -26.95 60.54 47.39
C ALA C 45 -26.63 60.69 48.87
N ASP C 46 -26.13 59.61 49.46
CA ASP C 46 -25.71 59.52 50.85
C ASP C 46 -24.22 59.83 50.97
N GLY C 47 -23.60 60.28 49.88
CA GLY C 47 -22.15 60.60 49.93
C GLY C 47 -21.12 59.48 50.06
N THR C 48 -21.54 58.23 50.25
CA THR C 48 -20.59 57.11 50.44
C THR C 48 -19.72 56.79 49.22
N THR C 49 -18.57 56.18 49.50
CA THR C 49 -17.56 55.97 48.49
C THR C 49 -16.75 54.70 48.71
N ILE C 50 -16.01 54.35 47.66
CA ILE C 50 -15.14 53.20 47.58
C ILE C 50 -13.77 53.81 47.33
N LYS C 51 -12.73 53.33 47.99
CA LYS C 51 -11.40 53.82 47.74
C LYS C 51 -10.72 52.94 46.71
N VAL C 52 -9.99 53.57 45.79
CA VAL C 52 -9.23 52.84 44.80
C VAL C 52 -7.76 53.03 45.16
N THR C 53 -7.09 51.90 45.41
CA THR C 53 -5.71 51.89 45.82
C THR C 53 -4.83 51.33 44.72
N ASN C 54 -3.57 51.76 44.72
CA ASN C 54 -2.54 51.22 43.87
C ASN C 54 -1.95 49.99 44.51
N PRO C 55 -2.07 48.84 43.84
CA PRO C 55 -1.52 47.61 44.39
C PRO C 55 0.00 47.56 44.44
N ALA C 56 0.68 48.44 43.73
CA ALA C 56 2.15 48.41 43.67
C ALA C 56 2.76 49.04 44.95
N ASP C 57 2.07 50.04 45.52
CA ASP C 57 2.59 50.78 46.69
C ASP C 57 1.60 51.02 47.85
N GLY C 58 0.33 50.69 47.68
CA GLY C 58 -0.70 50.85 48.70
C GLY C 58 -1.30 52.25 48.77
N SER C 59 -0.77 53.20 47.99
CA SER C 59 -1.30 54.56 47.98
C SER C 59 -2.71 54.62 47.45
N VAL C 60 -3.46 55.63 47.90
CA VAL C 60 -4.86 55.79 47.52
C VAL C 60 -4.84 56.75 46.35
N ILE C 61 -5.38 56.30 45.22
CA ILE C 61 -5.47 57.07 43.99
C ILE C 61 -6.63 57.99 44.07
N GLY C 62 -7.74 57.50 44.53
CA GLY C 62 -8.92 58.32 44.60
C GLY C 62 -10.07 57.51 45.10
N THR C 63 -11.24 58.12 45.10
CA THR C 63 -12.45 57.47 45.51
C THR C 63 -13.51 57.49 44.36
N VAL C 64 -14.47 56.59 44.43
CA VAL C 64 -15.61 56.64 43.53
C VAL C 64 -16.86 56.42 44.34
N PRO C 65 -18.00 56.83 43.80
CA PRO C 65 -19.18 56.68 44.63
C PRO C 65 -19.61 55.24 44.85
N SER C 66 -20.44 55.02 45.86
CA SER C 66 -21.09 53.78 46.09
C SER C 66 -22.55 54.08 45.96
N LEU C 67 -23.07 54.05 44.72
CA LEU C 67 -24.45 54.49 44.46
C LEU C 67 -25.46 53.58 45.11
N SER C 68 -26.64 54.11 45.39
CA SER C 68 -27.70 53.29 45.96
C SER C 68 -28.56 52.72 44.85
N VAL C 69 -29.29 51.65 45.17
CA VAL C 69 -30.20 51.04 44.19
C VAL C 69 -31.23 52.05 43.64
N ALA C 70 -31.65 52.97 44.50
CA ALA C 70 -32.57 54.03 44.06
C ALA C 70 -31.94 54.86 42.91
N THR C 71 -30.68 55.19 43.04
CA THR C 71 -29.99 55.89 41.96
C THR C 71 -29.85 55.03 40.70
N ILE C 72 -29.63 53.73 40.88
CA ILE C 72 -29.51 52.77 39.75
C ILE C 72 -30.85 52.74 39.05
N LYS C 73 -31.93 52.69 39.82
CA LYS C 73 -33.24 52.71 39.19
C LYS C 73 -33.40 53.99 38.37
N GLU C 74 -32.81 55.08 38.83
CA GLU C 74 -32.93 56.34 38.11
C GLU C 74 -32.14 56.24 36.84
N ALA C 75 -30.99 55.60 36.91
CA ALA C 75 -30.14 55.47 35.75
C ALA C 75 -30.84 54.56 34.72
N ILE C 76 -31.51 53.52 35.17
CA ILE C 76 -32.25 52.65 34.26
C ILE C 76 -33.33 53.43 33.52
N ASP C 77 -34.09 54.27 34.22
CA ASP C 77 -35.09 55.12 33.54
C ASP C 77 -34.49 56.13 32.57
N ALA C 78 -33.36 56.73 32.91
CA ALA C 78 -32.69 57.67 32.01
C ALA C 78 -32.31 56.93 30.74
N SER C 79 -31.88 55.68 30.90
CA SER C 79 -31.45 54.83 29.78
C SER C 79 -32.61 54.59 28.82
N ALA C 80 -33.72 54.13 29.38
CA ALA C 80 -34.91 53.93 28.58
C ALA C 80 -35.38 55.24 27.94
N LYS C 81 -35.14 56.37 28.59
CA LYS C 81 -35.50 57.67 28.01
C LYS C 81 -34.66 57.96 26.78
N ALA C 82 -33.37 57.65 26.88
CA ALA C 82 -32.44 57.93 25.80
C ALA C 82 -32.53 56.95 24.60
N LEU C 83 -33.14 55.79 24.81
CA LEU C 83 -33.11 54.70 23.82
C LEU C 83 -33.74 55.09 22.50
N SER C 84 -34.93 55.63 22.60
CA SER C 84 -35.73 55.96 21.45
C SER C 84 -34.94 56.82 20.47
N GLY C 85 -34.36 57.89 21.00
CA GLY C 85 -33.62 58.84 20.19
C GLY C 85 -32.36 58.21 19.62
N TRP C 86 -31.68 57.39 20.41
CA TRP C 86 -30.42 56.78 19.97
C TRP C 86 -30.70 55.74 18.89
N ALA C 87 -31.75 54.93 19.08
CA ALA C 87 -32.17 53.89 18.10
C ALA C 87 -32.65 54.44 16.76
N ALA C 88 -33.29 55.61 16.78
CA ALA C 88 -33.81 56.29 15.61
C ALA C 88 -32.74 56.93 14.78
N LYS C 89 -31.56 57.18 15.33
CA LYS C 89 -30.45 57.64 14.49
C LYS C 89 -30.20 56.63 13.37
N THR C 90 -29.65 57.08 12.26
CA THR C 90 -29.15 56.16 11.24
C THR C 90 -27.93 55.37 11.74
N ALA C 91 -27.67 54.21 11.11
CA ALA C 91 -26.46 53.45 11.43
C ALA C 91 -25.28 54.35 11.18
N LYS C 92 -25.30 55.08 10.06
CA LYS C 92 -24.22 55.96 9.70
C LYS C 92 -23.89 57.02 10.79
N GLU C 93 -24.92 57.55 11.45
CA GLU C 93 -24.67 58.61 12.44
CA GLU C 93 -24.79 58.59 12.47
C GLU C 93 -24.14 58.00 13.72
N ARG C 94 -24.70 56.87 14.15
CA ARG C 94 -24.13 56.16 15.29
C ARG C 94 -22.66 55.79 15.01
N ALA C 95 -22.34 55.30 13.80
CA ALA C 95 -20.93 55.01 13.46
C ALA C 95 -20.00 56.24 13.60
N GLY C 96 -20.49 57.43 13.22
CA GLY C 96 -19.65 58.66 13.20
C GLY C 96 -19.28 58.97 14.65
N ILE C 97 -20.27 58.90 15.51
CA ILE C 97 -20.10 59.16 16.94
C ILE C 97 -19.16 58.14 17.56
N LEU C 98 -19.36 56.87 17.27
CA LEU C 98 -18.50 55.86 17.79
C LEU C 98 -17.08 56.02 17.30
N ARG C 99 -16.89 56.31 16.01
CA ARG C 99 -15.52 56.55 15.54
C ARG C 99 -14.85 57.72 16.27
N LYS C 100 -15.64 58.74 16.56
CA LYS C 100 -15.18 59.89 17.32
C LYS C 100 -14.64 59.45 18.68
N TRP C 101 -15.40 58.58 19.34
CA TRP C 101 -15.01 57.99 20.62
C TRP C 101 -13.68 57.23 20.50
N PHE C 102 -13.60 56.38 19.49
CA PHE C 102 -12.43 55.58 19.17
C PHE C 102 -11.24 56.48 19.02
N ASP C 103 -11.42 57.52 18.23
CA ASP C 103 -10.34 58.45 17.96
C ASP C 103 -9.87 59.19 19.21
N LEU C 104 -10.79 59.58 20.07
CA LEU C 104 -10.44 60.23 21.37
C LEU C 104 -9.68 59.27 22.26
N ILE C 105 -10.09 58.01 22.31
CA ILE C 105 -9.36 57.04 23.12
C ILE C 105 -7.93 56.87 22.65
N ILE C 106 -7.74 56.70 21.34
CA ILE C 106 -6.40 56.56 20.83
C ILE C 106 -5.55 57.79 21.16
N ALA C 107 -6.11 58.97 20.95
CA ALA C 107 -5.40 60.23 21.24
C ALA C 107 -5.00 60.36 22.71
N ASN C 108 -5.84 59.87 23.61
CA ASN C 108 -5.58 59.86 25.05
C ASN C 108 -5.08 58.54 25.65
N ALA C 109 -4.47 57.70 24.81
CA ALA C 109 -4.03 56.35 25.18
C ALA C 109 -3.06 56.35 26.38
N ASP C 110 -2.11 57.28 26.37
CA ASP C 110 -1.10 57.33 27.44
C ASP C 110 -1.70 57.63 28.80
N ASP C 111 -2.52 58.65 28.88
CA ASP C 111 -3.22 58.95 30.09
C ASP C 111 -4.08 57.78 30.55
N ILE C 112 -4.79 57.12 29.64
CA ILE C 112 -5.63 55.99 30.04
C ILE C 112 -4.76 54.86 30.55
N ALA C 113 -3.67 54.58 29.86
CA ALA C 113 -2.81 53.49 30.28
C ALA C 113 -2.28 53.73 31.70
N LEU C 114 -2.04 54.99 32.08
CA LEU C 114 -1.50 55.32 33.43
C LEU C 114 -2.56 55.10 34.53
N ILE C 115 -3.76 55.59 34.31
CA ILE C 115 -4.85 55.35 35.22
C ILE C 115 -4.91 53.84 35.44
N MET C 116 -4.84 53.05 34.34
CA MET C 116 -4.94 51.58 34.41
C MET C 116 -3.83 50.95 35.21
N THR C 117 -2.60 51.18 34.82
CA THR C 117 -1.48 50.63 35.56
C THR C 117 -1.60 50.98 37.04
N SER C 118 -2.04 52.21 37.33
CA SER C 118 -2.10 52.72 38.72
C SER C 118 -3.01 51.88 39.57
N GLU C 119 -4.23 51.65 39.09
CA GLU C 119 -5.26 50.93 39.86
C GLU C 119 -5.14 49.43 39.73
N GLN C 120 -4.60 48.94 38.62
CA GLN C 120 -4.72 47.53 38.31
C GLN C 120 -3.45 46.78 38.53
N GLY C 121 -2.34 47.41 38.16
CA GLY C 121 -1.00 46.87 38.47
C GLY C 121 -0.17 46.57 37.24
N LYS C 122 -0.79 46.28 36.09
CA LYS C 122 -0.04 45.78 34.91
C LYS C 122 0.92 46.85 34.38
N PRO C 123 2.00 46.41 33.72
CA PRO C 123 2.95 47.42 33.25
C PRO C 123 2.31 48.38 32.26
N LEU C 124 2.75 49.65 32.29
CA LEU C 124 2.31 50.68 31.35
C LEU C 124 2.19 50.21 29.87
N ALA C 125 3.15 49.41 29.42
CA ALA C 125 3.19 48.93 28.05
C ALA C 125 2.05 47.95 27.76
N GLU C 126 1.66 47.16 28.76
CA GLU C 126 0.54 46.25 28.64
C GLU C 126 -0.72 47.08 28.72
N ALA C 127 -0.75 48.08 29.62
CA ALA C 127 -1.93 48.90 29.76
C ALA C 127 -2.20 49.65 28.43
N ARG C 128 -1.13 50.22 27.88
CA ARG C 128 -1.15 50.88 26.56
CA ARG C 128 -1.25 50.90 26.58
C ARG C 128 -1.64 49.93 25.46
N GLY C 129 -1.11 48.72 25.46
CA GLY C 129 -1.56 47.69 24.52
C GLY C 129 -3.07 47.39 24.72
N GLU C 130 -3.50 47.32 25.98
CA GLU C 130 -4.90 47.03 26.25
C GLU C 130 -5.82 48.18 25.80
N VAL C 131 -5.36 49.41 25.98
CA VAL C 131 -6.12 50.54 25.53
C VAL C 131 -6.31 50.51 23.98
N LEU C 132 -5.29 50.14 23.22
CA LEU C 132 -5.44 50.13 21.75
C LEU C 132 -6.40 49.00 21.35
N TYR C 133 -6.22 47.83 21.98
CA TYR C 133 -7.11 46.68 21.83
C TYR C 133 -8.58 47.05 22.14
N ALA C 134 -8.80 47.71 23.25
CA ALA C 134 -10.13 48.17 23.65
C ALA C 134 -10.72 49.16 22.65
N ALA C 135 -9.92 50.11 22.23
CA ALA C 135 -10.37 51.04 21.21
C ALA C 135 -10.73 50.29 19.91
N SER C 136 -10.04 49.20 19.60
CA SER C 136 -10.28 48.54 18.32
C SER C 136 -11.71 47.95 18.19
N PHE C 137 -12.32 47.57 19.31
CA PHE C 137 -13.74 47.15 19.34
C PHE C 137 -14.65 48.29 18.95
N ILE C 138 -14.31 49.51 19.37
CA ILE C 138 -15.14 50.63 19.10
C ILE C 138 -15.05 50.91 17.59
N GLU C 139 -13.84 50.88 17.05
CA GLU C 139 -13.68 51.07 15.61
C GLU C 139 -14.41 50.00 14.86
N TRP C 140 -14.14 48.73 15.18
CA TRP C 140 -14.82 47.57 14.58
C TRP C 140 -16.31 47.65 14.52
N PHE C 141 -16.95 47.92 15.68
CA PHE C 141 -18.38 47.99 15.74
C PHE C 141 -18.99 49.24 15.17
N ALA C 142 -18.22 50.33 15.08
CA ALA C 142 -18.68 51.50 14.32
C ALA C 142 -18.90 51.13 12.85
N GLU C 143 -17.95 50.34 12.34
CA GLU C 143 -18.04 49.80 11.00
C GLU C 143 -19.17 48.75 10.87
N GLU C 144 -19.34 47.88 11.88
CA GLU C 144 -20.43 46.87 11.85
C GLU C 144 -21.83 47.48 11.93
N ALA C 145 -21.94 48.68 12.52
CA ALA C 145 -23.22 49.39 12.62
C ALA C 145 -23.91 49.50 11.27
N LYS C 146 -23.11 49.79 10.24
CA LYS C 146 -23.63 49.98 8.87
C LYS C 146 -23.84 48.66 8.12
N ARG C 147 -23.61 47.55 8.80
CA ARG C 147 -23.63 46.24 8.17
C ARG C 147 -24.52 45.29 8.94
N VAL C 148 -25.51 45.82 9.65
CA VAL C 148 -26.52 44.98 10.23
C VAL C 148 -27.47 44.57 9.11
N TYR C 149 -27.19 43.45 8.44
CA TYR C 149 -27.95 43.05 7.23
C TYR C 149 -29.12 42.20 7.62
N GLY C 150 -30.27 42.48 7.03
CA GLY C 150 -31.41 41.61 7.13
C GLY C 150 -31.46 40.73 5.90
N ASP C 151 -32.55 39.96 5.74
CA ASP C 151 -32.69 38.99 4.66
C ASP C 151 -33.99 39.17 3.95
N THR C 152 -34.03 38.67 2.71
CA THR C 152 -35.29 38.32 2.06
C THR C 152 -35.17 36.82 1.87
N ILE C 153 -36.28 36.11 2.12
CA ILE C 153 -36.29 34.62 2.02
C ILE C 153 -37.37 34.17 1.01
N PRO C 154 -37.03 33.23 0.11
CA PRO C 154 -38.11 32.72 -0.79
C PRO C 154 -39.33 32.17 -0.01
N ALA C 155 -40.52 32.65 -0.36
CA ALA C 155 -41.79 32.22 0.26
C ALA C 155 -42.27 30.87 -0.27
N PRO C 156 -42.56 29.93 0.65
CA PRO C 156 -43.14 28.66 0.21
C PRO C 156 -44.51 28.78 -0.54
N GLN C 157 -45.23 29.87 -0.32
CA GLN C 157 -46.47 30.11 -1.00
C GLN C 157 -46.45 31.34 -1.87
N ASN C 158 -47.12 31.27 -3.00
CA ASN C 158 -47.27 32.41 -3.86
C ASN C 158 -48.04 33.54 -3.16
N GLY C 159 -47.81 34.76 -3.61
CA GLY C 159 -48.52 35.90 -3.07
C GLY C 159 -48.02 36.31 -1.70
N GLN C 160 -46.84 35.84 -1.31
CA GLN C 160 -46.23 36.26 -0.04
C GLN C 160 -44.77 36.56 -0.22
N ARG C 161 -44.25 37.45 0.60
CA ARG C 161 -42.85 37.78 0.60
C ARG C 161 -42.37 37.78 2.05
N LEU C 162 -41.18 37.21 2.24
CA LEU C 162 -40.62 37.03 3.58
C LEU C 162 -39.39 37.88 3.77
N THR C 163 -39.41 38.65 4.86
CA THR C 163 -38.30 39.54 5.19
C THR C 163 -37.87 39.24 6.60
N VAL C 164 -36.59 39.42 6.87
CA VAL C 164 -36.02 39.43 8.23
C VAL C 164 -35.22 40.72 8.45
N ILE C 165 -35.52 41.43 9.53
CA ILE C 165 -34.76 42.63 9.88
C ILE C 165 -34.22 42.41 11.27
N ARG C 166 -33.27 43.25 11.68
CA ARG C 166 -32.64 43.11 12.97
C ARG C 166 -32.67 44.45 13.67
N GLN C 167 -33.17 44.45 14.89
CA GLN C 167 -33.37 45.67 15.61
C GLN C 167 -32.77 45.59 17.01
N PRO C 168 -32.45 46.74 17.60
CA PRO C 168 -31.89 46.76 18.95
C PRO C 168 -32.68 46.04 20.04
N VAL C 169 -32.02 45.25 20.86
CA VAL C 169 -32.67 44.65 21.99
C VAL C 169 -33.26 45.72 22.93
N GLY C 170 -32.53 46.81 23.17
CA GLY C 170 -33.06 47.88 24.03
C GLY C 170 -32.06 48.37 25.04
N VAL C 171 -32.55 48.59 26.28
CA VAL C 171 -31.69 48.87 27.44
C VAL C 171 -30.94 47.63 27.87
N THR C 172 -29.61 47.74 27.89
CA THR C 172 -28.72 46.64 28.26
C THR C 172 -27.80 47.00 29.45
N ALA C 173 -27.33 46.01 30.21
CA ALA C 173 -26.37 46.21 31.31
C ALA C 173 -25.16 45.35 31.09
N ALA C 174 -24.01 45.89 31.48
CA ALA C 174 -22.71 45.21 31.44
C ALA C 174 -22.06 45.27 32.86
N ILE C 175 -21.51 44.16 33.28
CA ILE C 175 -20.87 44.05 34.55
C ILE C 175 -19.53 43.47 34.22
N THR C 176 -18.44 44.17 34.60
CA THR C 176 -17.09 43.98 34.02
C THR C 176 -16.02 43.77 35.07
N PRO C 177 -15.00 42.97 34.74
CA PRO C 177 -14.00 42.60 35.74
C PRO C 177 -12.81 43.53 35.81
N TRP C 178 -11.99 43.29 36.83
CA TRP C 178 -10.79 44.11 37.12
C TRP C 178 -9.62 43.81 36.22
N ASN C 179 -9.54 42.65 35.55
CA ASN C 179 -8.26 42.31 34.92
C ASN C 179 -7.99 42.92 33.54
N PHE C 180 -9.03 43.41 32.87
CA PHE C 180 -8.89 44.25 31.67
C PHE C 180 -9.92 45.33 31.78
N PRO C 181 -9.57 46.40 32.52
CA PRO C 181 -10.56 47.40 32.94
C PRO C 181 -11.00 48.39 31.89
N ALA C 182 -10.40 48.29 30.69
CA ALA C 182 -10.84 49.07 29.52
C ALA C 182 -11.52 48.17 28.48
N ALA C 183 -10.86 47.09 28.06
CA ALA C 183 -11.34 46.26 26.94
C ALA C 183 -12.61 45.49 27.26
N MET C 184 -12.76 45.04 28.51
CA MET C 184 -13.98 44.33 28.87
C MET C 184 -15.15 45.30 28.80
N ILE C 185 -14.91 46.60 28.93
CA ILE C 185 -15.98 47.54 28.79
C ILE C 185 -16.33 47.84 27.32
N THR C 186 -15.33 48.05 26.49
CA THR C 186 -15.58 48.39 25.09
C THR C 186 -16.08 47.18 24.27
N ARG C 187 -15.67 45.99 24.67
CA ARG C 187 -16.18 44.76 24.09
C ARG C 187 -17.69 44.65 24.20
N LYS C 188 -18.25 45.35 25.18
CA LYS C 188 -19.63 45.26 25.43
C LYS C 188 -20.34 46.49 24.94
N ALA C 189 -19.80 47.67 25.25
CA ALA C 189 -20.49 48.91 24.98
C ALA C 189 -20.45 49.22 23.49
N ALA C 190 -19.37 48.86 22.80
CA ALA C 190 -19.25 49.14 21.35
C ALA C 190 -20.36 48.45 20.57
N PRO C 191 -20.50 47.13 20.73
CA PRO C 191 -21.57 46.52 19.96
C PRO C 191 -22.99 46.96 20.35
N ALA C 192 -23.26 47.15 21.65
CA ALA C 192 -24.56 47.63 22.14
C ALA C 192 -24.92 48.94 21.50
N LEU C 193 -24.00 49.90 21.65
CA LEU C 193 -24.30 51.21 21.14
C LEU C 193 -24.41 51.19 19.63
N ALA C 194 -23.50 50.46 18.95
CA ALA C 194 -23.56 50.35 17.47
C ALA C 194 -24.90 49.79 17.00
N ALA C 195 -25.43 48.85 17.76
CA ALA C 195 -26.65 48.21 17.35
C ALA C 195 -27.88 49.13 17.52
N GLY C 196 -27.74 50.24 18.28
CA GLY C 196 -28.90 51.07 18.67
C GLY C 196 -29.45 50.85 20.07
N CYS C 197 -28.71 50.10 20.89
CA CYS C 197 -29.02 49.92 22.28
C CYS C 197 -28.33 51.04 23.10
N THR C 198 -28.85 51.21 24.31
CA THR C 198 -28.17 51.94 25.40
C THR C 198 -27.58 50.93 26.35
N MET C 199 -26.57 51.33 27.10
CA MET C 199 -25.96 50.46 28.09
C MET C 199 -25.66 51.18 29.45
N ILE C 200 -25.87 50.44 30.53
CA ILE C 200 -25.40 50.80 31.87
C ILE C 200 -24.29 49.84 32.23
N VAL C 201 -23.11 50.39 32.51
CA VAL C 201 -21.93 49.58 32.81
C VAL C 201 -21.61 49.72 34.29
N ARG C 202 -21.40 48.61 34.97
CA ARG C 202 -20.79 48.59 36.30
C ARG C 202 -19.43 47.93 36.23
N PRO C 203 -18.37 48.71 36.44
CA PRO C 203 -17.04 48.16 36.48
C PRO C 203 -16.71 47.61 37.88
N ALA C 204 -15.72 46.73 37.92
CA ALA C 204 -15.20 46.12 39.15
C ALA C 204 -14.80 47.20 40.15
N ASP C 205 -15.12 46.99 41.42
CA ASP C 205 -14.70 47.93 42.47
C ASP C 205 -13.19 48.17 42.52
N LEU C 206 -12.38 47.19 42.16
CA LEU C 206 -10.96 47.37 42.20
C LEU C 206 -10.39 48.25 41.08
N THR C 207 -11.14 48.40 39.99
CA THR C 207 -10.59 49.18 38.85
C THR C 207 -11.61 50.02 38.15
N PRO C 208 -12.21 50.99 38.86
CA PRO C 208 -13.30 51.69 38.19
C PRO C 208 -12.88 52.94 37.40
N LEU C 209 -11.65 53.37 37.57
CA LEU C 209 -11.23 54.67 37.07
C LEU C 209 -11.03 54.69 35.56
N THR C 210 -10.52 53.58 35.02
CA THR C 210 -10.43 53.43 33.57
C THR C 210 -11.76 53.54 32.91
N ALA C 211 -12.75 52.88 33.48
CA ALA C 211 -14.13 52.98 33.00
C ALA C 211 -14.58 54.44 32.95
N LEU C 212 -14.31 55.18 34.03
CA LEU C 212 -14.81 56.55 34.11
C LEU C 212 -14.07 57.39 33.09
N ALA C 213 -12.80 57.08 32.86
CA ALA C 213 -12.03 57.80 31.87
C ALA C 213 -12.65 57.60 30.49
N LEU C 214 -12.95 56.32 30.17
CA LEU C 214 -13.66 55.98 28.92
C LEU C 214 -14.98 56.74 28.84
N GLY C 215 -15.64 56.93 29.96
CA GLY C 215 -16.91 57.68 29.98
C GLY C 215 -16.76 59.17 29.65
N VAL C 216 -15.65 59.76 30.11
CA VAL C 216 -15.37 61.17 29.80
C VAL C 216 -15.20 61.33 28.29
N LEU C 217 -14.46 60.42 27.67
CA LEU C 217 -14.23 60.50 26.23
C LEU C 217 -15.52 60.19 25.47
N ALA C 218 -16.39 59.37 26.07
CA ALA C 218 -17.71 59.10 25.46
C ALA C 218 -18.54 60.37 25.32
N GLU C 219 -18.55 61.20 26.38
CA GLU C 219 -19.25 62.51 26.39
C GLU C 219 -18.72 63.41 25.33
N LYS C 220 -17.40 63.53 25.31
CA LYS C 220 -16.65 64.36 24.35
C LYS C 220 -16.97 63.87 22.92
N ALA C 221 -17.15 62.57 22.76
CA ALA C 221 -17.47 61.98 21.44
C ALA C 221 -18.86 62.37 20.97
N GLY C 222 -19.69 62.82 21.89
CA GLY C 222 -21.07 63.19 21.57
C GLY C 222 -22.04 62.03 21.70
N ILE C 223 -21.72 61.07 22.56
CA ILE C 223 -22.70 60.03 22.88
C ILE C 223 -23.67 60.72 23.83
N PRO C 224 -24.95 60.80 23.46
CA PRO C 224 -25.96 61.52 24.26
C PRO C 224 -26.27 61.04 25.67
N ALA C 225 -26.81 61.94 26.51
CA ALA C 225 -27.10 61.66 27.91
C ALA C 225 -27.98 60.44 28.02
N GLY C 226 -27.56 59.51 28.86
CA GLY C 226 -28.30 58.26 29.07
C GLY C 226 -27.98 57.07 28.14
N VAL C 227 -27.31 57.30 27.00
CA VAL C 227 -26.99 56.22 26.07
C VAL C 227 -25.92 55.31 26.67
N LEU C 228 -24.86 55.91 27.23
CA LEU C 228 -23.86 55.21 28.02
C LEU C 228 -23.82 55.84 29.43
N GLN C 229 -23.86 54.98 30.44
CA GLN C 229 -23.85 55.38 31.83
C GLN C 229 -22.94 54.38 32.56
N ILE C 230 -22.23 54.88 33.57
CA ILE C 230 -21.20 54.12 34.27
C ILE C 230 -21.47 54.31 35.77
N VAL C 231 -21.74 53.21 36.46
CA VAL C 231 -22.22 53.27 37.83
C VAL C 231 -21.34 52.38 38.70
N THR C 232 -20.88 52.92 39.83
CA THR C 232 -20.00 52.22 40.76
C THR C 232 -20.73 51.94 42.07
N GLY C 233 -20.33 50.91 42.81
CA GLY C 233 -21.15 50.51 43.97
C GLY C 233 -21.09 49.04 44.27
N LYS C 234 -21.84 48.61 45.26
CA LYS C 234 -21.84 47.20 45.67
C LYS C 234 -22.29 46.25 44.54
N ALA C 235 -21.46 45.23 44.29
CA ALA C 235 -21.70 44.26 43.19
C ALA C 235 -23.07 43.57 43.30
N ARG C 236 -23.34 43.03 44.47
CA ARG C 236 -24.55 42.26 44.71
C ARG C 236 -25.80 43.09 44.55
N GLU C 237 -25.85 44.26 45.19
CA GLU C 237 -27.05 45.10 45.14
C GLU C 237 -27.29 45.70 43.76
N ILE C 238 -26.25 46.24 43.16
CA ILE C 238 -26.39 46.84 41.82
C ILE C 238 -26.74 45.73 40.83
N GLY C 239 -26.02 44.63 40.91
CA GLY C 239 -26.28 43.48 40.03
C GLY C 239 -27.71 42.94 40.16
N ALA C 240 -28.22 42.90 41.39
CA ALA C 240 -29.59 42.47 41.65
C ALA C 240 -30.63 43.38 41.00
N GLU C 241 -30.45 44.69 41.11
CA GLU C 241 -31.35 45.61 40.44
C GLU C 241 -31.29 45.45 38.92
N LEU C 242 -30.07 45.33 38.37
CA LEU C 242 -29.89 45.29 36.93
C LEU C 242 -30.56 44.02 36.37
N THR C 243 -30.54 42.93 37.12
CA THR C 243 -31.11 41.70 36.63
C THR C 243 -32.58 41.56 36.98
N SER C 244 -33.12 42.39 37.87
CA SER C 244 -34.56 42.29 38.22
C SER C 244 -35.43 43.37 37.58
N ASN C 245 -34.82 44.46 37.10
CA ASN C 245 -35.58 45.54 36.53
C ASN C 245 -36.09 45.16 35.11
N ASP C 246 -37.41 45.17 34.90
CA ASP C 246 -38.01 44.82 33.58
C ASP C 246 -37.47 45.61 32.41
N THR C 247 -37.06 46.86 32.64
CA THR C 247 -36.55 47.72 31.55
C THR C 247 -35.31 47.15 30.91
N VAL C 248 -34.46 46.52 31.71
CA VAL C 248 -33.22 45.97 31.27
C VAL C 248 -33.55 44.67 30.56
N ARG C 249 -33.21 44.59 29.28
CA ARG C 249 -33.59 43.46 28.41
C ARG C 249 -32.44 42.51 28.05
N LYS C 250 -31.22 42.87 28.46
CA LYS C 250 -30.05 42.09 28.15
C LYS C 250 -28.98 42.39 29.20
N LEU C 251 -28.28 41.35 29.67
CA LEU C 251 -27.15 41.44 30.58
C LEU C 251 -25.95 40.82 29.90
N SER C 252 -24.81 41.47 30.00
CA SER C 252 -23.54 40.96 29.56
C SER C 252 -22.55 41.05 30.73
N PHE C 253 -21.99 39.90 31.08
CA PHE C 253 -21.12 39.75 32.23
C PHE C 253 -19.88 38.94 31.89
N THR C 254 -18.74 39.46 32.33
CA THR C 254 -17.46 38.75 32.29
C THR C 254 -16.89 38.74 33.72
N GLY C 255 -16.48 37.58 34.20
CA GLY C 255 -16.08 37.46 35.58
C GLY C 255 -16.13 36.02 36.02
N SER C 256 -16.24 35.82 37.32
CA SER C 256 -16.22 34.51 37.86
C SER C 256 -17.43 33.68 37.48
N THR C 257 -17.17 32.40 37.27
CA THR C 257 -18.19 31.41 36.98
C THR C 257 -19.25 31.30 38.05
N GLU C 258 -18.85 31.35 39.31
CA GLU C 258 -19.79 31.38 40.44
C GLU C 258 -20.78 32.52 40.32
N VAL C 259 -20.27 33.72 40.07
CA VAL C 259 -21.13 34.90 39.95
C VAL C 259 -21.96 34.81 38.65
N GLY C 260 -21.37 34.27 37.57
CA GLY C 260 -22.11 34.13 36.29
C GLY C 260 -23.30 33.20 36.47
N ARG C 261 -23.13 32.10 37.24
CA ARG C 261 -24.26 31.21 37.52
C ARG C 261 -25.43 31.94 38.21
N LEU C 262 -25.10 32.83 39.13
CA LEU C 262 -26.11 33.49 39.95
C LEU C 262 -26.86 34.51 39.09
N LEU C 263 -26.10 35.29 38.32
CA LEU C 263 -26.67 36.28 37.42
C LEU C 263 -27.61 35.67 36.36
N MET C 264 -27.27 34.52 35.81
CA MET C 264 -28.16 33.84 34.86
C MET C 264 -29.42 33.45 35.56
N ALA C 265 -29.29 32.96 36.79
CA ALA C 265 -30.48 32.55 37.49
C ALA C 265 -31.32 33.76 37.76
N GLN C 266 -30.69 34.88 38.09
CA GLN C 266 -31.42 36.16 38.37
C GLN C 266 -32.09 36.76 37.13
N CYS C 267 -31.54 36.47 35.95
CA CYS C 267 -32.17 36.92 34.69
C CYS C 267 -33.42 36.14 34.27
N ALA C 268 -33.56 34.93 34.80
CA ALA C 268 -34.59 33.96 34.43
C ALA C 268 -36.06 34.41 34.61
N PRO C 269 -36.40 35.08 35.74
CA PRO C 269 -37.82 35.54 35.87
C PRO C 269 -38.32 36.50 34.77
N THR C 270 -37.44 37.26 34.15
CA THR C 270 -37.90 38.03 32.98
C THR C 270 -37.29 37.51 31.65
N ILE C 271 -36.71 36.30 31.68
CA ILE C 271 -36.16 35.67 30.46
C ILE C 271 -35.18 36.62 29.68
N LYS C 272 -34.27 37.28 30.38
CA LYS C 272 -33.41 38.28 29.72
C LYS C 272 -32.44 37.62 28.78
N ARG C 273 -32.06 38.32 27.72
CA ARG C 273 -30.89 37.91 26.94
C ARG C 273 -29.68 38.07 27.86
N ILE C 274 -28.79 37.09 27.77
CA ILE C 274 -27.64 37.02 28.60
C ILE C 274 -26.41 36.58 27.75
N SER C 275 -25.29 37.27 27.96
CA SER C 275 -23.94 36.92 27.49
C SER C 275 -23.05 36.79 28.70
N LEU C 276 -22.29 35.70 28.76
CA LEU C 276 -21.36 35.42 29.83
C LEU C 276 -19.99 34.98 29.31
N GLU C 277 -18.92 35.49 29.91
CA GLU C 277 -17.61 34.93 29.66
C GLU C 277 -16.99 34.68 31.02
N LEU C 278 -16.68 33.42 31.34
CA LEU C 278 -16.43 33.03 32.71
C LEU C 278 -15.06 32.37 32.86
N GLY C 279 -14.96 31.36 33.73
CA GLY C 279 -13.69 30.74 33.99
C GLY C 279 -13.21 29.93 32.80
N GLY C 280 -11.92 29.61 32.86
CA GLY C 280 -11.26 28.73 31.90
C GLY C 280 -10.34 27.84 32.68
N ASN C 281 -9.66 26.92 32.05
CA ASN C 281 -8.63 26.15 32.77
C ASN C 281 -7.81 25.75 31.60
N ALA C 282 -7.19 26.76 30.98
CA ALA C 282 -6.65 26.66 29.64
C ALA C 282 -5.49 25.72 29.59
N PRO C 283 -5.58 24.67 28.76
CA PRO C 283 -4.42 23.85 28.45
C PRO C 283 -3.55 24.44 27.32
N PHE C 284 -2.25 24.19 27.41
CA PHE C 284 -1.26 24.69 26.45
C PHE C 284 -0.41 23.43 26.11
N ILE C 285 -0.53 22.92 24.89
CA ILE C 285 0.00 21.57 24.57
C ILE C 285 1.16 21.69 23.61
N VAL C 286 2.28 21.07 24.00
CA VAL C 286 3.50 21.09 23.22
C VAL C 286 3.83 19.70 22.79
N PHE C 287 3.70 19.44 21.48
CA PHE C 287 4.03 18.13 20.96
C PHE C 287 5.53 17.99 20.63
N ASP C 288 6.00 16.76 20.49
CA ASP C 288 7.38 16.46 20.10
C ASP C 288 7.78 17.15 18.83
N ASP C 289 6.85 17.34 17.92
CA ASP C 289 7.16 17.96 16.65
C ASP C 289 6.86 19.43 16.63
N ALA C 290 6.76 20.05 17.82
CA ALA C 290 6.59 21.49 17.88
C ALA C 290 7.88 22.19 17.41
N ASP C 291 7.76 23.41 16.87
CA ASP C 291 8.86 24.39 16.88
C ASP C 291 9.05 24.77 18.36
N LEU C 292 10.06 24.16 18.97
CA LEU C 292 10.18 24.16 20.45
C LEU C 292 10.40 25.57 20.99
N ASP C 293 11.21 26.33 20.27
CA ASP C 293 11.46 27.73 20.59
C ASP C 293 10.27 28.66 20.47
N ALA C 294 9.46 28.44 19.42
CA ALA C 294 8.23 29.20 19.30
C ALA C 294 7.29 28.78 20.42
N ALA C 295 7.32 27.50 20.81
CA ALA C 295 6.41 26.99 21.86
C ALA C 295 6.72 27.67 23.20
N VAL C 296 8.00 27.88 23.45
CA VAL C 296 8.43 28.55 24.66
C VAL C 296 7.97 29.98 24.62
N ASP C 297 8.06 30.64 23.46
CA ASP C 297 7.65 32.05 23.45
C ASP C 297 6.15 32.19 23.61
N GLY C 298 5.41 31.29 23.00
CA GLY C 298 3.95 31.27 23.16
C GLY C 298 3.56 30.97 24.60
N ALA C 299 4.27 30.05 25.20
CA ALA C 299 4.05 29.76 26.63
C ALA C 299 4.27 31.00 27.50
N MET C 300 5.32 31.77 27.20
CA MET C 300 5.65 32.94 28.01
C MET C 300 4.64 34.03 27.86
N VAL C 301 4.18 34.18 26.63
CA VAL C 301 3.17 35.15 26.28
C VAL C 301 1.80 34.77 26.91
N SER C 302 1.38 33.52 26.78
CA SER C 302 0.07 33.14 27.33
C SER C 302 0.06 32.93 28.84
N LYS C 303 1.21 32.69 29.45
CA LYS C 303 1.28 32.39 30.91
C LYS C 303 1.53 33.64 31.78
N TYR C 304 2.38 34.54 31.33
CA TYR C 304 2.92 35.59 32.19
C TYR C 304 2.41 36.93 31.87
N ARG C 305 1.59 37.03 30.88
CA ARG C 305 1.05 38.31 30.58
C ARG C 305 0.00 38.64 31.66
N ASN C 306 -0.08 39.91 32.09
CA ASN C 306 -0.98 40.33 33.18
C ASN C 306 -0.69 39.53 34.47
N ALA C 307 0.58 39.12 34.59
CA ALA C 307 1.06 38.26 35.70
C ALA C 307 0.22 36.97 35.83
N GLY C 308 -0.20 36.42 34.69
CA GLY C 308 -1.01 35.21 34.69
C GLY C 308 -2.44 35.38 35.20
N GLN C 309 -2.91 36.62 35.30
CA GLN C 309 -4.17 36.94 35.96
C GLN C 309 -5.31 37.03 34.94
N THR C 310 -5.55 35.94 34.23
CA THR C 310 -6.62 35.94 33.23
C THR C 310 -7.12 34.58 32.93
N CYS C 311 -8.41 34.61 32.61
CA CYS C 311 -9.09 33.37 32.27
CA CYS C 311 -9.23 33.51 32.15
C CYS C 311 -8.60 32.74 30.97
N VAL C 312 -8.01 33.47 30.02
CA VAL C 312 -7.37 32.79 28.88
C VAL C 312 -5.91 32.40 29.10
N CYS C 313 -5.30 32.79 30.24
CA CYS C 313 -3.90 32.39 30.49
C CYS C 313 -3.77 30.91 30.51
N ALA C 314 -2.67 30.39 29.96
CA ALA C 314 -2.34 29.00 30.09
C ALA C 314 -2.38 28.61 31.56
N ASN C 315 -3.21 27.66 31.95
CA ASN C 315 -3.22 27.18 33.34
C ASN C 315 -2.52 25.84 33.51
N ARG C 316 -2.48 25.03 32.44
CA ARG C 316 -1.92 23.73 32.49
C ARG C 316 -1.07 23.54 31.25
N ILE C 317 0.23 23.37 31.44
CA ILE C 317 1.16 23.28 30.30
C ILE C 317 1.55 21.85 30.11
N TYR C 318 1.06 21.26 29.03
CA TYR C 318 1.23 19.84 28.73
C TYR C 318 2.34 19.72 27.71
N VAL C 319 3.40 18.97 28.06
CA VAL C 319 4.63 18.92 27.22
C VAL C 319 4.97 17.47 27.00
N GLN C 320 5.07 17.10 25.73
CA GLN C 320 5.24 15.71 25.40
C GLN C 320 6.61 15.22 25.89
N ARG C 321 6.67 13.96 26.30
CA ARG C 321 7.81 13.40 27.07
C ARG C 321 9.16 13.63 26.37
N GLY C 322 9.21 13.27 25.11
CA GLY C 322 10.39 13.47 24.27
C GLY C 322 11.00 14.85 24.35
N VAL C 323 10.21 15.90 24.53
CA VAL C 323 10.82 17.25 24.59
C VAL C 323 10.63 17.92 25.94
N TYR C 324 10.14 17.18 26.93
CA TYR C 324 9.79 17.78 28.22
C TYR C 324 10.98 18.50 28.87
N ASP C 325 12.12 17.83 28.97
CA ASP C 325 13.27 18.42 29.69
C ASP C 325 13.79 19.66 29.03
N LYS C 326 13.96 19.60 27.71
CA LYS C 326 14.49 20.73 26.93
C LYS C 326 13.56 21.92 27.06
N PHE C 327 12.27 21.62 26.95
CA PHE C 327 11.32 22.67 27.06
C PHE C 327 11.42 23.34 28.46
N ALA C 328 11.45 22.56 29.53
CA ALA C 328 11.54 23.15 30.88
C ALA C 328 12.74 24.08 31.01
N GLU C 329 13.90 23.61 30.53
CA GLU C 329 15.14 24.41 30.61
C GLU C 329 14.99 25.71 29.90
N LYS C 330 14.41 25.65 28.70
CA LYS C 330 14.30 26.82 27.86
C LYS C 330 13.34 27.82 28.50
N LEU C 331 12.23 27.30 29.03
CA LEU C 331 11.28 28.16 29.77
C LEU C 331 11.87 28.80 31.08
N ALA C 332 12.63 28.02 31.83
CA ALA C 332 13.30 28.58 33.05
C ALA C 332 14.17 29.81 32.71
N ALA C 333 14.95 29.70 31.63
CA ALA C 333 15.84 30.78 31.28
C ALA C 333 15.02 32.01 30.99
N LYS C 334 13.86 31.84 30.33
CA LYS C 334 13.08 33.02 30.01
C LYS C 334 12.38 33.53 31.25
N VAL C 335 11.91 32.64 32.12
CA VAL C 335 11.08 33.10 33.28
C VAL C 335 11.96 33.94 34.25
N LYS C 336 13.20 33.50 34.42
CA LYS C 336 14.16 34.18 35.27
C LYS C 336 14.50 35.57 34.77
N GLU C 337 14.31 35.86 33.48
CA GLU C 337 14.49 37.24 32.98
C GLU C 337 13.35 38.20 33.28
N LEU C 338 12.20 37.73 33.76
CA LEU C 338 11.08 38.66 33.90
C LEU C 338 11.34 39.61 35.05
N LYS C 339 11.30 40.90 34.78
CA LYS C 339 11.50 41.87 35.81
C LYS C 339 10.20 42.25 36.45
N VAL C 340 10.15 42.05 37.77
CA VAL C 340 9.00 42.35 38.58
C VAL C 340 9.21 43.69 39.24
N GLY C 341 8.17 44.50 39.30
CA GLY C 341 8.28 45.80 39.97
C GLY C 341 7.05 46.63 39.69
N ASN C 342 7.09 47.87 40.12
CA ASN C 342 6.05 48.82 39.84
C ASN C 342 5.93 49.02 38.32
N GLY C 343 4.70 49.01 37.83
CA GLY C 343 4.47 49.02 36.38
C GLY C 343 4.79 50.30 35.63
N THR C 344 4.93 51.42 36.35
CA THR C 344 5.29 52.70 35.75
C THR C 344 6.79 52.77 35.53
N GLU C 345 7.50 51.71 35.91
CA GLU C 345 8.95 51.73 35.90
C GLU C 345 9.55 50.96 34.70
N PRO C 346 10.47 51.62 33.97
CA PRO C 346 11.10 51.04 32.79
C PRO C 346 11.59 49.63 32.99
N GLY C 347 11.35 48.77 32.00
CA GLY C 347 11.82 47.39 32.04
C GLY C 347 10.95 46.44 32.84
N VAL C 348 10.05 46.94 33.69
CA VAL C 348 9.13 46.04 34.43
C VAL C 348 8.12 45.37 33.47
N VAL C 349 8.04 44.05 33.49
CA VAL C 349 7.03 43.30 32.70
C VAL C 349 6.03 42.45 33.54
N ILE C 350 6.24 42.40 34.86
CA ILE C 350 5.39 41.67 35.77
C ILE C 350 5.16 42.64 36.95
N GLY C 351 3.93 43.04 37.16
CA GLY C 351 3.57 43.94 38.23
C GLY C 351 3.19 43.18 39.49
N PRO C 352 2.55 43.87 40.45
CA PRO C 352 1.98 43.22 41.61
C PRO C 352 0.73 42.45 41.22
N MET C 353 0.44 41.38 41.93
CA MET C 353 -0.84 40.71 41.80
C MET C 353 -1.89 41.58 42.46
N ILE C 354 -3.16 41.34 42.14
CA ILE C 354 -4.20 42.27 42.53
C ILE C 354 -4.49 42.34 44.05
N GLU C 355 -4.34 41.26 44.76
CA GLU C 355 -4.66 41.27 46.20
C GLU C 355 -4.01 40.10 46.86
N GLU C 356 -4.07 40.09 48.19
CA GLU C 356 -3.29 39.11 48.96
C GLU C 356 -3.85 37.69 48.79
N LYS C 357 -5.17 37.58 48.79
CA LYS C 357 -5.86 36.31 48.59
C LYS C 357 -5.40 35.61 47.29
N ALA C 358 -5.10 36.38 46.26
CA ALA C 358 -4.64 35.83 45.00
C ALA C 358 -3.27 35.19 45.15
N ILE C 359 -2.40 35.83 45.91
CA ILE C 359 -1.05 35.30 46.15
C ILE C 359 -1.13 33.95 46.95
N THR C 360 -1.98 33.93 47.97
CA THR C 360 -2.21 32.71 48.73
C THR C 360 -2.68 31.58 47.83
N LYS C 361 -3.53 31.87 46.85
CA LYS C 361 -3.94 30.82 45.90
C LYS C 361 -2.72 30.25 45.17
N VAL C 362 -1.81 31.15 44.70
CA VAL C 362 -0.63 30.68 44.01
C VAL C 362 0.20 29.85 44.93
N LYS C 363 0.32 30.28 46.20
CA LYS C 363 1.05 29.47 47.16
C LYS C 363 0.39 28.12 47.39
N ALA C 364 -0.94 28.13 47.44
CA ALA C 364 -1.62 26.87 47.67
C ALA C 364 -1.27 25.92 46.52
N HIS C 365 -1.27 26.42 45.28
CA HIS C 365 -1.01 25.53 44.14
C HIS C 365 0.43 25.00 44.16
N ILE C 366 1.37 25.86 44.57
CA ILE C 366 2.79 25.45 44.66
C ILE C 366 2.97 24.36 45.71
N GLU C 367 2.50 24.60 46.93
CA GLU C 367 2.71 23.57 48.02
C GLU C 367 1.98 22.29 47.76
N ASP C 368 0.75 22.41 47.27
CA ASP C 368 0.00 21.20 46.96
C ASP C 368 0.80 20.36 46.00
N ALA C 369 1.28 21.02 44.94
CA ALA C 369 1.96 20.29 43.87
C ALA C 369 3.21 19.66 44.40
N VAL C 370 4.03 20.46 45.08
CA VAL C 370 5.34 19.95 45.59
C VAL C 370 5.09 18.81 46.60
N SER C 371 4.10 18.98 47.47
CA SER C 371 3.73 17.94 48.42
C SER C 371 3.33 16.68 47.71
N LYS C 372 2.98 16.77 46.43
CA LYS C 372 2.58 15.57 45.73
C LYS C 372 3.65 15.07 44.75
N GLY C 373 4.81 15.67 44.75
CA GLY C 373 5.93 15.17 43.94
C GLY C 373 6.50 16.13 42.93
N ALA C 374 5.85 17.28 42.73
CA ALA C 374 6.27 18.28 41.74
C ALA C 374 7.55 18.94 42.26
N LYS C 375 8.28 19.61 41.37
CA LYS C 375 9.48 20.31 41.80
C LYS C 375 9.35 21.71 41.41
N LEU C 376 9.55 22.61 42.37
CA LEU C 376 9.52 24.04 42.05
C LEU C 376 10.92 24.43 41.58
N ILE C 377 11.11 24.56 40.26
CA ILE C 377 12.44 24.72 39.72
C ILE C 377 12.86 26.19 39.66
N THR C 378 11.96 27.15 39.81
CA THR C 378 12.38 28.52 39.72
C THR C 378 11.30 29.41 40.29
N GLY C 379 11.73 30.45 40.98
CA GLY C 379 10.86 31.48 41.52
C GLY C 379 9.76 30.96 42.42
N GLY C 380 8.58 31.57 42.35
CA GLY C 380 7.42 31.08 43.09
C GLY C 380 7.46 31.44 44.58
N LYS C 381 7.92 32.65 44.88
CA LYS C 381 7.96 33.14 46.24
C LYS C 381 7.58 34.59 46.31
N GLU C 382 7.02 34.98 47.44
CA GLU C 382 6.66 36.37 47.71
C GLU C 382 7.92 37.20 47.64
N LEU C 383 7.79 38.46 47.23
CA LEU C 383 8.89 39.41 47.09
C LEU C 383 8.64 40.67 47.89
N GLY C 384 7.60 40.71 48.71
CA GLY C 384 7.21 41.93 49.38
C GLY C 384 5.90 42.47 48.83
N GLY C 385 5.07 42.97 49.73
CA GLY C 385 3.82 43.61 49.34
C GLY C 385 3.03 42.59 48.54
N LEU C 386 2.48 43.04 47.41
CA LEU C 386 1.71 42.17 46.50
C LEU C 386 2.56 41.56 45.37
N PHE C 387 3.90 41.65 45.47
CA PHE C 387 4.78 41.17 44.40
C PHE C 387 5.06 39.71 44.61
N PHE C 388 5.02 38.98 43.51
CA PHE C 388 5.21 37.55 43.54
C PHE C 388 6.04 37.13 42.38
N GLU C 389 6.97 36.23 42.65
CA GLU C 389 8.01 35.97 41.67
C GLU C 389 7.56 34.87 40.73
N PRO C 390 7.58 35.14 39.40
CA PRO C 390 7.22 34.11 38.40
C PRO C 390 7.92 32.82 38.66
N GLY C 391 7.17 31.70 38.57
CA GLY C 391 7.69 30.38 38.84
C GLY C 391 7.27 29.27 37.87
N ILE C 392 7.89 28.10 38.01
CA ILE C 392 7.67 26.93 37.17
C ILE C 392 7.76 25.74 38.08
N LEU C 393 6.79 24.82 37.96
CA LEU C 393 6.81 23.49 38.53
C LEU C 393 7.01 22.45 37.42
N THR C 394 7.83 21.43 37.71
CA THR C 394 7.93 20.30 36.81
C THR C 394 7.36 19.14 37.54
N GLY C 395 7.13 18.04 36.86
CA GLY C 395 6.55 16.87 37.54
C GLY C 395 5.07 17.03 37.99
N VAL C 396 4.35 17.96 37.39
CA VAL C 396 2.91 18.21 37.75
C VAL C 396 2.05 17.11 37.17
N THR C 397 1.08 16.64 37.94
CA THR C 397 0.14 15.63 37.50
C THR C 397 -1.37 15.96 37.83
N SER C 398 -2.28 15.08 37.39
CA SER C 398 -3.70 15.35 37.44
C SER C 398 -4.32 15.25 38.82
N ASP C 399 -3.59 14.78 39.83
CA ASP C 399 -4.15 14.78 41.18
C ASP C 399 -3.83 16.05 41.92
N MET C 400 -3.16 16.97 41.23
CA MET C 400 -2.78 18.17 41.88
C MET C 400 -3.83 19.21 41.63
N LEU C 401 -3.93 20.10 42.60
CA LEU C 401 -4.94 21.15 42.62
C LEU C 401 -4.97 21.98 41.31
N VAL C 402 -3.79 22.28 40.75
CA VAL C 402 -3.72 23.12 39.55
C VAL C 402 -4.29 22.43 38.32
N ALA C 403 -4.42 21.12 38.33
CA ALA C 403 -5.09 20.40 37.23
C ALA C 403 -6.57 20.81 37.10
N LYS C 404 -7.19 21.15 38.20
CA LYS C 404 -8.62 21.44 38.21
C LYS C 404 -8.99 22.85 38.64
N GLU C 405 -8.08 23.62 39.25
CA GLU C 405 -8.36 25.00 39.63
C GLU C 405 -7.50 25.98 38.92
N GLU C 406 -8.05 27.15 38.66
CA GLU C 406 -7.29 28.22 38.02
C GLU C 406 -6.32 28.91 39.05
N THR C 407 -5.04 29.00 38.73
CA THR C 407 -4.06 29.72 39.56
C THR C 407 -4.27 31.24 39.51
N PHE C 408 -4.64 31.80 38.36
CA PHE C 408 -4.69 33.29 38.21
C PHE C 408 -3.43 34.05 38.73
N GLY C 409 -2.28 33.46 38.42
CA GLY C 409 -1.01 34.05 38.79
C GLY C 409 0.14 33.42 38.01
N PRO C 410 1.36 33.91 38.26
CA PRO C 410 2.46 33.63 37.34
C PRO C 410 3.20 32.35 37.66
N LEU C 411 2.51 31.25 37.45
CA LEU C 411 3.04 29.95 37.72
C LEU C 411 2.78 29.05 36.53
N ALA C 412 3.85 28.46 36.01
CA ALA C 412 3.79 27.50 34.89
C ALA C 412 3.87 26.09 35.40
N PRO C 413 2.73 25.35 35.43
CA PRO C 413 2.79 23.95 35.81
C PRO C 413 2.97 23.05 34.62
N LEU C 414 4.09 22.34 34.58
CA LEU C 414 4.40 21.53 33.38
C LEU C 414 4.07 20.07 33.60
N PHE C 415 3.04 19.61 32.90
CA PHE C 415 2.52 18.24 32.95
C PHE C 415 3.13 17.47 31.81
N ALA C 416 3.66 16.28 32.10
CA ALA C 416 4.20 15.40 31.07
C ALA C 416 3.07 14.57 30.47
N PHE C 417 3.17 14.27 29.16
CA PHE C 417 2.31 13.25 28.53
C PHE C 417 3.03 12.49 27.44
N ASP C 418 2.50 11.34 27.11
CA ASP C 418 3.06 10.48 26.08
C ASP C 418 2.35 10.57 24.75
N THR C 419 1.01 10.48 24.74
CA THR C 419 0.28 10.36 23.47
C THR C 419 -0.78 11.47 23.25
N GLU C 420 -1.08 11.73 21.98
CA GLU C 420 -2.08 12.70 21.56
C GLU C 420 -3.45 12.41 22.23
N GLU C 421 -3.83 11.15 22.23
CA GLU C 421 -5.11 10.73 22.75
C GLU C 421 -5.24 11.09 24.22
N GLU C 422 -4.20 10.79 24.97
CA GLU C 422 -4.13 11.08 26.42
C GLU C 422 -4.20 12.58 26.66
N VAL C 423 -3.46 13.37 25.90
CA VAL C 423 -3.44 14.75 26.19
C VAL C 423 -4.76 15.39 25.88
N ILE C 424 -5.45 14.85 24.87
CA ILE C 424 -6.76 15.39 24.50
C ILE C 424 -7.74 15.09 25.61
N ALA C 425 -7.75 13.86 26.07
CA ALA C 425 -8.63 13.44 27.14
C ALA C 425 -8.40 14.33 28.36
N GLN C 426 -7.14 14.56 28.69
CA GLN C 426 -6.82 15.42 29.84
C GLN C 426 -7.17 16.89 29.59
N ALA C 427 -6.89 17.42 28.41
CA ALA C 427 -7.24 18.86 28.13
C ALA C 427 -8.73 19.17 28.33
N ASN C 428 -9.53 18.19 27.88
CA ASN C 428 -10.99 18.26 27.86
C ASN C 428 -11.63 17.87 29.18
N ASP C 429 -10.84 17.48 30.18
CA ASP C 429 -11.41 16.98 31.44
C ASP C 429 -11.56 18.11 32.44
N THR C 430 -12.50 18.98 32.16
CA THR C 430 -12.73 20.18 32.92
C THR C 430 -14.18 20.55 32.57
N ILE C 431 -14.85 21.27 33.46
CA ILE C 431 -16.14 21.87 33.18
C ILE C 431 -16.05 23.10 32.26
N PHE C 432 -14.83 23.55 31.95
CA PHE C 432 -14.63 24.81 31.24
C PHE C 432 -14.21 24.52 29.83
N GLY C 433 -14.12 25.60 29.06
CA GLY C 433 -13.89 25.50 27.60
C GLY C 433 -13.77 26.88 26.94
N LEU C 434 -12.86 27.69 27.46
CA LEU C 434 -12.65 29.03 26.98
C LEU C 434 -11.54 29.01 25.93
N ALA C 435 -10.28 29.16 26.35
CA ALA C 435 -9.15 29.12 25.39
C ALA C 435 -8.30 27.85 25.60
N ALA C 436 -7.71 27.39 24.53
CA ALA C 436 -6.70 26.35 24.55
C ALA C 436 -5.67 26.70 23.47
N TYR C 437 -4.53 26.06 23.58
CA TYR C 437 -3.39 26.31 22.73
C TYR C 437 -2.64 25.02 22.48
N PHE C 438 -2.03 24.90 21.31
CA PHE C 438 -1.19 23.74 21.05
C PHE C 438 -0.19 24.05 19.94
N TYR C 439 0.91 23.34 19.95
CA TYR C 439 2.04 23.58 19.07
C TYR C 439 2.41 22.25 18.37
N THR C 440 2.37 22.27 17.03
CA THR C 440 2.80 21.19 16.19
C THR C 440 3.04 21.73 14.79
N GLU C 441 3.93 21.05 14.05
CA GLU C 441 4.25 21.40 12.65
C GLU C 441 3.55 20.46 11.70
N ASN C 442 2.88 19.47 12.26
CA ASN C 442 2.26 18.46 11.49
C ASN C 442 0.85 18.91 11.06
N PHE C 443 0.57 18.86 9.77
CA PHE C 443 -0.72 19.30 9.27
C PHE C 443 -1.89 18.45 9.81
N SER C 444 -1.82 17.14 9.72
CA SER C 444 -2.92 16.33 10.17
C SER C 444 -3.21 16.47 11.68
N ARG C 445 -2.16 16.44 12.47
CA ARG C 445 -2.33 16.67 13.89
C ARG C 445 -3.02 17.99 14.17
N ALA C 446 -2.74 19.01 13.35
CA ALA C 446 -3.32 20.33 13.51
C ALA C 446 -4.83 20.27 13.37
N ILE C 447 -5.29 19.53 12.37
CA ILE C 447 -6.73 19.34 12.19
C ILE C 447 -7.26 18.50 13.33
N ARG C 448 -6.58 17.41 13.70
CA ARG C 448 -7.20 16.50 14.68
C ARG C 448 -7.39 17.20 16.04
N VAL C 449 -6.37 17.94 16.46
CA VAL C 449 -6.31 18.47 17.81
C VAL C 449 -7.16 19.74 17.89
N SER C 450 -7.06 20.62 16.87
CA SER C 450 -7.90 21.81 16.88
C SER C 450 -9.36 21.46 16.91
N GLU C 451 -9.76 20.37 16.27
CA GLU C 451 -11.16 19.94 16.28
C GLU C 451 -11.57 19.20 17.54
N ALA C 452 -10.68 18.42 18.14
CA ALA C 452 -11.08 17.66 19.33
C ALA C 452 -11.07 18.50 20.62
N LEU C 453 -10.40 19.64 20.60
CA LEU C 453 -10.31 20.45 21.78
C LEU C 453 -11.66 21.16 22.00
N GLU C 454 -12.27 20.87 23.13
CA GLU C 454 -13.56 21.42 23.46
C GLU C 454 -13.47 22.78 24.04
N TYR C 455 -13.15 23.74 23.18
CA TYR C 455 -12.85 25.12 23.56
C TYR C 455 -13.48 26.09 22.54
N GLY C 456 -13.91 27.26 22.96
CA GLY C 456 -14.39 28.25 22.02
C GLY C 456 -13.30 28.93 21.21
N MET C 457 -12.06 28.90 21.74
CA MET C 457 -10.91 29.52 21.09
C MET C 457 -9.65 28.64 21.19
N VAL C 458 -8.96 28.47 20.07
CA VAL C 458 -7.79 27.62 19.98
C VAL C 458 -6.65 28.31 19.27
N GLY C 459 -5.52 28.43 19.96
CA GLY C 459 -4.31 29.04 19.36
C GLY C 459 -3.43 27.88 18.91
N HIS C 460 -3.08 27.85 17.65
CA HIS C 460 -2.23 26.80 17.09
C HIS C 460 -0.94 27.52 16.71
N ASN C 461 0.14 27.14 17.41
CA ASN C 461 1.48 27.68 17.21
C ASN C 461 1.55 29.14 17.51
N THR C 462 0.63 29.63 18.34
CA THR C 462 0.72 30.99 18.83
C THR C 462 0.06 31.02 20.20
N GLY C 463 0.53 31.93 21.05
CA GLY C 463 0.01 32.05 22.39
C GLY C 463 -0.80 33.30 22.51
N LEU C 464 -0.83 34.08 21.43
CA LEU C 464 -1.55 35.33 21.36
C LEU C 464 -2.61 35.22 20.30
N ILE C 465 -3.87 35.29 20.70
CA ILE C 465 -4.99 35.03 19.83
C ILE C 465 -5.98 36.21 19.88
N SER C 466 -5.70 37.24 20.69
CA SER C 466 -6.70 38.29 20.95
C SER C 466 -6.74 39.31 19.81
N ASN C 467 -7.93 39.69 19.42
CA ASN C 467 -8.15 40.73 18.44
C ASN C 467 -9.67 41.04 18.42
N GLU C 468 -10.08 41.99 17.59
CA GLU C 468 -11.44 42.46 17.54
C GLU C 468 -12.24 41.81 16.40
N VAL C 469 -11.55 41.14 15.50
CA VAL C 469 -12.20 40.64 14.26
C VAL C 469 -12.73 39.19 14.32
N ALA C 470 -12.37 38.44 15.35
CA ALA C 470 -12.67 37.01 15.48
C ALA C 470 -13.61 36.82 16.68
N PRO C 471 -14.41 35.72 16.72
CA PRO C 471 -15.41 35.58 17.81
C PRO C 471 -14.80 34.98 19.08
N PHE C 472 -14.88 35.74 20.18
CA PHE C 472 -14.35 35.34 21.50
C PHE C 472 -15.42 34.92 22.48
N GLY C 473 -15.26 33.73 23.03
CA GLY C 473 -16.15 33.27 24.07
C GLY C 473 -15.89 31.81 24.31
N GLY C 474 -16.70 31.21 25.17
CA GLY C 474 -16.49 29.85 25.60
C GLY C 474 -17.65 28.88 25.28
N VAL C 475 -17.33 27.60 25.44
CA VAL C 475 -18.31 26.51 25.41
C VAL C 475 -18.36 25.99 26.83
N LYS C 476 -19.28 25.08 27.08
CA LYS C 476 -19.46 24.47 28.36
C LYS C 476 -19.69 25.57 29.40
N GLN C 477 -19.13 25.43 30.60
CA GLN C 477 -19.40 26.44 31.64
C GLN C 477 -18.56 27.70 31.53
N SER C 478 -17.82 27.88 30.43
CA SER C 478 -17.08 29.13 30.21
C SER C 478 -17.87 30.29 29.66
N GLY C 479 -19.12 30.07 29.29
CA GLY C 479 -20.00 31.18 28.94
C GLY C 479 -20.97 30.98 27.78
N LEU C 480 -21.63 32.07 27.39
CA LEU C 480 -22.70 32.11 26.35
C LEU C 480 -22.36 33.35 25.53
N GLY C 481 -22.50 33.28 24.21
CA GLY C 481 -22.34 34.42 23.36
C GLY C 481 -20.91 34.59 22.96
N ARG C 482 -20.72 35.48 22.01
CA ARG C 482 -19.40 35.82 21.49
C ARG C 482 -19.24 37.31 21.43
N GLU C 483 -17.98 37.75 21.53
CA GLU C 483 -17.58 39.16 21.40
C GLU C 483 -16.52 39.35 20.34
N GLY C 484 -16.52 40.55 19.79
CA GLY C 484 -15.76 40.84 18.56
C GLY C 484 -16.43 40.20 17.35
N SER C 485 -15.84 40.45 16.17
CA SER C 485 -16.20 39.76 14.95
C SER C 485 -17.53 40.14 14.42
N LYS C 486 -17.80 39.62 13.22
CA LYS C 486 -19.13 39.73 12.55
C LYS C 486 -20.24 39.15 13.40
N TYR C 487 -19.92 38.32 14.38
CA TYR C 487 -20.95 37.71 15.24
C TYR C 487 -21.32 38.47 16.52
N GLY C 488 -20.55 39.51 16.84
CA GLY C 488 -20.73 40.19 18.13
C GLY C 488 -21.95 41.07 18.28
N ILE C 489 -22.32 41.78 17.21
CA ILE C 489 -23.39 42.74 17.26
C ILE C 489 -24.75 42.07 17.52
N GLU C 490 -24.90 40.84 17.04
CA GLU C 490 -26.17 40.15 17.12
C GLU C 490 -26.58 39.83 18.55
N GLU C 491 -25.63 39.88 19.47
CA GLU C 491 -25.92 39.71 20.92
C GLU C 491 -26.76 40.86 21.44
N TYR C 492 -26.78 41.95 20.66
CA TYR C 492 -27.51 43.17 21.04
C TYR C 492 -28.69 43.48 20.09
N LEU C 493 -29.09 42.48 19.31
CA LEU C 493 -30.12 42.65 18.27
C LEU C 493 -31.16 41.55 18.47
N GLU C 494 -32.38 41.85 18.08
CA GLU C 494 -33.45 40.89 18.06
C GLU C 494 -33.80 40.70 16.64
N THR C 495 -34.04 39.44 16.27
CA THR C 495 -34.42 39.06 14.94
C THR C 495 -35.93 39.18 14.76
N LYS C 496 -36.36 39.83 13.67
CA LYS C 496 -37.78 39.95 13.35
C LYS C 496 -38.08 39.42 11.98
N TYR C 497 -38.99 38.45 11.94
CA TYR C 497 -39.51 37.85 10.72
C TYR C 497 -40.79 38.56 10.36
N ILE C 498 -40.84 39.11 9.14
CA ILE C 498 -42.01 39.73 8.59
C ILE C 498 -42.49 38.93 7.37
N CYS C 499 -43.73 38.48 7.45
CA CYS C 499 -44.39 37.76 6.36
C CYS C 499 -45.51 38.63 5.80
N SER C 500 -45.31 39.11 4.58
CA SER C 500 -46.22 40.05 3.94
C SER C 500 -46.97 39.41 2.78
N ALA C 501 -48.27 39.43 2.79
CA ALA C 501 -49.02 38.97 1.65
C ALA C 501 -49.27 40.16 0.72
N TYR C 502 -49.33 39.92 -0.56
CA TYR C 502 -49.68 40.98 -1.51
C TYR C 502 -50.60 40.42 -2.59
N LYS C 503 -51.25 41.35 -3.30
CA LYS C 503 -52.18 41.04 -4.37
C LYS C 503 -51.38 40.94 -5.65
N ARG C 504 -51.35 39.73 -6.21
CA ARG C 504 -50.71 39.49 -7.48
C ARG C 504 -51.46 40.13 -8.66
N MET D 22 -6.65 81.98 -13.14
CA MET D 22 -6.14 81.14 -12.01
C MET D 22 -7.30 80.76 -11.08
N LEU D 23 -7.53 79.45 -10.90
CA LEU D 23 -8.55 78.95 -9.96
C LEU D 23 -8.21 79.31 -8.51
N ALA D 24 -9.20 79.76 -7.77
CA ALA D 24 -9.01 80.20 -6.39
C ALA D 24 -8.86 79.04 -5.39
N LEU D 25 -7.85 78.20 -5.58
CA LEU D 25 -7.70 77.00 -4.76
C LEU D 25 -6.91 77.30 -3.51
N LYS D 26 -7.41 76.87 -2.34
CA LYS D 26 -6.61 76.86 -1.09
C LYS D 26 -5.30 76.08 -1.17
N ASP D 27 -5.24 75.08 -2.03
CA ASP D 27 -4.00 74.34 -2.18
C ASP D 27 -3.78 74.11 -3.64
N PRO D 28 -2.95 74.93 -4.25
CA PRO D 28 -2.86 74.89 -5.70
C PRO D 28 -2.09 73.69 -6.21
N SER D 29 -1.42 72.93 -5.34
CA SER D 29 -0.76 71.70 -5.78
C SER D 29 -1.76 70.61 -6.20
N LEU D 30 -3.05 70.86 -6.10
CA LEU D 30 -4.06 69.85 -6.45
C LEU D 30 -4.44 69.86 -7.93
N LEU D 31 -4.10 70.98 -8.57
CA LEU D 31 -4.33 71.17 -10.00
C LEU D 31 -3.07 70.67 -10.66
N LYS D 32 -3.18 69.60 -11.43
CA LYS D 32 -2.01 69.02 -12.06
C LYS D 32 -2.07 69.10 -13.58
N SER D 33 -0.90 69.00 -14.20
CA SER D 33 -0.76 68.97 -15.65
C SER D 33 0.06 67.75 -16.06
N GLN D 34 0.31 66.86 -15.10
CA GLN D 34 1.03 65.60 -15.36
C GLN D 34 0.26 64.38 -14.86
N CYS D 35 0.74 63.22 -15.28
CA CYS D 35 0.21 61.89 -14.99
C CYS D 35 0.96 61.28 -13.85
N LEU D 36 0.26 60.52 -13.01
CA LEU D 36 0.89 59.72 -11.96
C LEU D 36 1.27 58.33 -12.45
N VAL D 37 2.58 58.12 -12.61
CA VAL D 37 3.11 56.87 -13.11
C VAL D 37 4.26 56.46 -12.22
N ASN D 38 4.12 55.29 -11.59
CA ASN D 38 5.06 54.73 -10.68
C ASN D 38 5.54 55.71 -9.62
N GLY D 39 4.62 56.40 -8.96
CA GLY D 39 5.01 57.30 -7.85
C GLY D 39 5.54 58.66 -8.29
N ARG D 40 5.60 58.89 -9.61
CA ARG D 40 6.15 60.11 -10.19
C ARG D 40 5.13 60.84 -11.04
N TRP D 41 5.26 62.16 -11.14
CA TRP D 41 4.42 62.97 -12.01
C TRP D 41 5.17 63.21 -13.31
N ILE D 42 4.62 62.76 -14.45
CA ILE D 42 5.31 62.81 -15.72
C ILE D 42 4.52 63.51 -16.84
N ASP D 43 5.23 63.93 -17.88
CA ASP D 43 4.60 64.38 -19.13
C ASP D 43 4.79 63.30 -20.16
N ALA D 44 4.12 63.42 -21.30
CA ALA D 44 4.30 62.52 -22.42
C ALA D 44 5.74 62.65 -22.94
N ALA D 45 6.30 61.54 -23.41
CA ALA D 45 7.70 61.51 -23.80
C ALA D 45 7.88 62.42 -25.00
N ASP D 46 6.84 62.58 -25.81
CA ASP D 46 6.88 63.51 -26.94
C ASP D 46 6.28 64.90 -26.62
N GLY D 47 5.93 65.15 -25.38
CA GLY D 47 5.36 66.44 -24.98
C GLY D 47 3.94 66.80 -25.40
N THR D 48 3.28 65.96 -26.19
CA THR D 48 1.89 66.24 -26.56
C THR D 48 0.97 66.27 -25.33
N THR D 49 -0.13 67.01 -25.47
CA THR D 49 -1.02 67.32 -24.36
C THR D 49 -2.46 67.47 -24.85
N ILE D 50 -3.39 67.44 -23.92
CA ILE D 50 -4.81 67.63 -24.18
C ILE D 50 -5.14 68.86 -23.38
N LYS D 51 -5.87 69.79 -23.97
CA LYS D 51 -6.30 70.98 -23.27
C LYS D 51 -7.60 70.63 -22.59
N VAL D 52 -7.79 71.18 -21.40
CA VAL D 52 -9.02 71.04 -20.67
C VAL D 52 -9.67 72.42 -20.52
N THR D 53 -10.84 72.54 -21.14
CA THR D 53 -11.57 73.80 -21.20
C THR D 53 -12.74 73.81 -20.27
N ASN D 54 -13.07 75.01 -19.79
CA ASN D 54 -14.22 75.23 -18.93
C ASN D 54 -15.50 75.47 -19.73
N PRO D 55 -16.46 74.54 -19.66
CA PRO D 55 -17.67 74.71 -20.51
C PRO D 55 -18.55 75.93 -20.21
N ALA D 56 -18.33 76.62 -19.09
CA ALA D 56 -19.18 77.75 -18.71
C ALA D 56 -18.75 79.00 -19.47
N ASP D 57 -17.47 79.06 -19.86
CA ASP D 57 -16.93 80.26 -20.49
C ASP D 57 -15.95 80.00 -21.64
N GLY D 58 -15.34 78.81 -21.68
CA GLY D 58 -14.51 78.40 -22.81
C GLY D 58 -13.01 78.60 -22.56
N SER D 59 -12.65 79.14 -21.42
CA SER D 59 -11.23 79.27 -21.11
C SER D 59 -10.53 77.91 -20.91
N VAL D 60 -9.24 77.89 -21.20
CA VAL D 60 -8.42 76.71 -20.97
C VAL D 60 -7.99 76.72 -19.50
N ILE D 61 -8.34 75.65 -18.78
CA ILE D 61 -7.93 75.50 -17.39
C ILE D 61 -6.48 75.05 -17.29
N GLY D 62 -6.04 74.26 -18.26
CA GLY D 62 -4.70 73.70 -18.18
C GLY D 62 -4.57 72.57 -19.14
N THR D 63 -3.45 71.88 -19.10
CA THR D 63 -3.32 70.74 -19.96
C THR D 63 -2.95 69.53 -19.13
N VAL D 64 -3.09 68.38 -19.78
CA VAL D 64 -2.67 67.09 -19.26
C VAL D 64 -1.99 66.40 -20.44
N PRO D 65 -1.13 65.40 -20.16
CA PRO D 65 -0.43 64.67 -21.20
C PRO D 65 -1.28 63.81 -22.11
N SER D 66 -0.77 63.59 -23.31
CA SER D 66 -1.29 62.56 -24.19
C SER D 66 -0.21 61.47 -24.23
N LEU D 67 -0.30 60.52 -23.30
CA LEU D 67 0.77 59.54 -23.11
C LEU D 67 0.77 58.53 -24.23
N SER D 68 1.94 58.01 -24.55
CA SER D 68 2.07 57.03 -25.62
C SER D 68 1.77 55.67 -25.08
N VAL D 69 1.53 54.74 -26.02
CA VAL D 69 1.32 53.34 -25.67
C VAL D 69 2.55 52.75 -24.92
N ALA D 70 3.76 53.07 -25.40
CA ALA D 70 5.00 52.62 -24.75
C ALA D 70 5.06 53.07 -23.29
N THR D 71 4.58 54.26 -23.01
CA THR D 71 4.52 54.72 -21.64
C THR D 71 3.46 53.95 -20.85
N ILE D 72 2.34 53.60 -21.49
CA ILE D 72 1.32 52.82 -20.83
C ILE D 72 1.88 51.45 -20.44
N LYS D 73 2.62 50.82 -21.37
CA LYS D 73 3.28 49.54 -21.07
C LYS D 73 4.18 49.61 -19.82
N GLU D 74 4.84 50.74 -19.60
CA GLU D 74 5.71 50.88 -18.44
C GLU D 74 4.90 51.05 -17.18
N ALA D 75 3.82 51.84 -17.22
CA ALA D 75 2.90 51.88 -16.08
C ALA D 75 2.45 50.46 -15.74
N ILE D 76 2.15 49.65 -16.74
CA ILE D 76 1.65 48.30 -16.49
C ILE D 76 2.71 47.46 -15.81
N ASP D 77 3.96 47.52 -16.29
CA ASP D 77 5.03 46.82 -15.59
C ASP D 77 5.22 47.36 -14.20
N ALA D 78 5.15 48.69 -14.08
CA ALA D 78 5.23 49.33 -12.77
C ALA D 78 4.12 48.82 -11.80
N SER D 79 2.94 48.56 -12.34
CA SER D 79 1.81 48.09 -11.50
C SER D 79 2.09 46.68 -11.04
N ALA D 80 2.59 45.84 -11.95
CA ALA D 80 2.87 44.45 -11.62
C ALA D 80 3.95 44.40 -10.54
N LYS D 81 4.93 45.28 -10.64
CA LYS D 81 6.02 45.23 -9.67
C LYS D 81 5.55 45.61 -8.25
N ALA D 82 4.64 46.55 -8.17
CA ALA D 82 4.05 47.01 -6.90
C ALA D 82 3.05 46.03 -6.32
N LEU D 83 2.47 45.16 -7.16
CA LEU D 83 1.38 44.29 -6.72
C LEU D 83 1.78 43.50 -5.50
N SER D 84 2.93 42.85 -5.59
CA SER D 84 3.33 41.90 -4.60
C SER D 84 3.38 42.44 -3.17
N GLY D 85 4.02 43.60 -3.02
CA GLY D 85 4.15 44.29 -1.72
C GLY D 85 2.82 44.76 -1.18
N TRP D 86 1.98 45.28 -2.06
CA TRP D 86 0.67 45.77 -1.69
C TRP D 86 -0.25 44.62 -1.24
N ALA D 87 -0.23 43.54 -2.00
CA ALA D 87 -0.99 42.33 -1.65
C ALA D 87 -0.51 41.73 -0.35
N ALA D 88 0.81 41.79 -0.10
CA ALA D 88 1.37 41.16 1.11
C ALA D 88 1.02 41.90 2.36
N LYS D 89 0.66 43.17 2.28
CA LYS D 89 0.16 43.87 3.47
C LYS D 89 -1.04 43.16 4.09
N THR D 90 -1.21 43.34 5.41
CA THR D 90 -2.43 42.93 6.05
C THR D 90 -3.58 43.81 5.53
N ALA D 91 -4.80 43.30 5.64
CA ALA D 91 -5.95 44.14 5.38
C ALA D 91 -5.96 45.36 6.29
N LYS D 92 -5.69 45.16 7.58
CA LYS D 92 -5.69 46.24 8.57
C LYS D 92 -4.84 47.42 8.03
N GLU D 93 -3.69 47.07 7.47
CA GLU D 93 -2.75 48.06 6.96
C GLU D 93 -3.23 48.74 5.69
N ARG D 94 -3.76 47.98 4.75
CA ARG D 94 -4.36 48.62 3.58
C ARG D 94 -5.52 49.51 3.99
N ALA D 95 -6.30 49.08 4.98
CA ALA D 95 -7.48 49.88 5.41
C ALA D 95 -7.08 51.22 5.98
N GLY D 96 -5.97 51.24 6.71
CA GLY D 96 -5.51 52.45 7.36
C GLY D 96 -5.08 53.42 6.28
N ILE D 97 -4.32 52.93 5.29
CA ILE D 97 -3.88 53.77 4.19
C ILE D 97 -5.08 54.35 3.43
N LEU D 98 -6.08 53.51 3.15
CA LEU D 98 -7.29 53.99 2.44
C LEU D 98 -8.07 55.02 3.27
N ARG D 99 -8.21 54.75 4.57
CA ARG D 99 -8.91 55.73 5.44
C ARG D 99 -8.16 57.09 5.47
N LYS D 100 -6.83 57.09 5.34
CA LYS D 100 -6.08 58.36 5.24
C LYS D 100 -6.44 59.03 3.93
N TRP D 101 -6.60 58.23 2.88
CA TRP D 101 -6.94 58.78 1.60
C TRP D 101 -8.31 59.45 1.65
N PHE D 102 -9.26 58.73 2.23
CA PHE D 102 -10.61 59.24 2.49
C PHE D 102 -10.53 60.54 3.31
N ASP D 103 -9.76 60.55 4.39
CA ASP D 103 -9.70 61.73 5.28
C ASP D 103 -9.17 62.93 4.47
N LEU D 104 -8.19 62.70 3.61
CA LEU D 104 -7.61 63.78 2.87
C LEU D 104 -8.56 64.31 1.86
N ILE D 105 -9.38 63.45 1.24
CA ILE D 105 -10.36 63.95 0.27
C ILE D 105 -11.42 64.83 0.95
N ILE D 106 -11.94 64.33 2.08
CA ILE D 106 -12.91 65.08 2.83
C ILE D 106 -12.28 66.43 3.25
N ALA D 107 -11.04 66.46 3.72
CA ALA D 107 -10.41 67.75 4.07
C ALA D 107 -10.27 68.70 2.85
N ASN D 108 -10.02 68.17 1.67
CA ASN D 108 -9.88 69.03 0.52
C ASN D 108 -11.09 69.12 -0.37
N ALA D 109 -12.26 68.82 0.18
CA ALA D 109 -13.49 68.70 -0.63
C ALA D 109 -13.80 69.94 -1.49
N ASP D 110 -13.69 71.12 -0.88
CA ASP D 110 -14.06 72.36 -1.55
C ASP D 110 -13.27 72.58 -2.83
N ASP D 111 -11.96 72.44 -2.70
CA ASP D 111 -11.05 72.61 -3.81
C ASP D 111 -11.22 71.56 -4.91
N ILE D 112 -11.52 70.31 -4.50
CA ILE D 112 -11.76 69.27 -5.51
C ILE D 112 -13.06 69.62 -6.18
N ALA D 113 -13.99 70.14 -5.40
CA ALA D 113 -15.26 70.54 -5.99
C ALA D 113 -15.04 71.66 -6.99
N LEU D 114 -14.20 72.65 -6.65
CA LEU D 114 -13.98 73.79 -7.59
C LEU D 114 -13.35 73.28 -8.90
N ILE D 115 -12.34 72.43 -8.78
CA ILE D 115 -11.73 71.80 -9.97
C ILE D 115 -12.78 71.08 -10.82
N MET D 116 -13.69 70.35 -10.18
CA MET D 116 -14.69 69.59 -10.91
C MET D 116 -15.68 70.50 -11.64
N THR D 117 -16.25 71.47 -10.93
CA THR D 117 -17.20 72.40 -11.56
C THR D 117 -16.57 73.08 -12.76
N SER D 118 -15.31 73.46 -12.62
CA SER D 118 -14.58 74.17 -13.68
C SER D 118 -14.49 73.34 -14.95
N GLU D 119 -14.07 72.09 -14.81
CA GLU D 119 -13.88 71.23 -15.97
C GLU D 119 -15.12 70.55 -16.56
N GLN D 120 -16.10 70.14 -15.75
CA GLN D 120 -17.28 69.50 -16.37
C GLN D 120 -18.58 70.30 -16.34
N GLY D 121 -18.62 71.36 -15.54
CA GLY D 121 -19.69 72.33 -15.60
C GLY D 121 -20.75 72.28 -14.52
N LYS D 122 -20.80 71.23 -13.69
CA LYS D 122 -21.86 71.13 -12.68
C LYS D 122 -21.70 72.17 -11.58
N PRO D 123 -22.80 72.58 -10.93
CA PRO D 123 -22.62 73.54 -9.87
C PRO D 123 -21.75 73.06 -8.73
N LEU D 124 -21.11 74.03 -8.06
CA LEU D 124 -20.31 73.74 -6.88
C LEU D 124 -21.02 72.89 -5.84
N ALA D 125 -22.31 73.13 -5.58
CA ALA D 125 -23.05 72.29 -4.63
C ALA D 125 -23.13 70.83 -5.09
N GLU D 126 -23.40 70.57 -6.39
CA GLU D 126 -23.40 69.17 -6.88
C GLU D 126 -21.99 68.60 -6.81
N ALA D 127 -21.01 69.39 -7.23
CA ALA D 127 -19.61 69.00 -7.18
C ALA D 127 -19.20 68.57 -5.78
N ARG D 128 -19.59 69.35 -4.79
N ARG D 128 -19.60 69.33 -4.78
CA ARG D 128 -19.27 69.02 -3.39
CA ARG D 128 -19.21 68.99 -3.41
C ARG D 128 -19.93 67.71 -2.99
C ARG D 128 -19.94 67.73 -2.93
N GLY D 129 -21.20 67.59 -3.34
CA GLY D 129 -21.97 66.39 -3.10
C GLY D 129 -21.24 65.20 -3.71
N GLU D 130 -20.77 65.32 -4.94
CA GLU D 130 -20.07 64.21 -5.57
C GLU D 130 -18.78 63.86 -4.87
N VAL D 131 -18.00 64.85 -4.46
CA VAL D 131 -16.76 64.54 -3.77
C VAL D 131 -17.00 63.73 -2.47
N LEU D 132 -18.01 64.15 -1.70
CA LEU D 132 -18.40 63.45 -0.50
C LEU D 132 -18.90 62.00 -0.87
N TYR D 133 -19.72 61.87 -1.90
CA TYR D 133 -20.15 60.57 -2.39
C TYR D 133 -18.94 59.72 -2.82
N ALA D 134 -18.08 60.27 -3.66
CA ALA D 134 -16.84 59.62 -4.12
C ALA D 134 -16.02 59.12 -2.96
N ALA D 135 -15.89 59.96 -1.95
CA ALA D 135 -15.11 59.64 -0.79
C ALA D 135 -15.73 58.50 0.01
N SER D 136 -17.06 58.43 0.01
CA SER D 136 -17.73 57.41 0.83
C SER D 136 -17.34 56.01 0.36
N PHE D 137 -16.96 55.88 -0.89
CA PHE D 137 -16.57 54.57 -1.40
C PHE D 137 -15.25 54.14 -0.79
N ILE D 138 -14.38 55.12 -0.53
CA ILE D 138 -13.05 54.79 -0.07
C ILE D 138 -13.16 54.38 1.37
N GLU D 139 -13.98 55.10 2.12
CA GLU D 139 -14.22 54.76 3.50
C GLU D 139 -14.81 53.36 3.60
N TRP D 140 -15.85 53.13 2.82
CA TRP D 140 -16.56 51.86 2.81
C TRP D 140 -15.68 50.63 2.52
N PHE D 141 -14.90 50.70 1.45
CA PHE D 141 -14.04 49.57 1.13
C PHE D 141 -12.81 49.46 2.03
N ALA D 142 -12.40 50.55 2.65
CA ALA D 142 -11.41 50.48 3.72
C ALA D 142 -11.92 49.52 4.78
N GLU D 143 -13.19 49.67 5.14
CA GLU D 143 -13.81 48.82 6.14
C GLU D 143 -14.06 47.41 5.58
N GLU D 144 -14.43 47.30 4.28
CA GLU D 144 -14.58 45.96 3.67
C GLU D 144 -13.29 45.18 3.57
N ALA D 145 -12.16 45.86 3.38
CA ALA D 145 -10.88 45.14 3.30
C ALA D 145 -10.74 44.14 4.45
N LYS D 146 -11.21 44.51 5.62
CA LYS D 146 -11.03 43.67 6.82
C LYS D 146 -12.06 42.53 6.91
N ARG D 147 -13.01 42.51 5.99
CA ARG D 147 -14.16 41.66 5.99
C ARG D 147 -14.23 40.85 4.70
N VAL D 148 -13.08 40.63 4.10
CA VAL D 148 -13.01 39.70 3.01
C VAL D 148 -13.05 38.29 3.64
N TYR D 149 -14.25 37.76 3.81
CA TYR D 149 -14.41 36.51 4.49
C TYR D 149 -14.33 35.31 3.54
N GLY D 150 -13.67 34.23 3.96
CA GLY D 150 -13.72 32.96 3.25
C GLY D 150 -14.68 32.02 3.95
N ASP D 151 -14.73 30.76 3.52
CA ASP D 151 -15.60 29.74 4.12
C ASP D 151 -14.88 28.49 4.51
N THR D 152 -15.51 27.77 5.43
CA THR D 152 -15.31 26.33 5.52
C THR D 152 -16.65 25.64 5.13
N ILE D 153 -16.54 24.49 4.49
CA ILE D 153 -17.71 23.80 3.95
C ILE D 153 -17.57 22.34 4.36
N PRO D 154 -18.68 21.72 4.83
CA PRO D 154 -18.65 20.32 5.21
C PRO D 154 -18.30 19.49 4.01
N ALA D 155 -17.38 18.55 4.25
CA ALA D 155 -16.83 17.74 3.18
C ALA D 155 -17.72 16.54 2.99
N PRO D 156 -18.07 16.22 1.75
CA PRO D 156 -18.81 14.97 1.49
C PRO D 156 -18.10 13.67 1.88
N GLN D 157 -16.78 13.70 1.97
CA GLN D 157 -15.98 12.55 2.36
C GLN D 157 -15.37 12.77 3.74
N ASN D 158 -15.31 11.73 4.55
CA ASN D 158 -14.51 11.79 5.80
C ASN D 158 -13.02 11.87 5.45
N GLY D 159 -12.23 12.45 6.35
CA GLY D 159 -10.81 12.63 6.14
C GLY D 159 -10.44 13.81 5.24
N GLN D 160 -11.42 14.68 4.94
CA GLN D 160 -11.19 15.84 4.12
C GLN D 160 -11.79 17.07 4.73
N ARG D 161 -11.14 18.21 4.52
CA ARG D 161 -11.67 19.49 4.93
C ARG D 161 -11.64 20.45 3.76
N LEU D 162 -12.70 21.22 3.67
CA LEU D 162 -12.90 22.07 2.52
C LEU D 162 -12.83 23.50 2.97
N THR D 163 -11.96 24.29 2.32
CA THR D 163 -11.83 25.71 2.57
C THR D 163 -11.97 26.53 1.32
N VAL D 164 -12.41 27.77 1.49
CA VAL D 164 -12.50 28.75 0.43
C VAL D 164 -11.90 30.06 0.90
N ILE D 165 -10.94 30.58 0.12
CA ILE D 165 -10.34 31.86 0.41
C ILE D 165 -10.45 32.72 -0.80
N ARG D 166 -10.28 34.03 -0.60
CA ARG D 166 -10.42 35.04 -1.64
C ARG D 166 -9.13 35.88 -1.69
N GLN D 167 -8.55 35.97 -2.86
CA GLN D 167 -7.30 36.70 -3.05
C GLN D 167 -7.48 37.68 -4.21
N PRO D 168 -6.65 38.73 -4.28
CA PRO D 168 -6.70 39.80 -5.29
C PRO D 168 -6.48 39.28 -6.72
N VAL D 169 -7.27 39.76 -7.68
CA VAL D 169 -7.15 39.36 -9.07
C VAL D 169 -5.77 39.79 -9.60
N GLY D 170 -5.24 40.90 -9.10
CA GLY D 170 -3.90 41.35 -9.47
C GLY D 170 -3.93 42.74 -10.04
N VAL D 171 -3.32 42.88 -11.20
CA VAL D 171 -3.25 44.20 -11.81
C VAL D 171 -4.51 44.51 -12.55
N THR D 172 -5.12 45.66 -12.26
CA THR D 172 -6.39 45.95 -12.84
C THR D 172 -6.37 47.29 -13.57
N ALA D 173 -7.33 47.48 -14.47
CA ALA D 173 -7.45 48.71 -15.28
C ALA D 173 -8.86 49.30 -15.11
N ALA D 174 -8.96 50.61 -15.02
CA ALA D 174 -10.24 51.30 -14.97
C ALA D 174 -10.32 52.40 -16.03
N ILE D 175 -11.44 52.46 -16.76
CA ILE D 175 -11.69 53.52 -17.73
C ILE D 175 -12.98 54.23 -17.28
N THR D 176 -12.90 55.54 -17.01
CA THR D 176 -13.97 56.30 -16.35
C THR D 176 -14.46 57.51 -17.17
N PRO D 177 -15.73 57.86 -16.99
CA PRO D 177 -16.41 58.85 -17.82
C PRO D 177 -16.31 60.24 -17.24
N TRP D 178 -16.86 61.19 -17.99
CA TRP D 178 -16.82 62.63 -17.61
C TRP D 178 -17.94 63.06 -16.70
N ASN D 179 -19.06 62.35 -16.63
CA ASN D 179 -20.19 62.93 -15.87
C ASN D 179 -20.08 62.90 -14.34
N PHE D 180 -19.32 61.95 -13.82
CA PHE D 180 -18.90 61.91 -12.41
C PHE D 180 -17.43 61.65 -12.38
N PRO D 181 -16.64 62.73 -12.48
CA PRO D 181 -15.22 62.62 -12.69
C PRO D 181 -14.49 62.21 -11.43
N ALA D 182 -15.15 62.28 -10.26
CA ALA D 182 -14.50 61.82 -9.04
C ALA D 182 -15.00 60.43 -8.62
N ALA D 183 -16.33 60.25 -8.57
CA ALA D 183 -16.91 59.10 -7.92
C ALA D 183 -16.68 57.86 -8.82
N MET D 184 -16.61 58.04 -10.12
CA MET D 184 -16.48 56.88 -11.00
C MET D 184 -15.11 56.27 -10.83
N ILE D 185 -14.15 57.06 -10.38
CA ILE D 185 -12.82 56.57 -10.11
C ILE D 185 -12.74 55.86 -8.77
N THR D 186 -13.27 56.49 -7.74
CA THR D 186 -13.22 55.92 -6.41
C THR D 186 -14.01 54.65 -6.28
N ARG D 187 -15.15 54.60 -6.98
CA ARG D 187 -15.97 53.40 -7.08
C ARG D 187 -15.23 52.18 -7.64
N LYS D 188 -14.15 52.40 -8.40
CA LYS D 188 -13.31 51.32 -8.96
C LYS D 188 -12.02 51.14 -8.20
N ALA D 189 -11.35 52.22 -7.80
CA ALA D 189 -10.06 52.10 -7.16
C ALA D 189 -10.14 51.70 -5.68
N ALA D 190 -11.19 52.13 -4.99
CA ALA D 190 -11.33 51.80 -3.59
C ALA D 190 -11.50 50.32 -3.38
N PRO D 191 -12.39 49.64 -4.15
CA PRO D 191 -12.47 48.21 -3.89
C PRO D 191 -11.23 47.43 -4.39
N ALA D 192 -10.68 47.82 -5.55
CA ALA D 192 -9.46 47.23 -6.10
C ALA D 192 -8.32 47.29 -5.07
N LEU D 193 -8.06 48.48 -4.57
CA LEU D 193 -6.94 48.62 -3.65
C LEU D 193 -7.26 47.91 -2.34
N ALA D 194 -8.51 48.03 -1.87
CA ALA D 194 -8.90 47.36 -0.64
C ALA D 194 -8.65 45.85 -0.74
N ALA D 195 -8.94 45.26 -1.91
CA ALA D 195 -8.82 43.82 -2.16
C ALA D 195 -7.36 43.34 -2.19
N GLY D 196 -6.45 44.26 -2.51
CA GLY D 196 -5.02 43.96 -2.58
C GLY D 196 -4.53 44.03 -4.00
N CYS D 197 -5.40 44.52 -4.89
CA CYS D 197 -5.03 44.80 -6.27
C CYS D 197 -4.32 46.15 -6.41
N THR D 198 -3.66 46.30 -7.55
CA THR D 198 -3.19 47.61 -8.04
C THR D 198 -4.10 48.00 -9.19
N MET D 199 -4.08 49.27 -9.59
CA MET D 199 -5.03 49.77 -10.59
C MET D 199 -4.43 50.90 -11.41
N ILE D 200 -4.63 50.85 -12.71
CA ILE D 200 -4.28 51.95 -13.63
C ILE D 200 -5.60 52.55 -14.09
N VAL D 201 -5.80 53.84 -13.80
CA VAL D 201 -7.02 54.56 -14.18
C VAL D 201 -6.76 55.50 -15.36
N ARG D 202 -7.56 55.40 -16.39
CA ARG D 202 -7.61 56.41 -17.45
C ARG D 202 -8.93 57.20 -17.36
N PRO D 203 -8.84 58.48 -16.97
CA PRO D 203 -10.08 59.25 -16.94
C PRO D 203 -10.39 59.87 -18.27
N ALA D 204 -11.62 60.33 -18.40
CA ALA D 204 -12.10 60.89 -19.64
C ALA D 204 -11.31 62.15 -20.01
N ASP D 205 -11.06 62.30 -21.32
CA ASP D 205 -10.40 63.50 -21.86
C ASP D 205 -10.98 64.81 -21.37
N LEU D 206 -12.30 64.90 -21.39
CA LEU D 206 -13.00 66.07 -20.96
C LEU D 206 -12.88 66.45 -19.49
N THR D 207 -12.49 65.52 -18.63
CA THR D 207 -12.50 65.81 -17.20
C THR D 207 -11.38 65.15 -16.39
N PRO D 208 -10.13 65.33 -16.80
CA PRO D 208 -9.10 64.56 -16.13
C PRO D 208 -8.54 65.16 -14.86
N LEU D 209 -8.84 66.43 -14.59
CA LEU D 209 -8.14 67.14 -13.54
C LEU D 209 -8.56 66.66 -12.15
N THR D 210 -9.87 66.37 -12.00
CA THR D 210 -10.38 65.80 -10.77
C THR D 210 -9.65 64.46 -10.49
N ALA D 211 -9.42 63.65 -11.50
CA ALA D 211 -8.70 62.39 -11.24
C ALA D 211 -7.30 62.65 -10.64
N LEU D 212 -6.57 63.57 -11.28
CA LEU D 212 -5.22 63.85 -10.88
C LEU D 212 -5.15 64.46 -9.48
N ALA D 213 -6.19 65.21 -9.12
CA ALA D 213 -6.29 65.70 -7.73
C ALA D 213 -6.41 64.53 -6.72
N LEU D 214 -7.28 63.57 -7.01
CA LEU D 214 -7.41 62.40 -6.17
C LEU D 214 -6.10 61.68 -6.11
N GLY D 215 -5.38 61.73 -7.23
CA GLY D 215 -4.03 61.17 -7.31
C GLY D 215 -3.04 61.81 -6.36
N VAL D 216 -3.07 63.14 -6.28
CA VAL D 216 -2.22 63.88 -5.34
C VAL D 216 -2.51 63.41 -3.90
N LEU D 217 -3.78 63.30 -3.55
CA LEU D 217 -4.11 62.89 -2.18
C LEU D 217 -3.74 61.40 -1.94
N ALA D 218 -3.83 60.58 -3.00
CA ALA D 218 -3.54 59.15 -2.89
C ALA D 218 -2.09 58.96 -2.46
N GLU D 219 -1.20 59.65 -3.16
CA GLU D 219 0.21 59.74 -2.80
C GLU D 219 0.37 60.20 -1.35
N LYS D 220 -0.23 61.35 -1.05
CA LYS D 220 -0.17 61.88 0.31
C LYS D 220 -0.57 60.85 1.38
N ALA D 221 -1.58 60.05 1.02
CA ALA D 221 -2.14 59.01 1.89
C ALA D 221 -1.18 57.89 2.22
N GLY D 222 -0.10 57.77 1.48
CA GLY D 222 0.77 56.62 1.64
C GLY D 222 0.42 55.45 0.72
N ILE D 223 -0.33 55.69 -0.33
CA ILE D 223 -0.51 54.65 -1.34
C ILE D 223 0.80 54.53 -2.11
N PRO D 224 1.48 53.35 -2.01
CA PRO D 224 2.78 53.14 -2.61
C PRO D 224 2.87 53.34 -4.12
N ALA D 225 4.06 53.74 -4.54
CA ALA D 225 4.42 53.91 -5.93
C ALA D 225 3.98 52.69 -6.75
N GLY D 226 3.25 52.95 -7.80
CA GLY D 226 2.79 51.89 -8.71
C GLY D 226 1.48 51.23 -8.34
N VAL D 227 1.03 51.33 -7.07
CA VAL D 227 -0.24 50.75 -6.64
C VAL D 227 -1.44 51.44 -7.32
N LEU D 228 -1.50 52.78 -7.30
CA LEU D 228 -2.47 53.52 -8.09
C LEU D 228 -1.74 54.37 -9.12
N GLN D 229 -2.24 54.39 -10.35
CA GLN D 229 -1.65 55.23 -11.40
C GLN D 229 -2.77 55.84 -12.27
N ILE D 230 -2.53 57.09 -12.70
CA ILE D 230 -3.49 57.84 -13.49
C ILE D 230 -2.80 58.25 -14.80
N VAL D 231 -3.34 57.77 -15.91
CA VAL D 231 -2.77 58.03 -17.22
C VAL D 231 -3.83 58.71 -18.10
N THR D 232 -3.42 59.75 -18.81
CA THR D 232 -4.30 60.45 -19.73
C THR D 232 -3.76 60.26 -21.15
N GLY D 233 -4.67 60.27 -22.11
CA GLY D 233 -4.32 60.09 -23.49
C GLY D 233 -5.48 59.57 -24.30
N LYS D 234 -5.20 59.26 -25.57
CA LYS D 234 -6.21 58.79 -26.50
C LYS D 234 -6.88 57.49 -26.00
N ALA D 235 -8.21 57.51 -26.00
CA ALA D 235 -9.00 56.40 -25.46
C ALA D 235 -8.74 55.08 -26.17
N ARG D 236 -8.84 55.08 -27.51
CA ARG D 236 -8.76 53.84 -28.29
C ARG D 236 -7.43 53.16 -28.08
N GLU D 237 -6.37 53.95 -28.18
CA GLU D 237 -5.03 53.46 -28.05
C GLU D 237 -4.71 52.95 -26.64
N ILE D 238 -5.03 53.73 -25.62
CA ILE D 238 -4.77 53.34 -24.24
C ILE D 238 -5.61 52.13 -23.83
N GLY D 239 -6.87 52.14 -24.19
CA GLY D 239 -7.77 51.02 -23.91
C GLY D 239 -7.45 49.75 -24.69
N ALA D 240 -6.96 49.89 -25.93
CA ALA D 240 -6.45 48.69 -26.66
C ALA D 240 -5.30 48.06 -25.91
N GLU D 241 -4.39 48.89 -25.38
CA GLU D 241 -3.22 48.34 -24.69
C GLU D 241 -3.66 47.70 -23.38
N LEU D 242 -4.54 48.38 -22.64
CA LEU D 242 -4.97 47.90 -21.36
C LEU D 242 -5.71 46.59 -21.50
N THR D 243 -6.43 46.41 -22.62
CA THR D 243 -7.21 45.23 -22.80
C THR D 243 -6.45 44.08 -23.49
N SER D 244 -5.29 44.35 -24.06
CA SER D 244 -4.55 43.30 -24.70
C SER D 244 -3.27 42.93 -23.92
N ASN D 245 -2.86 43.75 -22.96
CA ASN D 245 -1.69 43.40 -22.15
C ASN D 245 -1.99 42.30 -21.10
N ASP D 246 -1.25 41.19 -21.20
CA ASP D 246 -1.44 39.95 -20.44
C ASP D 246 -1.41 40.18 -18.95
N THR D 247 -0.66 41.18 -18.55
CA THR D 247 -0.46 41.49 -17.16
C THR D 247 -1.73 41.98 -16.47
N VAL D 248 -2.57 42.70 -17.24
CA VAL D 248 -3.81 43.25 -16.73
C VAL D 248 -4.83 42.13 -16.69
N ARG D 249 -5.34 41.85 -15.50
CA ARG D 249 -6.25 40.74 -15.30
C ARG D 249 -7.73 41.09 -15.13
N LYS D 250 -8.02 42.37 -14.96
CA LYS D 250 -9.39 42.84 -14.88
C LYS D 250 -9.48 44.25 -15.48
N LEU D 251 -10.56 44.51 -16.20
CA LEU D 251 -10.94 45.85 -16.63
C LEU D 251 -12.29 46.25 -16.01
N SER D 252 -12.39 47.47 -15.51
CA SER D 252 -13.69 47.99 -15.08
C SER D 252 -13.91 49.26 -15.88
N PHE D 253 -15.05 49.35 -16.59
CA PHE D 253 -15.38 50.50 -17.46
C PHE D 253 -16.80 50.97 -17.26
N THR D 254 -16.94 52.31 -17.17
CA THR D 254 -18.24 52.96 -17.11
C THR D 254 -18.24 53.97 -18.24
N GLY D 255 -19.28 53.89 -19.07
CA GLY D 255 -19.37 54.77 -20.24
C GLY D 255 -20.39 54.23 -21.23
N SER D 256 -20.17 54.50 -22.51
CA SER D 256 -21.18 54.19 -23.51
C SER D 256 -21.24 52.71 -23.74
N THR D 257 -22.45 52.25 -24.06
CA THR D 257 -22.70 50.87 -24.40
C THR D 257 -21.87 50.41 -25.57
N GLU D 258 -21.79 51.26 -26.58
CA GLU D 258 -21.00 51.00 -27.78
C GLU D 258 -19.55 50.70 -27.45
N VAL D 259 -18.97 51.48 -26.55
CA VAL D 259 -17.57 51.28 -26.15
C VAL D 259 -17.44 50.04 -25.23
N GLY D 260 -18.41 49.84 -24.32
CA GLY D 260 -18.47 48.60 -23.52
C GLY D 260 -18.45 47.32 -24.37
N ARG D 261 -19.25 47.30 -25.45
CA ARG D 261 -19.29 46.16 -26.33
C ARG D 261 -17.89 45.88 -26.92
N LEU D 262 -17.20 46.94 -27.34
CA LEU D 262 -15.84 46.80 -27.86
C LEU D 262 -14.81 46.33 -26.81
N LEU D 263 -14.84 46.95 -25.64
CA LEU D 263 -13.89 46.62 -24.57
C LEU D 263 -14.07 45.13 -24.20
N MET D 264 -15.32 44.66 -24.08
CA MET D 264 -15.58 43.25 -23.76
C MET D 264 -15.03 42.31 -24.81
N ALA D 265 -15.17 42.65 -26.09
CA ALA D 265 -14.62 41.79 -27.18
C ALA D 265 -13.09 41.80 -27.12
N GLN D 266 -12.55 42.99 -26.87
CA GLN D 266 -11.11 43.19 -26.64
C GLN D 266 -10.50 42.40 -25.49
N CYS D 267 -11.28 42.20 -24.42
CA CYS D 267 -10.90 41.29 -23.31
C CYS D 267 -10.93 39.80 -23.62
N ALA D 268 -11.65 39.40 -24.66
CA ALA D 268 -11.94 38.00 -24.90
C ALA D 268 -10.71 37.14 -25.14
N PRO D 269 -9.69 37.64 -25.90
CA PRO D 269 -8.57 36.74 -26.25
C PRO D 269 -7.79 36.31 -25.00
N THR D 270 -7.86 37.08 -23.91
CA THR D 270 -7.29 36.65 -22.63
C THR D 270 -8.29 36.40 -21.50
N ILE D 271 -9.57 36.27 -21.83
CA ILE D 271 -10.55 35.82 -20.84
C ILE D 271 -10.47 36.77 -19.63
N LYS D 272 -10.28 38.06 -19.90
CA LYS D 272 -10.14 39.02 -18.82
C LYS D 272 -11.41 39.15 -17.97
N ARG D 273 -11.25 39.31 -16.68
CA ARG D 273 -12.35 39.68 -15.81
C ARG D 273 -12.79 41.07 -16.22
N ILE D 274 -14.08 41.36 -16.07
CA ILE D 274 -14.63 42.58 -16.59
C ILE D 274 -15.92 43.01 -15.86
N SER D 275 -15.93 44.28 -15.42
CA SER D 275 -17.10 44.98 -14.92
C SER D 275 -17.43 46.13 -15.91
N LEU D 276 -18.70 46.28 -16.23
CA LEU D 276 -19.18 47.32 -17.14
C LEU D 276 -20.42 47.97 -16.51
N GLU D 277 -20.48 49.30 -16.52
CA GLU D 277 -21.74 50.04 -16.30
C GLU D 277 -21.99 51.00 -17.47
N LEU D 278 -23.06 50.75 -18.21
CA LEU D 278 -23.20 51.30 -19.55
C LEU D 278 -24.45 52.21 -19.72
N GLY D 279 -25.11 52.11 -20.87
CA GLY D 279 -26.29 52.92 -21.12
C GLY D 279 -27.46 52.50 -20.26
N GLY D 280 -28.32 53.46 -19.99
CA GLY D 280 -29.59 53.21 -19.34
C GLY D 280 -30.65 53.74 -20.28
N ASN D 281 -31.90 53.57 -19.95
CA ASN D 281 -32.93 54.37 -20.62
C ASN D 281 -34.01 54.42 -19.58
N ALA D 282 -33.72 55.11 -18.49
CA ALA D 282 -34.44 55.00 -17.23
C ALA D 282 -35.89 55.46 -17.32
N PRO D 283 -36.83 54.55 -17.01
CA PRO D 283 -38.23 54.96 -16.90
C PRO D 283 -38.55 55.46 -15.50
N PHE D 284 -39.34 56.53 -15.39
CA PHE D 284 -39.76 57.12 -14.10
C PHE D 284 -41.32 57.11 -14.17
N ILE D 285 -41.96 56.32 -13.30
CA ILE D 285 -43.38 55.97 -13.46
C ILE D 285 -44.20 56.56 -12.32
N VAL D 286 -45.24 57.30 -12.71
CA VAL D 286 -46.12 57.98 -11.74
C VAL D 286 -47.52 57.43 -11.91
N PHE D 287 -47.98 56.70 -10.89
CA PHE D 287 -49.25 56.02 -10.91
C PHE D 287 -50.32 56.97 -10.36
N ASP D 288 -51.61 56.75 -10.67
CA ASP D 288 -52.65 57.65 -10.14
C ASP D 288 -52.67 57.71 -8.66
N ASP D 289 -52.13 56.72 -7.94
CA ASP D 289 -52.18 56.79 -6.49
C ASP D 289 -50.86 57.22 -5.88
N ALA D 290 -49.96 57.77 -6.69
CA ALA D 290 -48.71 58.33 -6.13
C ALA D 290 -49.01 59.45 -5.16
N ASP D 291 -48.05 59.80 -4.30
CA ASP D 291 -48.00 61.10 -3.64
C ASP D 291 -47.45 62.03 -4.72
N LEU D 292 -48.29 62.94 -5.21
CA LEU D 292 -48.02 63.55 -6.50
C LEU D 292 -46.93 64.57 -6.41
N ASP D 293 -46.88 65.35 -5.34
CA ASP D 293 -45.85 66.34 -5.19
C ASP D 293 -44.51 65.67 -4.91
N ALA D 294 -44.53 64.63 -4.06
CA ALA D 294 -43.35 63.80 -3.89
C ALA D 294 -42.84 63.35 -5.24
N ALA D 295 -43.72 62.82 -6.07
CA ALA D 295 -43.32 62.37 -7.38
C ALA D 295 -42.73 63.49 -8.26
N VAL D 296 -43.27 64.71 -8.13
CA VAL D 296 -42.72 65.86 -8.87
C VAL D 296 -41.33 66.19 -8.32
N ASP D 297 -41.18 66.18 -7.02
CA ASP D 297 -39.83 66.40 -6.50
C ASP D 297 -38.83 65.30 -6.90
N GLY D 298 -39.34 64.07 -7.09
CA GLY D 298 -38.51 62.95 -7.43
C GLY D 298 -38.06 63.08 -8.86
N ALA D 299 -39.01 63.50 -9.69
CA ALA D 299 -38.74 63.75 -11.11
C ALA D 299 -37.72 64.89 -11.29
N MET D 300 -37.80 65.94 -10.47
CA MET D 300 -36.93 67.11 -10.68
C MET D 300 -35.53 66.64 -10.44
N VAL D 301 -35.38 65.81 -9.40
CA VAL D 301 -34.06 65.38 -8.95
C VAL D 301 -33.45 64.31 -9.86
N SER D 302 -34.25 63.41 -10.40
CA SER D 302 -33.70 62.38 -11.26
C SER D 302 -33.55 62.85 -12.69
N LYS D 303 -34.38 63.79 -13.13
CA LYS D 303 -34.21 64.36 -14.47
C LYS D 303 -33.18 65.49 -14.53
N TYR D 304 -33.14 66.39 -13.56
CA TYR D 304 -32.35 67.64 -13.75
C TYR D 304 -31.01 67.76 -12.98
N ARG D 305 -30.65 66.80 -12.13
CA ARG D 305 -29.29 66.81 -11.56
C ARG D 305 -28.30 66.66 -12.73
N ASN D 306 -27.19 67.38 -12.65
CA ASN D 306 -26.14 67.29 -13.65
C ASN D 306 -26.72 67.63 -15.03
N ALA D 307 -27.72 68.49 -15.07
CA ALA D 307 -28.29 68.87 -16.36
C ALA D 307 -28.77 67.65 -17.12
N GLY D 308 -29.24 66.63 -16.40
CA GLY D 308 -29.71 65.39 -17.05
C GLY D 308 -28.64 64.52 -17.70
N GLN D 309 -27.38 64.73 -17.32
CA GLN D 309 -26.26 64.03 -17.93
C GLN D 309 -25.75 62.81 -17.11
N THR D 310 -26.51 62.30 -16.13
CA THR D 310 -26.13 61.07 -15.39
C THR D 310 -26.68 59.85 -16.11
N CYS D 311 -26.13 58.70 -15.69
N CYS D 311 -26.17 58.65 -15.86
CA CYS D 311 -26.40 57.38 -16.27
CA CYS D 311 -26.71 57.51 -16.64
C CYS D 311 -27.82 56.91 -15.94
C CYS D 311 -27.87 56.79 -15.94
N VAL D 312 -28.15 57.16 -14.68
CA VAL D 312 -29.39 56.81 -14.01
C VAL D 312 -30.49 57.90 -14.08
N CYS D 313 -30.35 58.87 -14.98
CA CYS D 313 -31.32 59.97 -15.04
C CYS D 313 -32.59 59.45 -15.67
N ALA D 314 -33.73 60.00 -15.26
CA ALA D 314 -35.00 59.65 -15.87
C ALA D 314 -34.93 60.06 -17.34
N ASN D 315 -35.22 59.14 -18.27
CA ASN D 315 -35.21 59.46 -19.69
C ASN D 315 -36.61 59.41 -20.25
N ARG D 316 -37.48 58.61 -19.61
CA ARG D 316 -38.87 58.46 -20.00
C ARG D 316 -39.73 58.59 -18.78
N ILE D 317 -40.55 59.64 -18.70
CA ILE D 317 -41.36 59.88 -17.52
C ILE D 317 -42.77 59.45 -17.88
N TYR D 318 -43.20 58.31 -17.34
CA TYR D 318 -44.50 57.72 -17.63
C TYR D 318 -45.48 58.18 -16.55
N VAL D 319 -46.61 58.75 -16.98
CA VAL D 319 -47.60 59.33 -16.01
C VAL D 319 -49.00 58.82 -16.39
N GLN D 320 -49.64 58.23 -15.37
CA GLN D 320 -50.94 57.61 -15.52
C GLN D 320 -51.96 58.69 -15.87
N ARG D 321 -52.87 58.31 -16.77
CA ARG D 321 -53.80 59.22 -17.44
C ARG D 321 -54.51 60.14 -16.46
N GLY D 322 -54.93 59.58 -15.34
CA GLY D 322 -55.70 60.31 -14.33
C GLY D 322 -55.01 61.47 -13.73
N VAL D 323 -53.67 61.47 -13.70
CA VAL D 323 -52.93 62.55 -13.04
C VAL D 323 -51.91 63.28 -13.94
N TYR D 324 -51.93 62.94 -15.21
CA TYR D 324 -50.98 63.44 -16.21
C TYR D 324 -50.96 64.95 -16.24
N ASP D 325 -52.10 65.54 -16.60
CA ASP D 325 -52.16 67.00 -16.75
C ASP D 325 -51.76 67.65 -15.43
N LYS D 326 -52.23 67.12 -14.31
CA LYS D 326 -51.92 67.72 -13.02
C LYS D 326 -50.44 67.55 -12.65
N PHE D 327 -49.85 66.41 -13.00
CA PHE D 327 -48.41 66.25 -12.81
C PHE D 327 -47.66 67.20 -13.73
N ALA D 328 -48.03 67.26 -15.00
CA ALA D 328 -47.33 68.12 -15.99
C ALA D 328 -47.35 69.57 -15.53
N GLU D 329 -48.50 70.03 -15.05
CA GLU D 329 -48.63 71.35 -14.45
C GLU D 329 -47.63 71.61 -13.34
N LYS D 330 -47.58 70.71 -12.36
CA LYS D 330 -46.70 70.86 -11.18
C LYS D 330 -45.24 70.75 -11.58
N LEU D 331 -44.94 69.88 -12.53
CA LEU D 331 -43.54 69.81 -13.01
C LEU D 331 -43.13 71.18 -13.68
N ALA D 332 -44.01 71.69 -14.54
CA ALA D 332 -43.77 73.00 -15.22
C ALA D 332 -43.46 74.11 -14.21
N ALA D 333 -44.18 74.19 -13.10
CA ALA D 333 -43.85 75.21 -12.09
C ALA D 333 -42.42 75.15 -11.61
N LYS D 334 -41.89 73.94 -11.39
CA LYS D 334 -40.57 73.74 -10.82
C LYS D 334 -39.47 73.96 -11.84
N VAL D 335 -39.66 73.45 -13.03
CA VAL D 335 -38.69 73.66 -14.07
C VAL D 335 -38.44 75.16 -14.19
N LYS D 336 -39.53 75.93 -14.30
CA LYS D 336 -39.46 77.40 -14.47
C LYS D 336 -38.56 78.11 -13.43
N GLU D 337 -38.46 77.56 -12.22
CA GLU D 337 -37.63 78.18 -11.20
C GLU D 337 -36.14 77.80 -11.30
N LEU D 338 -35.79 76.97 -12.27
CA LEU D 338 -34.42 76.49 -12.34
C LEU D 338 -33.45 77.59 -12.81
N LYS D 339 -32.56 78.04 -11.93
CA LYS D 339 -31.53 79.00 -12.32
C LYS D 339 -30.41 78.31 -13.13
N VAL D 340 -30.30 78.68 -14.40
CA VAL D 340 -29.22 78.23 -15.29
C VAL D 340 -28.07 79.22 -15.25
N GLY D 341 -26.84 78.73 -15.20
CA GLY D 341 -25.65 79.59 -15.19
C GLY D 341 -24.28 78.92 -14.92
N ASN D 342 -23.25 79.75 -14.80
CA ASN D 342 -21.90 79.30 -14.48
C ASN D 342 -21.99 78.63 -13.14
N GLY D 343 -21.39 77.44 -13.01
CA GLY D 343 -21.57 76.64 -11.81
C GLY D 343 -21.07 77.25 -10.53
N THR D 344 -20.14 78.20 -10.65
CA THR D 344 -19.53 78.84 -9.50
C THR D 344 -20.38 79.98 -8.96
N GLU D 345 -21.52 80.21 -9.63
CA GLU D 345 -22.46 81.30 -9.31
C GLU D 345 -23.50 80.96 -8.24
N PRO D 346 -23.56 81.74 -7.18
CA PRO D 346 -24.60 81.46 -6.19
C PRO D 346 -25.98 81.24 -6.79
N GLY D 347 -26.63 80.17 -6.36
CA GLY D 347 -27.96 79.86 -6.80
C GLY D 347 -28.10 79.14 -8.13
N VAL D 348 -27.02 79.03 -8.92
CA VAL D 348 -27.13 78.28 -10.18
C VAL D 348 -27.33 76.79 -9.85
N VAL D 349 -28.38 76.18 -10.38
CA VAL D 349 -28.61 74.75 -10.19
C VAL D 349 -28.49 73.97 -11.50
N ILE D 350 -28.38 74.68 -12.63
CA ILE D 350 -28.15 74.07 -13.92
C ILE D 350 -26.95 74.74 -14.58
N GLY D 351 -25.90 73.95 -14.83
CA GLY D 351 -24.70 74.44 -15.51
C GLY D 351 -24.83 74.30 -17.01
N PRO D 352 -23.74 74.58 -17.75
CA PRO D 352 -23.67 74.29 -19.18
C PRO D 352 -23.71 72.80 -19.44
N MET D 353 -24.05 72.40 -20.65
CA MET D 353 -23.83 71.04 -21.06
C MET D 353 -22.38 70.89 -21.43
N ILE D 354 -21.92 69.66 -21.63
CA ILE D 354 -20.49 69.39 -21.59
C ILE D 354 -19.85 69.66 -22.92
N GLU D 355 -20.60 69.54 -24.00
CA GLU D 355 -20.02 69.69 -25.33
C GLU D 355 -21.18 69.97 -26.28
N GLU D 356 -20.88 70.52 -27.46
CA GLU D 356 -21.94 70.95 -28.40
C GLU D 356 -22.73 69.77 -28.92
N LYS D 357 -22.02 68.68 -29.22
CA LYS D 357 -22.61 67.37 -29.59
C LYS D 357 -23.86 67.06 -28.74
N ALA D 358 -23.72 67.27 -27.43
CA ALA D 358 -24.80 67.02 -26.50
C ALA D 358 -26.03 67.92 -26.79
N ILE D 359 -25.84 69.22 -27.01
CA ILE D 359 -26.96 70.09 -27.38
C ILE D 359 -27.64 69.62 -28.67
N THR D 360 -26.84 69.18 -29.63
CA THR D 360 -27.36 68.78 -30.90
C THR D 360 -28.37 67.65 -30.69
N LYS D 361 -27.99 66.67 -29.89
CA LYS D 361 -28.86 65.52 -29.62
C LYS D 361 -30.11 65.97 -28.85
N VAL D 362 -29.93 66.77 -27.81
CA VAL D 362 -31.11 67.26 -27.09
C VAL D 362 -32.04 67.93 -28.06
N LYS D 363 -31.49 68.71 -28.99
CA LYS D 363 -32.33 69.36 -30.00
C LYS D 363 -33.03 68.41 -30.95
N ALA D 364 -32.33 67.39 -31.41
CA ALA D 364 -32.90 66.36 -32.21
C ALA D 364 -34.08 65.64 -31.53
N HIS D 365 -34.02 65.50 -30.21
CA HIS D 365 -35.07 64.80 -29.46
C HIS D 365 -36.30 65.67 -29.42
N ILE D 366 -36.11 66.94 -29.19
CA ILE D 366 -37.23 67.87 -29.26
C ILE D 366 -37.86 67.90 -30.66
N GLU D 367 -37.06 67.83 -31.72
CA GLU D 367 -37.58 68.03 -33.10
C GLU D 367 -38.38 66.82 -33.47
N ASP D 368 -37.81 65.65 -33.23
CA ASP D 368 -38.51 64.42 -33.54
C ASP D 368 -39.85 64.35 -32.79
N ALA D 369 -39.81 64.69 -31.51
CA ALA D 369 -40.98 64.57 -30.65
C ALA D 369 -42.11 65.47 -31.18
N VAL D 370 -41.80 66.75 -31.42
CA VAL D 370 -42.82 67.70 -31.89
C VAL D 370 -43.34 67.29 -33.27
N SER D 371 -42.45 66.80 -34.13
CA SER D 371 -42.89 66.38 -35.46
C SER D 371 -43.83 65.17 -35.40
N LYS D 372 -43.74 64.37 -34.35
CA LYS D 372 -44.70 63.29 -34.17
C LYS D 372 -45.85 63.65 -33.22
N GLY D 373 -46.01 64.95 -32.90
CA GLY D 373 -47.20 65.42 -32.18
C GLY D 373 -47.01 65.90 -30.76
N ALA D 374 -45.81 65.68 -30.24
CA ALA D 374 -45.49 66.16 -28.92
C ALA D 374 -45.57 67.66 -28.89
N LYS D 375 -46.01 68.20 -27.77
CA LYS D 375 -45.92 69.64 -27.53
C LYS D 375 -44.81 70.00 -26.56
N LEU D 376 -44.07 71.07 -26.86
CA LEU D 376 -42.98 71.54 -26.01
C LEU D 376 -43.51 72.61 -25.09
N ILE D 377 -44.07 72.21 -23.95
CA ILE D 377 -44.79 73.17 -23.12
C ILE D 377 -43.88 74.14 -22.41
N THR D 378 -42.58 73.86 -22.36
CA THR D 378 -41.68 74.77 -21.66
C THR D 378 -40.21 74.58 -22.01
N GLY D 379 -39.44 75.68 -21.94
CA GLY D 379 -38.01 75.73 -22.31
C GLY D 379 -37.62 75.00 -23.59
N GLY D 380 -36.43 74.40 -23.59
CA GLY D 380 -36.01 73.52 -24.68
C GLY D 380 -35.30 74.25 -25.81
N LYS D 381 -34.47 75.23 -25.45
CA LYS D 381 -33.81 76.05 -26.45
C LYS D 381 -32.44 76.54 -25.98
N GLU D 382 -31.53 76.77 -26.95
CA GLU D 382 -30.20 77.34 -26.70
C GLU D 382 -30.29 78.64 -25.91
N LEU D 383 -29.40 78.83 -24.94
CA LEU D 383 -29.27 80.10 -24.25
C LEU D 383 -27.89 80.74 -24.58
N GLY D 384 -27.19 80.19 -25.58
CA GLY D 384 -25.85 80.64 -25.92
C GLY D 384 -24.77 79.81 -25.26
N GLY D 385 -23.62 79.75 -25.90
CA GLY D 385 -22.52 78.92 -25.43
C GLY D 385 -23.02 77.49 -25.36
N LEU D 386 -22.72 76.81 -24.25
CA LEU D 386 -23.18 75.43 -24.06
C LEU D 386 -24.35 75.35 -23.09
N PHE D 387 -24.93 76.50 -22.73
CA PHE D 387 -26.08 76.56 -21.87
C PHE D 387 -27.32 76.25 -22.69
N PHE D 388 -28.27 75.54 -22.10
CA PHE D 388 -29.45 75.00 -22.79
C PHE D 388 -30.57 74.90 -21.77
N GLU D 389 -31.75 75.38 -22.14
CA GLU D 389 -32.81 75.63 -21.14
C GLU D 389 -33.60 74.37 -20.79
N PRO D 390 -33.70 74.05 -19.48
CA PRO D 390 -34.56 72.96 -19.04
C PRO D 390 -35.92 73.01 -19.70
N GLY D 391 -36.32 71.92 -20.35
CA GLY D 391 -37.61 71.81 -21.01
C GLY D 391 -38.49 70.64 -20.61
N ILE D 392 -39.75 70.66 -21.07
CA ILE D 392 -40.72 69.58 -20.86
C ILE D 392 -41.53 69.39 -22.13
N LEU D 393 -41.71 68.14 -22.51
CA LEU D 393 -42.59 67.73 -23.58
C LEU D 393 -43.80 66.92 -23.06
N THR D 394 -44.99 67.27 -23.55
CA THR D 394 -46.18 66.46 -23.33
C THR D 394 -46.54 65.77 -24.60
N GLY D 395 -47.41 64.78 -24.44
CA GLY D 395 -47.86 63.97 -25.56
C GLY D 395 -46.81 63.05 -26.14
N VAL D 396 -45.72 62.83 -25.39
CA VAL D 396 -44.66 61.90 -25.85
C VAL D 396 -45.20 60.47 -25.96
N THR D 397 -44.76 59.74 -26.98
CA THR D 397 -45.24 58.41 -27.31
C THR D 397 -44.08 57.45 -27.69
N SER D 398 -44.39 56.17 -27.71
CA SER D 398 -43.39 55.14 -27.90
C SER D 398 -42.70 55.15 -29.25
N ASP D 399 -43.26 55.83 -30.25
CA ASP D 399 -42.63 55.79 -31.58
C ASP D 399 -41.73 57.01 -31.76
N MET D 400 -41.57 57.81 -30.71
CA MET D 400 -40.62 58.90 -30.78
C MET D 400 -39.23 58.45 -30.38
N LEU D 401 -38.26 59.28 -30.75
CA LEU D 401 -36.85 58.94 -30.59
C LEU D 401 -36.49 58.82 -29.13
N VAL D 402 -36.94 59.76 -28.31
CA VAL D 402 -36.56 59.73 -26.92
C VAL D 402 -37.01 58.45 -26.20
N ALA D 403 -37.94 57.70 -26.78
CA ALA D 403 -38.37 56.39 -26.23
C ALA D 403 -37.31 55.31 -26.28
N LYS D 404 -36.42 55.36 -27.26
CA LYS D 404 -35.38 54.33 -27.43
C LYS D 404 -33.95 54.86 -27.21
N GLU D 405 -33.79 56.18 -27.21
CA GLU D 405 -32.47 56.78 -27.02
C GLU D 405 -32.43 57.71 -25.82
N GLU D 406 -31.32 57.71 -25.09
CA GLU D 406 -31.08 58.64 -23.99
C GLU D 406 -30.77 60.04 -24.50
N THR D 407 -31.58 61.02 -24.10
CA THR D 407 -31.36 62.43 -24.38
C THR D 407 -30.04 62.92 -23.76
N PHE D 408 -29.80 62.56 -22.50
CA PHE D 408 -28.63 62.97 -21.75
C PHE D 408 -28.60 64.50 -21.60
N GLY D 409 -29.77 65.06 -21.47
CA GLY D 409 -29.92 66.47 -21.25
C GLY D 409 -31.15 66.78 -20.41
N PRO D 410 -31.37 68.07 -20.13
CA PRO D 410 -32.41 68.57 -19.22
C PRO D 410 -33.78 68.73 -19.90
N LEU D 411 -34.27 67.61 -20.42
CA LEU D 411 -35.52 67.51 -21.10
C LEU D 411 -36.39 66.41 -20.48
N ALA D 412 -37.60 66.77 -20.04
CA ALA D 412 -38.56 65.81 -19.47
C ALA D 412 -39.65 65.45 -20.49
N PRO D 413 -39.59 64.25 -21.11
CA PRO D 413 -40.69 63.80 -21.93
C PRO D 413 -41.73 62.99 -21.18
N LEU D 414 -42.94 63.51 -21.17
CA LEU D 414 -44.03 62.92 -20.45
C LEU D 414 -44.89 62.03 -21.34
N PHE D 415 -44.79 60.73 -21.06
CA PHE D 415 -45.57 59.73 -21.75
C PHE D 415 -46.76 59.47 -20.85
N ALA D 416 -47.97 59.36 -21.44
CA ALA D 416 -49.18 58.96 -20.74
C ALA D 416 -49.36 57.47 -20.83
N PHE D 417 -49.97 56.86 -19.81
CA PHE D 417 -50.38 55.46 -19.92
C PHE D 417 -51.69 55.18 -19.22
N ASP D 418 -52.34 54.09 -19.62
CA ASP D 418 -53.58 53.68 -18.96
C ASP D 418 -53.42 52.63 -17.86
N THR D 419 -52.73 51.53 -18.13
CA THR D 419 -52.65 50.48 -17.13
C THR D 419 -51.22 50.12 -16.66
N GLU D 420 -51.14 49.58 -15.44
CA GLU D 420 -49.92 49.03 -14.90
C GLU D 420 -49.27 48.06 -15.90
N GLU D 421 -50.06 47.17 -16.44
CA GLU D 421 -49.53 46.18 -17.35
C GLU D 421 -48.90 46.82 -18.59
N GLU D 422 -49.57 47.83 -19.15
CA GLU D 422 -49.01 48.51 -20.32
C GLU D 422 -47.74 49.27 -19.99
N VAL D 423 -47.71 49.95 -18.85
CA VAL D 423 -46.52 50.70 -18.50
C VAL D 423 -45.30 49.80 -18.12
N ILE D 424 -45.54 48.62 -17.55
CA ILE D 424 -44.46 47.71 -17.27
C ILE D 424 -43.85 47.26 -18.61
N ALA D 425 -44.72 46.89 -19.54
CA ALA D 425 -44.31 46.45 -20.87
C ALA D 425 -43.47 47.51 -21.56
N GLN D 426 -43.90 48.76 -21.48
CA GLN D 426 -43.18 49.86 -22.12
C GLN D 426 -41.87 50.16 -21.40
N ALA D 427 -41.91 50.19 -20.07
CA ALA D 427 -40.72 50.37 -19.28
C ALA D 427 -39.59 49.40 -19.74
N ASN D 428 -39.95 48.12 -19.88
CA ASN D 428 -39.02 47.03 -20.13
C ASN D 428 -38.67 46.85 -21.62
N ASP D 429 -39.28 47.68 -22.48
CA ASP D 429 -39.13 47.53 -23.92
C ASP D 429 -37.92 48.33 -24.39
N THR D 430 -36.78 47.82 -24.00
CA THR D 430 -35.53 48.47 -24.25
C THR D 430 -34.44 47.41 -24.08
N ILE D 431 -33.30 47.65 -24.70
CA ILE D 431 -32.14 46.81 -24.49
C ILE D 431 -31.48 47.07 -23.11
N PHE D 432 -31.84 48.15 -22.44
CA PHE D 432 -31.13 48.58 -21.25
C PHE D 432 -31.83 48.12 -19.97
N GLY D 433 -31.18 48.36 -18.84
CA GLY D 433 -31.70 47.94 -17.56
C GLY D 433 -30.83 48.39 -16.41
N LEU D 434 -30.54 49.66 -16.41
CA LEU D 434 -29.74 50.28 -15.39
C LEU D 434 -30.65 50.67 -14.20
N ALA D 435 -31.21 51.87 -14.23
CA ALA D 435 -32.06 52.37 -13.13
C ALA D 435 -33.47 52.58 -13.61
N ALA D 436 -34.41 52.46 -12.68
CA ALA D 436 -35.83 52.84 -12.91
C ALA D 436 -36.39 53.37 -11.62
N TYR D 437 -37.52 54.08 -11.74
CA TYR D 437 -38.17 54.74 -10.61
C TYR D 437 -39.66 54.63 -10.70
N PHE D 438 -40.35 54.52 -9.57
CA PHE D 438 -41.79 54.57 -9.64
C PHE D 438 -42.37 55.14 -8.36
N TYR D 439 -43.57 55.69 -8.46
CA TYR D 439 -44.19 56.39 -7.35
C TYR D 439 -45.61 55.83 -7.18
N THR D 440 -45.87 55.21 -6.04
CA THR D 440 -47.16 54.64 -5.72
C THR D 440 -47.20 54.51 -4.22
N GLU D 441 -48.41 54.59 -3.68
CA GLU D 441 -48.61 54.48 -2.22
C GLU D 441 -49.15 53.11 -1.83
N ASN D 442 -49.55 52.35 -2.81
CA ASN D 442 -50.09 51.04 -2.55
C ASN D 442 -48.97 49.97 -2.34
N PHE D 443 -49.09 49.26 -1.22
CA PHE D 443 -48.15 48.18 -0.89
C PHE D 443 -48.03 47.08 -1.94
N SER D 444 -49.15 46.54 -2.36
CA SER D 444 -49.15 45.46 -3.33
C SER D 444 -48.57 45.88 -4.70
N ARG D 445 -48.87 47.12 -5.09
CA ARG D 445 -48.31 47.64 -6.36
C ARG D 445 -46.79 47.82 -6.29
N ALA D 446 -46.29 48.24 -5.14
CA ALA D 446 -44.86 48.36 -4.92
C ALA D 446 -44.12 47.00 -5.13
N ILE D 447 -44.70 45.91 -4.64
CA ILE D 447 -44.14 44.62 -4.84
C ILE D 447 -44.14 44.25 -6.30
N ARG D 448 -45.32 44.32 -6.92
CA ARG D 448 -45.46 43.93 -8.31
C ARG D 448 -44.53 44.70 -9.26
N VAL D 449 -44.57 46.03 -9.19
CA VAL D 449 -43.83 46.88 -10.15
C VAL D 449 -42.32 46.77 -9.88
N SER D 450 -41.91 46.82 -8.60
CA SER D 450 -40.51 46.70 -8.30
C SER D 450 -39.94 45.39 -8.78
N GLU D 451 -40.70 44.29 -8.70
CA GLU D 451 -40.19 43.05 -9.13
C GLU D 451 -40.27 42.89 -10.66
N ALA D 452 -41.30 43.50 -11.25
CA ALA D 452 -41.49 43.35 -12.70
C ALA D 452 -40.50 44.15 -13.52
N LEU D 453 -39.92 45.19 -12.97
CA LEU D 453 -39.09 46.08 -13.74
C LEU D 453 -37.72 45.45 -13.96
N GLU D 454 -37.33 45.31 -15.23
CA GLU D 454 -36.07 44.65 -15.60
C GLU D 454 -34.88 45.61 -15.51
N TYR D 455 -34.55 45.94 -14.28
CA TYR D 455 -33.53 46.91 -13.93
C TYR D 455 -32.68 46.41 -12.75
N GLY D 456 -31.42 46.80 -12.71
CA GLY D 456 -30.58 46.57 -11.56
C GLY D 456 -30.85 47.39 -10.30
N MET D 457 -31.34 48.60 -10.50
CA MET D 457 -31.70 49.49 -9.40
C MET D 457 -33.06 50.11 -9.63
N VAL D 458 -33.83 50.16 -8.56
CA VAL D 458 -35.19 50.67 -8.62
C VAL D 458 -35.45 51.61 -7.45
N GLY D 459 -35.80 52.85 -7.74
CA GLY D 459 -36.21 53.76 -6.70
C GLY D 459 -37.71 53.74 -6.58
N HIS D 460 -38.19 53.61 -5.35
CA HIS D 460 -39.61 53.55 -5.13
C HIS D 460 -39.92 54.72 -4.26
N ASN D 461 -40.76 55.60 -4.80
CA ASN D 461 -41.15 56.86 -4.13
C ASN D 461 -39.94 57.72 -3.78
N THR D 462 -38.86 57.57 -4.53
CA THR D 462 -37.72 58.45 -4.35
C THR D 462 -36.96 58.55 -5.67
N GLY D 463 -36.37 59.72 -5.96
CA GLY D 463 -35.56 59.90 -7.15
C GLY D 463 -34.08 59.79 -6.81
N LEU D 464 -33.78 59.56 -5.54
CA LEU D 464 -32.40 59.61 -5.08
C LEU D 464 -32.02 58.28 -4.49
N ILE D 465 -31.24 57.50 -5.20
CA ILE D 465 -31.00 56.11 -4.80
C ILE D 465 -29.50 55.84 -4.57
N SER D 466 -28.66 56.88 -4.71
CA SER D 466 -27.21 56.72 -4.74
C SER D 466 -26.58 56.70 -3.39
N ASN D 467 -25.75 55.69 -3.13
CA ASN D 467 -24.97 55.66 -1.93
C ASN D 467 -23.87 54.62 -2.15
N GLU D 468 -23.04 54.38 -1.13
CA GLU D 468 -21.94 53.44 -1.20
C GLU D 468 -22.28 52.04 -0.64
N VAL D 469 -23.44 51.89 0.02
CA VAL D 469 -23.75 50.68 0.84
C VAL D 469 -24.58 49.62 0.09
N ALA D 470 -25.22 50.05 -0.98
CA ALA D 470 -26.03 49.22 -1.83
C ALA D 470 -25.32 48.93 -3.18
N PRO D 471 -25.75 47.85 -3.88
CA PRO D 471 -25.04 47.47 -5.11
C PRO D 471 -25.64 48.11 -6.34
N PHE D 472 -24.75 48.75 -7.07
CA PHE D 472 -25.10 49.59 -8.20
C PHE D 472 -24.59 48.92 -9.46
N GLY D 473 -25.46 48.82 -10.45
CA GLY D 473 -25.10 48.24 -11.70
C GLY D 473 -26.32 47.88 -12.48
N GLY D 474 -26.13 47.25 -13.61
CA GLY D 474 -27.24 47.00 -14.50
C GLY D 474 -27.47 45.55 -14.88
N VAL D 475 -28.60 45.34 -15.55
CA VAL D 475 -28.95 44.07 -16.20
C VAL D 475 -29.04 44.31 -17.72
N LYS D 476 -29.18 43.25 -18.49
CA LYS D 476 -29.31 43.36 -19.94
C LYS D 476 -28.06 44.07 -20.46
N GLN D 477 -28.21 45.02 -21.41
CA GLN D 477 -27.05 45.70 -21.93
C GLN D 477 -26.58 46.91 -21.10
N SER D 478 -27.09 47.07 -19.88
CA SER D 478 -26.56 48.12 -18.99
C SER D 478 -25.31 47.76 -18.21
N GLY D 479 -24.85 46.50 -18.24
CA GLY D 479 -23.52 46.14 -17.77
C GLY D 479 -23.38 44.82 -17.01
N LEU D 480 -22.23 44.68 -16.33
CA LEU D 480 -21.80 43.48 -15.64
C LEU D 480 -21.19 43.91 -14.35
N GLY D 481 -21.53 43.21 -13.27
CA GLY D 481 -20.91 43.49 -11.98
C GLY D 481 -21.66 44.54 -11.22
N ARG D 482 -21.22 44.78 -9.99
CA ARG D 482 -21.87 45.76 -9.15
C ARG D 482 -20.79 46.54 -8.43
N GLU D 483 -21.11 47.79 -8.09
CA GLU D 483 -20.22 48.66 -7.35
C GLU D 483 -20.88 49.12 -6.06
N GLY D 484 -20.05 49.43 -5.08
CA GLY D 484 -20.52 49.67 -3.74
C GLY D 484 -20.94 48.37 -3.07
N SER D 485 -21.25 48.51 -1.77
CA SER D 485 -21.86 47.45 -1.00
C SER D 485 -20.98 46.28 -0.65
N LYS D 486 -21.60 45.37 0.11
CA LYS D 486 -21.20 43.99 0.37
C LYS D 486 -20.66 43.25 -0.85
N TYR D 487 -21.15 43.60 -2.04
CA TYR D 487 -20.88 42.84 -3.27
C TYR D 487 -19.77 43.42 -4.14
N GLY D 488 -19.29 44.61 -3.82
CA GLY D 488 -18.38 45.33 -4.69
C GLY D 488 -16.96 44.77 -4.73
N ILE D 489 -16.44 44.34 -3.58
CA ILE D 489 -15.03 43.96 -3.51
C ILE D 489 -14.78 42.62 -4.28
N GLU D 490 -15.79 41.77 -4.33
CA GLU D 490 -15.65 40.49 -5.02
C GLU D 490 -15.29 40.63 -6.51
N GLU D 491 -15.57 41.78 -7.08
CA GLU D 491 -15.22 42.04 -8.48
C GLU D 491 -13.74 42.11 -8.66
N TYR D 492 -13.02 42.27 -7.53
CA TYR D 492 -11.57 42.39 -7.58
C TYR D 492 -10.85 41.20 -6.88
N LEU D 493 -11.60 40.15 -6.61
CA LEU D 493 -11.09 38.99 -5.91
C LEU D 493 -11.27 37.74 -6.76
N GLU D 494 -10.37 36.78 -6.58
CA GLU D 494 -10.59 35.43 -7.11
C GLU D 494 -10.91 34.48 -6.00
N THR D 495 -11.87 33.61 -6.23
CA THR D 495 -12.22 32.53 -5.30
C THR D 495 -11.28 31.32 -5.48
N LYS D 496 -10.71 30.82 -4.38
CA LYS D 496 -9.90 29.60 -4.40
C LYS D 496 -10.48 28.56 -3.44
N TYR D 497 -10.78 27.39 -3.99
CA TYR D 497 -11.32 26.24 -3.23
C TYR D 497 -10.15 25.37 -2.88
N ILE D 498 -9.94 25.12 -1.57
CA ILE D 498 -8.90 24.17 -1.16
C ILE D 498 -9.54 22.96 -0.52
N CYS D 499 -9.13 21.81 -1.02
CA CYS D 499 -9.57 20.51 -0.50
C CYS D 499 -8.39 19.82 0.07
N SER D 500 -8.35 19.67 1.40
CA SER D 500 -7.28 19.03 2.13
C SER D 500 -7.66 17.69 2.77
N ALA D 501 -6.90 16.65 2.44
CA ALA D 501 -7.01 15.35 3.09
C ALA D 501 -6.11 15.37 4.30
N TYR D 502 -6.56 14.74 5.38
CA TYR D 502 -5.72 14.63 6.55
C TYR D 502 -5.90 13.17 7.09
N LYS D 503 -4.93 12.77 7.88
CA LYS D 503 -4.92 11.46 8.59
C LYS D 503 -5.74 11.54 9.84
N ARG D 504 -6.83 10.78 9.87
CA ARG D 504 -7.72 10.70 11.01
C ARG D 504 -7.06 9.84 12.10
N MET E 22 54.17 -42.93 37.61
CA MET E 22 53.66 -42.07 36.50
C MET E 22 53.95 -42.73 35.15
N LEU E 23 53.08 -42.42 34.19
CA LEU E 23 53.16 -42.91 32.81
C LEU E 23 54.35 -42.33 32.07
N ALA E 24 54.97 -43.12 31.21
CA ALA E 24 56.09 -42.61 30.42
C ALA E 24 55.60 -41.63 29.31
N LEU E 25 54.88 -40.56 29.69
CA LEU E 25 54.28 -39.62 28.72
C LEU E 25 55.27 -38.53 28.36
N LYS E 26 55.43 -38.25 27.06
CA LYS E 26 56.23 -37.12 26.57
C LYS E 26 55.67 -35.75 26.94
N ASP E 27 54.38 -35.69 27.22
CA ASP E 27 53.73 -34.47 27.60
C ASP E 27 52.72 -34.82 28.68
N PRO E 28 53.18 -34.83 29.95
CA PRO E 28 52.40 -35.11 31.15
C PRO E 28 51.07 -34.36 31.28
N SER E 29 50.96 -33.16 30.71
CA SER E 29 49.73 -32.38 30.75
C SER E 29 48.52 -33.00 29.98
N LEU E 30 48.75 -34.02 29.18
CA LEU E 30 47.65 -34.69 28.49
C LEU E 30 46.89 -35.57 29.47
N LEU E 31 47.54 -35.92 30.58
CA LEU E 31 46.89 -36.68 31.65
C LEU E 31 46.17 -35.73 32.60
N LYS E 32 44.86 -35.85 32.68
CA LYS E 32 44.03 -34.95 33.48
C LYS E 32 43.25 -35.65 34.59
N SER E 33 42.91 -34.86 35.61
CA SER E 33 42.10 -35.34 36.69
C SER E 33 40.98 -34.35 36.94
N GLN E 34 40.66 -33.60 35.88
CA GLN E 34 39.61 -32.60 35.92
C GLN E 34 38.74 -32.63 34.63
N CYS E 35 37.54 -32.07 34.73
CA CYS E 35 36.60 -31.92 33.61
C CYS E 35 36.81 -30.59 32.87
N LEU E 36 36.49 -30.57 31.59
CA LEU E 36 36.55 -29.36 30.81
C LEU E 36 35.18 -28.78 30.80
N VAL E 37 34.98 -27.69 31.55
CA VAL E 37 33.69 -27.04 31.62
C VAL E 37 33.90 -25.56 31.34
N ASN E 38 33.18 -25.05 30.34
CA ASN E 38 33.26 -23.65 29.93
C ASN E 38 34.70 -23.12 29.83
N GLY E 39 35.58 -23.90 29.20
CA GLY E 39 37.00 -23.51 29.01
C GLY E 39 37.89 -23.56 30.25
N ARG E 40 37.33 -24.02 31.37
CA ARG E 40 38.05 -24.19 32.62
C ARG E 40 38.17 -25.67 32.93
N TRP E 41 39.25 -26.04 33.58
CA TRP E 41 39.39 -27.40 34.10
C TRP E 41 39.02 -27.46 35.57
N ILE E 42 37.99 -28.21 35.92
CA ILE E 42 37.39 -28.12 37.23
C ILE E 42 37.30 -29.49 37.90
N ASP E 43 37.10 -29.43 39.23
CA ASP E 43 36.77 -30.59 40.06
C ASP E 43 35.31 -30.50 40.44
N ALA E 44 34.75 -31.58 40.99
CA ALA E 44 33.37 -31.55 41.46
C ALA E 44 33.28 -30.58 42.63
N ALA E 45 32.11 -29.97 42.79
CA ALA E 45 31.90 -28.91 43.77
C ALA E 45 32.20 -29.44 45.17
N ASP E 46 31.76 -30.68 45.42
CA ASP E 46 31.94 -31.38 46.67
C ASP E 46 33.18 -32.24 46.70
N GLY E 47 34.01 -32.18 45.65
CA GLY E 47 35.31 -32.84 45.67
C GLY E 47 35.37 -34.34 45.41
N THR E 48 34.20 -34.97 45.27
CA THR E 48 34.15 -36.43 45.06
C THR E 48 34.70 -36.83 43.70
N THR E 49 35.08 -38.10 43.55
CA THR E 49 35.78 -38.55 42.35
C THR E 49 35.58 -40.03 42.01
N ILE E 50 35.99 -40.37 40.80
CA ILE E 50 35.98 -41.72 40.27
C ILE E 50 37.44 -42.09 40.10
N LYS E 51 37.85 -43.25 40.57
CA LYS E 51 39.21 -43.72 40.33
C LYS E 51 39.24 -44.47 39.02
N VAL E 52 40.37 -44.38 38.30
CA VAL E 52 40.58 -45.05 37.01
C VAL E 52 41.71 -46.07 37.10
N THR E 53 41.39 -47.35 36.96
CA THR E 53 42.35 -48.40 37.26
C THR E 53 42.82 -49.09 36.01
N ASN E 54 44.12 -49.38 35.96
CA ASN E 54 44.71 -50.16 34.89
C ASN E 54 44.22 -51.61 35.02
N PRO E 55 43.60 -52.13 33.95
CA PRO E 55 43.19 -53.52 34.06
C PRO E 55 44.32 -54.54 33.89
N ALA E 56 45.51 -54.17 33.43
CA ALA E 56 46.61 -55.15 33.31
C ALA E 56 47.18 -55.62 34.69
N ASP E 57 46.92 -54.84 35.75
CA ASP E 57 47.66 -54.98 37.01
C ASP E 57 47.02 -54.26 38.20
N GLY E 58 45.77 -53.86 38.10
CA GLY E 58 45.06 -53.23 39.19
C GLY E 58 45.53 -51.87 39.69
N SER E 59 46.67 -51.37 39.21
CA SER E 59 47.17 -50.05 39.65
C SER E 59 46.18 -48.91 39.38
N VAL E 60 46.07 -47.96 40.32
CA VAL E 60 45.26 -46.75 40.14
C VAL E 60 46.03 -45.74 39.28
N ILE E 61 45.43 -45.29 38.18
CA ILE E 61 46.13 -44.39 37.28
C ILE E 61 45.96 -42.97 37.75
N GLY E 62 44.79 -42.69 38.31
CA GLY E 62 44.44 -41.34 38.69
C GLY E 62 42.95 -41.31 38.86
N THR E 63 42.43 -40.13 39.15
CA THR E 63 41.01 -39.91 39.38
C THR E 63 40.44 -38.84 38.43
N VAL E 64 39.12 -38.75 38.40
CA VAL E 64 38.47 -37.67 37.67
C VAL E 64 37.29 -37.27 38.51
N PRO E 65 36.77 -36.06 38.29
CA PRO E 65 35.70 -35.64 39.17
C PRO E 65 34.49 -36.48 38.99
N SER E 66 33.58 -36.38 39.95
CA SER E 66 32.30 -36.99 39.78
C SER E 66 31.33 -35.87 39.96
N LEU E 67 30.96 -35.24 38.86
CA LEU E 67 30.29 -33.97 38.92
C LEU E 67 28.82 -34.09 39.25
N SER E 68 28.30 -33.06 39.89
CA SER E 68 26.95 -33.06 40.36
C SER E 68 26.07 -32.61 39.24
N VAL E 69 24.78 -32.82 39.39
CA VAL E 69 23.80 -32.43 38.40
C VAL E 69 23.70 -30.91 38.26
N ALA E 70 24.02 -30.20 39.35
CA ALA E 70 24.00 -28.74 39.32
C ALA E 70 25.17 -28.26 38.44
N THR E 71 26.34 -28.90 38.57
CA THR E 71 27.44 -28.59 37.66
C THR E 71 27.02 -28.87 36.23
N ILE E 72 26.29 -29.97 36.01
CA ILE E 72 25.92 -30.37 34.65
C ILE E 72 25.00 -29.32 34.08
N LYS E 73 24.08 -28.84 34.91
CA LYS E 73 23.20 -27.76 34.52
C LYS E 73 24.03 -26.54 34.13
N GLU E 74 25.06 -26.20 34.87
CA GLU E 74 25.91 -25.07 34.48
C GLU E 74 26.64 -25.28 33.13
N ALA E 75 27.11 -26.51 32.89
CA ALA E 75 27.75 -26.90 31.63
C ALA E 75 26.78 -26.65 30.49
N ILE E 76 25.50 -26.96 30.72
CA ILE E 76 24.49 -26.86 29.67
C ILE E 76 24.23 -25.39 29.29
N ASP E 77 24.08 -24.55 30.33
CA ASP E 77 24.05 -23.08 30.18
C ASP E 77 25.29 -22.58 29.44
N ALA E 78 26.47 -23.06 29.81
CA ALA E 78 27.69 -22.59 29.17
C ALA E 78 27.72 -22.97 27.68
N SER E 79 27.16 -24.13 27.36
CA SER E 79 27.09 -24.59 25.98
C SER E 79 26.14 -23.69 25.18
N ALA E 80 24.97 -23.40 25.75
CA ALA E 80 24.00 -22.52 25.13
C ALA E 80 24.60 -21.15 24.87
N LYS E 81 25.34 -20.66 25.83
CA LYS E 81 25.96 -19.36 25.68
C LYS E 81 27.01 -19.36 24.52
N ALA E 82 27.77 -20.45 24.35
CA ALA E 82 28.84 -20.48 23.32
C ALA E 82 28.33 -20.72 21.90
N LEU E 83 27.07 -21.16 21.78
CA LEU E 83 26.51 -21.65 20.50
C LEU E 83 26.38 -20.56 19.46
N SER E 84 25.81 -19.42 19.85
CA SER E 84 25.68 -18.29 18.97
C SER E 84 26.89 -18.00 18.18
N GLY E 85 27.97 -17.64 18.88
CA GLY E 85 29.20 -17.27 18.24
C GLY E 85 29.88 -18.39 17.45
N TRP E 86 29.76 -19.62 17.93
CA TRP E 86 30.35 -20.76 17.21
C TRP E 86 29.57 -20.96 15.91
N ALA E 87 28.24 -20.85 15.98
CA ALA E 87 27.36 -21.05 14.81
C ALA E 87 27.48 -19.91 13.80
N ALA E 88 27.81 -18.70 14.28
CA ALA E 88 28.04 -17.51 13.46
C ALA E 88 29.37 -17.51 12.67
N LYS E 89 30.37 -18.20 13.15
CA LYS E 89 31.57 -18.45 12.35
C LYS E 89 31.22 -18.96 10.94
N THR E 90 32.10 -18.68 9.98
CA THR E 90 31.98 -19.32 8.70
C THR E 90 32.40 -20.80 8.85
N ALA E 91 31.95 -21.59 7.89
CA ALA E 91 32.32 -23.01 7.83
C ALA E 91 33.83 -23.11 7.76
N LYS E 92 34.43 -22.25 6.94
CA LYS E 92 35.87 -22.25 6.71
C LYS E 92 36.65 -22.13 8.02
N GLU E 93 36.16 -21.29 8.94
CA GLU E 93 36.85 -21.04 10.19
CA GLU E 93 36.93 -21.08 10.14
C GLU E 93 36.66 -22.18 11.15
N ARG E 94 35.44 -22.70 11.22
CA ARG E 94 35.26 -23.89 12.04
C ARG E 94 36.16 -25.01 11.49
N ALA E 95 36.26 -25.13 10.17
CA ALA E 95 37.10 -26.14 9.50
C ALA E 95 38.54 -26.01 9.93
N GLY E 96 39.06 -24.79 9.95
CA GLY E 96 40.46 -24.54 10.30
C GLY E 96 40.74 -24.87 11.74
N ILE E 97 39.78 -24.57 12.62
CA ILE E 97 39.96 -24.93 14.03
C ILE E 97 39.95 -26.47 14.14
N LEU E 98 39.06 -27.11 13.41
CA LEU E 98 38.93 -28.56 13.57
C LEU E 98 40.18 -29.24 13.02
N ARG E 99 40.73 -28.75 11.91
CA ARG E 99 41.98 -29.31 11.40
C ARG E 99 43.17 -29.12 12.34
N LYS E 100 43.24 -28.00 13.05
CA LYS E 100 44.24 -27.83 14.13
C LYS E 100 44.15 -28.96 15.13
N TRP E 101 42.93 -29.33 15.49
CA TRP E 101 42.71 -30.33 16.55
C TRP E 101 43.16 -31.68 16.04
N PHE E 102 42.76 -31.96 14.81
CA PHE E 102 43.21 -33.13 14.13
C PHE E 102 44.72 -33.15 14.14
N ASP E 103 45.36 -32.11 13.65
CA ASP E 103 46.83 -32.12 13.58
C ASP E 103 47.50 -32.29 14.98
N LEU E 104 46.93 -31.65 15.99
CA LEU E 104 47.38 -31.83 17.35
C LEU E 104 47.26 -33.28 17.77
N ILE E 105 46.14 -33.95 17.46
CA ILE E 105 45.94 -35.32 17.91
C ILE E 105 46.97 -36.23 17.23
N ILE E 106 47.21 -36.02 15.94
CA ILE E 106 48.23 -36.81 15.26
C ILE E 106 49.60 -36.55 15.91
N ALA E 107 49.94 -35.28 16.12
CA ALA E 107 51.20 -34.94 16.76
C ALA E 107 51.33 -35.61 18.13
N ASN E 108 50.24 -35.80 18.87
CA ASN E 108 50.31 -36.43 20.20
C ASN E 108 49.88 -37.89 20.28
N ALA E 109 49.97 -38.61 19.19
CA ALA E 109 49.33 -39.91 19.08
C ALA E 109 49.87 -40.90 20.12
N ASP E 110 51.18 -40.99 20.22
CA ASP E 110 51.80 -42.00 21.08
C ASP E 110 51.38 -41.87 22.53
N ASP E 111 51.39 -40.64 23.05
CA ASP E 111 50.96 -40.37 24.42
C ASP E 111 49.48 -40.72 24.60
N ILE E 112 48.64 -40.36 23.64
CA ILE E 112 47.21 -40.64 23.77
C ILE E 112 47.04 -42.15 23.79
N ALA E 113 47.71 -42.86 22.89
CA ALA E 113 47.70 -44.32 22.86
C ALA E 113 48.11 -44.94 24.22
N LEU E 114 49.05 -44.30 24.92
CA LEU E 114 49.55 -44.86 26.20
C LEU E 114 48.51 -44.68 27.29
N ILE E 115 47.93 -43.49 27.37
CA ILE E 115 46.82 -43.25 28.28
C ILE E 115 45.69 -44.24 28.00
N MET E 116 45.45 -44.53 26.73
CA MET E 116 44.34 -45.41 26.37
C MET E 116 44.62 -46.87 26.76
N THR E 117 45.77 -47.39 26.36
CA THR E 117 46.15 -48.75 26.74
C THR E 117 46.09 -48.87 28.28
N SER E 118 46.60 -47.86 28.96
CA SER E 118 46.67 -47.88 30.40
C SER E 118 45.30 -48.02 31.07
N GLU E 119 44.32 -47.19 30.71
CA GLU E 119 43.02 -47.28 31.34
C GLU E 119 42.09 -48.38 30.77
N GLN E 120 42.30 -48.80 29.53
CA GLN E 120 41.30 -49.71 28.96
C GLN E 120 41.82 -51.11 28.61
N GLY E 121 43.09 -51.27 28.22
CA GLY E 121 43.71 -52.60 28.18
C GLY E 121 44.29 -53.03 26.86
N LYS E 122 43.73 -52.52 25.75
CA LYS E 122 44.16 -52.93 24.45
C LYS E 122 45.63 -52.69 24.22
N PRO E 123 46.27 -53.51 23.40
CA PRO E 123 47.70 -53.31 23.15
C PRO E 123 47.98 -51.94 22.54
N LEU E 124 49.21 -51.47 22.67
CA LEU E 124 49.61 -50.14 22.22
C LEU E 124 49.36 -49.90 20.76
N ALA E 125 49.69 -50.88 19.91
CA ALA E 125 49.48 -50.75 18.49
C ALA E 125 48.02 -50.53 18.17
N GLU E 126 47.11 -51.23 18.86
CA GLU E 126 45.67 -51.02 18.71
C GLU E 126 45.30 -49.62 19.16
N ALA E 127 45.88 -49.18 20.28
CA ALA E 127 45.56 -47.88 20.83
C ALA E 127 46.03 -46.81 19.87
N ARG E 128 47.17 -47.03 19.23
CA ARG E 128 47.67 -46.08 18.23
CA ARG E 128 47.65 -46.06 18.25
C ARG E 128 46.76 -46.06 17.01
N GLY E 129 46.34 -47.24 16.57
CA GLY E 129 45.44 -47.37 15.44
C GLY E 129 44.15 -46.62 15.69
N GLU E 130 43.61 -46.72 16.90
CA GLU E 130 42.33 -46.08 17.22
C GLU E 130 42.47 -44.59 17.20
N VAL E 131 43.59 -44.11 17.73
CA VAL E 131 43.85 -42.71 17.80
C VAL E 131 43.88 -42.11 16.38
N LEU E 132 44.56 -42.78 15.44
CA LEU E 132 44.62 -42.30 14.05
C LEU E 132 43.24 -42.35 13.41
N TYR E 133 42.49 -43.42 13.71
CA TYR E 133 41.13 -43.66 13.21
C TYR E 133 40.17 -42.58 13.78
N ALA E 134 40.28 -42.34 15.08
CA ALA E 134 39.55 -41.27 15.73
C ALA E 134 39.87 -39.89 15.11
N ALA E 135 41.14 -39.62 14.91
CA ALA E 135 41.55 -38.37 14.35
C ALA E 135 40.93 -38.19 12.96
N SER E 136 40.76 -39.27 12.20
CA SER E 136 40.27 -39.17 10.82
C SER E 136 38.85 -38.59 10.73
N PHE E 137 38.07 -38.79 11.77
CA PHE E 137 36.73 -38.22 11.80
C PHE E 137 36.82 -36.69 11.90
N ILE E 138 37.73 -36.19 12.74
CA ILE E 138 37.96 -34.76 12.88
C ILE E 138 38.37 -34.18 11.53
N GLU E 139 39.33 -34.81 10.86
CA GLU E 139 39.76 -34.37 9.56
C GLU E 139 38.58 -34.35 8.62
N TRP E 140 37.83 -35.44 8.60
CA TRP E 140 36.78 -35.62 7.64
C TRP E 140 35.68 -34.58 7.75
N PHE E 141 35.23 -34.33 8.95
CA PHE E 141 34.15 -33.41 9.18
C PHE E 141 34.57 -31.91 9.12
N ALA E 142 35.87 -31.66 9.33
CA ALA E 142 36.45 -30.36 9.08
C ALA E 142 36.26 -30.04 7.62
N GLU E 143 36.47 -31.04 6.77
CA GLU E 143 36.23 -30.91 5.32
C GLU E 143 34.75 -30.88 5.00
N GLU E 144 33.93 -31.67 5.72
CA GLU E 144 32.49 -31.63 5.45
C GLU E 144 31.86 -30.32 5.87
N ALA E 145 32.48 -29.57 6.78
CA ALA E 145 31.84 -28.34 7.26
C ALA E 145 31.59 -27.37 6.07
N LYS E 146 32.51 -27.42 5.12
CA LYS E 146 32.52 -26.51 3.97
C LYS E 146 31.58 -27.07 2.90
N ARG E 147 31.04 -28.25 3.14
CA ARG E 147 30.19 -28.95 2.16
C ARG E 147 28.81 -29.25 2.66
N VAL E 148 28.31 -28.46 3.59
CA VAL E 148 26.90 -28.50 4.00
C VAL E 148 26.09 -27.78 2.94
N TYR E 149 25.65 -28.52 1.94
CA TYR E 149 24.96 -27.94 0.84
C TYR E 149 23.43 -27.96 1.03
N GLY E 150 22.76 -26.84 0.79
CA GLY E 150 21.32 -26.78 0.67
C GLY E 150 20.95 -26.97 -0.78
N ASP E 151 19.71 -26.65 -1.12
CA ASP E 151 19.13 -26.97 -2.42
C ASP E 151 18.33 -25.80 -2.93
N THR E 152 18.13 -25.79 -4.25
CA THR E 152 17.00 -25.09 -4.87
C THR E 152 16.10 -26.10 -5.58
N ILE E 153 14.79 -25.87 -5.53
CA ILE E 153 13.84 -26.80 -6.07
C ILE E 153 12.88 -26.03 -6.98
N PRO E 154 12.63 -26.58 -8.17
CA PRO E 154 11.71 -25.91 -9.07
C PRO E 154 10.31 -25.81 -8.41
N ALA E 155 9.74 -24.62 -8.47
CA ALA E 155 8.49 -24.32 -7.79
C ALA E 155 7.36 -24.74 -8.65
N PRO E 156 6.37 -25.40 -8.06
CA PRO E 156 5.12 -25.72 -8.77
C PRO E 156 4.28 -24.49 -9.19
N GLN E 157 4.51 -23.35 -8.58
CA GLN E 157 3.83 -22.11 -8.93
C GLN E 157 4.79 -21.12 -9.57
N ASN E 158 4.35 -20.43 -10.60
CA ASN E 158 5.07 -19.24 -11.08
C ASN E 158 5.14 -18.18 -9.98
N GLY E 159 6.19 -17.40 -9.94
CA GLY E 159 6.30 -16.31 -8.96
C GLY E 159 6.74 -16.72 -7.57
N GLN E 160 7.18 -17.96 -7.46
CA GLN E 160 7.72 -18.48 -6.23
C GLN E 160 9.07 -19.20 -6.45
N ARG E 161 9.94 -19.14 -5.46
CA ARG E 161 11.22 -19.80 -5.50
C ARG E 161 11.41 -20.67 -4.25
N LEU E 162 11.77 -21.94 -4.46
CA LEU E 162 11.99 -22.84 -3.33
C LEU E 162 13.47 -23.13 -2.99
N THR E 163 13.81 -22.88 -1.74
CA THR E 163 15.15 -23.11 -1.21
C THR E 163 15.12 -24.01 0.03
N VAL E 164 16.18 -24.79 0.22
CA VAL E 164 16.37 -25.57 1.43
C VAL E 164 17.74 -25.31 1.97
N ILE E 165 17.82 -24.91 3.22
CA ILE E 165 19.10 -24.77 3.89
C ILE E 165 19.14 -25.69 5.10
N ARG E 166 20.34 -25.79 5.65
CA ARG E 166 20.59 -26.64 6.79
C ARG E 166 21.40 -25.87 7.78
N GLN E 167 21.01 -25.95 9.05
CA GLN E 167 21.55 -25.16 10.15
C GLN E 167 21.75 -26.05 11.39
N PRO E 168 22.70 -25.70 12.26
CA PRO E 168 22.97 -26.51 13.47
C PRO E 168 21.73 -26.73 14.29
N VAL E 169 21.57 -27.98 14.74
CA VAL E 169 20.53 -28.33 15.67
C VAL E 169 20.62 -27.51 16.95
N GLY E 170 21.81 -27.25 17.44
CA GLY E 170 21.92 -26.50 18.67
C GLY E 170 22.88 -27.12 19.64
N VAL E 171 22.53 -27.09 20.93
CA VAL E 171 23.28 -27.76 21.98
C VAL E 171 23.01 -29.26 21.89
N THR E 172 24.09 -30.02 21.83
CA THR E 172 24.02 -31.47 21.68
C THR E 172 24.81 -32.16 22.77
N ALA E 173 24.48 -33.42 22.99
CA ALA E 173 25.01 -34.18 24.11
C ALA E 173 25.47 -35.53 23.60
N ALA E 174 26.66 -35.97 24.02
CA ALA E 174 27.19 -37.29 23.67
C ALA E 174 27.48 -38.12 24.94
N ILE E 175 27.08 -39.39 24.92
CA ILE E 175 27.39 -40.34 26.00
C ILE E 175 28.10 -41.52 25.34
N THR E 176 29.37 -41.75 25.67
CA THR E 176 30.23 -42.71 24.94
C THR E 176 30.77 -43.90 25.77
N PRO E 177 31.12 -45.02 25.12
CA PRO E 177 31.48 -46.22 25.85
C PRO E 177 32.99 -46.39 26.04
N TRP E 178 33.37 -47.47 26.74
CA TRP E 178 34.80 -47.74 27.09
C TRP E 178 35.62 -48.48 26.06
N ASN E 179 34.98 -49.17 25.13
CA ASN E 179 35.78 -50.00 24.20
C ASN E 179 36.61 -49.24 23.16
N PHE E 180 36.15 -48.06 22.79
CA PHE E 180 36.87 -47.15 21.88
C PHE E 180 36.78 -45.78 22.51
N PRO E 181 37.63 -45.54 23.52
CA PRO E 181 37.57 -44.31 24.31
C PRO E 181 38.02 -43.05 23.61
N ALA E 182 38.62 -43.16 22.41
CA ALA E 182 38.89 -41.97 21.56
C ALA E 182 37.91 -41.87 20.42
N ALA E 183 37.80 -42.93 19.62
CA ALA E 183 37.02 -42.82 18.37
C ALA E 183 35.54 -42.57 18.60
N MET E 184 34.93 -43.10 19.65
CA MET E 184 33.49 -42.86 19.87
C MET E 184 33.18 -41.41 20.23
N ILE E 185 34.16 -40.70 20.74
CA ILE E 185 34.03 -39.28 21.04
C ILE E 185 34.18 -38.39 19.78
N THR E 186 35.16 -38.70 18.94
CA THR E 186 35.39 -37.89 17.75
C THR E 186 34.36 -38.15 16.68
N ARG E 187 33.72 -39.32 16.68
CA ARG E 187 32.65 -39.58 15.75
C ARG E 187 31.39 -38.76 16.01
N LYS E 188 31.21 -38.27 17.24
CA LYS E 188 30.06 -37.43 17.59
C LYS E 188 30.41 -35.94 17.66
N ALA E 189 31.53 -35.62 18.29
CA ALA E 189 31.95 -34.24 18.45
C ALA E 189 32.37 -33.62 17.14
N ALA E 190 33.02 -34.38 16.25
CA ALA E 190 33.55 -33.79 14.99
C ALA E 190 32.43 -33.32 14.11
N PRO E 191 31.42 -34.17 13.86
CA PRO E 191 30.32 -33.71 13.05
C PRO E 191 29.50 -32.61 13.72
N ALA E 192 29.27 -32.72 15.04
CA ALA E 192 28.49 -31.71 15.76
C ALA E 192 29.12 -30.29 15.65
N LEU E 193 30.41 -30.23 15.97
CA LEU E 193 31.14 -29.02 15.91
C LEU E 193 31.25 -28.53 14.48
N ALA E 194 31.54 -29.41 13.51
CA ALA E 194 31.61 -28.96 12.09
C ALA E 194 30.34 -28.28 11.61
N ALA E 195 29.18 -28.81 12.06
CA ALA E 195 27.88 -28.32 11.71
C ALA E 195 27.56 -26.93 12.31
N GLY E 196 28.34 -26.55 13.32
CA GLY E 196 28.04 -25.33 14.11
C GLY E 196 27.29 -25.58 15.42
N CYS E 197 27.24 -26.84 15.83
CA CYS E 197 26.66 -27.18 17.11
C CYS E 197 27.72 -27.08 18.16
N THR E 198 27.28 -26.99 19.40
CA THR E 198 28.13 -27.20 20.56
C THR E 198 27.80 -28.60 21.12
N MET E 199 28.69 -29.18 21.93
CA MET E 199 28.51 -30.53 22.46
C MET E 199 29.05 -30.73 23.88
N ILE E 200 28.29 -31.44 24.71
CA ILE E 200 28.79 -31.91 26.04
C ILE E 200 28.98 -33.41 25.95
N VAL E 201 30.21 -33.88 26.18
CA VAL E 201 30.55 -35.30 26.15
C VAL E 201 30.63 -35.89 27.55
N ARG E 202 29.89 -36.95 27.81
CA ARG E 202 30.12 -37.78 29.02
C ARG E 202 30.75 -39.10 28.60
N PRO E 203 32.04 -39.31 28.89
CA PRO E 203 32.69 -40.58 28.62
C PRO E 203 32.41 -41.67 29.66
N ALA E 204 32.82 -42.90 29.31
CA ALA E 204 32.67 -44.06 30.17
C ALA E 204 33.52 -43.87 31.45
N ASP E 205 32.91 -44.13 32.61
CA ASP E 205 33.65 -44.16 33.89
C ASP E 205 34.92 -44.97 33.82
N LEU E 206 34.88 -46.10 33.13
CA LEU E 206 36.07 -46.95 32.97
C LEU E 206 37.18 -46.29 32.20
N THR E 207 36.85 -45.44 31.23
CA THR E 207 37.87 -44.90 30.31
C THR E 207 37.74 -43.40 29.99
N PRO E 208 37.80 -42.56 31.03
CA PRO E 208 37.60 -41.13 30.77
C PRO E 208 38.87 -40.37 30.40
N LEU E 209 40.06 -40.92 30.66
CA LEU E 209 41.29 -40.12 30.55
C LEU E 209 41.59 -39.78 29.10
N THR E 210 41.24 -40.71 28.22
CA THR E 210 41.44 -40.50 26.80
C THR E 210 40.67 -39.25 26.36
N ALA E 211 39.42 -39.20 26.78
CA ALA E 211 38.51 -38.06 26.52
C ALA E 211 39.10 -36.75 26.97
N LEU E 212 39.60 -36.73 28.20
CA LEU E 212 40.22 -35.52 28.75
C LEU E 212 41.48 -35.09 27.99
N ALA E 213 42.35 -36.02 27.60
CA ALA E 213 43.49 -35.66 26.75
C ALA E 213 43.00 -35.02 25.43
N LEU E 214 41.98 -35.63 24.83
CA LEU E 214 41.44 -35.07 23.59
C LEU E 214 40.95 -33.64 23.84
N GLY E 215 40.34 -33.40 25.00
CA GLY E 215 39.87 -32.04 25.38
C GLY E 215 41.01 -31.02 25.65
N VAL E 216 42.11 -31.48 26.19
CA VAL E 216 43.31 -30.67 26.31
C VAL E 216 43.69 -30.17 24.92
N LEU E 217 43.73 -31.09 23.94
CA LEU E 217 44.09 -30.73 22.57
C LEU E 217 43.03 -29.91 21.86
N ALA E 218 41.77 -30.12 22.22
CA ALA E 218 40.69 -29.33 21.64
C ALA E 218 40.87 -27.85 22.03
N GLU E 219 41.20 -27.64 23.29
CA GLU E 219 41.45 -26.29 23.82
C GLU E 219 42.62 -25.64 23.12
N LYS E 220 43.74 -26.34 23.08
CA LYS E 220 44.90 -25.93 22.34
C LYS E 220 44.64 -25.63 20.83
N ALA E 221 43.65 -26.29 20.21
CA ALA E 221 43.27 -26.02 18.81
C ALA E 221 42.51 -24.70 18.63
N GLY E 222 42.02 -24.15 19.73
CA GLY E 222 41.23 -22.94 19.70
C GLY E 222 39.73 -23.17 19.63
N ILE E 223 39.28 -24.33 20.10
CA ILE E 223 37.84 -24.52 20.28
C ILE E 223 37.43 -23.64 21.45
N PRO E 224 36.46 -22.73 21.24
CA PRO E 224 36.13 -21.78 22.30
C PRO E 224 35.44 -22.36 23.52
N ALA E 225 35.64 -21.66 24.65
CA ALA E 225 34.96 -21.91 25.93
C ALA E 225 33.52 -22.33 25.75
N GLY E 226 33.21 -23.52 26.25
CA GLY E 226 31.82 -24.00 26.24
C GLY E 226 31.34 -24.63 24.94
N VAL E 227 32.12 -24.51 23.86
CA VAL E 227 31.81 -25.21 22.60
C VAL E 227 32.00 -26.72 22.72
N LEU E 228 33.17 -27.19 23.14
CA LEU E 228 33.33 -28.56 23.61
C LEU E 228 33.55 -28.58 25.13
N GLN E 229 32.73 -29.36 25.83
CA GLN E 229 32.87 -29.62 27.28
C GLN E 229 32.84 -31.15 27.51
N ILE E 230 33.65 -31.62 28.46
CA ILE E 230 33.76 -33.04 28.77
C ILE E 230 33.51 -33.22 30.27
N VAL E 231 32.42 -33.89 30.60
CA VAL E 231 31.94 -33.99 31.97
C VAL E 231 31.96 -35.45 32.44
N THR E 232 32.36 -35.66 33.70
CA THR E 232 32.41 -37.01 34.23
C THR E 232 31.57 -37.16 35.50
N GLY E 233 31.08 -38.38 35.71
CA GLY E 233 30.20 -38.66 36.84
C GLY E 233 29.21 -39.78 36.54
N LYS E 234 28.21 -39.88 37.42
CA LYS E 234 27.21 -40.95 37.35
C LYS E 234 26.39 -40.92 36.05
N ALA E 235 26.39 -42.05 35.35
CA ALA E 235 25.66 -42.19 34.09
C ALA E 235 24.18 -41.88 34.27
N ARG E 236 23.53 -42.49 35.25
CA ARG E 236 22.09 -42.36 35.32
C ARG E 236 21.69 -40.91 35.61
N GLU E 237 22.40 -40.28 36.52
CA GLU E 237 22.07 -38.91 36.94
C GLU E 237 22.34 -37.88 35.82
N ILE E 238 23.50 -38.01 35.20
CA ILE E 238 23.91 -37.08 34.18
C ILE E 238 23.06 -37.28 32.97
N GLY E 239 22.83 -38.53 32.64
CA GLY E 239 22.01 -38.91 31.49
C GLY E 239 20.60 -38.40 31.65
N ALA E 240 20.11 -38.49 32.89
CA ALA E 240 18.78 -38.03 33.20
C ALA E 240 18.68 -36.53 32.96
N GLU E 241 19.71 -35.78 33.37
CA GLU E 241 19.73 -34.33 33.15
C GLU E 241 19.85 -34.00 31.65
N LEU E 242 20.77 -34.68 30.95
CA LEU E 242 21.00 -34.38 29.52
C LEU E 242 19.73 -34.58 28.73
N THR E 243 18.92 -35.55 29.11
CA THR E 243 17.71 -35.91 28.37
C THR E 243 16.50 -35.08 28.81
N SER E 244 16.56 -34.49 30.01
CA SER E 244 15.43 -33.69 30.50
C SER E 244 15.61 -32.19 30.31
N ASN E 245 16.85 -31.72 30.18
CA ASN E 245 17.09 -30.32 29.92
C ASN E 245 16.69 -29.89 28.48
N ASP E 246 15.82 -28.90 28.38
CA ASP E 246 15.26 -28.46 27.10
C ASP E 246 16.30 -27.79 26.19
N THR E 247 17.32 -27.23 26.80
CA THR E 247 18.43 -26.63 26.07
C THR E 247 19.17 -27.63 25.20
N VAL E 248 19.23 -28.89 25.64
CA VAL E 248 19.80 -29.97 24.83
C VAL E 248 18.75 -30.36 23.82
N ARG E 249 19.11 -30.26 22.54
CA ARG E 249 18.19 -30.58 21.47
C ARG E 249 18.50 -31.88 20.74
N LYS E 250 19.60 -32.53 21.11
CA LYS E 250 20.05 -33.73 20.42
C LYS E 250 20.94 -34.55 21.32
N LEU E 251 20.68 -35.85 21.40
CA LEU E 251 21.53 -36.79 22.12
C LEU E 251 22.12 -37.81 21.16
N SER E 252 23.40 -38.08 21.29
CA SER E 252 24.03 -39.14 20.53
C SER E 252 24.68 -40.11 21.52
N PHE E 253 24.24 -41.37 21.48
CA PHE E 253 24.70 -42.37 22.44
C PHE E 253 25.22 -43.60 21.74
N THR E 254 26.40 -44.08 22.15
CA THR E 254 26.85 -45.41 21.78
C THR E 254 27.01 -46.22 23.06
N GLY E 255 26.35 -47.39 23.09
CA GLY E 255 26.51 -48.34 24.18
C GLY E 255 25.45 -49.42 24.13
N SER E 256 24.97 -49.82 25.31
CA SER E 256 24.15 -51.01 25.46
C SER E 256 22.75 -50.76 24.94
N THR E 257 22.15 -51.78 24.36
CA THR E 257 20.78 -51.65 23.87
C THR E 257 19.84 -51.26 24.96
N GLU E 258 20.03 -51.80 26.18
CA GLU E 258 19.13 -51.52 27.29
C GLU E 258 19.16 -50.07 27.73
N VAL E 259 20.35 -49.47 27.80
CA VAL E 259 20.43 -48.01 28.06
C VAL E 259 19.91 -47.16 26.86
N GLY E 260 20.18 -47.62 25.64
CA GLY E 260 19.64 -46.99 24.43
C GLY E 260 18.12 -46.82 24.50
N ARG E 261 17.43 -47.92 24.84
CA ARG E 261 15.96 -47.90 24.99
C ARG E 261 15.50 -46.92 26.07
N LEU E 262 16.22 -46.87 27.21
CA LEU E 262 15.83 -45.93 28.27
C LEU E 262 16.04 -44.50 27.82
N LEU E 263 17.18 -44.22 27.19
CA LEU E 263 17.49 -42.88 26.67
C LEU E 263 16.47 -42.37 25.65
N MET E 264 16.07 -43.24 24.73
CA MET E 264 15.10 -42.84 23.73
C MET E 264 13.81 -42.45 24.42
N ALA E 265 13.45 -43.20 25.46
CA ALA E 265 12.26 -42.89 26.24
C ALA E 265 12.46 -41.59 27.01
N GLN E 266 13.62 -41.38 27.61
CA GLN E 266 13.90 -40.12 28.34
C GLN E 266 13.87 -38.85 27.40
N CYS E 267 14.16 -39.04 26.12
CA CYS E 267 14.03 -37.97 25.11
C CYS E 267 12.60 -37.69 24.66
N ALA E 268 11.68 -38.62 24.87
CA ALA E 268 10.34 -38.51 24.33
C ALA E 268 9.55 -37.26 24.80
N PRO E 269 9.67 -36.87 26.07
CA PRO E 269 8.79 -35.77 26.51
C PRO E 269 9.07 -34.41 25.80
N THR E 270 10.27 -34.24 25.24
CA THR E 270 10.60 -33.05 24.44
C THR E 270 10.98 -33.36 22.95
N ILE E 271 10.78 -34.60 22.52
CA ILE E 271 10.89 -34.97 21.10
C ILE E 271 12.32 -34.77 20.61
N LYS E 272 13.32 -35.02 21.45
CA LYS E 272 14.68 -34.65 21.08
C LYS E 272 15.15 -35.49 19.93
N ARG E 273 16.05 -34.94 19.13
CA ARG E 273 16.73 -35.68 18.10
C ARG E 273 17.63 -36.68 18.86
N ILE E 274 17.67 -37.92 18.41
CA ILE E 274 18.58 -38.89 19.00
C ILE E 274 19.29 -39.75 17.95
N SER E 275 20.58 -39.96 18.16
CA SER E 275 21.36 -40.98 17.45
C SER E 275 21.78 -42.06 18.45
N LEU E 276 21.68 -43.31 18.03
CA LEU E 276 22.00 -44.43 18.90
C LEU E 276 22.76 -45.45 18.08
N GLU E 277 23.94 -45.87 18.59
CA GLU E 277 24.59 -47.11 18.13
C GLU E 277 24.68 -48.14 19.28
N LEU E 278 23.97 -49.24 19.14
CA LEU E 278 23.72 -50.14 20.26
C LEU E 278 24.31 -51.53 20.01
N GLY E 279 23.65 -52.59 20.47
CA GLY E 279 24.25 -53.93 20.46
C GLY E 279 24.21 -54.51 19.06
N GLY E 280 25.13 -55.42 18.79
CA GLY E 280 25.06 -56.25 17.58
C GLY E 280 24.93 -57.71 17.99
N ASN E 281 25.07 -58.60 17.03
CA ASN E 281 25.24 -60.02 17.35
C ASN E 281 25.75 -60.50 16.02
N ALA E 282 26.94 -60.01 15.68
CA ALA E 282 27.45 -60.04 14.30
C ALA E 282 27.63 -61.47 13.76
N PRO E 283 27.03 -61.76 12.61
CA PRO E 283 27.41 -63.04 12.03
C PRO E 283 28.57 -62.89 11.06
N PHE E 284 29.40 -63.92 10.99
CA PHE E 284 30.60 -63.98 10.15
C PHE E 284 30.47 -65.32 9.39
N ILE E 285 30.15 -65.25 8.11
CA ILE E 285 29.73 -66.40 7.36
C ILE E 285 30.81 -66.79 6.36
N VAL E 286 31.22 -68.07 6.37
CA VAL E 286 32.24 -68.56 5.45
C VAL E 286 31.61 -69.62 4.54
N PHE E 287 31.57 -69.40 3.24
CA PHE E 287 30.97 -70.37 2.32
C PHE E 287 32.04 -71.34 1.77
N ASP E 288 31.60 -72.49 1.24
CA ASP E 288 32.52 -73.50 0.67
C ASP E 288 33.44 -72.88 -0.34
N ASP E 289 32.96 -71.86 -1.07
CA ASP E 289 33.76 -71.28 -2.15
C ASP E 289 34.53 -70.03 -1.72
N ALA E 290 34.61 -69.83 -0.40
CA ALA E 290 35.45 -68.75 0.19
C ALA E 290 36.93 -68.96 -0.10
N ASP E 291 37.69 -67.86 -0.12
CA ASP E 291 39.16 -67.90 0.05
C ASP E 291 39.39 -68.21 1.53
N LEU E 292 39.66 -69.49 1.79
CA LEU E 292 39.65 -69.99 3.17
C LEU E 292 40.72 -69.33 4.04
N ASP E 293 41.90 -69.17 3.52
CA ASP E 293 42.93 -68.48 4.29
C ASP E 293 42.54 -67.01 4.54
N ALA E 294 41.99 -66.34 3.52
CA ALA E 294 41.59 -64.97 3.69
C ALA E 294 40.51 -64.96 4.74
N ALA E 295 39.61 -65.93 4.68
CA ALA E 295 38.53 -66.00 5.65
C ALA E 295 39.01 -66.14 7.09
N VAL E 296 40.12 -66.85 7.26
CA VAL E 296 40.68 -67.06 8.60
C VAL E 296 41.32 -65.80 9.16
N ASP E 297 42.10 -65.08 8.34
CA ASP E 297 42.60 -63.75 8.73
C ASP E 297 41.45 -62.78 9.07
N GLY E 298 40.40 -62.83 8.29
CA GLY E 298 39.28 -61.96 8.52
C GLY E 298 38.68 -62.28 9.86
N ALA E 299 38.53 -63.59 10.13
CA ALA E 299 37.91 -64.06 11.37
C ALA E 299 38.76 -63.64 12.54
N MET E 300 40.07 -63.72 12.38
CA MET E 300 41.00 -63.33 13.42
C MET E 300 40.84 -61.85 13.77
N VAL E 301 40.84 -61.00 12.74
CA VAL E 301 40.74 -59.56 12.93
C VAL E 301 39.41 -59.21 13.53
N SER E 302 38.33 -59.72 12.99
CA SER E 302 37.01 -59.33 13.44
C SER E 302 36.56 -59.97 14.76
N LYS E 303 37.21 -61.06 15.16
CA LYS E 303 36.91 -61.72 16.43
C LYS E 303 37.86 -61.22 17.52
N TYR E 304 39.16 -61.22 17.28
CA TYR E 304 40.07 -61.05 18.41
C TYR E 304 40.67 -59.63 18.64
N ARG E 305 40.50 -58.67 17.72
CA ARG E 305 40.90 -57.26 18.01
C ARG E 305 40.16 -56.75 19.23
N ASN E 306 40.76 -55.86 19.99
CA ASN E 306 40.19 -55.41 21.28
C ASN E 306 39.85 -56.55 22.22
N ALA E 307 40.46 -57.71 21.99
CA ALA E 307 40.09 -58.93 22.69
C ALA E 307 38.59 -59.26 22.55
N GLY E 308 38.02 -59.06 21.37
CA GLY E 308 36.57 -59.33 21.14
C GLY E 308 35.55 -58.41 21.81
N GLN E 309 36.00 -57.24 22.27
CA GLN E 309 35.16 -56.31 23.06
C GLN E 309 34.55 -55.15 22.28
N THR E 310 34.44 -55.28 20.94
CA THR E 310 33.65 -54.35 20.13
C THR E 310 32.25 -54.91 19.79
N CYS E 311 31.34 -53.99 19.52
CA CYS E 311 29.96 -54.22 19.13
CA CYS E 311 29.96 -54.40 19.18
C CYS E 311 29.85 -54.84 17.72
N VAL E 312 30.91 -54.64 16.92
CA VAL E 312 30.99 -55.17 15.55
C VAL E 312 31.83 -56.44 15.44
N CYS E 313 32.36 -56.90 16.57
CA CYS E 313 33.07 -58.17 16.62
C CYS E 313 32.21 -59.33 16.12
N ALA E 314 32.80 -60.23 15.38
CA ALA E 314 32.15 -61.49 15.04
C ALA E 314 31.68 -62.15 16.33
N ASN E 315 30.38 -62.40 16.45
CA ASN E 315 29.86 -63.06 17.63
C ASN E 315 29.53 -64.51 17.33
N ARG E 316 29.10 -64.77 16.10
CA ARG E 316 28.69 -66.08 15.66
C ARG E 316 29.40 -66.38 14.36
N ILE E 317 30.22 -67.41 14.34
CA ILE E 317 30.95 -67.73 13.10
C ILE E 317 30.34 -68.91 12.39
N TYR E 318 29.67 -68.65 11.27
CA TYR E 318 28.99 -69.70 10.54
C TYR E 318 29.92 -70.20 9.45
N VAL E 319 30.11 -71.52 9.36
CA VAL E 319 31.04 -72.08 8.35
C VAL E 319 30.35 -73.22 7.68
N GLN E 320 30.30 -73.18 6.35
CA GLN E 320 29.58 -74.15 5.56
C GLN E 320 30.22 -75.56 5.75
N ARG E 321 29.40 -76.60 5.67
CA ARG E 321 29.76 -77.92 6.17
C ARG E 321 31.02 -78.41 5.50
N GLY E 322 31.12 -78.23 4.19
CA GLY E 322 32.28 -78.66 3.40
C GLY E 322 33.63 -78.15 3.84
N VAL E 323 33.70 -76.96 4.42
CA VAL E 323 35.00 -76.42 4.80
C VAL E 323 35.18 -76.26 6.32
N TYR E 324 34.20 -76.73 7.08
CA TYR E 324 34.15 -76.53 8.53
C TYR E 324 35.37 -76.99 9.27
N ASP E 325 35.72 -78.28 9.12
CA ASP E 325 36.88 -78.81 9.81
C ASP E 325 38.17 -78.09 9.39
N LYS E 326 38.38 -77.93 8.08
CA LYS E 326 39.57 -77.26 7.56
C LYS E 326 39.72 -75.85 8.09
N PHE E 327 38.59 -75.10 8.14
CA PHE E 327 38.57 -73.74 8.70
C PHE E 327 38.96 -73.78 10.17
N ALA E 328 38.27 -74.62 10.93
CA ALA E 328 38.56 -74.75 12.35
C ALA E 328 40.05 -75.01 12.60
N GLU E 329 40.64 -75.91 11.86
CA GLU E 329 42.04 -76.22 12.07
C GLU E 329 42.92 -75.05 11.76
N LYS E 330 42.67 -74.40 10.63
CA LYS E 330 43.42 -73.15 10.33
C LYS E 330 43.20 -72.06 11.39
N LEU E 331 41.97 -71.86 11.85
CA LEU E 331 41.73 -70.87 12.90
C LEU E 331 42.45 -71.23 14.24
N ALA E 332 42.44 -72.53 14.57
CA ALA E 332 43.18 -73.03 15.76
C ALA E 332 44.71 -72.74 15.71
N ALA E 333 45.34 -73.00 14.58
CA ALA E 333 46.74 -72.61 14.39
C ALA E 333 47.00 -71.11 14.67
N LYS E 334 46.15 -70.25 14.12
CA LYS E 334 46.35 -68.82 14.35
C LYS E 334 46.08 -68.45 15.81
N VAL E 335 45.00 -68.93 16.39
CA VAL E 335 44.69 -68.59 17.80
C VAL E 335 45.84 -68.97 18.73
N LYS E 336 46.45 -70.14 18.49
CA LYS E 336 47.57 -70.67 19.29
C LYS E 336 48.73 -69.70 19.36
N GLU E 337 48.94 -68.96 18.27
CA GLU E 337 50.06 -68.01 18.23
C GLU E 337 49.78 -66.71 18.98
N LEU E 338 48.58 -66.51 19.50
CA LEU E 338 48.20 -65.19 20.07
C LEU E 338 48.85 -64.99 21.43
N LYS E 339 49.59 -63.89 21.56
CA LYS E 339 50.31 -63.53 22.77
C LYS E 339 49.47 -62.65 23.72
N VAL E 340 49.19 -63.15 24.92
CA VAL E 340 48.38 -62.42 25.89
C VAL E 340 49.30 -61.73 26.89
N GLY E 341 49.00 -60.49 27.25
CA GLY E 341 49.86 -59.74 28.17
C GLY E 341 49.45 -58.30 28.41
N ASN E 342 50.34 -57.59 29.08
CA ASN E 342 50.12 -56.20 29.41
C ASN E 342 50.23 -55.48 28.09
N GLY E 343 49.29 -54.56 27.83
CA GLY E 343 49.21 -53.87 26.52
C GLY E 343 50.44 -53.09 26.11
N THR E 344 51.29 -52.73 27.07
CA THR E 344 52.50 -52.01 26.76
C THR E 344 53.63 -52.95 26.43
N GLU E 345 53.42 -54.25 26.62
CA GLU E 345 54.51 -55.20 26.43
C GLU E 345 54.65 -55.59 24.96
N PRO E 346 55.86 -55.51 24.42
CA PRO E 346 56.15 -55.95 23.08
C PRO E 346 55.52 -57.28 22.70
N GLY E 347 55.02 -57.36 21.47
CA GLY E 347 54.33 -58.54 20.95
C GLY E 347 53.02 -58.94 21.58
N VAL E 348 52.54 -58.20 22.58
CA VAL E 348 51.23 -58.51 23.19
C VAL E 348 50.16 -58.12 22.20
N VAL E 349 49.29 -59.06 21.84
CA VAL E 349 48.23 -58.79 20.89
C VAL E 349 46.87 -58.94 21.54
N ILE E 350 46.81 -59.56 22.71
CA ILE E 350 45.55 -59.65 23.46
C ILE E 350 45.80 -59.10 24.88
N GLY E 351 45.03 -58.11 25.31
CA GLY E 351 45.23 -57.53 26.64
C GLY E 351 44.27 -58.15 27.60
N PRO E 352 44.13 -57.56 28.79
CA PRO E 352 43.12 -58.04 29.71
C PRO E 352 41.70 -57.65 29.31
N MET E 353 40.72 -58.26 29.93
CA MET E 353 39.36 -57.82 29.71
C MET E 353 39.08 -56.69 30.63
N ILE E 354 38.10 -55.88 30.30
CA ILE E 354 37.96 -54.60 30.99
C ILE E 354 37.54 -54.80 32.46
N GLU E 355 36.73 -55.80 32.75
CA GLU E 355 36.30 -56.06 34.14
C GLU E 355 35.89 -57.50 34.39
N GLU E 356 35.76 -57.87 35.69
CA GLU E 356 35.48 -59.24 36.07
C GLU E 356 34.17 -59.76 35.47
N LYS E 357 33.12 -58.94 35.46
CA LYS E 357 31.80 -59.35 34.98
C LYS E 357 31.87 -59.84 33.53
N ALA E 358 32.82 -59.28 32.78
CA ALA E 358 33.06 -59.66 31.39
C ALA E 358 33.58 -61.08 31.30
N ILE E 359 34.57 -61.39 32.15
CA ILE E 359 35.12 -62.73 32.22
C ILE E 359 34.08 -63.74 32.64
N THR E 360 33.24 -63.35 33.58
CA THR E 360 32.16 -64.19 34.03
C THR E 360 31.23 -64.61 32.88
N LYS E 361 30.91 -63.65 32.02
CA LYS E 361 30.02 -63.90 30.90
C LYS E 361 30.64 -64.80 29.84
N VAL E 362 31.93 -64.62 29.56
CA VAL E 362 32.61 -65.53 28.64
C VAL E 362 32.64 -66.95 29.22
N LYS E 363 32.85 -67.10 30.52
CA LYS E 363 32.88 -68.45 31.13
C LYS E 363 31.50 -69.05 31.00
N ALA E 364 30.49 -68.19 31.17
CA ALA E 364 29.08 -68.63 31.14
C ALA E 364 28.65 -69.12 29.76
N HIS E 365 29.17 -68.47 28.73
CA HIS E 365 28.89 -68.85 27.35
C HIS E 365 29.57 -70.17 27.05
N ILE E 366 30.79 -70.32 27.55
CA ILE E 366 31.54 -71.55 27.33
C ILE E 366 30.89 -72.74 28.03
N GLU E 367 30.50 -72.59 29.30
CA GLU E 367 29.82 -73.69 30.04
C GLU E 367 28.52 -74.03 29.34
N ASP E 368 27.73 -73.03 29.02
CA ASP E 368 26.47 -73.28 28.30
C ASP E 368 26.70 -74.06 27.03
N ALA E 369 27.73 -73.70 26.27
CA ALA E 369 27.94 -74.30 24.93
C ALA E 369 28.38 -75.76 25.09
N VAL E 370 29.39 -75.95 25.93
CA VAL E 370 29.95 -77.27 26.19
C VAL E 370 28.90 -78.21 26.79
N SER E 371 28.05 -77.72 27.69
CA SER E 371 27.01 -78.58 28.25
C SER E 371 25.97 -78.94 27.20
N LYS E 372 25.88 -78.17 26.13
CA LYS E 372 24.93 -78.46 25.07
C LYS E 372 25.55 -79.25 23.91
N GLY E 373 26.83 -79.60 24.00
CA GLY E 373 27.45 -80.48 22.98
C GLY E 373 28.70 -79.93 22.32
N ALA E 374 28.97 -78.64 22.54
CA ALA E 374 30.06 -77.94 21.88
C ALA E 374 31.37 -78.50 22.38
N LYS E 375 32.43 -78.41 21.59
CA LYS E 375 33.75 -78.77 22.08
C LYS E 375 34.61 -77.53 22.16
N LEU E 376 35.16 -77.28 23.34
CA LEU E 376 36.21 -76.28 23.51
C LEU E 376 37.54 -76.83 23.00
N ILE E 377 38.00 -76.43 21.82
CA ILE E 377 39.20 -77.01 21.21
C ILE E 377 40.50 -76.26 21.54
N THR E 378 40.39 -74.99 21.94
CA THR E 378 41.52 -74.19 22.36
C THR E 378 41.06 -73.25 23.45
N GLY E 379 41.97 -72.98 24.39
CA GLY E 379 41.91 -71.89 25.32
C GLY E 379 40.67 -71.81 26.17
N GLY E 380 40.10 -70.62 26.23
CA GLY E 380 38.88 -70.41 26.99
C GLY E 380 39.05 -70.64 28.48
N LYS E 381 40.17 -70.22 29.05
CA LYS E 381 40.39 -70.37 30.48
C LYS E 381 40.92 -69.08 31.06
N GLU E 382 40.74 -68.93 32.37
CA GLU E 382 41.23 -67.76 33.08
C GLU E 382 42.73 -67.85 33.20
N LEU E 383 43.40 -66.71 33.14
CA LEU E 383 44.85 -66.68 33.17
C LEU E 383 45.39 -65.88 34.34
N GLY E 384 44.52 -65.32 35.18
CA GLY E 384 44.95 -64.52 36.30
C GLY E 384 44.57 -63.08 36.09
N GLY E 385 44.00 -62.46 37.13
CA GLY E 385 43.46 -61.12 37.04
C GLY E 385 42.31 -61.03 36.06
N LEU E 386 42.42 -60.08 35.14
CA LEU E 386 41.38 -59.90 34.14
C LEU E 386 41.78 -60.56 32.79
N PHE E 387 42.92 -61.25 32.79
CA PHE E 387 43.36 -61.97 31.60
C PHE E 387 42.59 -63.26 31.41
N PHE E 388 42.23 -63.49 30.15
CA PHE E 388 41.49 -64.64 29.70
C PHE E 388 42.00 -65.13 28.36
N GLU E 389 42.10 -66.46 28.24
CA GLU E 389 42.77 -67.07 27.11
C GLU E 389 41.81 -67.16 25.93
N PRO E 390 42.24 -66.68 24.74
CA PRO E 390 41.44 -66.83 23.53
C PRO E 390 41.05 -68.29 23.29
N GLY E 391 39.79 -68.51 22.93
CA GLY E 391 39.23 -69.83 22.76
C GLY E 391 38.45 -70.05 21.47
N ILE E 392 38.22 -71.33 21.18
CA ILE E 392 37.44 -71.74 20.04
C ILE E 392 36.55 -72.85 20.50
N LEU E 393 35.28 -72.76 20.13
CA LEU E 393 34.33 -73.81 20.26
C LEU E 393 33.94 -74.36 18.88
N THR E 394 33.82 -75.68 18.78
CA THR E 394 33.26 -76.28 17.59
C THR E 394 31.93 -76.84 17.97
N GLY E 395 31.16 -77.16 16.94
CA GLY E 395 29.82 -77.74 17.06
C GLY E 395 28.88 -76.83 17.82
N VAL E 396 28.95 -75.55 17.56
CA VAL E 396 27.99 -74.60 18.14
C VAL E 396 26.65 -74.58 17.35
N THR E 397 25.55 -74.48 18.05
CA THR E 397 24.22 -74.53 17.42
C THR E 397 23.35 -73.42 17.93
N SER E 398 22.28 -73.20 17.19
CA SER E 398 21.40 -72.11 17.45
C SER E 398 20.66 -72.21 18.78
N ASP E 399 20.79 -73.30 19.54
CA ASP E 399 20.11 -73.34 20.85
C ASP E 399 21.03 -72.99 22.02
N MET E 400 22.25 -72.59 21.70
CA MET E 400 23.23 -72.20 22.69
C MET E 400 23.14 -70.69 22.95
N LEU E 401 23.39 -70.30 24.19
CA LEU E 401 23.32 -68.90 24.64
C LEU E 401 24.06 -67.94 23.70
N VAL E 402 25.25 -68.35 23.23
CA VAL E 402 26.09 -67.50 22.40
C VAL E 402 25.42 -67.08 21.10
N ALA E 403 24.41 -67.84 20.66
CA ALA E 403 23.67 -67.59 19.44
C ALA E 403 22.63 -66.47 19.58
N LYS E 404 22.31 -66.12 20.83
CA LYS E 404 21.35 -65.03 21.14
C LYS E 404 21.95 -63.89 22.00
N GLU E 405 23.22 -64.01 22.39
CA GLU E 405 23.82 -63.05 23.29
C GLU E 405 25.27 -62.81 22.95
N GLU E 406 25.71 -61.56 23.02
CA GLU E 406 27.07 -61.20 22.71
C GLU E 406 27.99 -61.64 23.81
N THR E 407 29.06 -62.35 23.44
CA THR E 407 30.06 -62.79 24.39
C THR E 407 30.89 -61.65 24.90
N PHE E 408 31.23 -60.75 23.98
CA PHE E 408 32.09 -59.62 24.29
C PHE E 408 33.41 -60.10 24.84
N GLY E 409 33.96 -61.13 24.23
CA GLY E 409 35.25 -61.65 24.63
C GLY E 409 35.85 -62.54 23.56
N PRO E 410 37.10 -62.99 23.78
CA PRO E 410 37.91 -63.67 22.77
C PRO E 410 37.56 -65.16 22.67
N LEU E 411 36.35 -65.42 22.18
CA LEU E 411 35.77 -66.72 22.03
C LEU E 411 35.13 -66.82 20.65
N ALA E 412 35.56 -67.84 19.87
CA ALA E 412 35.17 -68.03 18.48
C ALA E 412 34.24 -69.24 18.42
N PRO E 413 32.91 -69.01 18.30
CA PRO E 413 32.03 -70.16 18.26
C PRO E 413 31.71 -70.51 16.85
N LEU E 414 32.05 -71.74 16.47
CA LEU E 414 31.91 -72.15 15.09
C LEU E 414 30.65 -72.98 14.89
N PHE E 415 29.74 -72.41 14.09
CA PHE E 415 28.44 -72.98 13.75
C PHE E 415 28.53 -73.55 12.34
N ALA E 416 28.12 -74.80 12.19
CA ALA E 416 28.11 -75.45 10.90
C ALA E 416 26.82 -75.06 10.23
N PHE E 417 26.84 -74.92 8.90
CA PHE E 417 25.58 -74.84 8.14
C PHE E 417 25.66 -75.55 6.82
N ASP E 418 24.50 -75.82 6.22
CA ASP E 418 24.43 -76.47 4.95
C ASP E 418 24.09 -75.56 3.79
N THR E 419 23.03 -74.78 3.87
CA THR E 419 22.67 -73.98 2.71
C THR E 419 22.75 -72.46 2.96
N GLU E 420 22.93 -71.73 1.85
CA GLU E 420 22.85 -70.28 1.88
C GLU E 420 21.54 -69.85 2.50
N GLU E 421 20.45 -70.48 2.10
CA GLU E 421 19.14 -70.08 2.58
C GLU E 421 19.07 -70.16 4.08
N GLU E 422 19.52 -71.29 4.60
CA GLU E 422 19.64 -71.52 6.04
C GLU E 422 20.49 -70.53 6.82
N VAL E 423 21.69 -70.25 6.32
CA VAL E 423 22.56 -69.35 7.07
C VAL E 423 22.02 -67.88 7.10
N ILE E 424 21.37 -67.45 6.02
CA ILE E 424 20.83 -66.08 5.96
C ILE E 424 19.77 -65.98 7.01
N ALA E 425 18.93 -66.99 7.06
CA ALA E 425 17.83 -67.01 8.01
C ALA E 425 18.38 -67.00 9.42
N GLN E 426 19.39 -67.81 9.70
CA GLN E 426 19.96 -67.78 11.06
C GLN E 426 20.74 -66.48 11.33
N ALA E 427 21.41 -65.96 10.33
CA ALA E 427 22.15 -64.68 10.53
C ALA E 427 21.19 -63.60 10.97
N ASN E 428 20.03 -63.56 10.32
CA ASN E 428 19.02 -62.53 10.57
C ASN E 428 18.09 -62.78 11.76
N ASP E 429 18.08 -64.01 12.29
CA ASP E 429 17.22 -64.38 13.42
C ASP E 429 17.74 -63.77 14.75
N THR E 430 17.57 -62.46 14.85
CA THR E 430 18.17 -61.67 15.91
C THR E 430 17.43 -60.34 15.94
N ILE E 431 17.39 -59.70 17.11
CA ILE E 431 16.81 -58.36 17.17
C ILE E 431 17.79 -57.30 16.67
N PHE E 432 19.02 -57.70 16.41
CA PHE E 432 20.07 -56.76 16.08
C PHE E 432 20.35 -56.75 14.60
N GLY E 433 21.21 -55.84 14.20
CA GLY E 433 21.48 -55.61 12.79
C GLY E 433 22.54 -54.57 12.60
N LEU E 434 23.65 -54.77 13.27
CA LEU E 434 24.71 -53.80 13.25
C LEU E 434 25.71 -54.13 12.15
N ALA E 435 26.74 -54.92 12.48
CA ALA E 435 27.67 -55.47 11.46
C ALA E 435 27.42 -56.95 11.18
N ALA E 436 27.76 -57.37 9.96
CA ALA E 436 27.75 -58.74 9.50
C ALA E 436 28.93 -58.83 8.55
N TYR E 437 29.47 -60.04 8.38
CA TYR E 437 30.58 -60.33 7.44
C TYR E 437 30.37 -61.62 6.69
N PHE E 438 30.81 -61.69 5.44
CA PHE E 438 30.78 -62.98 4.74
C PHE E 438 31.86 -63.10 3.71
N TYR E 439 32.26 -64.34 3.43
CA TYR E 439 33.33 -64.64 2.44
C TYR E 439 32.83 -65.63 1.35
N THR E 440 32.90 -65.17 0.11
CA THR E 440 32.61 -65.99 -1.05
C THR E 440 33.30 -65.33 -2.26
N GLU E 441 33.77 -66.12 -3.20
CA GLU E 441 34.36 -65.58 -4.42
C GLU E 441 33.38 -65.50 -5.60
N ASN E 442 32.14 -65.96 -5.37
CA ASN E 442 31.13 -65.95 -6.40
C ASN E 442 30.35 -64.62 -6.39
N PHE E 443 30.32 -64.00 -7.57
CA PHE E 443 29.71 -62.70 -7.83
C PHE E 443 28.26 -62.66 -7.44
N SER E 444 27.49 -63.62 -7.94
CA SER E 444 26.05 -63.68 -7.68
C SER E 444 25.72 -63.84 -6.21
N ARG E 445 26.40 -64.76 -5.53
CA ARG E 445 26.19 -64.92 -4.09
C ARG E 445 26.54 -63.66 -3.31
N ALA E 446 27.60 -63.00 -3.73
CA ALA E 446 27.98 -61.73 -3.11
C ALA E 446 26.81 -60.73 -3.14
N ILE E 447 26.13 -60.63 -4.28
CA ILE E 447 24.93 -59.81 -4.37
C ILE E 447 23.81 -60.27 -3.46
N ARG E 448 23.45 -61.54 -3.57
CA ARG E 448 22.35 -62.09 -2.77
C ARG E 448 22.56 -61.91 -1.29
N VAL E 449 23.72 -62.31 -0.82
CA VAL E 449 23.96 -62.35 0.62
C VAL E 449 24.15 -60.94 1.18
N SER E 450 24.93 -60.11 0.48
CA SER E 450 25.07 -58.71 0.90
C SER E 450 23.71 -58.06 1.04
N GLU E 451 22.80 -58.36 0.11
CA GLU E 451 21.49 -57.69 0.14
C GLU E 451 20.54 -58.29 1.16
N ALA E 452 20.63 -59.61 1.37
CA ALA E 452 19.69 -60.33 2.23
C ALA E 452 19.96 -60.11 3.70
N LEU E 453 21.21 -59.82 4.02
CA LEU E 453 21.64 -59.61 5.39
C LEU E 453 21.09 -58.31 5.96
N GLU E 454 20.43 -58.41 7.11
CA GLU E 454 19.69 -57.32 7.70
C GLU E 454 20.55 -56.58 8.69
N TYR E 455 21.53 -55.85 8.17
CA TYR E 455 22.53 -55.18 8.96
C TYR E 455 22.84 -53.84 8.33
N GLY E 456 23.33 -52.90 9.13
CA GLY E 456 23.74 -51.59 8.64
C GLY E 456 25.06 -51.61 7.89
N MET E 457 25.84 -52.67 8.09
CA MET E 457 27.20 -52.75 7.61
C MET E 457 27.53 -54.19 7.32
N VAL E 458 28.05 -54.46 6.12
CA VAL E 458 28.41 -55.78 5.70
C VAL E 458 29.85 -55.76 5.16
N GLY E 459 30.70 -56.58 5.73
CA GLY E 459 32.02 -56.82 5.14
C GLY E 459 31.96 -58.05 4.28
N HIS E 460 32.43 -57.92 3.03
CA HIS E 460 32.49 -58.98 2.08
C HIS E 460 33.95 -59.29 1.78
N ASN E 461 34.39 -60.48 2.21
CA ASN E 461 35.78 -60.94 2.04
C ASN E 461 36.74 -60.04 2.81
N THR E 462 36.25 -59.34 3.83
CA THR E 462 37.17 -58.66 4.71
C THR E 462 36.58 -58.63 6.07
N GLY E 463 37.46 -58.60 7.06
CA GLY E 463 37.06 -58.52 8.45
C GLY E 463 37.20 -57.12 8.99
N LEU E 464 37.70 -56.19 8.19
CA LEU E 464 37.91 -54.81 8.65
C LEU E 464 37.16 -53.83 7.75
N ILE E 465 36.14 -53.23 8.30
CA ILE E 465 35.26 -52.41 7.54
C ILE E 465 35.34 -50.94 8.00
N SER E 466 36.13 -50.68 9.03
CA SER E 466 36.08 -49.41 9.73
C SER E 466 36.83 -48.31 9.00
N ASN E 467 36.19 -47.16 8.83
CA ASN E 467 36.89 -45.99 8.32
C ASN E 467 35.99 -44.79 8.62
N GLU E 468 36.43 -43.60 8.22
CA GLU E 468 35.63 -42.38 8.41
C GLU E 468 34.73 -41.96 7.19
N VAL E 469 34.89 -42.60 6.03
CA VAL E 469 34.26 -42.14 4.79
C VAL E 469 32.91 -42.76 4.52
N ALA E 470 32.59 -43.86 5.22
CA ALA E 470 31.36 -44.62 4.92
C ALA E 470 30.43 -44.53 6.11
N PRO E 471 29.14 -44.72 5.88
CA PRO E 471 28.24 -44.49 6.97
C PRO E 471 28.16 -45.70 7.93
N PHE E 472 28.22 -45.44 9.23
CA PHE E 472 28.23 -46.48 10.27
C PHE E 472 27.05 -46.37 11.23
N GLY E 473 26.40 -47.52 11.45
CA GLY E 473 25.18 -47.59 12.27
C GLY E 473 24.42 -48.87 12.03
N GLY E 474 23.29 -49.00 12.71
CA GLY E 474 22.54 -50.21 12.73
C GLY E 474 21.13 -50.08 12.22
N VAL E 475 20.61 -51.19 11.71
CA VAL E 475 19.18 -51.33 11.48
C VAL E 475 18.53 -52.11 12.68
N LYS E 476 17.22 -52.28 12.65
CA LYS E 476 16.51 -53.04 13.69
C LYS E 476 16.88 -52.46 15.05
N GLN E 477 17.19 -53.27 16.06
CA GLN E 477 17.45 -52.70 17.38
C GLN E 477 18.91 -52.27 17.60
N SER E 478 19.73 -52.22 16.55
CA SER E 478 21.12 -51.80 16.72
C SER E 478 21.33 -50.26 16.71
N GLY E 479 20.25 -49.50 16.49
CA GLY E 479 20.35 -48.06 16.61
C GLY E 479 19.66 -47.22 15.57
N LEU E 480 20.06 -45.96 15.54
CA LEU E 480 19.41 -44.93 14.71
C LEU E 480 20.50 -43.96 14.26
N GLY E 481 20.49 -43.60 12.99
CA GLY E 481 21.40 -42.60 12.47
C GLY E 481 22.65 -43.24 11.99
N ARG E 482 23.50 -42.42 11.38
CA ARG E 482 24.78 -42.88 10.90
C ARG E 482 25.90 -41.93 11.30
N GLU E 483 27.10 -42.51 11.46
CA GLU E 483 28.34 -41.79 11.76
C GLU E 483 29.33 -42.05 10.65
N GLY E 484 30.22 -41.07 10.49
CA GLY E 484 31.03 -40.92 9.32
C GLY E 484 30.30 -40.57 8.03
N SER E 485 31.08 -40.44 6.96
CA SER E 485 30.57 -40.32 5.58
C SER E 485 29.91 -38.97 5.36
N LYS E 486 29.56 -38.69 4.11
CA LYS E 486 28.71 -37.50 3.87
C LYS E 486 27.35 -37.58 4.52
N TYR E 487 26.96 -38.71 5.12
CA TYR E 487 25.67 -38.75 5.83
C TYR E 487 25.79 -38.40 7.30
N GLY E 488 27.01 -38.29 7.82
CA GLY E 488 27.21 -38.07 9.27
C GLY E 488 26.77 -36.71 9.79
N ILE E 489 27.06 -35.63 9.05
CA ILE E 489 26.85 -34.27 9.58
C ILE E 489 25.36 -33.93 9.70
N GLU E 490 24.52 -34.57 8.88
CA GLU E 490 23.10 -34.26 8.88
C GLU E 490 22.44 -34.63 10.20
N GLU E 491 23.12 -35.44 10.97
CA GLU E 491 22.58 -35.82 12.28
C GLU E 491 22.57 -34.63 13.23
N TYR E 492 23.33 -33.60 12.87
CA TYR E 492 23.51 -32.41 13.73
C TYR E 492 22.97 -31.12 13.06
N LEU E 493 22.18 -31.30 12.00
CA LEU E 493 21.63 -30.20 11.19
C LEU E 493 20.11 -30.33 11.22
N GLU E 494 19.42 -29.21 11.16
CA GLU E 494 18.00 -29.19 10.91
C GLU E 494 17.79 -28.73 9.50
N THR E 495 16.81 -29.28 8.81
CA THR E 495 16.41 -28.87 7.46
C THR E 495 15.32 -27.77 7.48
N LYS E 496 15.56 -26.69 6.74
CA LYS E 496 14.61 -25.57 6.62
C LYS E 496 14.21 -25.36 5.16
N TYR E 497 12.91 -25.45 4.92
CA TYR E 497 12.35 -25.16 3.60
C TYR E 497 11.85 -23.72 3.52
N ILE E 498 12.39 -22.94 2.58
CA ILE E 498 11.94 -21.57 2.36
C ILE E 498 11.27 -21.46 1.02
N CYS E 499 10.04 -20.95 1.09
CA CYS E 499 9.20 -20.71 -0.05
C CYS E 499 8.99 -19.20 -0.16
N SER E 500 9.63 -18.58 -1.16
CA SER E 500 9.58 -17.13 -1.33
C SER E 500 8.82 -16.75 -2.57
N ALA E 501 7.80 -15.93 -2.38
CA ALA E 501 7.10 -15.31 -3.53
C ALA E 501 7.81 -13.97 -3.86
N TYR E 502 7.94 -13.69 -5.15
CA TYR E 502 8.55 -12.46 -5.61
C TYR E 502 7.64 -11.84 -6.67
N LYS E 503 7.80 -10.55 -6.88
CA LYS E 503 7.05 -9.87 -7.91
C LYS E 503 7.75 -10.05 -9.27
N ARG E 504 7.04 -10.64 -10.22
CA ARG E 504 7.59 -10.85 -11.56
C ARG E 504 7.64 -9.55 -12.38
N MET F 22 69.14 -8.59 -8.46
CA MET F 22 68.14 -9.70 -8.67
C MET F 22 67.31 -9.98 -7.39
N LEU F 23 66.51 -11.03 -7.39
CA LEU F 23 65.36 -11.07 -6.49
C LEU F 23 65.68 -11.41 -5.05
N ALA F 24 65.14 -10.62 -4.13
CA ALA F 24 65.36 -10.83 -2.71
C ALA F 24 64.59 -12.03 -2.13
N LEU F 25 64.85 -13.24 -2.64
CA LEU F 25 64.12 -14.45 -2.24
C LEU F 25 64.69 -15.11 -1.01
N LYS F 26 63.83 -15.42 -0.04
CA LYS F 26 64.19 -16.26 1.10
C LYS F 26 64.65 -17.64 0.69
N ASP F 27 64.07 -18.18 -0.38
CA ASP F 27 64.54 -19.44 -0.97
C ASP F 27 64.74 -19.26 -2.49
N PRO F 28 65.96 -18.89 -2.89
CA PRO F 28 66.24 -18.62 -4.28
C PRO F 28 66.14 -19.85 -5.16
N SER F 29 66.02 -21.04 -4.61
CA SER F 29 65.79 -22.21 -5.48
C SER F 29 64.37 -22.25 -6.12
N LEU F 30 63.47 -21.37 -5.66
CA LEU F 30 62.14 -21.20 -6.28
C LEU F 30 62.22 -20.53 -7.65
N LEU F 31 63.32 -19.84 -7.94
CA LEU F 31 63.44 -19.14 -9.21
C LEU F 31 64.17 -20.04 -10.19
N LYS F 32 63.50 -20.40 -11.29
CA LYS F 32 64.03 -21.38 -12.22
C LYS F 32 64.20 -20.84 -13.61
N SER F 33 65.13 -21.45 -14.33
CA SER F 33 65.32 -21.11 -15.74
C SER F 33 65.25 -22.36 -16.60
N GLN F 34 64.69 -23.41 -16.03
CA GLN F 34 64.43 -24.68 -16.73
C GLN F 34 62.99 -25.17 -16.59
N CYS F 35 62.61 -26.08 -17.50
CA CYS F 35 61.30 -26.76 -17.48
C CYS F 35 61.28 -28.08 -16.70
N LEU F 36 60.14 -28.36 -16.10
CA LEU F 36 59.93 -29.59 -15.34
C LEU F 36 59.41 -30.67 -16.26
N VAL F 37 60.31 -31.58 -16.68
CA VAL F 37 59.94 -32.65 -17.60
C VAL F 37 60.38 -33.97 -17.03
N ASN F 38 59.38 -34.84 -16.83
CA ASN F 38 59.57 -36.14 -16.26
C ASN F 38 60.45 -36.16 -15.04
N GLY F 39 60.13 -35.31 -14.07
CA GLY F 39 60.87 -35.26 -12.82
C GLY F 39 62.27 -34.65 -12.85
N ARG F 40 62.63 -34.09 -14.00
CA ARG F 40 63.91 -33.45 -14.21
C ARG F 40 63.75 -31.97 -14.63
N TRP F 41 64.72 -31.14 -14.28
CA TRP F 41 64.75 -29.74 -14.70
C TRP F 41 65.62 -29.63 -15.94
N ILE F 42 65.05 -29.22 -17.07
CA ILE F 42 65.71 -29.34 -18.35
C ILE F 42 65.71 -28.02 -19.13
N ASP F 43 66.69 -27.87 -20.02
CA ASP F 43 66.71 -26.80 -21.04
C ASP F 43 66.23 -27.30 -22.41
N ALA F 44 66.05 -26.42 -23.39
CA ALA F 44 65.64 -26.85 -24.70
C ALA F 44 66.83 -27.66 -25.29
N ALA F 45 66.55 -28.66 -26.12
CA ALA F 45 67.63 -29.41 -26.79
C ALA F 45 68.55 -28.45 -27.52
N ASP F 46 67.99 -27.47 -28.23
CA ASP F 46 68.79 -26.51 -28.99
C ASP F 46 69.17 -25.27 -28.17
N GLY F 47 69.04 -25.34 -26.86
CA GLY F 47 69.39 -24.25 -25.95
C GLY F 47 68.74 -22.87 -26.10
N THR F 48 67.71 -22.75 -26.92
CA THR F 48 67.10 -21.44 -27.10
C THR F 48 66.17 -21.11 -25.93
N THR F 49 65.91 -19.83 -25.77
CA THR F 49 65.28 -19.30 -24.58
C THR F 49 64.34 -18.12 -24.85
N ILE F 50 63.47 -17.89 -23.86
CA ILE F 50 62.60 -16.73 -23.79
C ILE F 50 63.06 -15.91 -22.58
N LYS F 51 63.19 -14.60 -22.79
CA LYS F 51 63.50 -13.64 -21.75
C LYS F 51 62.24 -13.26 -20.97
N VAL F 52 62.30 -13.36 -19.63
CA VAL F 52 61.25 -12.83 -18.78
C VAL F 52 61.67 -11.49 -18.19
N THR F 53 60.88 -10.47 -18.49
CA THR F 53 61.11 -9.13 -18.04
C THR F 53 60.07 -8.64 -16.99
N ASN F 54 60.51 -7.65 -16.22
CA ASN F 54 59.70 -7.02 -15.21
C ASN F 54 59.02 -5.84 -15.90
N PRO F 55 57.67 -5.82 -15.93
CA PRO F 55 57.03 -4.69 -16.54
C PRO F 55 57.20 -3.35 -15.86
N ALA F 56 57.65 -3.27 -14.61
CA ALA F 56 57.81 -1.97 -13.92
C ALA F 56 59.04 -1.20 -14.39
N ASP F 57 60.00 -1.91 -14.97
CA ASP F 57 61.25 -1.27 -15.47
C ASP F 57 61.89 -1.93 -16.68
N GLY F 58 61.30 -3.01 -17.18
CA GLY F 58 61.84 -3.64 -18.39
C GLY F 58 63.13 -4.42 -18.17
N SER F 59 63.51 -4.65 -16.91
CA SER F 59 64.69 -5.42 -16.64
C SER F 59 64.40 -6.91 -16.87
N VAL F 60 65.45 -7.67 -17.20
CA VAL F 60 65.32 -9.08 -17.46
C VAL F 60 65.47 -9.77 -16.12
N ILE F 61 64.52 -10.61 -15.78
CA ILE F 61 64.53 -11.30 -14.52
C ILE F 61 65.26 -12.59 -14.69
N GLY F 62 65.15 -13.21 -15.85
CA GLY F 62 65.70 -14.55 -16.11
C GLY F 62 65.22 -15.03 -17.46
N THR F 63 65.70 -16.20 -17.88
CA THR F 63 65.18 -16.83 -19.08
C THR F 63 64.47 -18.12 -18.68
N VAL F 64 63.65 -18.60 -19.61
CA VAL F 64 63.18 -19.95 -19.58
C VAL F 64 63.38 -20.56 -20.95
N PRO F 65 63.33 -21.91 -21.03
CA PRO F 65 63.54 -22.56 -22.28
C PRO F 65 62.44 -22.30 -23.27
N SER F 66 62.80 -22.33 -24.54
CA SER F 66 61.86 -22.47 -25.63
C SER F 66 61.91 -23.94 -26.13
N LEU F 67 61.12 -24.82 -25.49
CA LEU F 67 61.16 -26.26 -25.82
C LEU F 67 60.59 -26.55 -27.20
N SER F 68 61.16 -27.57 -27.89
CA SER F 68 60.73 -27.93 -29.27
C SER F 68 59.59 -28.88 -29.22
N VAL F 69 58.92 -29.07 -30.35
CA VAL F 69 57.84 -30.01 -30.40
C VAL F 69 58.29 -31.44 -30.01
N ALA F 70 59.51 -31.84 -30.41
CA ALA F 70 59.97 -33.19 -30.10
C ALA F 70 60.06 -33.38 -28.59
N THR F 71 60.44 -32.33 -27.89
CA THR F 71 60.58 -32.42 -26.47
C THR F 71 59.20 -32.46 -25.82
N ILE F 72 58.22 -31.77 -26.42
CA ILE F 72 56.83 -31.85 -25.94
C ILE F 72 56.32 -33.28 -26.12
N LYS F 73 56.63 -33.92 -27.25
CA LYS F 73 56.23 -35.33 -27.46
C LYS F 73 56.79 -36.23 -26.37
N GLU F 74 58.02 -35.98 -25.96
CA GLU F 74 58.63 -36.72 -24.89
C GLU F 74 57.92 -36.53 -23.53
N ALA F 75 57.62 -35.26 -23.19
CA ALA F 75 56.82 -34.95 -21.99
C ALA F 75 55.49 -35.65 -22.03
N ILE F 76 54.84 -35.66 -23.19
CA ILE F 76 53.58 -36.38 -23.30
C ILE F 76 53.72 -37.90 -23.01
N ASP F 77 54.73 -38.56 -23.61
CA ASP F 77 54.95 -39.98 -23.35
C ASP F 77 55.31 -40.15 -21.88
N ALA F 78 56.08 -39.22 -21.32
CA ALA F 78 56.40 -39.34 -19.90
C ALA F 78 55.11 -39.26 -19.05
N SER F 79 54.18 -38.39 -19.44
CA SER F 79 52.88 -38.30 -18.75
C SER F 79 52.09 -39.62 -18.77
N ALA F 80 51.97 -40.21 -19.95
CA ALA F 80 51.33 -41.52 -20.15
C ALA F 80 51.95 -42.58 -19.26
N LYS F 81 53.27 -42.58 -19.13
CA LYS F 81 53.95 -43.56 -18.28
C LYS F 81 53.67 -43.43 -16.74
N ALA F 82 53.59 -42.17 -16.31
CA ALA F 82 53.26 -41.80 -14.94
C ALA F 82 51.83 -42.06 -14.56
N LEU F 83 50.95 -42.08 -15.54
CA LEU F 83 49.49 -42.13 -15.27
C LEU F 83 49.06 -43.34 -14.46
N SER F 84 49.40 -44.52 -14.97
CA SER F 84 48.97 -45.77 -14.37
C SER F 84 49.23 -45.83 -12.85
N GLY F 85 50.44 -45.51 -12.43
CA GLY F 85 50.77 -45.60 -11.00
C GLY F 85 50.08 -44.52 -10.18
N TRP F 86 49.89 -43.35 -10.79
CA TRP F 86 49.24 -42.21 -10.10
C TRP F 86 47.75 -42.48 -9.96
N ALA F 87 47.13 -42.92 -11.07
CA ALA F 87 45.73 -43.34 -11.04
C ALA F 87 45.46 -44.49 -10.06
N ALA F 88 46.40 -45.41 -9.92
CA ALA F 88 46.26 -46.59 -9.03
C ALA F 88 46.40 -46.26 -7.53
N LYS F 89 46.91 -45.08 -7.19
CA LYS F 89 46.94 -44.67 -5.78
C LYS F 89 45.51 -44.55 -5.24
N THR F 90 45.34 -44.70 -3.93
CA THR F 90 44.06 -44.37 -3.32
C THR F 90 43.85 -42.84 -3.41
N ALA F 91 42.60 -42.42 -3.44
CA ALA F 91 42.22 -41.04 -3.27
C ALA F 91 42.95 -40.46 -2.07
N LYS F 92 43.00 -41.19 -0.95
CA LYS F 92 43.61 -40.72 0.27
C LYS F 92 45.09 -40.42 0.07
N GLU F 93 45.78 -41.29 -0.65
CA GLU F 93 47.20 -41.03 -0.86
CA GLU F 93 47.20 -41.10 -0.96
C GLU F 93 47.40 -39.80 -1.70
N ARG F 94 46.58 -39.63 -2.74
CA ARG F 94 46.68 -38.43 -3.57
C ARG F 94 46.32 -37.17 -2.78
N ALA F 95 45.32 -37.24 -1.90
CA ALA F 95 44.89 -36.09 -1.11
C ALA F 95 46.04 -35.69 -0.18
N GLY F 96 46.74 -36.70 0.34
CA GLY F 96 47.90 -36.43 1.20
C GLY F 96 49.00 -35.71 0.47
N ILE F 97 49.32 -36.17 -0.73
CA ILE F 97 50.38 -35.53 -1.48
C ILE F 97 49.91 -34.10 -1.80
N LEU F 98 48.69 -33.96 -2.29
CA LEU F 98 48.21 -32.61 -2.64
C LEU F 98 48.24 -31.66 -1.47
N ARG F 99 47.82 -32.13 -0.30
CA ARG F 99 47.87 -31.31 0.89
C ARG F 99 49.32 -30.91 1.30
N LYS F 100 50.32 -31.80 1.18
CA LYS F 100 51.71 -31.32 1.35
C LYS F 100 52.06 -30.18 0.36
N TRP F 101 51.52 -30.26 -0.87
CA TRP F 101 51.83 -29.26 -1.90
C TRP F 101 51.21 -27.90 -1.50
N PHE F 102 49.96 -27.97 -1.10
CA PHE F 102 49.25 -26.87 -0.49
C PHE F 102 50.07 -26.23 0.67
N ASP F 103 50.39 -27.03 1.68
CA ASP F 103 51.14 -26.54 2.80
C ASP F 103 52.50 -25.87 2.37
N LEU F 104 53.18 -26.41 1.38
CA LEU F 104 54.42 -25.80 0.92
C LEU F 104 54.22 -24.45 0.29
N ILE F 105 53.08 -24.29 -0.41
CA ILE F 105 52.81 -23.09 -1.16
C ILE F 105 52.55 -22.01 -0.16
N ILE F 106 51.78 -22.32 0.90
CA ILE F 106 51.50 -21.37 1.93
C ILE F 106 52.80 -21.01 2.65
N ALA F 107 53.64 -22.00 2.93
CA ALA F 107 54.88 -21.72 3.68
C ALA F 107 55.77 -20.83 2.88
N ASN F 108 55.60 -20.80 1.55
CA ASN F 108 56.45 -20.09 0.61
C ASN F 108 55.79 -18.89 -0.10
N ALA F 109 54.68 -18.41 0.44
CA ALA F 109 53.77 -17.50 -0.27
C ALA F 109 54.50 -16.20 -0.59
N ASP F 110 55.28 -15.70 0.37
CA ASP F 110 55.98 -14.41 0.17
C ASP F 110 56.92 -14.42 -1.01
N ASP F 111 57.79 -15.45 -1.08
CA ASP F 111 58.68 -15.63 -2.21
C ASP F 111 57.93 -15.77 -3.52
N ILE F 112 56.87 -16.60 -3.57
CA ILE F 112 56.08 -16.78 -4.83
C ILE F 112 55.41 -15.47 -5.22
N ALA F 113 54.94 -14.73 -4.22
CA ALA F 113 54.35 -13.38 -4.49
C ALA F 113 55.36 -12.43 -5.15
N LEU F 114 56.61 -12.49 -4.69
CA LEU F 114 57.66 -11.58 -5.24
C LEU F 114 58.02 -11.93 -6.66
N ILE F 115 58.17 -13.22 -6.89
CA ILE F 115 58.34 -13.69 -8.27
C ILE F 115 57.19 -13.19 -9.16
N MET F 116 55.95 -13.37 -8.69
CA MET F 116 54.81 -12.99 -9.51
C MET F 116 54.75 -11.46 -9.73
N THR F 117 54.88 -10.71 -8.66
CA THR F 117 54.91 -9.26 -8.80
C THR F 117 55.99 -8.86 -9.78
N SER F 118 57.12 -9.53 -9.69
CA SER F 118 58.27 -9.12 -10.49
C SER F 118 58.04 -9.32 -11.97
N GLU F 119 57.54 -10.51 -12.35
CA GLU F 119 57.25 -10.83 -13.76
C GLU F 119 55.94 -10.28 -14.33
N GLN F 120 54.92 -10.06 -13.51
CA GLN F 120 53.67 -9.59 -14.12
C GLN F 120 53.17 -8.18 -13.77
N GLY F 121 53.56 -7.64 -12.64
CA GLY F 121 53.40 -6.21 -12.33
C GLY F 121 52.52 -5.91 -11.12
N LYS F 122 51.60 -6.84 -10.78
CA LYS F 122 50.63 -6.57 -9.74
C LYS F 122 51.35 -6.37 -8.39
N PRO F 123 50.73 -5.59 -7.51
CA PRO F 123 51.35 -5.28 -6.24
C PRO F 123 51.57 -6.50 -5.35
N LEU F 124 52.63 -6.46 -4.55
CA LEU F 124 52.94 -7.53 -3.66
C LEU F 124 51.71 -8.02 -2.90
N ALA F 125 50.85 -7.14 -2.36
CA ALA F 125 49.68 -7.58 -1.63
C ALA F 125 48.69 -8.34 -2.49
N GLU F 126 48.53 -7.96 -3.76
CA GLU F 126 47.64 -8.70 -4.67
C GLU F 126 48.25 -10.04 -5.03
N ALA F 127 49.57 -10.05 -5.24
CA ALA F 127 50.30 -11.30 -5.58
C ALA F 127 50.15 -12.33 -4.45
N ARG F 128 50.31 -11.88 -3.23
CA ARG F 128 50.22 -12.75 -2.08
CA ARG F 128 50.21 -12.75 -2.07
C ARG F 128 48.78 -13.25 -1.88
N GLY F 129 47.81 -12.37 -2.07
CA GLY F 129 46.40 -12.76 -2.09
C GLY F 129 46.15 -13.83 -3.16
N GLU F 130 46.73 -13.67 -4.35
CA GLU F 130 46.52 -14.63 -5.43
C GLU F 130 47.19 -15.99 -5.07
N VAL F 131 48.34 -15.93 -4.38
CA VAL F 131 48.96 -17.15 -3.93
C VAL F 131 48.07 -17.95 -3.01
N LEU F 132 47.47 -17.30 -2.01
CA LEU F 132 46.62 -18.01 -1.05
C LEU F 132 45.33 -18.53 -1.75
N TYR F 133 44.82 -17.75 -2.70
CA TYR F 133 43.68 -18.13 -3.50
C TYR F 133 44.03 -19.34 -4.35
N ALA F 134 45.17 -19.27 -5.05
CA ALA F 134 45.64 -20.38 -5.87
C ALA F 134 45.81 -21.65 -5.02
N ALA F 135 46.45 -21.48 -3.87
CA ALA F 135 46.64 -22.61 -2.98
C ALA F 135 45.33 -23.25 -2.58
N SER F 136 44.28 -22.44 -2.38
CA SER F 136 43.02 -22.98 -1.83
C SER F 136 42.34 -23.99 -2.72
N PHE F 137 42.62 -23.89 -4.01
CA PHE F 137 42.14 -24.89 -4.95
C PHE F 137 42.82 -26.25 -4.68
N ILE F 138 44.11 -26.22 -4.35
CA ILE F 138 44.84 -27.48 -4.04
C ILE F 138 44.25 -28.10 -2.78
N GLU F 139 44.04 -27.30 -1.74
CA GLU F 139 43.33 -27.78 -0.56
C GLU F 139 41.97 -28.34 -0.88
N TRP F 140 41.17 -27.60 -1.59
CA TRP F 140 39.79 -28.04 -1.92
C TRP F 140 39.71 -29.39 -2.63
N PHE F 141 40.53 -29.55 -3.65
CA PHE F 141 40.50 -30.76 -4.47
C PHE F 141 41.23 -31.95 -3.83
N ALA F 142 42.22 -31.69 -2.98
CA ALA F 142 42.75 -32.72 -2.08
C ALA F 142 41.61 -33.29 -1.26
N GLU F 143 40.79 -32.39 -0.72
CA GLU F 143 39.56 -32.82 -0.03
C GLU F 143 38.53 -33.51 -0.94
N GLU F 144 38.37 -33.03 -2.17
CA GLU F 144 37.42 -33.62 -3.13
C GLU F 144 37.83 -34.98 -3.68
N ALA F 145 39.12 -35.21 -3.81
CA ALA F 145 39.64 -36.53 -4.20
C ALA F 145 38.92 -37.67 -3.45
N LYS F 146 38.68 -37.48 -2.15
CA LYS F 146 38.08 -38.53 -1.30
C LYS F 146 36.56 -38.62 -1.50
N ARG F 147 36.01 -37.73 -2.32
CA ARG F 147 34.57 -37.58 -2.43
C ARG F 147 34.12 -37.69 -3.89
N VAL F 148 34.92 -38.37 -4.71
CA VAL F 148 34.49 -38.69 -6.04
C VAL F 148 33.49 -39.83 -5.94
N TYR F 149 32.21 -39.50 -5.77
CA TYR F 149 31.20 -40.51 -5.50
C TYR F 149 30.54 -41.06 -6.76
N GLY F 150 30.28 -42.36 -6.78
CA GLY F 150 29.54 -43.02 -7.88
C GLY F 150 28.12 -43.28 -7.43
N ASP F 151 27.33 -44.00 -8.23
CA ASP F 151 25.92 -44.23 -7.93
C ASP F 151 25.57 -45.71 -7.98
N THR F 152 24.53 -46.10 -7.26
CA THR F 152 23.81 -47.31 -7.59
C THR F 152 22.43 -46.82 -8.01
N ILE F 153 21.88 -47.46 -9.02
CA ILE F 153 20.60 -47.03 -9.58
C ILE F 153 19.63 -48.20 -9.70
N PRO F 154 18.39 -48.04 -9.21
CA PRO F 154 17.43 -49.17 -9.35
C PRO F 154 17.34 -49.69 -10.79
N ALA F 155 17.44 -51.00 -10.97
CA ALA F 155 17.42 -51.58 -12.33
C ALA F 155 15.97 -51.74 -12.77
N PRO F 156 15.66 -51.38 -14.03
CA PRO F 156 14.34 -51.66 -14.57
C PRO F 156 14.01 -53.16 -14.65
N GLN F 157 15.02 -54.01 -14.66
CA GLN F 157 14.79 -55.44 -14.77
C GLN F 157 15.28 -56.18 -13.59
N ASN F 158 14.53 -57.20 -13.22
CA ASN F 158 14.96 -58.04 -12.11
C ASN F 158 16.15 -58.85 -12.57
N GLY F 159 17.01 -59.17 -11.61
CA GLY F 159 18.21 -59.93 -11.90
C GLY F 159 19.37 -59.09 -12.44
N GLN F 160 19.21 -57.76 -12.43
CA GLN F 160 20.27 -56.80 -12.84
C GLN F 160 20.55 -55.78 -11.75
N ARG F 161 21.82 -55.39 -11.63
CA ARG F 161 22.24 -54.28 -10.79
C ARG F 161 23.05 -53.24 -11.58
N LEU F 162 22.70 -51.96 -11.38
CA LEU F 162 23.33 -50.84 -12.10
C LEU F 162 24.19 -49.99 -11.18
N THR F 163 25.42 -49.78 -11.60
CA THR F 163 26.41 -49.00 -10.85
C THR F 163 26.98 -47.97 -11.79
N VAL F 164 27.31 -46.81 -11.25
CA VAL F 164 28.05 -45.78 -12.02
C VAL F 164 29.32 -45.46 -11.26
N ILE F 165 30.46 -45.49 -11.92
CA ILE F 165 31.71 -45.05 -11.33
C ILE F 165 32.34 -43.95 -12.14
N ARG F 166 33.29 -43.25 -11.53
CA ARG F 166 33.95 -42.14 -12.18
C ARG F 166 35.42 -42.34 -12.09
N GLN F 167 36.11 -42.18 -13.20
CA GLN F 167 37.52 -42.54 -13.29
C GLN F 167 38.26 -41.46 -14.06
N PRO F 168 39.58 -41.34 -13.83
CA PRO F 168 40.28 -40.20 -14.46
C PRO F 168 40.28 -40.28 -15.96
N VAL F 169 40.25 -39.11 -16.60
CA VAL F 169 40.19 -39.09 -18.05
C VAL F 169 41.54 -39.56 -18.58
N GLY F 170 42.62 -39.25 -17.87
CA GLY F 170 43.95 -39.70 -18.29
C GLY F 170 44.95 -38.55 -18.40
N VAL F 171 45.69 -38.50 -19.49
CA VAL F 171 46.65 -37.44 -19.72
C VAL F 171 45.91 -36.18 -20.16
N THR F 172 46.16 -35.08 -19.42
CA THR F 172 45.53 -33.78 -19.66
C THR F 172 46.60 -32.70 -19.87
N ALA F 173 46.24 -31.69 -20.67
CA ALA F 173 47.04 -30.51 -20.89
C ALA F 173 46.32 -29.24 -20.39
N ALA F 174 47.08 -28.33 -19.76
CA ALA F 174 46.62 -26.97 -19.41
C ALA F 174 47.41 -25.90 -20.14
N ILE F 175 46.72 -24.91 -20.70
CA ILE F 175 47.34 -23.73 -21.30
C ILE F 175 46.72 -22.51 -20.56
N THR F 176 47.58 -21.67 -19.95
CA THR F 176 47.20 -20.71 -18.93
C THR F 176 47.71 -19.28 -19.21
N PRO F 177 46.97 -18.27 -18.74
CA PRO F 177 47.24 -16.89 -19.09
C PRO F 177 48.22 -16.22 -18.16
N TRP F 178 48.59 -15.00 -18.52
CA TRP F 178 49.49 -14.20 -17.70
C TRP F 178 48.85 -13.43 -16.55
N ASN F 179 47.55 -13.23 -16.55
CA ASN F 179 46.96 -12.28 -15.60
C ASN F 179 46.81 -12.81 -14.19
N PHE F 180 46.73 -14.14 -14.06
CA PHE F 180 46.76 -14.84 -12.77
C PHE F 180 47.73 -16.02 -12.93
N PRO F 181 49.03 -15.74 -12.85
CA PRO F 181 50.12 -16.68 -13.09
C PRO F 181 50.23 -17.83 -12.12
N ALA F 182 49.60 -17.77 -10.97
CA ALA F 182 49.58 -18.91 -10.06
C ALA F 182 48.23 -19.65 -10.09
N ALA F 183 47.17 -18.89 -9.89
CA ALA F 183 45.84 -19.44 -9.64
C ALA F 183 45.25 -20.14 -10.84
N MET F 184 45.57 -19.66 -12.05
CA MET F 184 44.99 -20.26 -13.22
C MET F 184 45.62 -21.62 -13.41
N ILE F 185 46.82 -21.82 -12.87
CA ILE F 185 47.47 -23.12 -12.95
C ILE F 185 46.94 -24.13 -11.93
N THR F 186 46.78 -23.71 -10.68
CA THR F 186 46.29 -24.61 -9.62
C THR F 186 44.83 -24.95 -9.82
N ARG F 187 44.11 -24.04 -10.44
CA ARG F 187 42.71 -24.26 -10.78
C ARG F 187 42.50 -25.41 -11.76
N LYS F 188 43.53 -25.78 -12.50
CA LYS F 188 43.41 -26.90 -13.44
C LYS F 188 44.15 -28.13 -12.91
N ALA F 189 45.33 -27.88 -12.37
CA ALA F 189 46.23 -28.91 -11.94
C ALA F 189 45.69 -29.66 -10.72
N ALA F 190 45.03 -28.91 -9.84
CA ALA F 190 44.50 -29.51 -8.59
C ALA F 190 43.43 -30.52 -8.85
N PRO F 191 42.40 -30.16 -9.62
CA PRO F 191 41.38 -31.16 -9.84
C PRO F 191 41.90 -32.31 -10.68
N ALA F 192 42.74 -32.03 -11.66
CA ALA F 192 43.25 -33.08 -12.53
C ALA F 192 44.02 -34.10 -11.69
N LEU F 193 44.99 -33.62 -10.92
CA LEU F 193 45.76 -34.54 -10.12
C LEU F 193 44.88 -35.28 -9.10
N ALA F 194 44.02 -34.53 -8.42
CA ALA F 194 43.12 -35.10 -7.42
C ALA F 194 42.32 -36.25 -8.02
N ALA F 195 41.87 -36.10 -9.26
CA ALA F 195 41.07 -37.09 -9.96
C ALA F 195 41.85 -38.35 -10.35
N GLY F 196 43.18 -38.36 -10.22
CA GLY F 196 44.01 -39.43 -10.80
C GLY F 196 44.55 -39.16 -12.21
N CYS F 197 44.40 -37.93 -12.70
CA CYS F 197 45.02 -37.62 -13.99
C CYS F 197 46.44 -37.13 -13.80
N THR F 198 47.18 -37.12 -14.91
CA THR F 198 48.42 -36.39 -15.04
C THR F 198 48.16 -35.10 -15.83
N MET F 199 49.02 -34.10 -15.68
CA MET F 199 48.86 -32.84 -16.43
C MET F 199 50.18 -32.31 -16.91
N ILE F 200 50.16 -31.79 -18.13
CA ILE F 200 51.22 -30.97 -18.69
C ILE F 200 50.67 -29.52 -18.78
N VAL F 201 51.38 -28.58 -18.15
CA VAL F 201 51.00 -27.16 -18.15
C VAL F 201 51.94 -26.37 -19.00
N ARG F 202 51.39 -25.65 -19.98
CA ARG F 202 52.12 -24.58 -20.62
C ARG F 202 51.62 -23.22 -20.08
N PRO F 203 52.48 -22.48 -19.39
CA PRO F 203 52.12 -21.10 -18.97
C PRO F 203 52.45 -20.05 -20.02
N ALA F 204 51.92 -18.85 -19.74
CA ALA F 204 52.09 -17.65 -20.54
C ALA F 204 53.57 -17.33 -20.65
N ASP F 205 54.05 -17.05 -21.86
CA ASP F 205 55.45 -16.60 -22.01
C ASP F 205 55.79 -15.43 -21.11
N LEU F 206 54.81 -14.57 -20.86
CA LEU F 206 55.10 -13.33 -20.13
C LEU F 206 55.27 -13.60 -18.64
N THR F 207 54.67 -14.69 -18.15
CA THR F 207 54.70 -14.99 -16.73
C THR F 207 54.89 -16.48 -16.41
N PRO F 208 55.99 -17.11 -16.88
CA PRO F 208 56.23 -18.52 -16.58
C PRO F 208 56.86 -18.80 -15.23
N LEU F 209 57.52 -17.83 -14.63
CA LEU F 209 58.35 -18.12 -13.50
C LEU F 209 57.57 -18.61 -12.31
N THR F 210 56.39 -18.04 -12.12
CA THR F 210 55.55 -18.46 -11.04
C THR F 210 55.15 -19.90 -11.21
N ALA F 211 54.89 -20.28 -12.44
CA ALA F 211 54.50 -21.65 -12.75
C ALA F 211 55.67 -22.60 -12.35
N LEU F 212 56.89 -22.22 -12.68
CA LEU F 212 58.03 -23.08 -12.35
C LEU F 212 58.24 -23.20 -10.83
N ALA F 213 58.01 -22.13 -10.08
CA ALA F 213 58.10 -22.23 -8.61
C ALA F 213 57.10 -23.24 -8.05
N LEU F 214 55.86 -23.19 -8.54
CA LEU F 214 54.85 -24.17 -8.10
C LEU F 214 55.32 -25.61 -8.42
N GLY F 215 56.02 -25.72 -9.54
CA GLY F 215 56.68 -26.97 -9.95
C GLY F 215 57.72 -27.45 -8.97
N VAL F 216 58.60 -26.54 -8.55
CA VAL F 216 59.57 -26.84 -7.51
C VAL F 216 58.87 -27.39 -6.25
N LEU F 217 57.78 -26.78 -5.82
CA LEU F 217 57.11 -27.26 -4.62
C LEU F 217 56.33 -28.56 -4.80
N ALA F 218 55.77 -28.76 -6.00
CA ALA F 218 55.12 -30.00 -6.39
C ALA F 218 56.07 -31.20 -6.19
N GLU F 219 57.29 -31.08 -6.73
CA GLU F 219 58.35 -32.10 -6.55
C GLU F 219 58.57 -32.34 -5.07
N LYS F 220 58.79 -31.26 -4.33
CA LYS F 220 59.00 -31.32 -2.88
C LYS F 220 57.81 -31.99 -2.18
N ALA F 221 56.60 -31.79 -2.68
CA ALA F 221 55.43 -32.38 -2.07
C ALA F 221 55.39 -33.88 -2.30
N GLY F 222 56.18 -34.35 -3.26
CA GLY F 222 56.19 -35.75 -3.59
C GLY F 222 55.26 -36.12 -4.72
N ILE F 223 54.99 -35.17 -5.64
CA ILE F 223 54.20 -35.52 -6.83
C ILE F 223 55.19 -36.27 -7.71
N PRO F 224 54.90 -37.55 -8.02
CA PRO F 224 55.79 -38.37 -8.85
C PRO F 224 56.16 -37.74 -10.18
N ALA F 225 57.31 -38.17 -10.71
CA ALA F 225 57.86 -37.67 -11.97
C ALA F 225 56.92 -37.96 -13.11
N GLY F 226 56.75 -36.96 -13.95
CA GLY F 226 55.81 -37.05 -15.03
C GLY F 226 54.32 -36.88 -14.70
N VAL F 227 53.94 -36.79 -13.45
CA VAL F 227 52.53 -36.56 -13.10
C VAL F 227 52.15 -35.09 -13.36
N LEU F 228 53.01 -34.16 -12.98
CA LEU F 228 52.91 -32.77 -13.32
C LEU F 228 54.15 -32.36 -14.10
N GLN F 229 53.93 -31.71 -15.24
CA GLN F 229 55.03 -31.22 -16.03
C GLN F 229 54.74 -29.80 -16.50
N ILE F 230 55.78 -28.98 -16.60
CA ILE F 230 55.60 -27.55 -16.88
C ILE F 230 56.56 -27.23 -17.99
N VAL F 231 56.03 -26.81 -19.11
CA VAL F 231 56.81 -26.69 -20.34
C VAL F 231 56.58 -25.30 -20.91
N THR F 232 57.67 -24.66 -21.33
CA THR F 232 57.62 -23.32 -21.91
C THR F 232 58.13 -23.29 -23.35
N GLY F 233 57.67 -22.31 -24.11
CA GLY F 233 58.03 -22.20 -25.52
C GLY F 233 56.89 -21.59 -26.34
N LYS F 234 56.92 -21.78 -27.65
CA LYS F 234 56.00 -21.09 -28.53
C LYS F 234 54.59 -21.62 -28.40
N ALA F 235 53.63 -20.71 -28.27
CA ALA F 235 52.25 -21.06 -27.99
C ALA F 235 51.66 -21.90 -29.11
N ARG F 236 51.85 -21.45 -30.33
CA ARG F 236 51.21 -22.05 -31.50
C ARG F 236 51.66 -23.47 -31.67
N GLU F 237 52.98 -23.66 -31.62
CA GLU F 237 53.59 -24.97 -31.85
C GLU F 237 53.34 -25.94 -30.73
N ILE F 238 53.55 -25.52 -29.50
CA ILE F 238 53.28 -26.41 -28.37
C ILE F 238 51.78 -26.69 -28.27
N GLY F 239 50.97 -25.66 -28.43
CA GLY F 239 49.52 -25.89 -28.39
C GLY F 239 49.09 -26.83 -29.51
N ALA F 240 49.69 -26.74 -30.70
CA ALA F 240 49.29 -27.64 -31.79
C ALA F 240 49.65 -29.08 -31.42
N GLU F 241 50.78 -29.30 -30.79
CA GLU F 241 51.13 -30.68 -30.43
C GLU F 241 50.23 -31.21 -29.32
N LEU F 242 49.92 -30.36 -28.34
CA LEU F 242 49.04 -30.80 -27.26
C LEU F 242 47.62 -31.16 -27.73
N THR F 243 47.13 -30.48 -28.76
CA THR F 243 45.79 -30.73 -29.21
C THR F 243 45.72 -31.81 -30.28
N SER F 244 46.85 -32.12 -30.90
CA SER F 244 46.80 -33.10 -32.00
C SER F 244 47.25 -34.45 -31.54
N ASN F 245 48.02 -34.51 -30.45
CA ASN F 245 48.53 -35.77 -29.90
C ASN F 245 47.45 -36.65 -29.29
N ASP F 246 47.34 -37.87 -29.83
CA ASP F 246 46.33 -38.85 -29.38
C ASP F 246 46.38 -39.17 -27.89
N THR F 247 47.55 -39.14 -27.27
CA THR F 247 47.67 -39.47 -25.85
C THR F 247 46.90 -38.47 -25.01
N VAL F 248 46.80 -37.25 -25.51
CA VAL F 248 46.24 -36.17 -24.70
C VAL F 248 44.74 -36.31 -24.81
N ARG F 249 44.08 -36.55 -23.67
CA ARG F 249 42.61 -36.81 -23.68
C ARG F 249 41.68 -35.64 -23.27
N LYS F 250 42.29 -34.60 -22.74
CA LYS F 250 41.57 -33.47 -22.21
C LYS F 250 42.47 -32.24 -22.28
N LEU F 251 41.91 -31.13 -22.76
CA LEU F 251 42.53 -29.82 -22.74
C LEU F 251 41.74 -28.86 -21.85
N SER F 252 42.47 -28.05 -21.09
CA SER F 252 41.87 -26.95 -20.38
C SER F 252 42.65 -25.68 -20.69
N PHE F 253 41.95 -24.67 -21.21
CA PHE F 253 42.55 -23.38 -21.60
C PHE F 253 41.81 -22.20 -20.94
N THR F 254 42.58 -21.26 -20.39
CA THR F 254 42.06 -19.94 -20.06
C THR F 254 42.82 -18.87 -20.82
N GLY F 255 42.10 -17.93 -21.40
CA GLY F 255 42.73 -16.91 -22.25
C GLY F 255 41.78 -16.34 -23.26
N SER F 256 42.30 -15.85 -24.37
CA SER F 256 41.47 -15.12 -25.32
C SER F 256 40.43 -16.03 -25.99
N THR F 257 39.31 -15.43 -26.36
CA THR F 257 38.29 -16.11 -27.16
C THR F 257 38.76 -16.53 -28.54
N GLU F 258 39.59 -15.71 -29.15
CA GLU F 258 40.14 -16.02 -30.44
C GLU F 258 40.97 -17.31 -30.37
N VAL F 259 41.83 -17.41 -29.36
CA VAL F 259 42.66 -18.58 -29.19
C VAL F 259 41.76 -19.77 -28.80
N GLY F 260 40.83 -19.57 -27.86
CA GLY F 260 39.90 -20.62 -27.47
C GLY F 260 39.18 -21.26 -28.66
N ARG F 261 38.77 -20.44 -29.62
CA ARG F 261 38.04 -20.95 -30.76
C ARG F 261 38.97 -21.82 -31.59
N LEU F 262 40.22 -21.38 -31.77
CA LEU F 262 41.20 -22.21 -32.48
C LEU F 262 41.45 -23.56 -31.76
N LEU F 263 41.59 -23.55 -30.44
CA LEU F 263 41.97 -24.75 -29.67
C LEU F 263 40.85 -25.81 -29.72
N MET F 264 39.62 -25.35 -29.72
CA MET F 264 38.52 -26.25 -29.84
C MET F 264 38.49 -26.93 -31.17
N ALA F 265 38.68 -26.16 -32.25
CA ALA F 265 38.72 -26.78 -33.59
C ALA F 265 39.86 -27.80 -33.60
N GLN F 266 40.99 -27.45 -32.98
CA GLN F 266 42.19 -28.31 -32.95
C GLN F 266 41.95 -29.60 -32.19
N CYS F 267 41.03 -29.58 -31.21
CA CYS F 267 40.66 -30.78 -30.46
C CYS F 267 39.73 -31.73 -31.22
N ALA F 268 39.03 -31.18 -32.20
CA ALA F 268 37.90 -31.88 -32.84
C ALA F 268 38.30 -33.20 -33.48
N PRO F 269 39.45 -33.24 -34.21
CA PRO F 269 39.75 -34.54 -34.85
C PRO F 269 39.92 -35.75 -33.87
N THR F 270 40.28 -35.50 -32.61
CA THR F 270 40.31 -36.58 -31.62
C THR F 270 39.22 -36.48 -30.49
N ILE F 271 38.18 -35.69 -30.75
CA ILE F 271 37.02 -35.53 -29.83
C ILE F 271 37.48 -35.34 -28.39
N LYS F 272 38.46 -34.48 -28.19
CA LYS F 272 39.03 -34.35 -26.85
C LYS F 272 38.05 -33.65 -25.94
N ARG F 273 38.14 -33.94 -24.64
CA ARG F 273 37.38 -33.19 -23.65
C ARG F 273 38.03 -31.83 -23.55
N ILE F 274 37.21 -30.84 -23.34
CA ILE F 274 37.68 -29.48 -23.39
C ILE F 274 36.94 -28.63 -22.38
N SER F 275 37.73 -27.85 -21.60
CA SER F 275 37.25 -26.81 -20.73
C SER F 275 37.86 -25.49 -21.21
N LEU F 276 37.06 -24.43 -21.25
CA LEU F 276 37.53 -23.13 -21.73
C LEU F 276 36.98 -22.02 -20.84
N GLU F 277 37.85 -21.09 -20.48
CA GLU F 277 37.39 -19.82 -19.90
C GLU F 277 37.93 -18.64 -20.68
N LEU F 278 37.03 -17.97 -21.38
CA LEU F 278 37.42 -17.03 -22.42
C LEU F 278 37.08 -15.58 -22.09
N GLY F 279 36.76 -14.80 -23.10
CA GLY F 279 36.43 -13.38 -22.85
C GLY F 279 35.17 -13.20 -22.02
N GLY F 280 34.98 -11.96 -21.60
CA GLY F 280 33.77 -11.54 -20.91
C GLY F 280 33.64 -10.07 -21.28
N ASN F 281 32.59 -9.41 -20.87
CA ASN F 281 32.47 -7.94 -21.14
C ASN F 281 31.50 -7.58 -20.04
N ALA F 282 32.03 -7.65 -18.82
CA ALA F 282 31.24 -7.73 -17.62
C ALA F 282 30.47 -6.45 -17.35
N PRO F 283 29.14 -6.56 -17.22
CA PRO F 283 28.38 -5.41 -16.74
C PRO F 283 28.34 -5.35 -15.21
N PHE F 284 28.47 -4.13 -14.68
CA PHE F 284 28.35 -3.85 -13.27
C PHE F 284 27.17 -2.84 -13.21
N ILE F 285 26.09 -3.23 -12.55
CA ILE F 285 24.84 -2.48 -12.56
C ILE F 285 24.48 -1.92 -11.19
N VAL F 286 24.36 -0.60 -11.13
CA VAL F 286 23.96 0.06 -9.90
C VAL F 286 22.55 0.65 -10.05
N PHE F 287 21.62 0.07 -9.34
CA PHE F 287 20.25 0.60 -9.33
C PHE F 287 20.10 1.72 -8.32
N ASP F 288 19.01 2.48 -8.52
CA ASP F 288 18.57 3.59 -7.60
C ASP F 288 18.57 3.28 -6.17
N ASP F 289 18.15 2.06 -5.86
CA ASP F 289 17.95 1.61 -4.48
C ASP F 289 19.09 0.74 -4.03
N ALA F 290 20.31 1.05 -4.49
CA ALA F 290 21.48 0.32 -4.04
C ALA F 290 21.94 1.05 -2.82
N ASP F 291 22.65 0.35 -1.93
CA ASP F 291 23.55 1.00 -0.98
C ASP F 291 24.69 1.59 -1.83
N LEU F 292 24.65 2.89 -2.03
CA LEU F 292 25.49 3.52 -3.02
C LEU F 292 26.96 3.47 -2.64
N ASP F 293 27.29 3.64 -1.35
CA ASP F 293 28.69 3.55 -0.92
C ASP F 293 29.24 2.15 -1.08
N ALA F 294 28.42 1.12 -0.88
CA ALA F 294 28.90 -0.24 -1.08
C ALA F 294 29.07 -0.46 -2.55
N ALA F 295 28.19 0.12 -3.35
CA ALA F 295 28.27 0.00 -4.83
C ALA F 295 29.60 0.56 -5.38
N VAL F 296 30.00 1.70 -4.83
CA VAL F 296 31.27 2.31 -5.19
C VAL F 296 32.43 1.44 -4.80
N ASP F 297 32.41 0.90 -3.59
CA ASP F 297 33.47 0.00 -3.13
C ASP F 297 33.57 -1.22 -4.07
N GLY F 298 32.41 -1.80 -4.37
CA GLY F 298 32.35 -2.97 -5.26
C GLY F 298 32.94 -2.66 -6.62
N ALA F 299 32.62 -1.48 -7.14
CA ALA F 299 33.12 -1.07 -8.44
C ALA F 299 34.63 -0.88 -8.39
N MET F 300 35.13 -0.39 -7.25
CA MET F 300 36.54 -0.17 -7.10
C MET F 300 37.31 -1.49 -7.16
N VAL F 301 36.80 -2.51 -6.46
CA VAL F 301 37.46 -3.80 -6.40
C VAL F 301 37.35 -4.48 -7.72
N SER F 302 36.20 -4.49 -8.37
CA SER F 302 36.04 -5.29 -9.57
C SER F 302 36.61 -4.65 -10.82
N LYS F 303 36.78 -3.34 -10.78
CA LYS F 303 37.33 -2.60 -11.91
C LYS F 303 38.85 -2.50 -11.80
N TYR F 304 39.34 -2.13 -10.62
CA TYR F 304 40.73 -1.76 -10.52
C TYR F 304 41.75 -2.82 -10.04
N ARG F 305 41.29 -3.94 -9.49
CA ARG F 305 42.17 -5.06 -9.15
C ARG F 305 42.92 -5.55 -10.38
N ASN F 306 44.21 -5.83 -10.24
CA ASN F 306 45.07 -6.29 -11.33
C ASN F 306 45.03 -5.24 -12.43
N ALA F 307 44.84 -3.97 -12.01
CA ALA F 307 44.74 -2.84 -12.91
C ALA F 307 43.68 -3.01 -14.04
N GLY F 308 42.61 -3.72 -13.72
CA GLY F 308 41.54 -4.00 -14.67
C GLY F 308 41.84 -5.03 -15.73
N GLN F 309 42.89 -5.82 -15.51
CA GLN F 309 43.40 -6.80 -16.49
C GLN F 309 42.90 -8.18 -16.17
N THR F 310 41.59 -8.33 -16.20
CA THR F 310 41.02 -9.64 -16.01
C THR F 310 39.73 -9.78 -16.72
N CYS F 311 39.46 -11.08 -16.92
N CYS F 311 39.35 -11.00 -17.12
CA CYS F 311 38.32 -11.70 -17.56
CA CYS F 311 38.09 -11.12 -17.87
C CYS F 311 37.03 -11.16 -16.94
C CYS F 311 36.86 -11.07 -16.95
N VAL F 312 37.00 -11.21 -15.61
CA VAL F 312 35.87 -10.82 -14.77
C VAL F 312 35.81 -9.32 -14.36
N CYS F 313 36.76 -8.46 -14.80
CA CYS F 313 36.69 -7.06 -14.35
C CYS F 313 35.46 -6.40 -14.91
N ALA F 314 34.92 -5.44 -14.17
CA ALA F 314 33.80 -4.67 -14.64
C ALA F 314 34.31 -4.00 -15.89
N ASN F 315 33.65 -4.25 -17.00
CA ASN F 315 34.01 -3.54 -18.24
C ASN F 315 33.10 -2.37 -18.58
N ARG F 316 31.82 -2.48 -18.20
CA ARG F 316 30.78 -1.50 -18.46
C ARG F 316 30.05 -1.32 -17.16
N ILE F 317 30.10 -0.10 -16.60
CA ILE F 317 29.44 0.23 -15.33
C ILE F 317 28.14 1.02 -15.61
N TYR F 318 26.99 0.37 -15.39
CA TYR F 318 25.68 0.95 -15.65
C TYR F 318 25.13 1.50 -14.35
N VAL F 319 24.82 2.80 -14.32
CA VAL F 319 24.33 3.45 -13.12
C VAL F 319 22.95 4.07 -13.45
N GLN F 320 21.96 3.76 -12.63
CA GLN F 320 20.60 4.26 -12.89
C GLN F 320 20.60 5.79 -12.72
N ARG F 321 19.87 6.47 -13.57
CA ARG F 321 20.08 7.90 -13.78
C ARG F 321 19.96 8.72 -12.48
N GLY F 322 19.06 8.36 -11.58
CA GLY F 322 18.87 9.15 -10.35
C GLY F 322 20.04 9.14 -9.39
N VAL F 323 20.96 8.18 -9.50
CA VAL F 323 22.15 8.17 -8.59
C VAL F 323 23.45 8.33 -9.41
N TYR F 324 23.31 8.58 -10.72
CA TYR F 324 24.44 8.69 -11.62
C TYR F 324 25.47 9.74 -11.19
N ASP F 325 25.05 11.00 -10.99
CA ASP F 325 26.05 12.03 -10.70
C ASP F 325 26.74 11.76 -9.36
N LYS F 326 25.98 11.34 -8.37
CA LYS F 326 26.57 11.07 -7.07
C LYS F 326 27.50 9.82 -7.07
N PHE F 327 27.11 8.78 -7.80
CA PHE F 327 28.00 7.62 -7.91
C PHE F 327 29.34 8.06 -8.55
N ALA F 328 29.27 8.80 -9.65
CA ALA F 328 30.49 9.20 -10.37
C ALA F 328 31.38 9.98 -9.46
N GLU F 329 30.76 10.88 -8.71
CA GLU F 329 31.56 11.74 -7.84
C GLU F 329 32.30 10.95 -6.74
N LYS F 330 31.56 10.05 -6.09
CA LYS F 330 32.10 9.13 -5.06
C LYS F 330 33.20 8.24 -5.65
N LEU F 331 32.97 7.78 -6.87
CA LEU F 331 33.98 6.91 -7.52
C LEU F 331 35.26 7.70 -7.84
N ALA F 332 35.12 8.89 -8.42
CA ALA F 332 36.25 9.81 -8.63
C ALA F 332 37.06 10.11 -7.36
N ALA F 333 36.39 10.29 -6.23
CA ALA F 333 37.14 10.46 -4.98
C ALA F 333 38.04 9.25 -4.66
N LYS F 334 37.52 8.03 -4.81
CA LYS F 334 38.31 6.85 -4.52
C LYS F 334 39.43 6.68 -5.57
N VAL F 335 39.14 6.95 -6.84
CA VAL F 335 40.13 6.71 -7.87
C VAL F 335 41.33 7.63 -7.70
N LYS F 336 41.08 8.90 -7.27
CA LYS F 336 42.14 9.89 -7.04
C LYS F 336 43.11 9.45 -5.95
N GLU F 337 42.65 8.69 -4.95
CA GLU F 337 43.52 8.13 -3.92
C GLU F 337 44.40 6.94 -4.37
N LEU F 338 44.23 6.40 -5.57
CA LEU F 338 44.93 5.16 -5.96
C LEU F 338 46.43 5.44 -6.27
N LYS F 339 47.32 4.79 -5.55
CA LYS F 339 48.75 5.01 -5.79
C LYS F 339 49.26 4.03 -6.84
N VAL F 340 49.85 4.58 -7.89
CA VAL F 340 50.44 3.84 -9.03
C VAL F 340 51.97 3.83 -8.90
N GLY F 341 52.57 2.67 -9.04
CA GLY F 341 53.98 2.56 -9.06
C GLY F 341 54.44 1.15 -9.14
N ASN F 342 55.71 0.95 -8.82
CA ASN F 342 56.33 -0.36 -8.81
C ASN F 342 55.70 -1.23 -7.72
N GLY F 343 55.36 -2.46 -8.09
CA GLY F 343 54.62 -3.40 -7.22
C GLY F 343 55.22 -3.82 -5.89
N THR F 344 56.52 -3.67 -5.75
CA THR F 344 57.20 -3.93 -4.48
C THR F 344 57.17 -2.73 -3.47
N GLU F 345 56.78 -1.55 -3.92
CA GLU F 345 56.74 -0.37 -3.04
C GLU F 345 55.48 -0.39 -2.15
N PRO F 346 55.65 -0.25 -0.83
CA PRO F 346 54.49 -0.20 0.08
C PRO F 346 53.51 0.92 -0.26
N GLY F 347 52.22 0.65 -0.11
CA GLY F 347 51.15 1.59 -0.48
C GLY F 347 50.70 1.50 -1.93
N VAL F 348 51.54 0.99 -2.82
CA VAL F 348 51.16 0.87 -4.23
C VAL F 348 50.01 -0.12 -4.40
N VAL F 349 48.95 0.33 -5.08
CA VAL F 349 47.80 -0.51 -5.39
C VAL F 349 47.52 -0.72 -6.89
N ILE F 350 48.26 -0.03 -7.74
CA ILE F 350 48.17 -0.20 -9.20
C ILE F 350 49.60 -0.26 -9.78
N GLY F 351 49.95 -1.40 -10.34
CA GLY F 351 51.24 -1.60 -10.95
C GLY F 351 51.17 -1.17 -12.42
N PRO F 352 52.20 -1.55 -13.18
CA PRO F 352 52.16 -1.19 -14.57
C PRO F 352 51.23 -2.13 -15.31
N MET F 353 50.81 -1.75 -16.50
CA MET F 353 50.13 -2.71 -17.36
C MET F 353 51.15 -3.70 -17.97
N ILE F 354 50.65 -4.84 -18.48
CA ILE F 354 51.53 -5.93 -18.89
C ILE F 354 52.38 -5.61 -20.13
N GLU F 355 51.84 -4.88 -21.10
CA GLU F 355 52.59 -4.55 -22.28
C GLU F 355 52.11 -3.29 -22.96
N GLU F 356 52.91 -2.79 -23.90
CA GLU F 356 52.60 -1.51 -24.52
C GLU F 356 51.29 -1.52 -25.32
N LYS F 357 50.98 -2.63 -26.00
CA LYS F 357 49.75 -2.69 -26.82
C LYS F 357 48.49 -2.63 -25.97
N ALA F 358 48.55 -3.14 -24.74
CA ALA F 358 47.45 -2.99 -23.78
C ALA F 358 47.15 -1.54 -23.49
N ILE F 359 48.20 -0.72 -23.32
CA ILE F 359 48.03 0.70 -23.08
C ILE F 359 47.39 1.39 -24.29
N THR F 360 47.77 0.96 -25.49
CA THR F 360 47.18 1.53 -26.70
C THR F 360 45.68 1.27 -26.79
N LYS F 361 45.27 0.08 -26.36
CA LYS F 361 43.87 -0.26 -26.32
C LYS F 361 43.06 0.69 -25.38
N VAL F 362 43.59 0.96 -24.18
CA VAL F 362 42.92 1.82 -23.23
C VAL F 362 42.78 3.20 -23.80
N LYS F 363 43.85 3.72 -24.37
CA LYS F 363 43.80 5.01 -25.00
C LYS F 363 42.81 5.02 -26.16
N ALA F 364 42.71 3.92 -26.88
CA ALA F 364 41.73 3.87 -28.00
C ALA F 364 40.31 4.05 -27.44
N HIS F 365 40.04 3.40 -26.32
CA HIS F 365 38.68 3.43 -25.72
C HIS F 365 38.34 4.77 -25.17
N ILE F 366 39.32 5.43 -24.57
CA ILE F 366 39.15 6.81 -24.07
C ILE F 366 38.89 7.78 -25.24
N GLU F 367 39.73 7.70 -26.28
CA GLU F 367 39.61 8.68 -27.37
C GLU F 367 38.30 8.48 -28.14
N ASP F 368 37.96 7.21 -28.37
CA ASP F 368 36.71 6.87 -29.05
C ASP F 368 35.55 7.47 -28.28
N ALA F 369 35.58 7.27 -26.95
CA ALA F 369 34.46 7.68 -26.10
C ALA F 369 34.30 9.17 -26.07
N VAL F 370 35.43 9.86 -25.87
CA VAL F 370 35.44 11.28 -25.80
C VAL F 370 35.04 11.79 -27.18
N SER F 371 35.52 11.18 -28.26
CA SER F 371 35.16 11.69 -29.59
C SER F 371 33.65 11.60 -29.79
N LYS F 372 33.02 10.64 -29.12
CA LYS F 372 31.57 10.47 -29.26
C LYS F 372 30.76 11.15 -28.15
N GLY F 373 31.39 12.04 -27.39
CA GLY F 373 30.67 12.86 -26.42
C GLY F 373 30.86 12.49 -24.97
N ALA F 374 31.56 11.41 -24.64
CA ALA F 374 31.90 11.12 -23.22
C ALA F 374 32.93 12.13 -22.70
N LYS F 375 33.08 12.17 -21.38
CA LYS F 375 34.03 13.04 -20.69
C LYS F 375 35.02 12.25 -19.81
N LEU F 376 36.31 12.51 -19.94
CA LEU F 376 37.29 11.80 -19.18
C LEU F 376 37.46 12.69 -17.97
N ILE F 377 36.88 12.28 -16.85
CA ILE F 377 36.75 13.18 -15.71
C ILE F 377 37.91 13.10 -14.81
N THR F 378 38.70 12.05 -14.94
CA THR F 378 39.89 11.85 -14.15
C THR F 378 40.84 10.85 -14.82
N GLY F 379 42.12 11.10 -14.67
CA GLY F 379 43.17 10.13 -15.04
C GLY F 379 43.24 9.78 -16.51
N GLY F 380 43.53 8.52 -16.81
CA GLY F 380 43.55 8.06 -18.19
C GLY F 380 44.73 8.62 -18.97
N LYS F 381 45.89 8.80 -18.31
CA LYS F 381 47.11 9.32 -18.97
C LYS F 381 48.28 8.34 -18.74
N GLU F 382 49.15 8.22 -19.74
CA GLU F 382 50.46 7.57 -19.63
C GLU F 382 51.33 8.24 -18.55
N LEU F 383 51.90 7.46 -17.65
CA LEU F 383 52.77 8.03 -16.60
C LEU F 383 54.22 7.74 -16.90
N GLY F 384 54.53 7.09 -18.02
CA GLY F 384 55.89 6.64 -18.30
C GLY F 384 56.06 5.13 -18.28
N GLY F 385 56.84 4.62 -19.23
CA GLY F 385 57.02 3.19 -19.42
C GLY F 385 55.66 2.54 -19.62
N LEU F 386 55.39 1.47 -18.89
CA LEU F 386 54.14 0.73 -19.03
C LEU F 386 53.07 1.16 -18.02
N PHE F 387 53.29 2.28 -17.36
CA PHE F 387 52.42 2.70 -16.27
C PHE F 387 51.38 3.62 -16.81
N PHE F 388 50.15 3.45 -16.32
CA PHE F 388 48.98 4.15 -16.86
C PHE F 388 48.05 4.53 -15.70
N GLU F 389 47.61 5.76 -15.73
CA GLU F 389 46.84 6.31 -14.64
C GLU F 389 45.37 5.88 -14.72
N PRO F 390 44.83 5.28 -13.67
CA PRO F 390 43.41 4.94 -13.59
C PRO F 390 42.50 6.12 -13.94
N GLY F 391 41.41 5.83 -14.64
CA GLY F 391 40.59 6.88 -15.22
C GLY F 391 39.14 6.54 -15.12
N ILE F 392 38.32 7.56 -15.30
CA ILE F 392 36.86 7.43 -15.31
C ILE F 392 36.31 8.24 -16.49
N LEU F 393 35.36 7.66 -17.21
CA LEU F 393 34.64 8.35 -18.25
C LEU F 393 33.13 8.45 -17.82
N THR F 394 32.52 9.62 -17.99
CA THR F 394 31.08 9.74 -17.82
C THR F 394 30.47 9.98 -19.17
N GLY F 395 29.15 9.81 -19.29
CA GLY F 395 28.48 9.96 -20.58
C GLY F 395 28.81 8.92 -21.63
N VAL F 396 29.05 7.69 -21.20
CA VAL F 396 29.36 6.58 -22.08
C VAL F 396 28.05 6.02 -22.62
N THR F 397 28.04 5.71 -23.91
CA THR F 397 26.86 5.15 -24.57
C THR F 397 27.21 3.91 -25.38
N SER F 398 26.17 3.25 -25.86
CA SER F 398 26.29 1.93 -26.44
C SER F 398 26.94 1.97 -27.82
N ASP F 399 27.11 3.15 -28.39
CA ASP F 399 27.89 3.25 -29.64
C ASP F 399 29.38 3.38 -29.44
N MET F 400 29.86 3.37 -28.21
CA MET F 400 31.27 3.46 -28.03
C MET F 400 31.94 2.04 -28.01
N LEU F 401 33.17 1.99 -28.51
CA LEU F 401 33.98 0.74 -28.53
C LEU F 401 33.91 -0.01 -27.21
N VAL F 402 33.99 0.71 -26.12
CA VAL F 402 34.05 0.07 -24.83
C VAL F 402 32.76 -0.72 -24.50
N ALA F 403 31.64 -0.32 -25.09
CA ALA F 403 30.40 -1.08 -24.96
C ALA F 403 30.57 -2.47 -25.56
N LYS F 404 31.36 -2.54 -26.64
CA LYS F 404 31.52 -3.81 -27.35
C LYS F 404 32.79 -4.58 -27.05
N GLU F 405 33.86 -3.86 -26.74
CA GLU F 405 35.21 -4.45 -26.61
C GLU F 405 35.72 -4.38 -25.17
N GLU F 406 36.49 -5.39 -24.77
CA GLU F 406 37.11 -5.39 -23.43
C GLU F 406 38.30 -4.39 -23.36
N THR F 407 38.22 -3.45 -22.43
CA THR F 407 39.37 -2.56 -22.17
C THR F 407 40.64 -3.25 -21.64
N PHE F 408 40.47 -4.18 -20.72
CA PHE F 408 41.57 -4.80 -20.01
C PHE F 408 42.56 -3.79 -19.42
N GLY F 409 42.02 -2.73 -18.83
CA GLY F 409 42.85 -1.69 -18.25
C GLY F 409 42.07 -0.87 -17.23
N PRO F 410 42.74 0.13 -16.63
CA PRO F 410 42.18 0.73 -15.46
C PRO F 410 41.31 1.92 -15.80
N LEU F 411 40.18 1.62 -16.41
CA LEU F 411 39.29 2.61 -16.95
C LEU F 411 37.85 2.23 -16.65
N ALA F 412 37.16 3.11 -15.92
CA ALA F 412 35.76 2.90 -15.55
C ALA F 412 34.84 3.74 -16.44
N PRO F 413 34.11 3.10 -17.36
CA PRO F 413 33.17 3.79 -18.19
C PRO F 413 31.74 3.69 -17.65
N LEU F 414 31.16 4.85 -17.35
CA LEU F 414 29.86 4.87 -16.65
C LEU F 414 28.78 5.21 -17.62
N PHE F 415 27.91 4.22 -17.86
CA PHE F 415 26.79 4.32 -18.76
C PHE F 415 25.56 4.63 -17.86
N ALA F 416 24.73 5.57 -18.28
CA ALA F 416 23.43 5.85 -17.61
C ALA F 416 22.38 4.95 -18.21
N PHE F 417 21.47 4.45 -17.39
CA PHE F 417 20.26 3.80 -17.87
C PHE F 417 19.10 4.28 -17.03
N ASP F 418 17.88 4.01 -17.51
CA ASP F 418 16.68 4.36 -16.78
C ASP F 418 15.88 3.15 -16.29
N THR F 419 15.74 2.08 -17.07
CA THR F 419 14.89 0.97 -16.61
C THR F 419 15.59 -0.39 -16.44
N GLU F 420 14.96 -1.23 -15.66
CA GLU F 420 15.50 -2.51 -15.40
C GLU F 420 15.48 -3.31 -16.70
N GLU F 421 14.39 -3.27 -17.44
CA GLU F 421 14.33 -4.03 -18.69
C GLU F 421 15.42 -3.62 -19.71
N GLU F 422 15.65 -2.32 -19.78
CA GLU F 422 16.66 -1.70 -20.63
C GLU F 422 18.04 -2.18 -20.26
N VAL F 423 18.36 -2.09 -18.96
CA VAL F 423 19.70 -2.45 -18.51
C VAL F 423 19.97 -3.96 -18.61
N ILE F 424 18.95 -4.80 -18.38
CA ILE F 424 19.13 -6.22 -18.58
C ILE F 424 19.45 -6.49 -20.07
N ALA F 425 18.70 -5.82 -20.93
CA ALA F 425 18.88 -6.04 -22.37
C ALA F 425 20.27 -5.54 -22.84
N GLN F 426 20.69 -4.42 -22.32
CA GLN F 426 22.07 -3.94 -22.59
C GLN F 426 23.16 -4.85 -21.97
N ALA F 427 23.03 -5.30 -20.72
CA ALA F 427 23.97 -6.26 -20.12
C ALA F 427 24.11 -7.48 -21.02
N ASN F 428 22.99 -7.99 -21.56
CA ASN F 428 22.99 -9.26 -22.29
C ASN F 428 23.34 -9.13 -23.77
N ASP F 429 23.54 -7.91 -24.27
CA ASP F 429 23.78 -7.69 -25.68
C ASP F 429 25.29 -7.86 -26.00
N THR F 430 25.79 -9.07 -25.88
CA THR F 430 27.22 -9.36 -26.01
C THR F 430 27.31 -10.79 -26.42
N ILE F 431 28.37 -11.21 -27.12
CA ILE F 431 28.54 -12.65 -27.37
C ILE F 431 28.97 -13.40 -26.10
N PHE F 432 29.33 -12.65 -25.04
CA PHE F 432 29.95 -13.20 -23.85
C PHE F 432 28.94 -13.40 -22.70
N GLY F 433 29.41 -13.96 -21.59
CA GLY F 433 28.58 -14.40 -20.52
C GLY F 433 29.34 -15.05 -19.39
N LEU F 434 30.38 -14.37 -18.96
CA LEU F 434 31.25 -14.79 -17.87
C LEU F 434 30.74 -14.28 -16.51
N ALA F 435 31.08 -13.05 -16.14
CA ALA F 435 30.72 -12.46 -14.84
C ALA F 435 29.93 -11.17 -15.05
N ALA F 436 29.00 -10.92 -14.15
CA ALA F 436 28.15 -9.71 -14.11
C ALA F 436 27.92 -9.37 -12.65
N TYR F 437 27.57 -8.12 -12.36
CA TYR F 437 27.39 -7.71 -10.96
C TYR F 437 26.24 -6.73 -10.89
N PHE F 438 25.47 -6.73 -9.82
CA PHE F 438 24.47 -5.73 -9.67
C PHE F 438 24.21 -5.39 -8.22
N TYR F 439 23.76 -4.16 -7.94
CA TYR F 439 23.52 -3.70 -6.60
C TYR F 439 22.07 -3.22 -6.50
N THR F 440 21.34 -3.80 -5.55
CA THR F 440 20.00 -3.33 -5.21
C THR F 440 19.62 -3.92 -3.89
N GLU F 441 18.80 -3.18 -3.15
CA GLU F 441 18.30 -3.70 -1.87
C GLU F 441 16.94 -4.33 -1.99
N ASN F 442 16.35 -4.34 -3.17
CA ASN F 442 15.02 -4.89 -3.36
C ASN F 442 15.05 -6.39 -3.64
N PHE F 443 14.24 -7.14 -2.89
CA PHE F 443 14.28 -8.59 -2.92
C PHE F 443 13.79 -9.13 -4.28
N SER F 444 12.61 -8.67 -4.72
CA SER F 444 12.06 -9.13 -6.01
C SER F 444 13.00 -8.82 -7.23
N ARG F 445 13.50 -7.59 -7.29
CA ARG F 445 14.51 -7.25 -8.30
C ARG F 445 15.78 -8.14 -8.28
N ALA F 446 16.25 -8.52 -7.10
CA ALA F 446 17.37 -9.45 -6.96
C ALA F 446 17.11 -10.77 -7.66
N ILE F 447 15.88 -11.26 -7.52
CA ILE F 447 15.47 -12.49 -8.22
C ILE F 447 15.44 -12.23 -9.67
N ARG F 448 14.78 -11.14 -10.09
CA ARG F 448 14.54 -10.96 -11.53
C ARG F 448 15.88 -10.77 -12.26
N VAL F 449 16.74 -9.93 -11.70
CA VAL F 449 17.96 -9.53 -12.40
C VAL F 449 18.97 -10.68 -12.34
N SER F 450 19.17 -11.29 -11.17
CA SER F 450 20.12 -12.42 -11.07
C SER F 450 19.72 -13.53 -12.05
N GLU F 451 18.44 -13.76 -12.22
CA GLU F 451 18.00 -14.80 -13.14
C GLU F 451 18.05 -14.41 -14.64
N ALA F 452 17.81 -13.12 -14.94
CA ALA F 452 17.73 -12.63 -16.32
C ALA F 452 19.12 -12.45 -16.95
N LEU F 453 20.12 -12.19 -16.14
CA LEU F 453 21.44 -11.97 -16.64
C LEU F 453 22.02 -13.27 -17.14
N GLU F 454 22.39 -13.23 -18.41
CA GLU F 454 22.96 -14.42 -19.09
C GLU F 454 24.45 -14.55 -18.87
N TYR F 455 24.79 -14.97 -17.65
CA TYR F 455 26.16 -14.99 -17.18
C TYR F 455 26.39 -16.31 -16.38
N GLY F 456 27.59 -16.84 -16.40
CA GLY F 456 27.91 -17.98 -15.55
C GLY F 456 28.05 -17.64 -14.08
N MET F 457 28.31 -16.37 -13.80
CA MET F 457 28.53 -15.93 -12.44
C MET F 457 27.97 -14.50 -12.29
N VAL F 458 27.32 -14.28 -11.15
CA VAL F 458 26.62 -13.03 -10.79
C VAL F 458 26.93 -12.60 -9.34
N GLY F 459 27.50 -11.42 -9.16
CA GLY F 459 27.73 -10.89 -7.83
C GLY F 459 26.61 -9.92 -7.54
N HIS F 460 25.94 -10.09 -6.42
CA HIS F 460 24.82 -9.25 -6.05
C HIS F 460 25.27 -8.57 -4.79
N ASN F 461 25.42 -7.24 -4.85
CA ASN F 461 25.86 -6.41 -3.69
C ASN F 461 27.30 -6.68 -3.29
N THR F 462 28.06 -7.21 -4.25
CA THR F 462 29.49 -7.43 -4.03
C THR F 462 30.20 -7.47 -5.37
N GLY F 463 31.40 -6.94 -5.37
CA GLY F 463 32.27 -6.94 -6.54
C GLY F 463 33.32 -8.02 -6.45
N LEU F 464 33.22 -8.89 -5.46
CA LEU F 464 34.21 -9.91 -5.23
C LEU F 464 33.55 -11.27 -5.06
N ILE F 465 33.64 -12.12 -6.05
CA ILE F 465 32.90 -13.36 -6.01
C ILE F 465 33.82 -14.57 -6.04
N SER F 466 35.14 -14.31 -6.11
CA SER F 466 36.11 -15.37 -6.33
C SER F 466 36.39 -16.21 -5.07
N ASN F 467 36.36 -17.53 -5.23
CA ASN F 467 36.70 -18.44 -4.16
C ASN F 467 36.84 -19.82 -4.81
N GLU F 468 37.13 -20.83 -4.01
CA GLU F 468 37.40 -22.16 -4.54
C GLU F 468 36.21 -23.10 -4.41
N VAL F 469 35.14 -22.66 -3.71
CA VAL F 469 34.01 -23.54 -3.37
C VAL F 469 32.80 -23.44 -4.30
N ALA F 470 32.75 -22.42 -5.15
CA ALA F 470 31.64 -22.23 -6.07
C ALA F 470 32.09 -22.45 -7.52
N PRO F 471 31.19 -22.83 -8.43
CA PRO F 471 31.57 -23.12 -9.79
C PRO F 471 31.75 -21.85 -10.67
N PHE F 472 32.96 -21.71 -11.23
CA PHE F 472 33.39 -20.55 -12.03
C PHE F 472 33.56 -20.93 -13.44
N GLY F 473 32.95 -20.14 -14.29
CA GLY F 473 33.05 -20.35 -15.74
C GLY F 473 31.93 -19.57 -16.37
N GLY F 474 31.80 -19.71 -17.67
CA GLY F 474 30.90 -18.88 -18.43
C GLY F 474 29.91 -19.63 -19.25
N VAL F 475 28.93 -18.86 -19.73
CA VAL F 475 27.97 -19.33 -20.70
C VAL F 475 28.26 -18.60 -22.00
N LYS F 476 27.51 -18.91 -23.06
CA LYS F 476 27.73 -18.30 -24.38
C LYS F 476 29.20 -18.43 -24.84
N GLN F 477 29.83 -17.40 -25.43
CA GLN F 477 31.20 -17.56 -25.91
C GLN F 477 32.24 -17.29 -24.86
N SER F 478 31.81 -17.26 -23.60
CA SER F 478 32.70 -17.09 -22.49
C SER F 478 33.30 -18.40 -21.99
N GLY F 479 32.90 -19.53 -22.57
CA GLY F 479 33.47 -20.82 -22.19
C GLY F 479 32.64 -22.07 -22.02
N LEU F 480 33.35 -23.13 -21.67
CA LEU F 480 32.82 -24.47 -21.42
C LEU F 480 33.38 -24.99 -20.11
N GLY F 481 32.54 -25.66 -19.33
CA GLY F 481 33.00 -26.24 -18.07
C GLY F 481 33.05 -25.28 -16.88
N ARG F 482 33.22 -25.86 -15.69
CA ARG F 482 33.41 -25.12 -14.48
C ARG F 482 34.67 -25.50 -13.69
N GLU F 483 35.24 -24.50 -13.00
CA GLU F 483 36.39 -24.67 -12.10
C GLU F 483 35.97 -24.38 -10.67
N GLY F 484 36.69 -25.01 -9.73
CA GLY F 484 36.34 -25.01 -8.34
C GLY F 484 35.01 -25.76 -8.07
N SER F 485 34.64 -25.77 -6.81
CA SER F 485 33.41 -26.36 -6.34
C SER F 485 33.40 -27.87 -6.48
N LYS F 486 32.31 -28.44 -5.98
CA LYS F 486 31.98 -29.86 -6.19
C LYS F 486 31.76 -30.23 -7.64
N TYR F 487 31.71 -29.26 -8.55
CA TYR F 487 31.62 -29.56 -9.98
C TYR F 487 32.96 -29.56 -10.74
N GLY F 488 34.04 -29.10 -10.11
CA GLY F 488 35.28 -28.96 -10.84
C GLY F 488 35.95 -30.27 -11.23
N ILE F 489 35.95 -31.23 -10.33
CA ILE F 489 36.65 -32.52 -10.54
C ILE F 489 36.05 -33.37 -11.70
N GLU F 490 34.73 -33.24 -11.95
CA GLU F 490 34.06 -33.91 -13.11
C GLU F 490 34.67 -33.59 -14.46
N GLU F 491 35.24 -32.42 -14.58
CA GLU F 491 35.87 -32.02 -15.81
C GLU F 491 37.04 -32.93 -16.14
N TYR F 492 37.52 -33.68 -15.13
CA TYR F 492 38.73 -34.52 -15.26
C TYR F 492 38.39 -36.02 -15.07
N LEU F 493 37.08 -36.32 -15.08
CA LEU F 493 36.58 -37.65 -14.80
C LEU F 493 35.70 -38.12 -15.95
N GLU F 494 35.70 -39.43 -16.17
CA GLU F 494 34.75 -40.03 -17.11
C GLU F 494 33.81 -40.88 -16.34
N THR F 495 32.56 -40.82 -16.73
CA THR F 495 31.50 -41.62 -16.15
C THR F 495 31.45 -42.98 -16.85
N LYS F 496 31.40 -44.03 -16.03
CA LYS F 496 31.22 -45.39 -16.48
C LYS F 496 29.99 -45.97 -15.82
N TYR F 497 29.07 -46.43 -16.67
CA TYR F 497 27.86 -47.20 -16.34
C TYR F 497 28.17 -48.72 -16.42
N ILE F 498 27.94 -49.44 -15.33
CA ILE F 498 28.16 -50.89 -15.29
C ILE F 498 26.83 -51.52 -14.98
N CYS F 499 26.37 -52.32 -15.94
CA CYS F 499 25.18 -53.14 -15.82
C CYS F 499 25.57 -54.61 -15.58
N SER F 500 25.26 -55.11 -14.39
CA SER F 500 25.61 -56.50 -14.03
C SER F 500 24.39 -57.35 -13.78
N ALA F 501 24.33 -58.47 -14.49
CA ALA F 501 23.31 -59.49 -14.28
C ALA F 501 23.85 -60.46 -13.22
N TYR F 502 22.97 -60.93 -12.35
CA TYR F 502 23.37 -61.93 -11.39
C TYR F 502 22.27 -63.02 -11.33
N LYS F 503 22.62 -64.18 -10.76
CA LYS F 503 21.65 -65.25 -10.56
C LYS F 503 20.92 -65.04 -9.24
N ARG F 504 19.62 -64.80 -9.33
CA ARG F 504 18.78 -64.62 -8.16
C ARG F 504 18.68 -65.85 -7.30
N LEU G 23 0.95 -48.14 -46.31
CA LEU G 23 1.09 -48.92 -45.03
C LEU G 23 -0.26 -49.06 -44.32
N ALA G 24 -0.58 -50.27 -43.86
CA ALA G 24 -1.77 -50.53 -43.07
C ALA G 24 -1.73 -49.90 -41.66
N LEU G 25 -1.91 -48.57 -41.59
CA LEU G 25 -1.86 -47.83 -40.30
C LEU G 25 -3.24 -47.59 -39.69
N LYS G 26 -3.37 -47.78 -38.38
CA LYS G 26 -4.58 -47.43 -37.68
C LYS G 26 -4.84 -45.92 -37.77
N ASP G 27 -3.85 -45.11 -37.46
CA ASP G 27 -3.98 -43.68 -37.66
C ASP G 27 -3.11 -43.28 -38.85
N PRO G 28 -3.66 -43.32 -40.05
CA PRO G 28 -2.81 -42.97 -41.19
C PRO G 28 -2.28 -41.55 -41.21
N SER G 29 -2.81 -40.64 -40.39
CA SER G 29 -2.25 -39.29 -40.33
C SER G 29 -0.86 -39.24 -39.64
N LEU G 30 -0.39 -40.36 -39.07
CA LEU G 30 0.98 -40.38 -38.51
C LEU G 30 2.02 -40.40 -39.62
N LEU G 31 1.66 -40.89 -40.80
CA LEU G 31 2.60 -40.91 -41.93
C LEU G 31 2.60 -39.55 -42.61
N LYS G 32 3.74 -38.86 -42.62
CA LYS G 32 3.80 -37.52 -43.13
C LYS G 32 4.77 -37.40 -44.29
N SER G 33 4.55 -36.35 -45.09
CA SER G 33 5.42 -36.05 -46.21
C SER G 33 5.88 -34.62 -46.13
N GLN G 34 5.70 -33.99 -44.96
CA GLN G 34 6.15 -32.62 -44.76
C GLN G 34 6.97 -32.48 -43.46
N CYS G 35 7.67 -31.36 -43.29
CA CYS G 35 8.41 -31.04 -42.06
C CYS G 35 7.58 -30.25 -41.03
N LEU G 36 7.89 -30.41 -39.74
CA LEU G 36 7.29 -29.60 -38.68
C LEU G 36 8.13 -28.36 -38.44
N VAL G 37 7.61 -27.23 -38.91
CA VAL G 37 8.24 -25.94 -38.74
C VAL G 37 7.23 -24.92 -38.17
N ASN G 38 7.60 -24.42 -37.00
CA ASN G 38 6.83 -23.46 -36.24
C ASN G 38 5.38 -23.86 -36.20
N GLY G 39 5.12 -25.10 -35.80
CA GLY G 39 3.77 -25.56 -35.56
C GLY G 39 2.98 -25.86 -36.81
N ARG G 40 3.64 -25.80 -37.97
CA ARG G 40 2.98 -25.97 -39.27
C ARG G 40 3.71 -27.07 -40.01
N TRP G 41 2.98 -27.79 -40.87
CA TRP G 41 3.58 -28.76 -41.78
C TRP G 41 3.83 -28.20 -43.17
N ILE G 42 5.10 -28.23 -43.61
CA ILE G 42 5.55 -27.55 -44.82
C ILE G 42 6.39 -28.37 -45.79
N ASP G 43 6.44 -27.94 -47.05
CA ASP G 43 7.34 -28.53 -48.01
C ASP G 43 8.51 -27.59 -48.16
N ALA G 44 9.43 -27.98 -49.01
CA ALA G 44 10.56 -27.17 -49.38
C ALA G 44 10.08 -26.03 -50.28
N ALA G 45 10.72 -24.87 -50.14
CA ALA G 45 10.35 -23.72 -50.90
C ALA G 45 10.35 -24.10 -52.35
N ASP G 46 11.41 -24.77 -52.81
CA ASP G 46 11.57 -25.12 -54.25
C ASP G 46 10.89 -26.39 -54.58
N GLY G 47 10.19 -26.96 -53.61
CA GLY G 47 9.44 -28.20 -53.85
C GLY G 47 10.24 -29.49 -53.92
N THR G 48 11.55 -29.46 -53.74
CA THR G 48 12.32 -30.71 -53.90
C THR G 48 12.17 -31.63 -52.71
N THR G 49 12.36 -32.91 -52.94
CA THR G 49 12.09 -33.93 -51.94
C THR G 49 13.12 -35.04 -51.92
N ILE G 50 12.99 -35.92 -50.92
CA ILE G 50 13.83 -37.10 -50.72
C ILE G 50 12.90 -38.27 -50.74
N LYS G 51 13.29 -39.35 -51.38
CA LYS G 51 12.45 -40.56 -51.41
C LYS G 51 12.80 -41.48 -50.25
N VAL G 52 11.78 -42.00 -49.56
CA VAL G 52 11.98 -43.01 -48.54
C VAL G 52 11.59 -44.38 -49.08
N THR G 53 12.58 -45.26 -49.26
CA THR G 53 12.42 -46.63 -49.75
C THR G 53 12.48 -47.67 -48.63
N ASN G 54 11.76 -48.77 -48.82
CA ASN G 54 11.70 -49.86 -47.87
C ASN G 54 12.80 -50.87 -48.21
N PRO G 55 13.73 -51.13 -47.27
CA PRO G 55 14.88 -51.94 -47.71
C PRO G 55 14.52 -53.39 -48.00
N ALA G 56 13.45 -53.90 -47.40
CA ALA G 56 13.00 -55.27 -47.67
C ALA G 56 12.61 -55.58 -49.14
N ASP G 57 12.27 -54.55 -49.94
CA ASP G 57 11.65 -54.73 -51.28
C ASP G 57 11.75 -53.58 -52.26
N GLY G 58 12.50 -52.54 -51.95
CA GLY G 58 12.67 -51.45 -52.88
C GLY G 58 11.47 -50.55 -53.09
N SER G 59 10.31 -50.84 -52.53
CA SER G 59 9.13 -49.97 -52.75
C SER G 59 9.28 -48.58 -52.13
N VAL G 60 8.93 -47.53 -52.85
CA VAL G 60 8.91 -46.18 -52.28
C VAL G 60 7.78 -46.13 -51.24
N ILE G 61 8.06 -45.54 -50.08
CA ILE G 61 7.07 -45.42 -49.01
C ILE G 61 6.39 -44.07 -49.11
N GLY G 62 7.14 -43.09 -49.59
CA GLY G 62 6.72 -41.72 -49.61
C GLY G 62 7.92 -40.82 -49.71
N THR G 63 7.68 -39.51 -49.68
CA THR G 63 8.77 -38.56 -49.80
C THR G 63 8.79 -37.58 -48.63
N VAL G 64 9.91 -36.88 -48.47
CA VAL G 64 10.03 -35.88 -47.42
C VAL G 64 10.70 -34.72 -48.06
N PRO G 65 10.45 -33.50 -47.57
CA PRO G 65 11.07 -32.35 -48.18
C PRO G 65 12.61 -32.30 -48.07
N SER G 66 13.21 -31.54 -48.96
CA SER G 66 14.61 -31.21 -48.90
C SER G 66 14.74 -29.71 -48.69
N LEU G 67 14.69 -29.32 -47.42
CA LEU G 67 14.57 -27.94 -47.07
C LEU G 67 15.87 -27.23 -47.35
N SER G 68 15.76 -25.94 -47.66
CA SER G 68 16.92 -25.12 -47.89
C SER G 68 17.37 -24.49 -46.59
N VAL G 69 18.55 -23.94 -46.65
CA VAL G 69 19.14 -23.19 -45.57
C VAL G 69 18.24 -22.04 -45.11
N ALA G 70 17.59 -21.38 -46.04
CA ALA G 70 16.65 -20.32 -45.68
C ALA G 70 15.43 -20.80 -44.86
N THR G 71 14.87 -21.95 -45.19
CA THR G 71 13.83 -22.56 -44.36
C THR G 71 14.47 -22.89 -42.99
N ILE G 72 15.70 -23.44 -42.99
CA ILE G 72 16.33 -23.75 -41.73
C ILE G 72 16.51 -22.50 -40.85
N LYS G 73 16.90 -21.37 -41.46
CA LYS G 73 16.91 -20.08 -40.74
C LYS G 73 15.52 -19.68 -40.21
N GLU G 74 14.44 -19.92 -40.97
CA GLU G 74 13.09 -19.68 -40.46
C GLU G 74 12.89 -20.54 -39.20
N ALA G 75 13.27 -21.82 -39.29
CA ALA G 75 13.09 -22.73 -38.17
C ALA G 75 13.83 -22.24 -36.90
N ILE G 76 15.07 -21.82 -37.07
CA ILE G 76 15.90 -21.34 -35.96
C ILE G 76 15.32 -20.08 -35.30
N ASP G 77 14.77 -19.20 -36.13
CA ASP G 77 14.07 -18.00 -35.62
C ASP G 77 12.80 -18.36 -34.87
N ALA G 78 11.98 -19.23 -35.47
CA ALA G 78 10.82 -19.71 -34.78
C ALA G 78 11.16 -20.35 -33.40
N SER G 79 12.32 -21.02 -33.30
CA SER G 79 12.72 -21.68 -32.07
C SER G 79 13.04 -20.59 -31.04
N ALA G 80 13.85 -19.62 -31.47
CA ALA G 80 14.19 -18.44 -30.66
C ALA G 80 12.94 -17.75 -30.08
N LYS G 81 11.91 -17.63 -30.90
CA LYS G 81 10.66 -16.93 -30.51
C LYS G 81 9.90 -17.76 -29.46
N ALA G 82 9.87 -19.08 -29.68
CA ALA G 82 9.15 -20.01 -28.80
C ALA G 82 9.80 -20.18 -27.39
N LEU G 83 11.11 -19.91 -27.32
CA LEU G 83 11.89 -20.26 -26.15
C LEU G 83 11.37 -19.56 -24.93
N SER G 84 11.22 -18.27 -25.03
CA SER G 84 10.97 -17.47 -23.86
C SER G 84 9.75 -17.99 -23.11
N GLY G 85 8.69 -18.30 -23.84
CA GLY G 85 7.48 -18.83 -23.20
C GLY G 85 7.60 -20.26 -22.70
N TRP G 86 8.28 -21.11 -23.45
CA TRP G 86 8.49 -22.47 -23.03
C TRP G 86 9.30 -22.51 -21.74
N ALA G 87 10.37 -21.69 -21.68
CA ALA G 87 11.26 -21.57 -20.50
C ALA G 87 10.56 -21.05 -19.23
N ALA G 88 9.62 -20.13 -19.43
CA ALA G 88 8.90 -19.43 -18.35
C ALA G 88 7.81 -20.31 -17.77
N LYS G 89 7.47 -21.39 -18.44
CA LYS G 89 6.55 -22.34 -17.83
C LYS G 89 7.24 -22.93 -16.58
N THR G 90 6.45 -23.31 -15.60
CA THR G 90 6.94 -24.06 -14.47
C THR G 90 7.38 -25.47 -14.96
N ALA G 91 8.30 -26.09 -14.22
CA ALA G 91 8.76 -27.47 -14.52
C ALA G 91 7.53 -28.45 -14.59
N LYS G 92 6.56 -28.22 -13.71
CA LYS G 92 5.39 -29.07 -13.60
C LYS G 92 4.57 -29.04 -14.88
N GLU G 93 4.44 -27.89 -15.54
CA GLU G 93 3.69 -27.77 -16.79
CA GLU G 93 3.66 -27.86 -16.76
C GLU G 93 4.43 -28.43 -17.95
N ARG G 94 5.72 -28.20 -18.01
CA ARG G 94 6.52 -28.83 -19.05
C ARG G 94 6.39 -30.31 -18.84
N ALA G 95 6.47 -30.79 -17.60
CA ALA G 95 6.32 -32.23 -17.27
C ALA G 95 4.99 -32.82 -17.68
N GLY G 96 3.90 -32.08 -17.49
CA GLY G 96 2.56 -32.57 -17.87
C GLY G 96 2.46 -32.69 -19.36
N ILE G 97 2.99 -31.73 -20.09
CA ILE G 97 2.93 -31.80 -21.57
C ILE G 97 3.80 -32.98 -22.05
N LEU G 98 5.02 -33.08 -21.54
CA LEU G 98 5.92 -34.16 -21.90
C LEU G 98 5.28 -35.50 -21.55
N ARG G 99 4.55 -35.59 -20.44
CA ARG G 99 3.85 -36.82 -20.12
C ARG G 99 2.76 -37.22 -21.10
N LYS G 100 2.00 -36.23 -21.56
CA LYS G 100 1.03 -36.47 -22.62
C LYS G 100 1.72 -36.97 -23.89
N TRP G 101 2.89 -36.46 -24.19
CA TRP G 101 3.59 -36.89 -25.42
C TRP G 101 3.92 -38.40 -25.27
N PHE G 102 4.46 -38.74 -24.12
CA PHE G 102 4.71 -40.11 -23.72
C PHE G 102 3.48 -40.96 -23.87
N ASP G 103 2.36 -40.53 -23.27
CA ASP G 103 1.17 -41.37 -23.31
C ASP G 103 0.74 -41.62 -24.77
N LEU G 104 0.83 -40.60 -25.61
CA LEU G 104 0.49 -40.74 -27.03
C LEU G 104 1.43 -41.69 -27.74
N ILE G 105 2.75 -41.62 -27.49
CA ILE G 105 3.65 -42.50 -28.22
C ILE G 105 3.21 -43.96 -27.92
N ILE G 106 2.87 -44.20 -26.65
CA ILE G 106 2.58 -45.54 -26.18
C ILE G 106 1.27 -46.02 -26.81
N ALA G 107 0.21 -45.20 -26.74
CA ALA G 107 -1.07 -45.55 -27.42
C ALA G 107 -0.91 -45.74 -28.93
N ASN G 108 0.07 -45.10 -29.54
CA ASN G 108 0.29 -45.26 -30.96
C ASN G 108 1.45 -46.15 -31.31
N ALA G 109 1.86 -47.02 -30.38
CA ALA G 109 3.15 -47.75 -30.55
C ALA G 109 3.23 -48.61 -31.84
N ASP G 110 2.15 -49.34 -32.12
CA ASP G 110 2.14 -50.27 -33.27
C ASP G 110 2.31 -49.57 -34.59
N ASP G 111 1.60 -48.45 -34.75
CA ASP G 111 1.71 -47.68 -35.98
C ASP G 111 3.11 -47.07 -36.18
N ILE G 112 3.68 -46.50 -35.12
CA ILE G 112 5.07 -46.04 -35.22
C ILE G 112 6.00 -47.24 -35.55
N ALA G 113 5.81 -48.37 -34.90
CA ALA G 113 6.66 -49.54 -35.14
C ALA G 113 6.61 -49.98 -36.63
N LEU G 114 5.40 -49.98 -37.20
CA LEU G 114 5.22 -50.29 -38.63
C LEU G 114 5.97 -49.34 -39.54
N ILE G 115 5.84 -48.06 -39.26
CA ILE G 115 6.57 -47.04 -40.01
C ILE G 115 8.08 -47.26 -39.89
N MET G 116 8.54 -47.53 -38.69
CA MET G 116 9.98 -47.75 -38.50
C MET G 116 10.46 -49.00 -39.22
N THR G 117 9.78 -50.13 -39.00
CA THR G 117 10.12 -51.37 -39.70
C THR G 117 10.16 -51.13 -41.22
N SER G 118 9.19 -50.36 -41.70
CA SER G 118 9.05 -50.09 -43.13
C SER G 118 10.23 -49.38 -43.72
N GLU G 119 10.61 -48.28 -43.09
CA GLU G 119 11.71 -47.49 -43.62
C GLU G 119 13.13 -47.95 -43.26
N GLN G 120 13.27 -48.63 -42.13
CA GLN G 120 14.58 -48.96 -41.58
C GLN G 120 15.01 -50.42 -41.76
N GLY G 121 14.09 -51.36 -41.60
CA GLY G 121 14.31 -52.76 -41.96
C GLY G 121 14.12 -53.71 -40.78
N LYS G 122 14.31 -53.21 -39.56
CA LYS G 122 14.20 -54.07 -38.40
C LYS G 122 12.83 -54.73 -38.20
N PRO G 123 12.82 -55.95 -37.64
CA PRO G 123 11.56 -56.64 -37.42
C PRO G 123 10.63 -55.87 -36.51
N LEU G 124 9.34 -55.99 -36.78
CA LEU G 124 8.32 -55.21 -36.08
C LEU G 124 8.54 -55.35 -34.60
N ALA G 125 8.87 -56.55 -34.11
CA ALA G 125 9.06 -56.73 -32.65
C ALA G 125 10.20 -55.87 -32.06
N GLU G 126 11.24 -55.62 -32.85
CA GLU G 126 12.38 -54.81 -32.41
C GLU G 126 11.95 -53.36 -32.48
N ALA G 127 11.18 -53.06 -33.52
CA ALA G 127 10.70 -51.70 -33.77
C ALA G 127 9.84 -51.33 -32.59
N ARG G 128 8.94 -52.22 -32.21
CA ARG G 128 8.07 -51.95 -31.07
CA ARG G 128 8.06 -51.99 -31.07
C ARG G 128 8.84 -51.82 -29.75
N GLY G 129 9.81 -52.70 -29.48
CA GLY G 129 10.70 -52.47 -28.33
C GLY G 129 11.36 -51.09 -28.38
N GLU G 130 11.87 -50.70 -29.55
CA GLU G 130 12.49 -49.39 -29.69
C GLU G 130 11.51 -48.27 -29.33
N VAL G 131 10.25 -48.40 -29.75
CA VAL G 131 9.27 -47.36 -29.48
C VAL G 131 9.02 -47.22 -27.99
N LEU G 132 8.97 -48.31 -27.27
CA LEU G 132 8.75 -48.21 -25.86
C LEU G 132 9.98 -47.65 -25.15
N TYR G 133 11.17 -48.04 -25.64
CA TYR G 133 12.47 -47.57 -25.18
C TYR G 133 12.60 -46.05 -25.38
N ALA G 134 12.38 -45.61 -26.62
CA ALA G 134 12.24 -44.20 -27.01
C ALA G 134 11.32 -43.38 -26.07
N ALA G 135 10.11 -43.88 -25.85
CA ALA G 135 9.10 -43.22 -25.02
C ALA G 135 9.57 -43.11 -23.57
N SER G 136 10.30 -44.12 -23.11
CA SER G 136 10.76 -44.13 -21.72
C SER G 136 11.66 -42.93 -21.40
N PHE G 137 12.41 -42.40 -22.36
CA PHE G 137 13.21 -41.17 -22.11
C PHE G 137 12.29 -39.95 -21.84
N ILE G 138 11.15 -39.91 -22.52
CA ILE G 138 10.19 -38.78 -22.36
C ILE G 138 9.60 -38.91 -21.00
N GLU G 139 9.22 -40.13 -20.60
CA GLU G 139 8.69 -40.28 -19.29
C GLU G 139 9.72 -39.88 -18.24
N TRP G 140 10.93 -40.41 -18.39
CA TRP G 140 11.99 -40.14 -17.43
C TRP G 140 12.29 -38.65 -17.32
N PHE G 141 12.47 -37.99 -18.46
CA PHE G 141 12.75 -36.56 -18.38
C PHE G 141 11.57 -35.68 -18.00
N ALA G 142 10.35 -36.14 -18.26
CA ALA G 142 9.19 -35.43 -17.74
C ALA G 142 9.34 -35.39 -16.21
N GLU G 143 9.73 -36.50 -15.59
CA GLU G 143 9.98 -36.57 -14.15
C GLU G 143 11.19 -35.76 -13.70
N GLU G 144 12.28 -35.85 -14.47
CA GLU G 144 13.46 -35.05 -14.16
C GLU G 144 13.19 -33.55 -14.23
N ALA G 145 12.28 -33.09 -15.07
CA ALA G 145 11.99 -31.59 -15.17
C ALA G 145 11.77 -30.98 -13.81
N LYS G 146 11.18 -31.74 -12.89
CA LYS G 146 10.80 -31.28 -11.56
C LYS G 146 11.89 -31.42 -10.54
N ARG G 147 13.03 -31.91 -11.02
CA ARG G 147 14.12 -32.30 -10.15
C ARG G 147 15.41 -31.67 -10.61
N VAL G 148 15.31 -30.51 -11.22
CA VAL G 148 16.46 -29.75 -11.64
C VAL G 148 16.83 -28.97 -10.39
N TYR G 149 17.74 -29.51 -9.62
CA TYR G 149 18.07 -28.95 -8.32
C TYR G 149 19.31 -28.09 -8.36
N GLY G 150 19.24 -26.92 -7.74
CA GLY G 150 20.42 -26.15 -7.50
C GLY G 150 20.98 -26.35 -6.11
N ASP G 151 21.91 -25.48 -5.76
CA ASP G 151 22.68 -25.61 -4.55
C ASP G 151 22.66 -24.36 -3.72
N THR G 152 22.85 -24.54 -2.40
CA THR G 152 23.45 -23.54 -1.55
C THR G 152 24.80 -24.07 -1.04
N ILE G 153 25.77 -23.17 -0.94
CA ILE G 153 27.15 -23.49 -0.59
C ILE G 153 27.63 -22.59 0.53
N PRO G 154 28.29 -23.15 1.57
CA PRO G 154 28.78 -22.28 2.60
C PRO G 154 29.74 -21.23 2.05
N ALA G 155 29.49 -19.97 2.43
CA ALA G 155 30.25 -18.81 1.98
C ALA G 155 31.50 -18.73 2.81
N PRO G 156 32.68 -18.67 2.17
CA PRO G 156 33.95 -18.41 2.86
C PRO G 156 34.05 -17.05 3.58
N GLN G 157 33.22 -16.07 3.23
CA GLN G 157 33.21 -14.80 4.00
C GLN G 157 31.89 -14.58 4.68
N ASN G 158 31.92 -14.01 5.89
CA ASN G 158 30.72 -13.58 6.57
C ASN G 158 29.95 -12.54 5.74
N GLY G 159 28.65 -12.45 5.96
CA GLY G 159 27.86 -11.47 5.22
C GLY G 159 27.58 -11.77 3.76
N GLN G 160 27.91 -13.01 3.32
CA GLN G 160 27.61 -13.49 1.95
C GLN G 160 26.90 -14.83 1.94
N ARG G 161 26.12 -15.05 0.86
CA ARG G 161 25.46 -16.30 0.61
C ARG G 161 25.63 -16.71 -0.84
N LEU G 162 25.97 -17.99 -1.01
CA LEU G 162 26.28 -18.51 -2.31
C LEU G 162 25.17 -19.46 -2.70
N THR G 163 24.74 -19.33 -3.95
CA THR G 163 23.68 -20.11 -4.54
C THR G 163 24.13 -20.53 -5.91
N VAL G 164 23.65 -21.69 -6.36
CA VAL G 164 23.89 -22.16 -7.72
C VAL G 164 22.54 -22.55 -8.24
N ILE G 165 22.16 -22.00 -9.38
CA ILE G 165 20.91 -22.36 -10.04
C ILE G 165 21.28 -22.87 -11.43
N ARG G 166 20.32 -23.57 -12.07
CA ARG G 166 20.50 -24.12 -13.39
C ARG G 166 19.38 -23.66 -14.27
N GLN G 167 19.73 -23.15 -15.44
CA GLN G 167 18.78 -22.63 -16.39
C GLN G 167 19.07 -23.18 -17.78
N PRO G 168 18.04 -23.19 -18.63
CA PRO G 168 18.16 -23.77 -19.96
C PRO G 168 19.19 -23.11 -20.85
N VAL G 169 19.95 -23.93 -21.60
CA VAL G 169 20.91 -23.41 -22.51
C VAL G 169 20.29 -22.52 -23.58
N GLY G 170 19.05 -22.79 -23.99
CA GLY G 170 18.41 -22.02 -25.05
C GLY G 170 17.96 -22.85 -26.24
N VAL G 171 18.20 -22.33 -27.45
CA VAL G 171 17.81 -23.00 -28.66
C VAL G 171 18.84 -24.08 -28.90
N THR G 172 18.37 -25.30 -29.12
CA THR G 172 19.28 -26.43 -29.37
C THR G 172 18.96 -27.15 -30.68
N ALA G 173 19.94 -27.89 -31.17
CA ALA G 173 19.83 -28.64 -32.39
C ALA G 173 20.25 -30.10 -32.17
N ALA G 174 19.50 -31.04 -32.73
CA ALA G 174 19.84 -32.46 -32.71
C ALA G 174 20.00 -33.01 -34.12
N ILE G 175 21.04 -33.80 -34.39
CA ILE G 175 21.18 -34.51 -35.67
C ILE G 175 21.33 -35.98 -35.31
N THR G 176 20.44 -36.82 -35.86
CA THR G 176 20.20 -38.16 -35.36
C THR G 176 20.30 -39.17 -36.52
N PRO G 177 20.63 -40.45 -36.20
CA PRO G 177 20.97 -41.47 -37.19
C PRO G 177 19.82 -42.38 -37.54
N TRP G 178 20.09 -43.29 -38.46
CA TRP G 178 19.06 -44.15 -39.01
C TRP G 178 18.88 -45.44 -38.20
N ASN G 179 19.82 -45.79 -37.35
CA ASN G 179 19.76 -47.12 -36.79
C ASN G 179 18.73 -47.29 -35.66
N PHE G 180 18.41 -46.15 -35.02
CA PHE G 180 17.37 -46.10 -34.03
C PHE G 180 16.57 -44.80 -34.26
N PRO G 181 15.62 -44.83 -35.16
CA PRO G 181 15.03 -43.62 -35.74
C PRO G 181 13.94 -42.94 -34.89
N ALA G 182 13.60 -43.60 -33.78
CA ALA G 182 12.78 -42.99 -32.74
C ALA G 182 13.66 -42.60 -31.54
N ALA G 183 14.39 -43.57 -31.01
CA ALA G 183 14.98 -43.40 -29.67
C ALA G 183 16.10 -42.35 -29.64
N MET G 184 16.85 -42.20 -30.72
CA MET G 184 17.91 -41.21 -30.77
C MET G 184 17.30 -39.83 -30.71
N ILE G 185 16.06 -39.74 -31.13
CA ILE G 185 15.39 -38.44 -31.10
C ILE G 185 14.84 -38.13 -29.69
N THR G 186 14.19 -39.07 -29.05
CA THR G 186 13.62 -38.77 -27.76
C THR G 186 14.75 -38.61 -26.70
N ARG G 187 15.85 -39.33 -26.88
CA ARG G 187 16.99 -39.18 -25.99
C ARG G 187 17.59 -37.79 -25.95
N LYS G 188 17.36 -36.99 -26.99
CA LYS G 188 17.87 -35.67 -27.08
C LYS G 188 16.76 -34.62 -26.79
N ALA G 189 15.60 -34.80 -27.39
CA ALA G 189 14.51 -33.84 -27.30
C ALA G 189 13.84 -33.89 -25.94
N ALA G 190 13.74 -35.08 -25.34
CA ALA G 190 13.14 -35.21 -24.02
C ALA G 190 13.89 -34.37 -22.95
N PRO G 191 15.22 -34.54 -22.82
CA PRO G 191 15.88 -33.73 -21.82
C PRO G 191 15.91 -32.22 -22.17
N ALA G 192 16.05 -31.91 -23.46
CA ALA G 192 16.15 -30.54 -23.92
C ALA G 192 14.87 -29.82 -23.51
N LEU G 193 13.76 -30.35 -23.97
CA LEU G 193 12.47 -29.79 -23.65
C LEU G 193 12.12 -29.75 -22.15
N ALA G 194 12.43 -30.81 -21.41
CA ALA G 194 12.28 -30.84 -19.94
C ALA G 194 13.06 -29.72 -19.25
N ALA G 195 14.26 -29.45 -19.71
CA ALA G 195 15.03 -28.40 -19.09
C ALA G 195 14.54 -26.96 -19.40
N GLY G 196 13.65 -26.80 -20.38
CA GLY G 196 13.17 -25.48 -20.80
C GLY G 196 13.83 -24.96 -22.06
N CYS G 197 14.53 -25.84 -22.78
CA CYS G 197 15.09 -25.53 -24.12
C CYS G 197 14.07 -25.82 -25.23
N THR G 198 14.34 -25.30 -26.42
CA THR G 198 13.59 -25.68 -27.62
C THR G 198 14.55 -26.49 -28.45
N MET G 199 14.04 -27.31 -29.36
CA MET G 199 14.95 -28.14 -30.17
C MET G 199 14.49 -28.30 -31.61
N ILE G 200 15.49 -28.23 -32.50
CA ILE G 200 15.34 -28.46 -33.90
C ILE G 200 16.05 -29.77 -34.19
N VAL G 201 15.30 -30.75 -34.70
CA VAL G 201 15.81 -32.10 -34.96
C VAL G 201 15.92 -32.31 -36.46
N ARG G 202 17.09 -32.75 -36.92
CA ARG G 202 17.17 -33.21 -38.28
C ARG G 202 17.45 -34.71 -38.28
N PRO G 203 16.49 -35.54 -38.67
CA PRO G 203 16.69 -36.96 -38.73
C PRO G 203 17.42 -37.40 -39.98
N ALA G 204 17.82 -38.65 -40.00
CA ALA G 204 18.64 -39.18 -41.10
C ALA G 204 17.77 -39.36 -42.36
N ASP G 205 18.33 -39.00 -43.50
CA ASP G 205 17.63 -39.14 -44.79
C ASP G 205 17.00 -40.49 -44.99
N LEU G 206 17.70 -41.55 -44.57
CA LEU G 206 17.18 -42.90 -44.76
C LEU G 206 15.95 -43.24 -43.90
N THR G 207 15.73 -42.53 -42.79
CA THR G 207 14.65 -42.94 -41.90
C THR G 207 13.92 -41.74 -41.22
N PRO G 208 13.42 -40.79 -42.04
CA PRO G 208 12.81 -39.59 -41.48
C PRO G 208 11.39 -39.77 -41.01
N LEU G 209 10.70 -40.82 -41.46
CA LEU G 209 9.27 -40.81 -41.24
C LEU G 209 8.97 -41.09 -39.78
N THR G 210 9.82 -41.88 -39.13
CA THR G 210 9.60 -42.14 -37.71
C THR G 210 9.67 -40.82 -36.95
N ALA G 211 10.56 -39.91 -37.35
CA ALA G 211 10.74 -38.62 -36.63
C ALA G 211 9.50 -37.75 -36.82
N LEU G 212 8.96 -37.75 -38.04
CA LEU G 212 7.81 -36.92 -38.35
C LEU G 212 6.59 -37.40 -37.55
N ALA G 213 6.47 -38.71 -37.39
CA ALA G 213 5.39 -39.29 -36.62
C ALA G 213 5.46 -38.88 -35.16
N LEU G 214 6.67 -38.85 -34.59
CA LEU G 214 6.82 -38.36 -33.22
C LEU G 214 6.38 -36.90 -33.17
N GLY G 215 6.68 -36.19 -34.25
CA GLY G 215 6.36 -34.78 -34.35
C GLY G 215 4.86 -34.59 -34.36
N VAL G 216 4.16 -35.42 -35.13
CA VAL G 216 2.69 -35.39 -35.09
C VAL G 216 2.20 -35.55 -33.68
N LEU G 217 2.73 -36.54 -32.96
CA LEU G 217 2.26 -36.75 -31.59
C LEU G 217 2.65 -35.62 -30.64
N ALA G 218 3.74 -34.93 -30.95
CA ALA G 218 4.25 -33.85 -30.08
C ALA G 218 3.29 -32.67 -30.14
N GLU G 219 2.90 -32.33 -31.36
CA GLU G 219 1.84 -31.36 -31.58
C GLU G 219 0.61 -31.76 -30.76
N LYS G 220 0.14 -32.98 -30.97
CA LYS G 220 -1.06 -33.46 -30.27
C LYS G 220 -0.93 -33.35 -28.74
N ALA G 221 0.29 -33.47 -28.20
CA ALA G 221 0.54 -33.39 -26.78
C ALA G 221 0.47 -31.99 -26.22
N GLY G 222 0.45 -30.97 -27.07
CA GLY G 222 0.54 -29.60 -26.57
C GLY G 222 1.93 -28.99 -26.48
N ILE G 223 2.96 -29.63 -27.03
CA ILE G 223 4.24 -28.95 -27.17
C ILE G 223 3.98 -27.79 -28.13
N PRO G 224 4.23 -26.53 -27.67
CA PRO G 224 3.90 -25.34 -28.49
C PRO G 224 4.68 -25.16 -29.80
N ALA G 225 4.02 -24.51 -30.77
CA ALA G 225 4.61 -24.14 -32.05
C ALA G 225 6.01 -23.64 -31.86
N GLY G 226 6.95 -24.31 -32.52
CA GLY G 226 8.31 -23.85 -32.52
C GLY G 226 9.18 -24.41 -31.40
N VAL G 227 8.56 -25.06 -30.41
CA VAL G 227 9.36 -25.61 -29.29
C VAL G 227 10.10 -26.86 -29.79
N LEU G 228 9.40 -27.70 -30.55
CA LEU G 228 10.01 -28.82 -31.24
C LEU G 228 9.72 -28.73 -32.73
N GLN G 229 10.78 -28.88 -33.53
CA GLN G 229 10.70 -28.81 -34.98
C GLN G 229 11.58 -29.92 -35.55
N ILE G 230 11.05 -30.55 -36.61
CA ILE G 230 11.68 -31.65 -37.31
C ILE G 230 11.87 -31.23 -38.78
N VAL G 231 13.13 -31.10 -39.21
CA VAL G 231 13.51 -30.64 -40.53
C VAL G 231 14.29 -31.74 -41.26
N THR G 232 13.94 -31.94 -42.53
CA THR G 232 14.61 -32.83 -43.44
C THR G 232 15.33 -32.12 -44.61
N GLY G 233 16.42 -32.76 -45.08
CA GLY G 233 17.20 -32.22 -46.18
C GLY G 233 18.66 -32.59 -46.07
N LYS G 234 19.50 -31.92 -46.84
CA LYS G 234 20.90 -32.34 -46.97
C LYS G 234 21.72 -32.13 -45.69
N ALA G 235 22.43 -33.19 -45.30
CA ALA G 235 23.10 -33.24 -44.01
C ALA G 235 24.12 -32.13 -43.91
N ARG G 236 24.94 -31.96 -44.95
CA ARG G 236 26.02 -30.99 -44.83
C ARG G 236 25.47 -29.57 -44.72
N GLU G 237 24.58 -29.22 -45.62
CA GLU G 237 24.07 -27.85 -45.68
C GLU G 237 23.31 -27.48 -44.40
N ILE G 238 22.41 -28.35 -43.94
CA ILE G 238 21.61 -28.10 -42.71
C ILE G 238 22.52 -28.15 -41.50
N GLY G 239 23.43 -29.13 -41.45
CA GLY G 239 24.39 -29.22 -40.31
C GLY G 239 25.24 -27.95 -40.23
N ALA G 240 25.62 -27.43 -41.40
CA ALA G 240 26.43 -26.23 -41.44
C ALA G 240 25.68 -25.00 -40.87
N GLU G 241 24.41 -24.85 -41.20
CA GLU G 241 23.63 -23.74 -40.68
C GLU G 241 23.41 -23.91 -39.17
N LEU G 242 23.15 -25.16 -38.76
CA LEU G 242 22.86 -25.40 -37.37
C LEU G 242 24.04 -25.04 -36.51
N THR G 243 25.25 -25.24 -37.01
CA THR G 243 26.50 -25.04 -36.25
C THR G 243 27.13 -23.67 -36.50
N SER G 244 26.71 -22.95 -37.52
CA SER G 244 27.23 -21.61 -37.66
C SER G 244 26.27 -20.54 -37.11
N ASN G 245 24.98 -20.83 -37.05
CA ASN G 245 23.99 -19.84 -36.62
C ASN G 245 24.11 -19.56 -35.13
N ASP G 246 24.38 -18.29 -34.82
CA ASP G 246 24.53 -17.76 -33.46
C ASP G 246 23.41 -18.09 -32.46
N THR G 247 22.18 -18.23 -32.94
CA THR G 247 21.02 -18.50 -32.05
C THR G 247 21.11 -19.88 -31.44
N VAL G 248 21.59 -20.84 -32.24
CA VAL G 248 21.87 -22.17 -31.74
C VAL G 248 23.03 -22.19 -30.72
N ARG G 249 22.70 -22.68 -29.53
CA ARG G 249 23.63 -22.63 -28.39
C ARG G 249 24.17 -24.00 -27.98
N LYS G 250 23.61 -25.07 -28.55
CA LYS G 250 24.03 -26.43 -28.24
C LYS G 250 23.64 -27.35 -29.37
N LEU G 251 24.55 -28.26 -29.74
CA LEU G 251 24.31 -29.28 -30.75
C LEU G 251 24.45 -30.65 -30.10
N SER G 252 23.52 -31.55 -30.39
CA SER G 252 23.66 -32.94 -30.07
C SER G 252 23.58 -33.81 -31.32
N PHE G 253 24.60 -34.63 -31.53
CA PHE G 253 24.70 -35.49 -32.68
C PHE G 253 25.03 -36.92 -32.27
N THR G 254 24.38 -37.86 -32.94
CA THR G 254 24.70 -39.24 -32.87
C THR G 254 24.90 -39.75 -34.31
N GLY G 255 26.04 -40.40 -34.57
CA GLY G 255 26.39 -40.89 -35.89
C GLY G 255 27.89 -41.18 -36.01
N SER G 256 28.41 -41.08 -37.23
CA SER G 256 29.80 -41.48 -37.47
C SER G 256 30.75 -40.53 -36.80
N THR G 257 31.86 -41.11 -36.35
CA THR G 257 32.94 -40.36 -35.79
C THR G 257 33.44 -39.31 -36.74
N GLU G 258 33.50 -39.64 -38.02
CA GLU G 258 34.00 -38.73 -39.02
C GLU G 258 33.18 -37.46 -39.02
N VAL G 259 31.85 -37.62 -39.09
CA VAL G 259 30.95 -36.47 -39.04
C VAL G 259 31.00 -35.78 -37.64
N GLY G 260 31.12 -36.55 -36.57
CA GLY G 260 31.30 -35.94 -35.27
C GLY G 260 32.45 -34.94 -35.23
N ARG G 261 33.60 -35.36 -35.80
CA ARG G 261 34.80 -34.54 -35.82
C ARG G 261 34.58 -33.25 -36.58
N LEU G 262 33.83 -33.31 -37.68
CA LEU G 262 33.59 -32.13 -38.49
C LEU G 262 32.63 -31.20 -37.75
N LEU G 263 31.64 -31.78 -37.09
CA LEU G 263 30.64 -30.98 -36.33
C LEU G 263 31.24 -30.24 -35.12
N MET G 264 32.11 -30.89 -34.36
CA MET G 264 32.84 -30.24 -33.23
C MET G 264 33.66 -29.03 -33.70
N ALA G 265 34.33 -29.17 -34.83
CA ALA G 265 35.16 -28.11 -35.36
C ALA G 265 34.28 -27.00 -35.88
N GLN G 266 33.14 -27.36 -36.45
CA GLN G 266 32.16 -26.34 -36.85
C GLN G 266 31.55 -25.58 -35.67
N CYS G 267 31.44 -26.21 -34.50
CA CYS G 267 30.94 -25.51 -33.31
C CYS G 267 31.93 -24.56 -32.68
N ALA G 268 33.21 -24.71 -33.03
CA ALA G 268 34.28 -24.00 -32.39
C ALA G 268 34.22 -22.46 -32.52
N PRO G 269 33.88 -21.94 -33.72
CA PRO G 269 33.87 -20.50 -33.82
C PRO G 269 32.92 -19.78 -32.89
N THR G 270 31.92 -20.46 -32.31
CA THR G 270 31.02 -19.75 -31.36
C THR G 270 30.94 -20.51 -30.04
N ILE G 271 31.93 -21.41 -29.82
CA ILE G 271 32.08 -22.16 -28.56
C ILE G 271 30.77 -22.84 -28.13
N LYS G 272 30.09 -23.49 -29.07
CA LYS G 272 28.79 -24.09 -28.80
C LYS G 272 28.97 -25.28 -27.88
N ARG G 273 28.07 -25.43 -26.93
CA ARG G 273 27.99 -26.67 -26.16
C ARG G 273 27.73 -27.84 -27.14
N ILE G 274 28.27 -29.01 -26.86
CA ILE G 274 28.20 -30.12 -27.83
C ILE G 274 28.13 -31.43 -27.08
N SER G 275 27.21 -32.30 -27.54
CA SER G 275 27.04 -33.69 -27.11
C SER G 275 27.25 -34.54 -28.36
N LEU G 276 28.01 -35.63 -28.21
CA LEU G 276 28.38 -36.50 -29.32
C LEU G 276 28.31 -37.96 -28.84
N GLU G 277 27.67 -38.80 -29.64
CA GLU G 277 27.76 -40.22 -29.43
C GLU G 277 28.12 -40.76 -30.79
N LEU G 278 29.34 -41.30 -30.87
CA LEU G 278 29.93 -41.64 -32.17
C LEU G 278 30.22 -43.16 -32.31
N GLY G 279 31.26 -43.49 -33.06
CA GLY G 279 31.62 -44.87 -33.30
C GLY G 279 31.97 -45.62 -32.04
N GLY G 280 31.92 -46.94 -32.18
CA GLY G 280 32.27 -47.89 -31.13
C GLY G 280 33.19 -48.93 -31.73
N ASN G 281 33.64 -49.84 -30.91
CA ASN G 281 34.35 -51.05 -31.38
C ASN G 281 34.29 -51.97 -30.17
N ALA G 282 33.06 -52.39 -29.90
CA ALA G 282 32.69 -53.03 -28.67
C ALA G 282 33.32 -54.42 -28.52
N PRO G 283 34.23 -54.59 -27.54
CA PRO G 283 34.65 -55.96 -27.20
C PRO G 283 33.61 -56.68 -26.36
N PHE G 284 33.46 -57.97 -26.63
CA PHE G 284 32.55 -58.83 -25.93
C PHE G 284 33.46 -59.97 -25.44
N ILE G 285 33.69 -60.05 -24.13
CA ILE G 285 34.72 -60.96 -23.58
C ILE G 285 34.15 -62.11 -22.74
N VAL G 286 34.52 -63.33 -23.14
CA VAL G 286 34.06 -64.51 -22.45
C VAL G 286 35.24 -65.23 -21.76
N PHE G 287 35.21 -65.24 -20.43
CA PHE G 287 36.26 -65.94 -19.65
C PHE G 287 35.83 -67.39 -19.38
N ASP G 288 36.83 -68.22 -19.09
CA ASP G 288 36.68 -69.64 -18.89
C ASP G 288 35.63 -69.94 -17.90
N ASP G 289 35.53 -69.12 -16.87
CA ASP G 289 34.55 -69.36 -15.85
C ASP G 289 33.25 -68.59 -16.08
N ALA G 290 32.91 -68.28 -17.32
CA ALA G 290 31.63 -67.67 -17.59
C ALA G 290 30.54 -68.73 -17.40
N ASP G 291 29.33 -68.30 -17.05
CA ASP G 291 28.16 -69.10 -17.39
C ASP G 291 28.07 -69.11 -18.89
N LEU G 292 28.53 -70.20 -19.49
CA LEU G 292 28.76 -70.21 -20.94
C LEU G 292 27.51 -70.13 -21.82
N ASP G 293 26.40 -70.70 -21.37
CA ASP G 293 25.11 -70.56 -22.09
C ASP G 293 24.59 -69.12 -22.00
N ALA G 294 24.67 -68.52 -20.81
CA ALA G 294 24.38 -67.10 -20.63
C ALA G 294 25.18 -66.27 -21.62
N ALA G 295 26.47 -66.62 -21.76
CA ALA G 295 27.39 -65.88 -22.60
C ALA G 295 26.99 -65.96 -24.07
N VAL G 296 26.58 -67.15 -24.49
CA VAL G 296 26.12 -67.31 -25.87
C VAL G 296 24.87 -66.45 -26.14
N ASP G 297 23.95 -66.42 -25.18
CA ASP G 297 22.74 -65.58 -25.32
C ASP G 297 23.04 -64.09 -25.43
N GLY G 298 23.94 -63.61 -24.58
CA GLY G 298 24.28 -62.19 -24.56
C GLY G 298 24.97 -61.89 -25.83
N ALA G 299 25.74 -62.86 -26.31
CA ALA G 299 26.46 -62.65 -27.57
C ALA G 299 25.45 -62.47 -28.70
N MET G 300 24.46 -63.36 -28.73
CA MET G 300 23.45 -63.35 -29.79
C MET G 300 22.73 -62.01 -29.76
N VAL G 301 22.33 -61.59 -28.57
CA VAL G 301 21.52 -60.42 -28.44
C VAL G 301 22.30 -59.16 -28.80
N SER G 302 23.57 -59.10 -28.41
CA SER G 302 24.35 -57.90 -28.62
C SER G 302 25.07 -57.91 -29.98
N LYS G 303 25.15 -59.05 -30.66
CA LYS G 303 25.71 -59.06 -32.01
C LYS G 303 24.62 -58.86 -33.06
N TYR G 304 23.50 -59.55 -32.90
CA TYR G 304 22.54 -59.73 -34.02
C TYR G 304 21.27 -58.84 -33.98
N ARG G 305 20.94 -58.26 -32.82
CA ARG G 305 19.87 -57.25 -32.78
C ARG G 305 20.12 -56.17 -33.83
N ASN G 306 19.08 -55.85 -34.61
CA ASN G 306 19.18 -54.81 -35.63
C ASN G 306 20.18 -55.17 -36.74
N ALA G 307 20.35 -56.48 -36.97
CA ALA G 307 21.32 -56.97 -37.95
C ALA G 307 22.76 -56.50 -37.68
N GLY G 308 23.11 -56.31 -36.42
CA GLY G 308 24.46 -55.83 -36.07
C GLY G 308 24.67 -54.34 -36.32
N GLN G 309 23.62 -53.57 -36.54
CA GLN G 309 23.73 -52.14 -36.87
C GLN G 309 23.43 -51.15 -35.71
N THR G 310 23.74 -51.54 -34.46
CA THR G 310 23.71 -50.65 -33.31
C THR G 310 25.16 -50.25 -33.04
N CYS G 311 25.31 -49.04 -32.48
N CYS G 311 25.42 -49.05 -32.55
CA CYS G 311 26.61 -48.47 -32.09
CA CYS G 311 26.83 -48.69 -32.25
C CYS G 311 27.24 -49.38 -31.04
C CYS G 311 27.27 -49.19 -30.87
N VAL G 312 26.38 -49.86 -30.15
CA VAL G 312 26.80 -50.67 -29.02
C VAL G 312 27.00 -52.16 -29.38
N CYS G 313 26.82 -52.54 -30.65
CA CYS G 313 26.90 -53.97 -31.03
C CYS G 313 28.30 -54.53 -30.78
N ALA G 314 28.37 -55.76 -30.28
CA ALA G 314 29.60 -56.45 -30.14
C ALA G 314 30.23 -56.45 -31.52
N ASN G 315 31.45 -55.91 -31.63
CA ASN G 315 32.19 -55.95 -32.87
C ASN G 315 33.31 -56.99 -32.83
N ARG G 316 33.77 -57.32 -31.64
CA ARG G 316 34.95 -58.19 -31.45
C ARG G 316 34.63 -59.14 -30.31
N ILE G 317 34.50 -60.43 -30.61
CA ILE G 317 34.11 -61.37 -29.59
C ILE G 317 35.31 -62.18 -29.17
N TYR G 318 35.77 -61.92 -27.95
CA TYR G 318 36.96 -62.54 -27.37
C TYR G 318 36.56 -63.68 -26.46
N VAL G 319 37.05 -64.88 -26.79
CA VAL G 319 36.71 -66.07 -26.00
C VAL G 319 37.95 -66.73 -25.47
N GLN G 320 37.95 -67.08 -24.18
CA GLN G 320 39.16 -67.58 -23.55
C GLN G 320 39.45 -69.01 -24.04
N ARG G 321 40.74 -69.36 -24.12
CA ARG G 321 41.20 -70.67 -24.68
C ARG G 321 40.36 -71.88 -24.29
N GLY G 322 40.25 -72.12 -23.00
CA GLY G 322 39.54 -73.28 -22.49
C GLY G 322 38.07 -73.42 -22.91
N VAL G 323 37.37 -72.33 -23.22
CA VAL G 323 35.95 -72.50 -23.66
C VAL G 323 35.76 -72.10 -25.11
N TYR G 324 36.82 -71.86 -25.84
CA TYR G 324 36.68 -71.32 -27.20
C TYR G 324 35.78 -72.18 -28.09
N ASP G 325 36.07 -73.47 -28.14
CA ASP G 325 35.42 -74.34 -29.12
C ASP G 325 33.98 -74.63 -28.74
N LYS G 326 33.75 -74.87 -27.47
CA LYS G 326 32.40 -75.06 -27.00
C LYS G 326 31.55 -73.81 -27.23
N PHE G 327 32.17 -72.63 -27.06
CA PHE G 327 31.48 -71.37 -27.29
C PHE G 327 31.12 -71.26 -28.73
N ALA G 328 32.10 -71.48 -29.62
CA ALA G 328 31.85 -71.31 -31.04
C ALA G 328 30.77 -72.29 -31.53
N GLU G 329 30.73 -73.48 -30.95
CA GLU G 329 29.71 -74.45 -31.34
C GLU G 329 28.34 -73.94 -31.00
N LYS G 330 28.18 -73.59 -29.73
CA LYS G 330 26.92 -73.17 -29.18
C LYS G 330 26.42 -71.92 -29.92
N LEU G 331 27.34 -71.01 -30.29
CA LEU G 331 26.94 -69.82 -31.06
C LEU G 331 26.42 -70.24 -32.41
N ALA G 332 27.17 -71.11 -33.10
CA ALA G 332 26.78 -71.58 -34.46
C ALA G 332 25.39 -72.22 -34.47
N ALA G 333 25.07 -72.96 -33.41
CA ALA G 333 23.74 -73.56 -33.26
C ALA G 333 22.63 -72.48 -33.20
N LYS G 334 22.90 -71.34 -32.57
CA LYS G 334 21.89 -70.27 -32.46
C LYS G 334 21.82 -69.49 -33.75
N VAL G 335 22.98 -69.19 -34.33
CA VAL G 335 23.04 -68.42 -35.57
C VAL G 335 22.35 -69.12 -36.76
N LYS G 336 22.30 -70.45 -36.75
CA LYS G 336 21.60 -71.19 -37.80
C LYS G 336 20.07 -71.03 -37.70
N GLU G 337 19.54 -70.93 -36.49
CA GLU G 337 18.11 -70.74 -36.27
C GLU G 337 17.55 -69.36 -36.64
N LEU G 338 18.37 -68.39 -37.03
CA LEU G 338 17.85 -67.02 -37.21
C LEU G 338 17.09 -66.87 -38.53
N LYS G 339 15.82 -66.49 -38.42
CA LYS G 339 15.00 -66.29 -39.60
C LYS G 339 15.21 -64.88 -40.17
N VAL G 340 15.74 -64.83 -41.40
CA VAL G 340 16.03 -63.61 -42.17
C VAL G 340 14.91 -63.32 -43.18
N GLY G 341 14.34 -62.13 -43.17
CA GLY G 341 13.34 -61.76 -44.16
C GLY G 341 12.65 -60.43 -43.87
N ASN G 342 11.46 -60.24 -44.44
CA ASN G 342 10.77 -58.96 -44.27
C ASN G 342 10.41 -58.82 -42.80
N GLY G 343 10.69 -57.64 -42.25
CA GLY G 343 10.47 -57.38 -40.83
C GLY G 343 9.03 -57.46 -40.39
N THR G 344 8.09 -57.36 -41.33
CA THR G 344 6.67 -57.55 -41.01
C THR G 344 6.20 -59.01 -40.93
N GLU G 345 7.00 -59.96 -41.43
CA GLU G 345 6.56 -61.38 -41.48
C GLU G 345 6.73 -62.04 -40.17
N PRO G 346 5.81 -62.91 -39.76
CA PRO G 346 6.02 -63.56 -38.45
C PRO G 346 7.32 -64.35 -38.37
N GLY G 347 7.89 -64.43 -37.18
CA GLY G 347 9.11 -65.17 -36.97
C GLY G 347 10.41 -64.54 -37.44
N VAL G 348 10.34 -63.57 -38.37
CA VAL G 348 11.55 -62.92 -38.89
C VAL G 348 12.24 -62.17 -37.72
N VAL G 349 13.50 -62.52 -37.48
CA VAL G 349 14.32 -61.88 -36.45
C VAL G 349 15.48 -61.12 -37.04
N ILE G 350 15.85 -61.39 -38.30
CA ILE G 350 16.88 -60.62 -39.00
C ILE G 350 16.23 -60.00 -40.25
N GLY G 351 16.42 -58.69 -40.40
CA GLY G 351 15.81 -57.93 -41.46
C GLY G 351 16.85 -57.70 -42.49
N PRO G 352 16.54 -56.92 -43.54
CA PRO G 352 17.60 -56.59 -44.47
C PRO G 352 18.53 -55.55 -43.86
N MET G 353 19.67 -55.38 -44.49
CA MET G 353 20.58 -54.34 -44.15
C MET G 353 20.05 -53.05 -44.75
N ILE G 354 20.60 -51.92 -44.33
CA ILE G 354 20.00 -50.63 -44.66
C ILE G 354 20.34 -50.16 -46.06
N GLU G 355 21.54 -50.47 -46.56
CA GLU G 355 21.99 -49.95 -47.85
C GLU G 355 23.12 -50.80 -48.41
N GLU G 356 23.33 -50.72 -49.72
CA GLU G 356 24.31 -51.56 -50.43
C GLU G 356 25.72 -51.44 -49.85
N LYS G 357 26.15 -50.21 -49.57
CA LYS G 357 27.48 -49.95 -49.01
C LYS G 357 27.72 -50.78 -47.74
N ALA G 358 26.68 -50.97 -46.93
CA ALA G 358 26.81 -51.73 -45.67
C ALA G 358 27.21 -53.17 -45.97
N ILE G 359 26.54 -53.79 -46.94
CA ILE G 359 26.87 -55.14 -47.37
C ILE G 359 28.29 -55.24 -47.94
N THR G 360 28.74 -54.21 -48.67
CA THR G 360 30.11 -54.18 -49.14
C THR G 360 31.12 -54.23 -47.97
N LYS G 361 30.84 -53.53 -46.86
CA LYS G 361 31.80 -53.51 -45.75
C LYS G 361 31.85 -54.87 -45.05
N VAL G 362 30.70 -55.50 -44.88
CA VAL G 362 30.65 -56.77 -44.16
C VAL G 362 31.41 -57.82 -44.98
N LYS G 363 31.19 -57.81 -46.30
CA LYS G 363 31.90 -58.67 -47.23
C LYS G 363 33.39 -58.51 -47.08
N ALA G 364 33.83 -57.25 -47.15
CA ALA G 364 35.23 -56.86 -47.02
C ALA G 364 35.87 -57.31 -45.71
N HIS G 365 35.12 -57.24 -44.63
CA HIS G 365 35.61 -57.75 -43.35
C HIS G 365 35.83 -59.26 -43.45
N ILE G 366 34.90 -59.94 -44.10
CA ILE G 366 34.99 -61.40 -44.26
C ILE G 366 36.18 -61.74 -45.13
N GLU G 367 36.25 -61.15 -46.32
CA GLU G 367 37.39 -61.37 -47.22
C GLU G 367 38.67 -61.30 -46.41
N ASP G 368 38.87 -60.16 -45.77
CA ASP G 368 40.10 -59.85 -45.07
C ASP G 368 40.39 -60.86 -43.94
N ALA G 369 39.37 -61.26 -43.19
CA ALA G 369 39.57 -62.22 -42.11
C ALA G 369 40.00 -63.59 -42.66
N VAL G 370 39.31 -64.05 -43.70
CA VAL G 370 39.63 -65.34 -44.29
C VAL G 370 41.03 -65.29 -44.94
N SER G 371 41.34 -64.22 -45.66
CA SER G 371 42.67 -64.05 -46.26
C SER G 371 43.84 -64.07 -45.26
N LYS G 372 43.56 -63.83 -43.99
CA LYS G 372 44.62 -63.84 -42.97
C LYS G 372 44.47 -65.05 -42.07
N GLY G 373 43.68 -66.02 -42.52
CA GLY G 373 43.62 -67.34 -41.88
C GLY G 373 42.40 -67.64 -41.04
N ALA G 374 41.43 -66.72 -41.05
CA ALA G 374 40.20 -66.95 -40.33
C ALA G 374 39.33 -67.92 -41.13
N LYS G 375 38.51 -68.68 -40.42
CA LYS G 375 37.56 -69.63 -41.03
C LYS G 375 36.12 -69.13 -40.90
N LEU G 376 35.46 -68.90 -42.05
CA LEU G 376 34.04 -68.53 -42.07
C LEU G 376 33.27 -69.82 -41.90
N ILE G 377 32.89 -70.11 -40.66
CA ILE G 377 32.26 -71.38 -40.33
C ILE G 377 30.79 -71.42 -40.75
N THR G 378 30.18 -70.26 -40.94
CA THR G 378 28.74 -70.18 -41.07
C THR G 378 28.35 -68.97 -41.91
N GLY G 379 27.12 -69.02 -42.43
CA GLY G 379 26.56 -67.98 -43.29
C GLY G 379 27.49 -66.93 -43.86
N GLY G 380 27.14 -65.67 -43.64
CA GLY G 380 27.94 -64.57 -44.16
C GLY G 380 27.97 -64.47 -45.67
N LYS G 381 26.81 -64.63 -46.30
CA LYS G 381 26.68 -64.51 -47.74
C LYS G 381 25.47 -63.66 -48.15
N GLU G 382 25.55 -63.06 -49.32
CA GLU G 382 24.45 -62.29 -49.86
C GLU G 382 23.28 -63.23 -50.13
N LEU G 383 22.10 -62.83 -49.67
CA LEU G 383 20.89 -63.61 -49.79
C LEU G 383 19.94 -63.00 -50.81
N GLY G 384 20.39 -61.97 -51.51
CA GLY G 384 19.56 -61.27 -52.46
C GLY G 384 19.09 -59.92 -51.92
N GLY G 385 19.23 -58.90 -52.76
CA GLY G 385 18.76 -57.57 -52.45
C GLY G 385 19.65 -56.88 -51.46
N LEU G 386 19.06 -56.50 -50.32
CA LEU G 386 19.80 -55.89 -49.22
C LEU G 386 19.90 -56.87 -48.07
N PHE G 387 19.45 -58.10 -48.32
CA PHE G 387 19.56 -59.16 -47.33
C PHE G 387 20.95 -59.82 -47.33
N PHE G 388 21.36 -60.25 -46.13
CA PHE G 388 22.67 -60.87 -45.87
C PHE G 388 22.49 -61.92 -44.80
N GLU G 389 23.20 -63.02 -44.94
CA GLU G 389 23.00 -64.12 -44.03
C GLU G 389 23.92 -63.94 -42.82
N PRO G 390 23.37 -64.02 -41.60
CA PRO G 390 24.21 -63.93 -40.41
C PRO G 390 25.34 -64.98 -40.43
N GLY G 391 26.53 -64.56 -40.06
CA GLY G 391 27.72 -65.37 -40.17
C GLY G 391 28.54 -65.35 -38.88
N ILE G 392 29.52 -66.26 -38.85
CA ILE G 392 30.51 -66.36 -37.81
C ILE G 392 31.86 -66.62 -38.48
N LEU G 393 32.91 -65.98 -37.95
CA LEU G 393 34.32 -66.32 -38.22
C LEU G 393 35.01 -66.86 -36.95
N THR G 394 35.89 -67.86 -37.12
CA THR G 394 36.71 -68.36 -36.03
C THR G 394 38.15 -68.15 -36.41
N GLY G 395 39.00 -68.16 -35.40
CA GLY G 395 40.42 -67.88 -35.62
C GLY G 395 40.74 -66.47 -36.03
N VAL G 396 39.99 -65.49 -35.50
CA VAL G 396 40.24 -64.09 -35.76
C VAL G 396 41.36 -63.52 -34.88
N THR G 397 42.15 -62.61 -35.42
CA THR G 397 43.34 -62.06 -34.74
C THR G 397 43.42 -60.55 -34.86
N SER G 398 44.26 -59.99 -33.99
CA SER G 398 44.38 -58.55 -33.88
C SER G 398 44.83 -57.82 -35.13
N ASP G 399 45.43 -58.51 -36.11
CA ASP G 399 45.86 -57.84 -37.36
C ASP G 399 44.81 -57.91 -38.48
N MET G 400 43.63 -58.41 -38.15
CA MET G 400 42.52 -58.37 -39.08
C MET G 400 41.79 -57.01 -38.94
N LEU G 401 41.12 -56.64 -40.03
CA LEU G 401 40.48 -55.33 -40.18
C LEU G 401 39.39 -55.14 -39.14
N VAL G 402 38.58 -56.16 -38.96
CA VAL G 402 37.52 -56.12 -37.99
C VAL G 402 38.01 -55.86 -36.56
N ALA G 403 39.30 -55.96 -36.30
CA ALA G 403 39.82 -55.61 -34.99
C ALA G 403 39.85 -54.10 -34.77
N LYS G 404 39.89 -53.34 -35.86
CA LYS G 404 40.03 -51.90 -35.75
C LYS G 404 38.87 -51.09 -36.32
N GLU G 405 38.00 -51.77 -37.08
CA GLU G 405 36.89 -51.12 -37.80
C GLU G 405 35.55 -51.82 -37.54
N GLU G 406 34.50 -51.02 -37.29
CA GLU G 406 33.18 -51.54 -37.00
C GLU G 406 32.61 -52.23 -38.21
N THR G 407 32.12 -53.46 -38.04
CA THR G 407 31.50 -54.18 -39.14
C THR G 407 30.15 -53.55 -39.51
N PHE G 408 29.35 -53.22 -38.50
CA PHE G 408 27.99 -52.72 -38.69
C PHE G 408 27.10 -53.64 -39.49
N GLY G 409 27.22 -54.94 -39.18
CA GLY G 409 26.55 -55.99 -39.90
C GLY G 409 26.51 -57.27 -39.07
N PRO G 410 25.76 -58.28 -39.52
CA PRO G 410 25.55 -59.54 -38.75
C PRO G 410 26.72 -60.56 -38.79
N LEU G 411 27.87 -60.18 -38.24
CA LEU G 411 29.09 -60.99 -38.31
C LEU G 411 29.72 -61.12 -36.92
N ALA G 412 29.83 -62.34 -36.42
CA ALA G 412 30.44 -62.66 -35.14
C ALA G 412 31.91 -63.10 -35.31
N PRO G 413 32.90 -62.18 -35.10
CA PRO G 413 34.32 -62.58 -35.21
C PRO G 413 34.87 -63.03 -33.87
N LEU G 414 35.20 -64.31 -33.76
CA LEU G 414 35.64 -64.92 -32.50
C LEU G 414 37.18 -64.91 -32.42
N PHE G 415 37.70 -64.07 -31.48
CA PHE G 415 39.11 -63.94 -31.16
C PHE G 415 39.36 -64.81 -29.93
N ALA G 416 40.40 -65.64 -29.98
CA ALA G 416 40.81 -66.44 -28.84
C ALA G 416 41.73 -65.58 -28.03
N PHE G 417 41.76 -65.76 -26.73
CA PHE G 417 42.76 -65.13 -25.87
C PHE G 417 43.19 -66.08 -24.81
N ASP G 418 44.38 -65.86 -24.26
CA ASP G 418 44.88 -66.72 -23.21
C ASP G 418 44.71 -66.11 -21.84
N THR G 419 45.11 -64.85 -21.66
CA THR G 419 45.17 -64.22 -20.33
C THR G 419 44.28 -62.96 -20.22
N GLU G 420 43.86 -62.70 -18.98
CA GLU G 420 43.11 -61.49 -18.61
C GLU G 420 43.81 -60.26 -19.10
N GLU G 421 45.09 -60.15 -18.76
CA GLU G 421 45.85 -58.95 -19.06
C GLU G 421 45.97 -58.78 -20.58
N GLU G 422 46.14 -59.88 -21.31
CA GLU G 422 46.15 -59.78 -22.78
C GLU G 422 44.79 -59.32 -23.32
N VAL G 423 43.71 -59.79 -22.73
CA VAL G 423 42.43 -59.42 -23.36
C VAL G 423 42.09 -57.95 -23.05
N ILE G 424 42.49 -57.48 -21.88
CA ILE G 424 42.23 -56.12 -21.48
C ILE G 424 42.98 -55.19 -22.43
N ALA G 425 44.26 -55.49 -22.64
CA ALA G 425 45.06 -54.75 -23.58
C ALA G 425 44.46 -54.68 -24.96
N GLN G 426 43.99 -55.80 -25.46
CA GLN G 426 43.44 -55.78 -26.81
C GLN G 426 42.08 -55.04 -26.84
N ALA G 427 41.24 -55.32 -25.84
CA ALA G 427 39.95 -54.64 -25.70
C ALA G 427 40.15 -53.10 -25.79
N ASN G 428 41.12 -52.58 -25.04
CA ASN G 428 41.37 -51.11 -25.00
C ASN G 428 42.18 -50.53 -26.15
N ASP G 429 42.64 -51.39 -27.08
CA ASP G 429 43.59 -50.96 -28.12
C ASP G 429 42.77 -50.49 -29.29
N THR G 430 42.06 -49.39 -29.05
CA THR G 430 41.21 -48.74 -30.04
C THR G 430 41.07 -47.25 -29.67
N ILE G 431 40.80 -46.43 -30.67
CA ILE G 431 40.51 -45.01 -30.45
C ILE G 431 39.11 -44.87 -29.85
N PHE G 432 38.29 -45.92 -29.97
CA PHE G 432 36.91 -45.89 -29.50
C PHE G 432 36.74 -46.35 -28.01
N GLY G 433 35.58 -46.07 -27.44
CA GLY G 433 35.32 -46.36 -26.02
C GLY G 433 33.87 -46.18 -25.59
N LEU G 434 33.00 -46.81 -26.36
CA LEU G 434 31.57 -46.74 -26.13
C LEU G 434 31.05 -47.84 -25.17
N ALA G 435 30.63 -48.99 -25.72
CA ALA G 435 30.20 -50.15 -24.94
C ALA G 435 31.23 -51.25 -25.00
N ALA G 436 31.29 -52.02 -23.93
CA ALA G 436 32.02 -53.25 -23.86
C ALA G 436 31.18 -54.23 -22.98
N TYR G 437 31.51 -55.51 -23.10
CA TYR G 437 30.79 -56.58 -22.42
C TYR G 437 31.75 -57.67 -21.97
N PHE G 438 31.48 -58.25 -20.83
CA PHE G 438 32.26 -59.41 -20.42
C PHE G 438 31.41 -60.33 -19.53
N TYR G 439 31.71 -61.64 -19.62
CA TYR G 439 31.12 -62.69 -18.80
C TYR G 439 32.17 -63.40 -17.91
N THR G 440 31.87 -63.48 -16.61
CA THR G 440 32.68 -64.20 -15.62
C THR G 440 31.89 -64.28 -14.32
N GLU G 441 32.12 -65.34 -13.57
CA GLU G 441 31.40 -65.58 -12.36
C GLU G 441 32.22 -65.15 -11.16
N ASN G 442 33.48 -64.79 -11.38
CA ASN G 442 34.35 -64.46 -10.26
C ASN G 442 34.24 -63.01 -9.79
N PHE G 443 34.07 -62.84 -8.50
CA PHE G 443 33.83 -61.52 -7.95
C PHE G 443 34.97 -60.57 -8.27
N SER G 444 36.20 -60.99 -8.00
CA SER G 444 37.35 -60.10 -8.17
C SER G 444 37.61 -59.74 -9.62
N ARG G 445 37.51 -60.72 -10.50
CA ARG G 445 37.65 -60.43 -11.90
C ARG G 445 36.59 -59.41 -12.38
N ALA G 446 35.38 -59.46 -11.80
CA ALA G 446 34.33 -58.52 -12.15
C ALA G 446 34.78 -57.05 -11.87
N ILE G 447 35.27 -56.81 -10.66
CA ILE G 447 35.91 -55.53 -10.33
C ILE G 447 37.05 -55.19 -11.27
N ARG G 448 38.02 -56.09 -11.43
CA ARG G 448 39.23 -55.76 -12.17
C ARG G 448 38.96 -55.33 -13.59
N VAL G 449 38.16 -56.12 -14.27
CA VAL G 449 37.91 -55.91 -15.71
C VAL G 449 36.89 -54.78 -16.01
N SER G 450 35.81 -54.70 -15.20
CA SER G 450 34.83 -53.59 -15.34
C SER G 450 35.59 -52.26 -15.22
N GLU G 451 36.54 -52.19 -14.30
CA GLU G 451 37.32 -50.98 -14.05
C GLU G 451 38.38 -50.72 -15.09
N ALA G 452 38.95 -51.76 -15.66
CA ALA G 452 40.06 -51.55 -16.59
C ALA G 452 39.58 -51.33 -18.02
N LEU G 453 38.36 -51.67 -18.32
CA LEU G 453 37.86 -51.43 -19.68
C LEU G 453 37.60 -49.93 -19.87
N GLU G 454 38.27 -49.37 -20.88
CA GLU G 454 38.17 -47.94 -21.25
C GLU G 454 36.96 -47.65 -22.14
N TYR G 455 35.79 -47.73 -21.52
CA TYR G 455 34.51 -47.64 -22.16
C TYR G 455 33.54 -46.87 -21.24
N GLY G 456 32.59 -46.15 -21.82
CA GLY G 456 31.57 -45.49 -21.03
C GLY G 456 30.52 -46.39 -20.41
N MET G 457 30.36 -47.58 -21.00
CA MET G 457 29.30 -48.50 -20.62
C MET G 457 29.81 -49.96 -20.67
N VAL G 458 29.62 -50.69 -19.59
CA VAL G 458 30.11 -52.07 -19.52
C VAL G 458 29.02 -53.01 -19.12
N GLY G 459 28.76 -53.96 -20.00
CA GLY G 459 27.84 -55.04 -19.61
C GLY G 459 28.57 -56.18 -18.90
N HIS G 460 28.16 -56.55 -17.69
CA HIS G 460 28.75 -57.70 -16.99
C HIS G 460 27.74 -58.83 -16.88
N ASN G 461 28.00 -59.93 -17.59
CA ASN G 461 27.06 -61.08 -17.65
C ASN G 461 25.72 -60.74 -18.33
N THR G 462 25.74 -59.76 -19.21
CA THR G 462 24.55 -59.40 -19.95
C THR G 462 24.95 -58.72 -21.21
N GLY G 463 24.22 -59.01 -22.28
CA GLY G 463 24.40 -58.34 -23.56
C GLY G 463 23.41 -57.18 -23.78
N LEU G 464 22.60 -56.88 -22.78
CA LEU G 464 21.58 -55.87 -22.94
C LEU G 464 21.64 -54.90 -21.81
N ILE G 465 22.19 -53.73 -22.10
CA ILE G 465 22.47 -52.74 -21.08
C ILE G 465 21.59 -51.48 -21.21
N SER G 466 20.80 -51.37 -22.27
CA SER G 466 20.06 -50.14 -22.54
C SER G 466 18.82 -49.94 -21.69
N ASN G 467 18.68 -48.71 -21.20
CA ASN G 467 17.51 -48.22 -20.52
C ASN G 467 17.61 -46.66 -20.43
N GLU G 468 16.63 -46.03 -19.83
CA GLU G 468 16.59 -44.61 -19.71
C GLU G 468 17.20 -44.06 -18.41
N VAL G 469 17.48 -44.96 -17.47
CA VAL G 469 17.86 -44.56 -16.09
C VAL G 469 19.37 -44.45 -15.83
N ALA G 470 20.19 -44.99 -16.72
CA ALA G 470 21.62 -45.02 -16.54
C ALA G 470 22.32 -44.12 -17.58
N PRO G 471 23.50 -43.59 -17.28
CA PRO G 471 24.14 -42.69 -18.25
C PRO G 471 24.80 -43.39 -19.45
N PHE G 472 24.40 -42.98 -20.65
CA PHE G 472 24.87 -43.60 -21.92
C PHE G 472 25.72 -42.63 -22.68
N GLY G 473 26.90 -43.12 -23.07
CA GLY G 473 27.87 -42.32 -23.81
C GLY G 473 29.22 -42.97 -23.80
N GLY G 474 30.17 -42.30 -24.42
CA GLY G 474 31.48 -42.82 -24.61
C GLY G 474 32.61 -42.03 -24.01
N VAL G 475 33.77 -42.68 -23.99
CA VAL G 475 35.02 -42.04 -23.66
C VAL G 475 35.89 -42.01 -24.94
N LYS G 476 37.08 -41.44 -24.89
CA LYS G 476 37.97 -41.41 -26.04
C LYS G 476 37.22 -40.82 -27.23
N GLN G 477 37.36 -41.38 -28.42
CA GLN G 477 36.73 -40.80 -29.60
C GLN G 477 35.29 -41.29 -29.83
N SER G 478 34.65 -41.93 -28.83
CA SER G 478 33.23 -42.32 -28.94
C SER G 478 32.23 -41.24 -28.48
N GLY G 479 32.74 -40.18 -27.87
CA GLY G 479 31.94 -38.93 -27.77
C GLY G 479 32.08 -38.14 -26.50
N LEU G 480 31.08 -37.27 -26.30
CA LEU G 480 31.02 -36.25 -25.25
C LEU G 480 29.60 -36.22 -24.63
N GLY G 481 29.53 -36.18 -23.32
CA GLY G 481 28.26 -36.14 -22.64
C GLY G 481 27.62 -37.47 -22.40
N ARG G 482 26.54 -37.43 -21.62
CA ARG G 482 25.74 -38.63 -21.35
C ARG G 482 24.24 -38.38 -21.60
N GLU G 483 23.53 -39.41 -22.04
CA GLU G 483 22.06 -39.37 -22.28
C GLU G 483 21.40 -40.37 -21.34
N GLY G 484 20.14 -40.12 -21.03
CA GLY G 484 19.41 -40.82 -19.96
C GLY G 484 19.96 -40.46 -18.60
N SER G 485 19.31 -40.99 -17.56
CA SER G 485 19.77 -40.90 -16.16
C SER G 485 19.59 -39.51 -15.59
N LYS G 486 19.88 -39.37 -14.30
CA LYS G 486 20.04 -38.07 -13.69
C LYS G 486 21.21 -37.25 -14.17
N TYR G 487 21.98 -37.70 -15.16
CA TYR G 487 23.02 -36.86 -15.69
C TYR G 487 22.62 -36.25 -17.01
N GLY G 488 21.52 -36.70 -17.62
CA GLY G 488 21.25 -36.27 -18.95
C GLY G 488 20.78 -34.82 -19.07
N ILE G 489 20.00 -34.36 -18.10
CA ILE G 489 19.36 -33.02 -18.27
C ILE G 489 20.40 -31.90 -18.15
N GLU G 490 21.47 -32.13 -17.41
CA GLU G 490 22.56 -31.13 -17.32
C GLU G 490 23.25 -30.78 -18.65
N GLU G 491 23.08 -31.61 -19.69
CA GLU G 491 23.69 -31.29 -21.01
C GLU G 491 22.94 -30.14 -21.67
N TYR G 492 21.77 -29.81 -21.11
CA TYR G 492 20.84 -28.83 -21.66
C TYR G 492 20.59 -27.65 -20.67
N LEU G 493 21.43 -27.58 -19.64
CA LEU G 493 21.37 -26.55 -18.60
C LEU G 493 22.71 -25.86 -18.50
N GLU G 494 22.67 -24.62 -18.06
CA GLU G 494 23.85 -23.88 -17.74
C GLU G 494 23.83 -23.62 -16.27
N THR G 495 25.00 -23.67 -15.66
CA THR G 495 25.19 -23.43 -14.23
C THR G 495 25.45 -21.94 -13.99
N LYS G 496 24.75 -21.37 -13.02
CA LYS G 496 24.97 -20.00 -12.66
C LYS G 496 25.22 -19.95 -11.16
N TYR G 497 26.34 -19.36 -10.80
CA TYR G 497 26.75 -19.13 -9.42
C TYR G 497 26.36 -17.70 -9.06
N ILE G 498 25.66 -17.55 -7.94
CA ILE G 498 25.25 -16.23 -7.48
C ILE G 498 25.84 -16.09 -6.09
N CYS G 499 26.61 -15.03 -5.91
CA CYS G 499 27.24 -14.73 -4.67
C CYS G 499 26.56 -13.45 -4.23
N SER G 500 25.84 -13.48 -3.09
CA SER G 500 25.09 -12.31 -2.61
C SER G 500 25.56 -11.81 -1.25
N ALA G 501 25.84 -10.52 -1.14
CA ALA G 501 26.24 -9.93 0.13
C ALA G 501 24.96 -9.32 0.66
N TYR G 502 24.76 -9.39 1.96
CA TYR G 502 23.57 -8.84 2.58
C TYR G 502 24.04 -8.16 3.83
N LYS G 503 23.24 -7.26 4.40
CA LYS G 503 23.63 -6.58 5.64
C LYS G 503 23.20 -7.42 6.85
N ARG G 504 24.17 -7.73 7.70
CA ARG G 504 23.93 -8.50 8.92
C ARG G 504 23.33 -7.65 10.06
N MET H 22 -27.42 -41.07 2.23
CA MET H 22 -27.04 -41.30 0.80
C MET H 22 -26.42 -40.02 0.20
N LEU H 23 -25.09 -39.99 0.10
CA LEU H 23 -24.41 -38.88 -0.58
C LEU H 23 -24.55 -39.14 -2.08
N ALA H 24 -24.75 -38.06 -2.82
CA ALA H 24 -24.82 -38.12 -4.28
C ALA H 24 -23.46 -38.40 -4.93
N LEU H 25 -22.99 -39.64 -4.81
CA LEU H 25 -21.72 -40.08 -5.38
C LEU H 25 -21.91 -40.70 -6.76
N LYS H 26 -21.01 -40.38 -7.68
CA LYS H 26 -21.00 -41.05 -8.99
C LYS H 26 -20.63 -42.52 -8.85
N ASP H 27 -19.73 -42.86 -7.93
CA ASP H 27 -19.42 -44.26 -7.66
C ASP H 27 -19.65 -44.53 -6.20
N PRO H 28 -20.89 -44.91 -5.85
CA PRO H 28 -21.20 -45.16 -4.45
C PRO H 28 -20.37 -46.27 -3.78
N SER H 29 -19.65 -47.06 -4.58
CA SER H 29 -18.73 -48.06 -4.04
C SER H 29 -17.55 -47.46 -3.26
N LEU H 30 -17.28 -46.16 -3.44
CA LEU H 30 -16.19 -45.47 -2.70
C LEU H 30 -16.54 -45.22 -1.24
N LEU H 31 -17.83 -45.27 -0.86
CA LEU H 31 -18.22 -45.08 0.53
C LEU H 31 -18.22 -46.43 1.18
N LYS H 32 -17.35 -46.63 2.18
CA LYS H 32 -17.19 -47.92 2.86
C LYS H 32 -17.58 -47.93 4.34
N SER H 33 -17.98 -49.11 4.82
CA SER H 33 -18.32 -49.29 6.23
C SER H 33 -17.38 -50.27 6.87
N GLN H 34 -16.30 -50.61 6.16
CA GLN H 34 -15.42 -51.72 6.50
C GLN H 34 -13.94 -51.35 6.40
N CYS H 35 -13.10 -52.10 7.09
CA CYS H 35 -11.67 -51.89 7.05
C CYS H 35 -11.14 -52.71 5.93
N LEU H 36 -9.96 -52.34 5.41
CA LEU H 36 -9.28 -53.12 4.35
C LEU H 36 -8.15 -53.83 5.06
N VAL H 37 -8.30 -55.16 5.23
CA VAL H 37 -7.30 -55.98 5.90
C VAL H 37 -6.99 -57.15 4.99
N ASN H 38 -5.70 -57.46 4.92
CA ASN H 38 -5.12 -58.41 3.98
C ASN H 38 -5.95 -58.63 2.73
N GLY H 39 -6.31 -57.54 2.05
CA GLY H 39 -6.92 -57.63 0.73
C GLY H 39 -8.44 -57.79 0.74
N ARG H 40 -9.05 -57.70 1.92
CA ARG H 40 -10.49 -57.89 2.09
C ARG H 40 -11.06 -56.77 2.92
N TRP H 41 -12.35 -56.51 2.72
CA TRP H 41 -13.09 -55.55 3.53
C TRP H 41 -13.78 -56.31 4.67
N ILE H 42 -13.46 -55.94 5.91
CA ILE H 42 -13.96 -56.70 7.04
C ILE H 42 -14.65 -55.79 8.05
N ASP H 43 -15.42 -56.43 8.93
CA ASP H 43 -16.05 -55.79 10.07
C ASP H 43 -15.27 -56.26 11.26
N ALA H 44 -15.54 -55.67 12.41
CA ALA H 44 -14.90 -56.06 13.63
C ALA H 44 -15.40 -57.47 14.00
N ALA H 45 -14.59 -58.23 14.73
CA ALA H 45 -15.00 -59.57 15.17
C ALA H 45 -16.26 -59.44 16.00
N ASP H 46 -16.22 -58.60 17.03
CA ASP H 46 -17.39 -58.42 17.89
C ASP H 46 -18.45 -57.53 17.23
N GLY H 47 -18.21 -57.14 15.97
CA GLY H 47 -19.14 -56.36 15.20
C GLY H 47 -19.40 -54.96 15.71
N THR H 48 -18.61 -54.48 16.68
CA THR H 48 -18.73 -53.12 17.14
C THR H 48 -18.20 -52.13 16.07
N THR H 49 -18.71 -50.90 16.10
CA THR H 49 -18.48 -49.90 15.08
C THR H 49 -18.39 -48.49 15.68
N ILE H 50 -18.00 -47.55 14.85
CA ILE H 50 -17.84 -46.13 15.18
C ILE H 50 -18.77 -45.41 14.19
N LYS H 51 -19.50 -44.40 14.65
CA LYS H 51 -20.38 -43.65 13.73
C LYS H 51 -19.68 -42.42 13.19
N VAL H 52 -19.96 -42.11 11.93
CA VAL H 52 -19.36 -40.94 11.28
C VAL H 52 -20.47 -39.97 10.97
N THR H 53 -20.32 -38.77 11.51
CA THR H 53 -21.39 -37.81 11.55
C THR H 53 -20.94 -36.56 10.83
N ASN H 54 -21.78 -36.10 9.92
CA ASN H 54 -21.53 -34.85 9.20
C ASN H 54 -21.69 -33.62 10.11
N PRO H 55 -20.60 -32.87 10.34
CA PRO H 55 -20.67 -31.79 11.35
C PRO H 55 -21.45 -30.54 10.94
N ALA H 56 -21.86 -30.44 9.67
CA ALA H 56 -22.72 -29.33 9.24
C ALA H 56 -24.10 -29.48 9.84
N ASP H 57 -24.52 -30.73 10.06
CA ASP H 57 -25.91 -31.02 10.43
C ASP H 57 -26.14 -32.23 11.34
N GLY H 58 -25.09 -32.82 11.88
CA GLY H 58 -25.22 -33.93 12.84
C GLY H 58 -25.77 -35.23 12.30
N SER H 59 -25.94 -35.34 10.98
CA SER H 59 -26.50 -36.56 10.40
C SER H 59 -25.46 -37.66 10.31
N VAL H 60 -25.86 -38.90 10.58
CA VAL H 60 -24.95 -40.04 10.47
C VAL H 60 -24.74 -40.43 9.01
N ILE H 61 -23.48 -40.38 8.58
CA ILE H 61 -23.11 -40.64 7.19
C ILE H 61 -23.04 -42.12 7.00
N GLY H 62 -22.58 -42.81 8.04
CA GLY H 62 -22.32 -44.23 7.99
C GLY H 62 -21.53 -44.62 9.22
N THR H 63 -21.16 -45.89 9.26
CA THR H 63 -20.28 -46.38 10.33
C THR H 63 -19.06 -47.14 9.82
N VAL H 64 -18.04 -47.20 10.67
CA VAL H 64 -16.84 -48.00 10.38
C VAL H 64 -16.65 -48.90 11.56
N PRO H 65 -15.98 -50.04 11.37
CA PRO H 65 -15.81 -50.92 12.52
C PRO H 65 -14.87 -50.35 13.54
N SER H 66 -14.82 -51.02 14.69
CA SER H 66 -13.86 -50.70 15.75
C SER H 66 -13.16 -52.01 16.07
N LEU H 67 -12.08 -52.27 15.31
CA LEU H 67 -11.39 -53.55 15.31
C LEU H 67 -10.69 -53.77 16.61
N SER H 68 -10.38 -55.03 16.89
CA SER H 68 -9.73 -55.44 18.13
C SER H 68 -8.22 -55.50 17.96
N VAL H 69 -7.50 -55.44 19.08
CA VAL H 69 -6.06 -55.68 19.09
C VAL H 69 -5.78 -57.01 18.35
N ALA H 70 -6.54 -58.06 18.66
CA ALA H 70 -6.34 -59.36 18.01
C ALA H 70 -6.38 -59.26 16.50
N THR H 71 -7.35 -58.49 15.99
CA THR H 71 -7.50 -58.29 14.54
C THR H 71 -6.30 -57.47 14.03
N ILE H 72 -5.91 -56.42 14.77
CA ILE H 72 -4.74 -55.58 14.38
C ILE H 72 -3.51 -56.48 14.28
N LYS H 73 -3.39 -57.40 15.24
CA LYS H 73 -2.30 -58.34 15.24
C LYS H 73 -2.28 -59.17 13.96
N GLU H 74 -3.45 -59.51 13.43
CA GLU H 74 -3.55 -60.25 12.16
C GLU H 74 -3.14 -59.35 10.97
N ALA H 75 -3.57 -58.10 11.01
CA ALA H 75 -3.17 -57.10 10.03
C ALA H 75 -1.64 -57.03 9.95
N ILE H 76 -1.00 -56.92 11.11
CA ILE H 76 0.43 -56.86 11.19
C ILE H 76 1.09 -58.07 10.53
N ASP H 77 0.66 -59.28 10.95
CA ASP H 77 1.11 -60.54 10.37
C ASP H 77 0.93 -60.57 8.85
N ALA H 78 -0.22 -60.11 8.36
CA ALA H 78 -0.49 -60.10 6.90
C ALA H 78 0.44 -59.11 6.16
N SER H 79 0.79 -58.04 6.86
CA SER H 79 1.69 -57.02 6.33
C SER H 79 3.05 -57.66 6.10
N ALA H 80 3.54 -58.34 7.14
CA ALA H 80 4.82 -59.05 7.11
C ALA H 80 4.86 -60.09 6.01
N LYS H 81 3.77 -60.78 5.81
CA LYS H 81 3.67 -61.72 4.71
C LYS H 81 3.68 -61.07 3.31
N ALA H 82 3.04 -59.92 3.13
CA ALA H 82 3.05 -59.23 1.81
C ALA H 82 4.41 -58.55 1.48
N LEU H 83 5.16 -58.22 2.52
CA LEU H 83 6.40 -57.43 2.39
C LEU H 83 7.36 -58.00 1.34
N SER H 84 7.76 -59.26 1.55
CA SER H 84 8.75 -59.92 0.72
C SER H 84 8.51 -59.72 -0.74
N GLY H 85 7.31 -60.05 -1.19
CA GLY H 85 6.96 -59.99 -2.62
C GLY H 85 6.89 -58.57 -3.15
N TRP H 86 6.45 -57.66 -2.30
CA TRP H 86 6.31 -56.25 -2.66
C TRP H 86 7.70 -55.59 -2.79
N ALA H 87 8.54 -55.75 -1.77
CA ALA H 87 9.95 -55.30 -1.83
C ALA H 87 10.73 -55.91 -3.00
N ALA H 88 10.36 -57.13 -3.42
CA ALA H 88 11.06 -57.84 -4.50
C ALA H 88 10.76 -57.32 -5.90
N LYS H 89 9.64 -56.61 -6.06
CA LYS H 89 9.34 -55.97 -7.35
C LYS H 89 10.44 -54.98 -7.71
N THR H 90 10.60 -54.74 -9.00
CA THR H 90 11.42 -53.62 -9.47
C THR H 90 10.81 -52.31 -9.00
N ALA H 91 11.65 -51.27 -8.92
CA ALA H 91 11.20 -49.90 -8.67
C ALA H 91 10.20 -49.49 -9.73
N LYS H 92 10.55 -49.77 -10.99
CA LYS H 92 9.67 -49.56 -12.10
C LYS H 92 8.24 -50.15 -11.87
N GLU H 93 8.11 -51.41 -11.43
CA GLU H 93 6.77 -51.99 -11.22
CA GLU H 93 6.74 -51.97 -11.25
C GLU H 93 6.03 -51.30 -10.07
N ARG H 94 6.73 -51.01 -8.99
CA ARG H 94 6.08 -50.35 -7.89
C ARG H 94 5.64 -48.96 -8.34
N ALA H 95 6.47 -48.27 -9.11
CA ALA H 95 6.09 -46.92 -9.62
C ALA H 95 4.83 -46.97 -10.50
N GLY H 96 4.78 -47.98 -11.38
CA GLY H 96 3.63 -48.16 -12.28
C GLY H 96 2.35 -48.40 -11.54
N ILE H 97 2.38 -49.32 -10.58
CA ILE H 97 1.24 -49.52 -9.68
C ILE H 97 0.83 -48.23 -8.96
N LEU H 98 1.79 -47.53 -8.40
CA LEU H 98 1.49 -46.27 -7.71
C LEU H 98 0.98 -45.17 -8.66
N ARG H 99 1.46 -45.13 -9.89
CA ARG H 99 0.90 -44.15 -10.81
C ARG H 99 -0.58 -44.44 -11.10
N LYS H 100 -0.97 -45.73 -11.24
CA LYS H 100 -2.39 -46.10 -11.42
C LYS H 100 -3.25 -45.61 -10.28
N TRP H 101 -2.79 -45.82 -9.05
CA TRP H 101 -3.44 -45.30 -7.87
C TRP H 101 -3.63 -43.78 -7.96
N PHE H 102 -2.55 -43.07 -8.27
CA PHE H 102 -2.63 -41.64 -8.57
C PHE H 102 -3.74 -41.29 -9.58
N ASP H 103 -3.71 -41.91 -10.76
CA ASP H 103 -4.65 -41.60 -11.84
C ASP H 103 -6.10 -41.89 -11.40
N LEU H 104 -6.23 -42.96 -10.63
CA LEU H 104 -7.54 -43.34 -10.09
C LEU H 104 -8.06 -42.30 -9.14
N ILE H 105 -7.19 -41.73 -8.31
CA ILE H 105 -7.64 -40.72 -7.37
C ILE H 105 -8.05 -39.44 -8.11
N ILE H 106 -7.26 -39.06 -9.11
CA ILE H 106 -7.58 -37.88 -9.89
C ILE H 106 -8.90 -38.14 -10.58
N ALA H 107 -9.10 -39.38 -11.05
CA ALA H 107 -10.34 -39.71 -11.77
C ALA H 107 -11.61 -39.60 -10.90
N ASN H 108 -11.46 -39.79 -9.59
CA ASN H 108 -12.59 -39.89 -8.66
C ASN H 108 -12.58 -38.76 -7.68
N ALA H 109 -11.89 -37.68 -8.02
CA ALA H 109 -11.62 -36.59 -7.09
C ALA H 109 -12.93 -36.00 -6.53
N ASP H 110 -13.94 -35.88 -7.37
CA ASP H 110 -15.17 -35.23 -6.93
C ASP H 110 -15.90 -36.02 -5.83
N ASP H 111 -16.02 -37.34 -6.03
CA ASP H 111 -16.61 -38.23 -5.02
C ASP H 111 -15.76 -38.25 -3.77
N ILE H 112 -14.44 -38.33 -3.92
CA ILE H 112 -13.59 -38.29 -2.75
C ILE H 112 -13.79 -36.99 -1.99
N ALA H 113 -13.87 -35.87 -2.72
CA ALA H 113 -14.05 -34.58 -2.08
C ALA H 113 -15.41 -34.46 -1.34
N LEU H 114 -16.46 -35.06 -1.92
CA LEU H 114 -17.81 -35.05 -1.30
C LEU H 114 -17.77 -35.80 0.03
N ILE H 115 -17.16 -36.98 0.01
CA ILE H 115 -16.97 -37.77 1.24
C ILE H 115 -16.23 -36.99 2.31
N MET H 116 -15.16 -36.31 1.89
CA MET H 116 -14.35 -35.53 2.82
C MET H 116 -15.15 -34.38 3.41
N THR H 117 -15.72 -33.56 2.53
CA THR H 117 -16.55 -32.42 2.96
C THR H 117 -17.62 -32.88 3.97
N SER H 118 -18.23 -34.04 3.67
CA SER H 118 -19.30 -34.62 4.47
C SER H 118 -18.84 -34.95 5.89
N GLU H 119 -17.73 -35.67 5.99
CA GLU H 119 -17.29 -36.13 7.28
C GLU H 119 -16.50 -35.08 8.06
N GLN H 120 -15.82 -34.17 7.36
CA GLN H 120 -14.91 -33.27 8.06
C GLN H 120 -15.32 -31.79 8.13
N GLY H 121 -16.04 -31.28 7.12
CA GLY H 121 -16.63 -29.94 7.18
C GLY H 121 -16.16 -28.93 6.15
N LYS H 122 -14.93 -29.08 5.64
CA LYS H 122 -14.36 -28.06 4.75
C LYS H 122 -15.18 -27.98 3.48
N PRO H 123 -15.24 -26.80 2.89
CA PRO H 123 -16.00 -26.64 1.66
C PRO H 123 -15.49 -27.52 0.52
N LEU H 124 -16.40 -27.88 -0.37
CA LEU H 124 -16.07 -28.74 -1.52
C LEU H 124 -14.79 -28.32 -2.31
N ALA H 125 -14.62 -27.03 -2.52
CA ALA H 125 -13.49 -26.55 -3.31
C ALA H 125 -12.16 -26.78 -2.55
N GLU H 126 -12.21 -26.68 -1.22
CA GLU H 126 -11.07 -27.05 -0.36
C GLU H 126 -10.81 -28.55 -0.41
N ALA H 127 -11.87 -29.34 -0.30
CA ALA H 127 -11.75 -30.78 -0.32
C ALA H 127 -11.15 -31.24 -1.65
N ARG H 128 -11.58 -30.63 -2.76
CA ARG H 128 -11.01 -30.98 -4.08
CA ARG H 128 -11.02 -30.95 -4.08
C ARG H 128 -9.52 -30.64 -4.15
N GLY H 129 -9.16 -29.44 -3.74
CA GLY H 129 -7.78 -29.03 -3.64
C GLY H 129 -6.99 -30.01 -2.81
N GLU H 130 -7.53 -30.40 -1.65
CA GLU H 130 -6.82 -31.38 -0.83
C GLU H 130 -6.67 -32.70 -1.60
N VAL H 131 -7.69 -33.11 -2.32
CA VAL H 131 -7.59 -34.37 -3.01
C VAL H 131 -6.46 -34.31 -4.05
N LEU H 132 -6.39 -33.24 -4.82
CA LEU H 132 -5.32 -33.10 -5.80
C LEU H 132 -3.94 -33.03 -5.13
N TYR H 133 -3.86 -32.38 -3.99
CA TYR H 133 -2.64 -32.25 -3.23
C TYR H 133 -2.22 -33.61 -2.71
N ALA H 134 -3.19 -34.38 -2.23
CA ALA H 134 -2.91 -35.68 -1.66
C ALA H 134 -2.45 -36.57 -2.78
N ALA H 135 -3.13 -36.49 -3.91
CA ALA H 135 -2.74 -37.27 -5.08
C ALA H 135 -1.30 -37.03 -5.50
N SER H 136 -0.89 -35.75 -5.43
CA SER H 136 0.44 -35.32 -5.88
C SER H 136 1.63 -36.07 -5.21
N PHE H 137 1.47 -36.40 -3.92
CA PHE H 137 2.44 -37.25 -3.22
C PHE H 137 2.67 -38.62 -3.84
N ILE H 138 1.59 -39.26 -4.28
CA ILE H 138 1.66 -40.54 -4.90
C ILE H 138 2.38 -40.41 -6.26
N GLU H 139 2.08 -39.36 -7.01
CA GLU H 139 2.73 -39.21 -8.28
C GLU H 139 4.23 -39.00 -8.03
N TRP H 140 4.50 -38.12 -7.06
CA TRP H 140 5.86 -37.78 -6.71
C TRP H 140 6.69 -39.01 -6.33
N PHE H 141 6.15 -39.78 -5.41
CA PHE H 141 6.88 -40.93 -4.92
C PHE H 141 6.90 -42.12 -5.90
N ALA H 142 5.91 -42.24 -6.79
CA ALA H 142 6.02 -43.17 -7.88
C ALA H 142 7.30 -42.84 -8.63
N GLU H 143 7.54 -41.54 -8.84
CA GLU H 143 8.74 -41.05 -9.52
C GLU H 143 10.01 -41.29 -8.73
N GLU H 144 9.96 -40.97 -7.44
CA GLU H 144 11.08 -41.19 -6.56
C GLU H 144 11.48 -42.67 -6.46
N ALA H 145 10.54 -43.59 -6.54
CA ALA H 145 10.85 -45.01 -6.29
C ALA H 145 12.00 -45.43 -7.20
N LYS H 146 12.05 -44.85 -8.41
CA LYS H 146 13.09 -45.18 -9.39
C LYS H 146 14.37 -44.41 -9.13
N ARG H 147 14.38 -43.60 -8.06
CA ARG H 147 15.49 -42.68 -7.81
C ARG H 147 16.00 -42.89 -6.44
N VAL H 148 15.78 -44.09 -5.92
CA VAL H 148 16.45 -44.49 -4.72
C VAL H 148 17.90 -44.83 -5.10
N TYR H 149 18.76 -43.81 -5.01
CA TYR H 149 20.19 -43.91 -5.36
C TYR H 149 21.11 -44.22 -4.17
N GLY H 150 21.94 -45.24 -4.35
CA GLY H 150 23.04 -45.49 -3.47
C GLY H 150 24.35 -44.91 -4.01
N ASP H 151 25.45 -45.23 -3.34
CA ASP H 151 26.73 -44.54 -3.55
C ASP H 151 27.84 -45.54 -3.78
N THR H 152 28.88 -45.13 -4.52
CA THR H 152 30.20 -45.68 -4.39
C THR H 152 31.10 -44.57 -3.82
N ILE H 153 31.99 -44.97 -2.91
CA ILE H 153 32.77 -44.06 -2.09
C ILE H 153 34.19 -44.55 -2.17
N PRO H 154 35.14 -43.66 -2.54
CA PRO H 154 36.56 -44.03 -2.69
C PRO H 154 37.09 -44.69 -1.43
N ALA H 155 37.81 -45.81 -1.59
CA ALA H 155 38.20 -46.64 -0.46
C ALA H 155 39.52 -46.14 0.12
N PRO H 156 39.59 -45.95 1.45
CA PRO H 156 40.85 -45.54 2.04
C PRO H 156 42.00 -46.56 1.84
N GLN H 157 41.67 -47.82 1.54
CA GLN H 157 42.70 -48.84 1.31
C GLN H 157 42.63 -49.46 -0.08
N ASN H 158 43.78 -49.67 -0.70
CA ASN H 158 43.84 -50.33 -1.97
C ASN H 158 43.22 -51.73 -1.79
N GLY H 159 42.59 -52.28 -2.83
CA GLY H 159 42.08 -53.65 -2.78
C GLY H 159 40.72 -53.77 -2.08
N GLN H 160 40.06 -52.62 -1.86
CA GLN H 160 38.66 -52.60 -1.39
C GLN H 160 37.79 -51.66 -2.23
N ARG H 161 36.48 -51.89 -2.19
CA ARG H 161 35.47 -51.03 -2.83
C ARG H 161 34.35 -50.87 -1.84
N LEU H 162 33.92 -49.62 -1.65
CA LEU H 162 32.81 -49.26 -0.74
C LEU H 162 31.54 -48.90 -1.54
N THR H 163 30.41 -49.45 -1.12
CA THR H 163 29.16 -49.26 -1.76
C THR H 163 28.18 -48.97 -0.64
N VAL H 164 27.19 -48.13 -0.95
CA VAL H 164 26.11 -47.84 -0.04
C VAL H 164 24.86 -48.12 -0.84
N ILE H 165 23.98 -48.96 -0.30
CA ILE H 165 22.67 -49.21 -0.88
C ILE H 165 21.59 -48.86 0.12
N ARG H 166 20.38 -48.67 -0.40
CA ARG H 166 19.25 -48.32 0.42
C ARG H 166 18.13 -49.27 0.17
N GLN H 167 17.56 -49.80 1.24
CA GLN H 167 16.54 -50.82 1.11
C GLN H 167 15.40 -50.54 2.10
N PRO H 168 14.22 -51.11 1.85
CA PRO H 168 13.03 -50.77 2.65
C PRO H 168 13.17 -51.13 4.11
N VAL H 169 12.68 -50.27 5.02
CA VAL H 169 12.76 -50.54 6.47
C VAL H 169 11.94 -51.79 6.83
N GLY H 170 10.80 -51.93 6.18
CA GLY H 170 9.95 -53.12 6.34
C GLY H 170 8.47 -52.79 6.51
N VAL H 171 7.87 -53.34 7.57
CA VAL H 171 6.48 -53.14 7.89
C VAL H 171 6.36 -51.87 8.71
N THR H 172 5.44 -51.00 8.28
CA THR H 172 5.33 -49.64 8.76
C THR H 172 3.91 -49.38 9.15
N ALA H 173 3.75 -48.50 10.14
CA ALA H 173 2.45 -48.11 10.68
C ALA H 173 2.37 -46.58 10.55
N ALA H 174 1.24 -46.11 10.04
CA ALA H 174 0.94 -44.72 10.03
C ALA H 174 -0.35 -44.49 10.85
N ILE H 175 -0.34 -43.46 11.69
CA ILE H 175 -1.50 -42.96 12.42
C ILE H 175 -1.75 -41.51 11.96
N THR H 176 -2.92 -41.20 11.39
CA THR H 176 -3.15 -39.90 10.79
C THR H 176 -4.32 -39.12 11.44
N PRO H 177 -4.31 -37.76 11.34
CA PRO H 177 -5.34 -36.90 11.95
C PRO H 177 -6.52 -36.63 11.04
N TRP H 178 -7.50 -35.90 11.58
CA TRP H 178 -8.76 -35.57 10.91
C TRP H 178 -8.70 -34.30 10.03
N ASN H 179 -7.73 -33.41 10.24
CA ASN H 179 -7.76 -32.13 9.51
C ASN H 179 -7.48 -32.23 7.99
N PHE H 180 -6.57 -33.10 7.59
CA PHE H 180 -6.39 -33.45 6.17
C PHE H 180 -6.49 -34.96 6.01
N PRO H 181 -7.72 -35.42 5.81
CA PRO H 181 -8.06 -36.84 5.86
C PRO H 181 -7.59 -37.63 4.64
N ALA H 182 -7.19 -36.94 3.58
CA ALA H 182 -6.66 -37.64 2.40
C ALA H 182 -5.13 -37.49 2.41
N ALA H 183 -4.67 -36.25 2.53
CA ALA H 183 -3.26 -35.90 2.36
C ALA H 183 -2.34 -36.51 3.41
N MET H 184 -2.79 -36.53 4.65
CA MET H 184 -1.92 -37.07 5.68
C MET H 184 -1.72 -38.57 5.48
N ILE H 185 -2.65 -39.23 4.78
CA ILE H 185 -2.43 -40.63 4.47
C ILE H 185 -1.45 -40.81 3.28
N THR H 186 -1.62 -40.05 2.20
CA THR H 186 -0.78 -40.27 1.02
C THR H 186 0.66 -39.83 1.29
N ARG H 187 0.83 -38.75 2.05
CA ARG H 187 2.16 -38.30 2.47
C ARG H 187 3.00 -39.37 3.19
N LYS H 188 2.32 -40.33 3.80
CA LYS H 188 2.98 -41.42 4.48
C LYS H 188 3.00 -42.67 3.65
N ALA H 189 1.86 -43.04 3.08
CA ALA H 189 1.76 -44.28 2.32
C ALA H 189 2.52 -44.22 0.99
N ALA H 190 2.57 -43.06 0.33
CA ALA H 190 3.27 -42.96 -0.93
C ALA H 190 4.77 -43.24 -0.80
N PRO H 191 5.45 -42.57 0.15
CA PRO H 191 6.88 -42.88 0.18
C PRO H 191 7.12 -44.30 0.67
N ALA H 192 6.30 -44.75 1.63
CA ALA H 192 6.39 -46.11 2.19
C ALA H 192 6.28 -47.18 1.11
N LEU H 193 5.22 -47.11 0.32
CA LEU H 193 5.05 -48.14 -0.68
C LEU H 193 6.11 -48.01 -1.76
N ALA H 194 6.46 -46.76 -2.06
CA ALA H 194 7.47 -46.48 -3.09
C ALA H 194 8.79 -47.12 -2.71
N ALA H 195 9.19 -46.97 -1.44
CA ALA H 195 10.47 -47.52 -0.99
C ALA H 195 10.49 -49.07 -0.96
N GLY H 196 9.31 -49.72 -1.08
CA GLY H 196 9.19 -51.19 -0.99
C GLY H 196 8.73 -51.70 0.40
N CYS H 197 8.26 -50.79 1.21
CA CYS H 197 7.67 -51.12 2.51
C CYS H 197 6.20 -51.43 2.30
N THR H 198 5.64 -52.11 3.29
CA THR H 198 4.22 -52.23 3.42
C THR H 198 3.81 -51.27 4.52
N MET H 199 2.52 -50.92 4.62
CA MET H 199 2.01 -50.04 5.69
C MET H 199 0.62 -50.37 6.18
N ILE H 200 0.43 -50.18 7.49
CA ILE H 200 -0.88 -50.20 8.06
C ILE H 200 -1.23 -48.77 8.50
N VAL H 201 -2.36 -48.28 8.01
CA VAL H 201 -2.82 -46.92 8.36
C VAL H 201 -4.02 -46.95 9.30
N ARG H 202 -3.94 -46.20 10.40
CA ARG H 202 -5.11 -45.93 11.21
C ARG H 202 -5.51 -44.49 11.08
N PRO H 203 -6.60 -44.23 10.35
CA PRO H 203 -7.09 -42.87 10.24
C PRO H 203 -7.86 -42.46 11.48
N ALA H 204 -8.11 -41.16 11.58
CA ALA H 204 -8.81 -40.56 12.68
C ALA H 204 -10.31 -40.98 12.72
N ASP H 205 -10.78 -41.23 13.96
CA ASP H 205 -12.17 -41.66 14.21
C ASP H 205 -13.16 -40.67 13.57
N LEU H 206 -12.86 -39.38 13.60
CA LEU H 206 -13.78 -38.39 13.01
C LEU H 206 -13.85 -38.40 11.49
N THR H 207 -12.81 -38.90 10.82
CA THR H 207 -12.76 -38.84 9.35
C THR H 207 -12.07 -40.06 8.68
N PRO H 208 -12.60 -41.27 8.89
CA PRO H 208 -11.97 -42.45 8.31
C PRO H 208 -12.49 -42.76 6.92
N LEU H 209 -13.56 -42.10 6.51
CA LEU H 209 -14.22 -42.47 5.26
C LEU H 209 -13.40 -42.13 4.01
N THR H 210 -12.73 -40.98 4.02
CA THR H 210 -11.81 -40.64 2.89
C THR H 210 -10.72 -41.68 2.77
N ALA H 211 -10.20 -42.10 3.91
CA ALA H 211 -9.14 -43.09 3.96
C ALA H 211 -9.51 -44.37 3.24
N LEU H 212 -10.69 -44.87 3.58
CA LEU H 212 -11.21 -46.10 3.03
C LEU H 212 -11.51 -45.92 1.53
N ALA H 213 -11.93 -44.71 1.12
CA ALA H 213 -12.16 -44.47 -0.31
C ALA H 213 -10.82 -44.71 -1.07
N LEU H 214 -9.73 -44.14 -0.54
CA LEU H 214 -8.38 -44.26 -1.11
C LEU H 214 -7.96 -45.72 -1.07
N GLY H 215 -8.37 -46.39 0.01
CA GLY H 215 -8.20 -47.83 0.11
C GLY H 215 -8.83 -48.58 -1.05
N VAL H 216 -10.10 -48.29 -1.34
CA VAL H 216 -10.80 -48.86 -2.49
C VAL H 216 -10.02 -48.69 -3.81
N LEU H 217 -9.46 -47.52 -4.05
CA LEU H 217 -8.74 -47.24 -5.30
C LEU H 217 -7.33 -47.84 -5.30
N ALA H 218 -6.74 -48.03 -4.12
CA ALA H 218 -5.50 -48.82 -3.95
C ALA H 218 -5.65 -50.23 -4.51
N GLU H 219 -6.72 -50.91 -4.08
CA GLU H 219 -6.95 -52.27 -4.57
C GLU H 219 -7.12 -52.23 -6.05
N LYS H 220 -7.88 -51.24 -6.49
CA LYS H 220 -8.16 -51.11 -7.91
C LYS H 220 -6.84 -50.85 -8.68
N ALA H 221 -5.94 -50.08 -8.08
CA ALA H 221 -4.64 -49.78 -8.71
C ALA H 221 -3.71 -51.00 -8.84
N GLY H 222 -3.93 -52.00 -8.00
CA GLY H 222 -3.12 -53.21 -8.05
C GLY H 222 -2.17 -53.35 -6.87
N ILE H 223 -2.41 -52.61 -5.81
CA ILE H 223 -1.55 -52.76 -4.66
C ILE H 223 -1.95 -54.11 -4.07
N PRO H 224 -1.05 -55.10 -4.04
CA PRO H 224 -1.47 -56.44 -3.55
C PRO H 224 -2.05 -56.47 -2.14
N ALA H 225 -2.81 -57.52 -1.83
CA ALA H 225 -3.36 -57.73 -0.50
C ALA H 225 -2.27 -57.60 0.54
N GLY H 226 -2.52 -56.83 1.59
CA GLY H 226 -1.57 -56.74 2.71
C GLY H 226 -0.44 -55.71 2.62
N VAL H 227 -0.18 -55.21 1.40
CA VAL H 227 0.86 -54.16 1.22
C VAL H 227 0.36 -52.89 1.91
N LEU H 228 -0.88 -52.51 1.63
CA LEU H 228 -1.54 -51.38 2.27
C LEU H 228 -2.81 -51.82 3.02
N GLN H 229 -2.89 -51.48 4.32
CA GLN H 229 -4.05 -51.82 5.13
C GLN H 229 -4.53 -50.61 5.90
N ILE H 230 -5.86 -50.52 6.05
CA ILE H 230 -6.50 -49.41 6.75
C ILE H 230 -7.38 -50.00 7.87
N VAL H 231 -7.04 -49.70 9.12
CA VAL H 231 -7.73 -50.26 10.24
C VAL H 231 -8.27 -49.14 11.05
N THR H 232 -9.56 -49.23 11.39
CA THR H 232 -10.21 -48.24 12.24
C THR H 232 -10.55 -48.88 13.59
N GLY H 233 -10.49 -48.07 14.66
CA GLY H 233 -10.65 -48.55 16.04
C GLY H 233 -10.15 -47.52 17.04
N LYS H 234 -10.10 -47.86 18.33
CA LYS H 234 -9.75 -46.90 19.36
C LYS H 234 -8.28 -46.57 19.29
N ALA H 235 -7.98 -45.29 19.36
CA ALA H 235 -6.62 -44.77 19.23
C ALA H 235 -5.56 -45.43 20.14
N ARG H 236 -5.87 -45.54 21.42
CA ARG H 236 -4.87 -46.03 22.38
C ARG H 236 -4.57 -47.54 22.22
N GLU H 237 -5.57 -48.33 21.87
CA GLU H 237 -5.38 -49.78 21.76
C GLU H 237 -4.59 -50.12 20.53
N ILE H 238 -4.96 -49.50 19.42
CA ILE H 238 -4.32 -49.77 18.14
C ILE H 238 -2.91 -49.21 18.14
N GLY H 239 -2.76 -47.96 18.58
CA GLY H 239 -1.44 -47.33 18.74
C GLY H 239 -0.56 -48.11 19.69
N ALA H 240 -1.12 -48.57 20.80
CA ALA H 240 -0.31 -49.34 21.73
C ALA H 240 0.17 -50.63 21.06
N GLU H 241 -0.66 -51.28 20.23
CA GLU H 241 -0.25 -52.52 19.56
C GLU H 241 0.80 -52.25 18.47
N LEU H 242 0.59 -51.16 17.71
CA LEU H 242 1.46 -50.87 16.56
C LEU H 242 2.85 -50.54 17.03
N THR H 243 2.95 -49.96 18.23
CA THR H 243 4.24 -49.55 18.78
C THR H 243 4.96 -50.60 19.64
N SER H 244 4.24 -51.63 20.07
CA SER H 244 4.89 -52.73 20.80
C SER H 244 5.18 -53.93 19.91
N ASN H 245 4.44 -54.11 18.84
CA ASN H 245 4.66 -55.26 17.99
C ASN H 245 6.00 -55.20 17.25
N ASP H 246 6.81 -56.25 17.42
CA ASP H 246 8.20 -56.25 16.91
C ASP H 246 8.36 -56.21 15.40
N THR H 247 7.29 -56.53 14.71
CA THR H 247 7.26 -56.63 13.26
C THR H 247 7.26 -55.24 12.62
N VAL H 248 6.60 -54.30 13.30
CA VAL H 248 6.50 -52.94 12.84
C VAL H 248 7.84 -52.32 13.16
N ARG H 249 8.54 -51.89 12.13
CA ARG H 249 9.88 -51.35 12.31
C ARG H 249 9.91 -49.83 12.18
N LYS H 250 8.74 -49.24 12.00
CA LYS H 250 8.64 -47.83 11.69
C LYS H 250 7.24 -47.32 11.94
N LEU H 251 7.16 -46.24 12.68
CA LEU H 251 5.91 -45.52 12.88
C LEU H 251 6.01 -44.11 12.29
N SER H 252 4.93 -43.63 11.68
CA SER H 252 4.84 -42.24 11.30
C SER H 252 3.51 -41.69 11.79
N PHE H 253 3.57 -40.60 12.54
CA PHE H 253 2.42 -40.02 13.18
C PHE H 253 2.31 -38.51 12.94
N THR H 254 1.11 -38.05 12.55
CA THR H 254 0.82 -36.61 12.54
C THR H 254 -0.36 -36.29 13.44
N GLY H 255 -0.17 -35.39 14.39
CA GLY H 255 -1.23 -34.98 15.31
C GLY H 255 -0.67 -34.24 16.50
N SER H 256 -1.35 -34.29 17.63
CA SER H 256 -0.93 -33.53 18.81
C SER H 256 0.45 -33.95 19.30
N THR H 257 1.18 -32.98 19.84
CA THR H 257 2.47 -33.22 20.49
C THR H 257 2.35 -34.16 21.69
N GLU H 258 1.30 -33.96 22.47
CA GLU H 258 0.99 -34.83 23.62
C GLU H 258 1.00 -36.31 23.16
N VAL H 259 0.29 -36.62 22.09
CA VAL H 259 0.24 -37.99 21.62
C VAL H 259 1.61 -38.42 21.11
N GLY H 260 2.25 -37.53 20.36
CA GLY H 260 3.55 -37.83 19.75
C GLY H 260 4.63 -38.09 20.77
N ARG H 261 4.60 -37.33 21.86
CA ARG H 261 5.50 -37.60 22.97
C ARG H 261 5.32 -39.03 23.52
N LEU H 262 4.07 -39.49 23.62
CA LEU H 262 3.79 -40.85 24.12
C LEU H 262 4.17 -41.93 23.12
N LEU H 263 3.77 -41.74 21.87
CA LEU H 263 4.18 -42.67 20.81
C LEU H 263 5.70 -42.86 20.72
N MET H 264 6.46 -41.78 20.77
CA MET H 264 7.91 -41.95 20.76
C MET H 264 8.35 -42.80 21.97
N ALA H 265 7.77 -42.53 23.15
CA ALA H 265 8.12 -43.32 24.35
C ALA H 265 7.75 -44.79 24.08
N GLN H 266 6.56 -45.03 23.54
CA GLN H 266 6.14 -46.38 23.21
C GLN H 266 7.08 -47.09 22.23
N CYS H 267 7.70 -46.34 21.31
CA CYS H 267 8.65 -46.89 20.33
C CYS H 267 10.04 -47.32 20.88
N ALA H 268 10.41 -46.77 22.01
CA ALA H 268 11.77 -46.86 22.48
C ALA H 268 12.23 -48.30 22.79
N PRO H 269 11.36 -49.11 23.43
CA PRO H 269 11.82 -50.44 23.81
C PRO H 269 12.32 -51.29 22.65
N THR H 270 11.79 -51.06 21.45
CA THR H 270 12.29 -51.74 20.27
C THR H 270 13.05 -50.80 19.30
N ILE H 271 13.36 -49.57 19.74
CA ILE H 271 14.16 -48.62 18.97
C ILE H 271 13.56 -48.43 17.58
N LYS H 272 12.24 -48.29 17.47
CA LYS H 272 11.65 -48.22 16.14
C LYS H 272 11.99 -46.90 15.51
N ARG H 273 12.09 -46.87 14.18
CA ARG H 273 12.22 -45.59 13.45
C ARG H 273 10.89 -44.84 13.58
N ILE H 274 10.96 -43.53 13.73
CA ILE H 274 9.74 -42.76 13.95
C ILE H 274 9.86 -41.40 13.21
N SER H 275 8.76 -41.03 12.54
CA SER H 275 8.55 -39.69 12.01
C SER H 275 7.35 -39.08 12.70
N LEU H 276 7.48 -37.83 13.08
CA LEU H 276 6.43 -37.08 13.77
C LEU H 276 6.22 -35.71 13.15
N GLU H 277 4.97 -35.35 12.87
CA GLU H 277 4.60 -33.96 12.64
CA GLU H 277 4.57 -33.99 12.57
C GLU H 277 3.55 -33.58 13.66
N LEU H 278 3.96 -32.71 14.56
CA LEU H 278 3.18 -32.38 15.73
C LEU H 278 2.58 -30.95 15.71
N GLY H 279 2.58 -30.32 16.88
CA GLY H 279 2.06 -28.98 17.09
C GLY H 279 2.94 -27.89 16.50
N GLY H 280 2.27 -26.81 16.12
CA GLY H 280 2.94 -25.58 15.80
C GLY H 280 2.50 -24.49 16.75
N ASN H 281 2.78 -23.27 16.34
CA ASN H 281 2.31 -22.04 16.92
C ASN H 281 2.87 -20.98 15.97
N ALA H 282 2.36 -20.98 14.75
CA ALA H 282 2.97 -20.28 13.64
C ALA H 282 2.90 -18.74 13.77
N PRO H 283 4.06 -18.05 13.75
CA PRO H 283 4.04 -16.59 13.65
C PRO H 283 3.90 -16.20 12.17
N PHE H 284 3.16 -15.11 11.92
CA PHE H 284 2.96 -14.55 10.59
C PHE H 284 3.28 -13.06 10.73
N ILE H 285 4.45 -12.66 10.23
CA ILE H 285 5.05 -11.37 10.58
C ILE H 285 4.96 -10.42 9.38
N VAL H 286 4.45 -9.22 9.62
CA VAL H 286 4.34 -8.22 8.57
C VAL H 286 5.14 -7.02 8.96
N PHE H 287 6.24 -6.80 8.24
CA PHE H 287 7.04 -5.59 8.43
C PHE H 287 6.48 -4.39 7.67
N ASP H 288 6.91 -3.20 8.07
CA ASP H 288 6.48 -1.95 7.40
C ASP H 288 6.75 -1.91 5.89
N ASP H 289 7.83 -2.57 5.47
CA ASP H 289 8.13 -2.61 4.03
C ASP H 289 7.61 -3.84 3.34
N ALA H 290 6.61 -4.49 3.94
CA ALA H 290 5.89 -5.55 3.24
C ALA H 290 5.07 -4.91 2.13
N ASP H 291 4.79 -5.65 1.06
CA ASP H 291 3.64 -5.36 0.21
C ASP H 291 2.31 -5.70 0.95
N LEU H 292 1.61 -4.67 1.43
CA LEU H 292 0.59 -4.83 2.48
C LEU H 292 -0.59 -5.65 2.05
N ASP H 293 -1.09 -5.35 0.86
CA ASP H 293 -2.20 -6.09 0.32
C ASP H 293 -1.89 -7.57 0.14
N ALA H 294 -0.69 -7.85 -0.35
CA ALA H 294 -0.19 -9.20 -0.46
C ALA H 294 -0.24 -9.89 0.91
N ALA H 295 0.25 -9.21 1.97
CA ALA H 295 0.29 -9.74 3.33
C ALA H 295 -1.12 -9.99 3.91
N VAL H 296 -2.04 -9.11 3.61
CA VAL H 296 -3.43 -9.36 3.93
C VAL H 296 -3.98 -10.64 3.24
N ASP H 297 -3.75 -10.80 1.94
CA ASP H 297 -4.18 -12.01 1.25
C ASP H 297 -3.55 -13.31 1.81
N GLY H 298 -2.23 -13.27 2.06
CA GLY H 298 -1.52 -14.32 2.78
C GLY H 298 -2.04 -14.63 4.19
N ALA H 299 -2.25 -13.60 5.02
CA ALA H 299 -2.97 -13.79 6.32
C ALA H 299 -4.28 -14.56 6.11
N MET H 300 -5.09 -14.08 5.19
CA MET H 300 -6.43 -14.62 4.96
C MET H 300 -6.39 -16.10 4.63
N VAL H 301 -5.47 -16.45 3.76
CA VAL H 301 -5.31 -17.83 3.33
C VAL H 301 -4.64 -18.74 4.37
N SER H 302 -3.69 -18.21 5.13
CA SER H 302 -3.02 -19.03 6.08
C SER H 302 -3.83 -19.14 7.38
N LYS H 303 -4.70 -18.19 7.67
CA LYS H 303 -5.48 -18.23 8.90
C LYS H 303 -6.83 -19.00 8.74
N TYR H 304 -7.55 -18.74 7.65
CA TYR H 304 -8.95 -19.13 7.58
C TYR H 304 -9.21 -20.36 6.70
N ARG H 305 -8.17 -20.84 6.05
CA ARG H 305 -8.30 -22.09 5.30
C ARG H 305 -8.55 -23.19 6.31
N ASN H 306 -9.42 -24.11 5.93
CA ASN H 306 -9.87 -25.16 6.80
C ASN H 306 -10.34 -24.61 8.13
N ALA H 307 -10.90 -23.40 8.12
CA ALA H 307 -11.40 -22.74 9.34
C ALA H 307 -10.33 -22.60 10.41
N GLY H 308 -9.09 -22.54 10.01
CA GLY H 308 -8.01 -22.38 11.00
C GLY H 308 -7.61 -23.68 11.65
N GLN H 309 -8.10 -24.79 11.11
CA GLN H 309 -7.76 -26.10 11.61
C GLN H 309 -6.67 -26.78 10.71
N THR H 310 -5.52 -26.12 10.50
CA THR H 310 -4.27 -26.77 10.00
C THR H 310 -3.12 -26.54 10.98
N CYS H 311 -2.17 -27.47 10.91
N CYS H 311 -2.15 -27.44 11.08
CA CYS H 311 -0.96 -27.48 11.72
CA CYS H 311 -1.05 -27.17 12.03
C CYS H 311 -0.15 -26.21 11.47
C CYS H 311 -0.06 -26.14 11.49
N VAL H 312 -0.10 -25.83 10.20
CA VAL H 312 0.67 -24.70 9.67
C VAL H 312 -0.07 -23.32 9.74
N CYS H 313 -1.36 -23.30 10.12
CA CYS H 313 -2.10 -22.02 10.22
C CYS H 313 -1.36 -20.97 11.03
N ALA H 314 -1.34 -19.76 10.49
CA ALA H 314 -0.98 -18.59 11.28
C ALA H 314 -1.68 -18.67 12.63
N ASN H 315 -0.95 -18.67 13.73
CA ASN H 315 -1.56 -18.64 15.06
C ASN H 315 -1.39 -17.28 15.70
N ARG H 316 -0.30 -16.60 15.35
CA ARG H 316 0.01 -15.28 15.87
C ARG H 316 0.40 -14.39 14.68
N ILE H 317 -0.34 -13.30 14.49
CA ILE H 317 -0.12 -12.39 13.39
C ILE H 317 0.60 -11.15 13.94
N TYR H 318 1.89 -11.02 13.64
CA TYR H 318 2.70 -9.90 14.13
C TYR H 318 2.78 -8.80 13.08
N VAL H 319 2.34 -7.59 13.42
CA VAL H 319 2.28 -6.52 12.43
C VAL H 319 3.07 -5.31 12.92
N GLN H 320 3.91 -4.76 12.06
CA GLN H 320 4.82 -3.73 12.53
C GLN H 320 3.98 -2.46 12.81
N ARG H 321 4.36 -1.77 13.90
CA ARG H 321 3.56 -0.66 14.48
C ARG H 321 3.06 0.23 13.38
N GLY H 322 4.02 0.76 12.62
CA GLY H 322 3.75 1.61 11.48
C GLY H 322 2.74 1.15 10.46
N VAL H 323 2.50 -0.15 10.30
CA VAL H 323 1.48 -0.56 9.34
C VAL H 323 0.31 -1.23 10.00
N TYR H 324 0.32 -1.25 11.34
CA TYR H 324 -0.61 -2.07 12.13
C TYR H 324 -2.06 -1.72 11.86
N ASP H 325 -2.45 -0.45 12.02
CA ASP H 325 -3.89 -0.08 11.89
C ASP H 325 -4.39 -0.34 10.48
N LYS H 326 -3.60 0.01 9.46
CA LYS H 326 -3.98 -0.25 8.05
C LYS H 326 -4.13 -1.75 7.69
N PHE H 327 -3.22 -2.55 8.23
CA PHE H 327 -3.36 -4.01 8.10
C PHE H 327 -4.68 -4.44 8.71
N ALA H 328 -4.89 -4.05 9.96
CA ALA H 328 -6.05 -4.47 10.73
C ALA H 328 -7.36 -4.16 9.97
N GLU H 329 -7.51 -2.91 9.56
CA GLU H 329 -8.72 -2.54 8.84
C GLU H 329 -8.89 -3.29 7.51
N LYS H 330 -7.78 -3.48 6.77
CA LYS H 330 -7.81 -4.25 5.52
C LYS H 330 -8.21 -5.70 5.76
N LEU H 331 -7.70 -6.26 6.86
CA LEU H 331 -8.04 -7.64 7.21
C LEU H 331 -9.52 -7.72 7.63
N ALA H 332 -9.98 -6.77 8.45
CA ALA H 332 -11.41 -6.73 8.86
C ALA H 332 -12.31 -6.90 7.61
N ALA H 333 -12.05 -6.11 6.58
CA ALA H 333 -12.91 -6.10 5.39
C ALA H 333 -12.99 -7.45 4.70
N LYS H 334 -11.85 -8.13 4.55
CA LYS H 334 -11.88 -9.45 3.90
C LYS H 334 -12.70 -10.46 4.71
N VAL H 335 -12.46 -10.47 6.02
CA VAL H 335 -13.13 -11.38 6.95
C VAL H 335 -14.66 -11.23 6.91
N LYS H 336 -15.13 -9.98 6.91
CA LYS H 336 -16.58 -9.70 6.82
C LYS H 336 -17.20 -10.40 5.63
N GLU H 337 -16.49 -10.44 4.51
CA GLU H 337 -16.93 -11.12 3.30
C GLU H 337 -16.97 -12.64 3.31
N LEU H 338 -16.35 -13.30 4.29
CA LEU H 338 -16.31 -14.77 4.32
C LEU H 338 -17.69 -15.35 4.59
N LYS H 339 -18.14 -16.25 3.72
CA LYS H 339 -19.41 -16.97 3.90
C LYS H 339 -19.30 -18.30 4.69
N VAL H 340 -19.98 -18.38 5.82
CA VAL H 340 -20.01 -19.61 6.66
C VAL H 340 -21.23 -20.48 6.38
N GLY H 341 -21.04 -21.78 6.15
CA GLY H 341 -22.17 -22.65 5.83
C GLY H 341 -21.79 -24.09 5.55
N ASN H 342 -22.77 -24.87 5.07
CA ASN H 342 -22.57 -26.26 4.72
C ASN H 342 -21.68 -26.31 3.51
N GLY H 343 -20.57 -27.06 3.65
CA GLY H 343 -19.47 -27.06 2.72
C GLY H 343 -19.89 -27.41 1.32
N THR H 344 -21.04 -28.06 1.18
CA THR H 344 -21.55 -28.38 -0.15
C THR H 344 -22.34 -27.21 -0.78
N GLU H 345 -22.49 -26.09 -0.08
CA GLU H 345 -23.30 -24.98 -0.64
C GLU H 345 -22.42 -24.01 -1.40
N PRO H 346 -22.89 -23.52 -2.57
CA PRO H 346 -22.07 -22.57 -3.33
C PRO H 346 -21.72 -21.33 -2.56
N GLY H 347 -20.47 -20.91 -2.68
CA GLY H 347 -20.00 -19.70 -2.03
C GLY H 347 -19.55 -19.86 -0.59
N VAL H 348 -19.80 -21.00 0.05
CA VAL H 348 -19.28 -21.17 1.41
C VAL H 348 -17.76 -21.32 1.35
N VAL H 349 -17.07 -20.53 2.16
CA VAL H 349 -15.62 -20.54 2.27
C VAL H 349 -15.21 -20.94 3.70
N ILE H 350 -16.17 -20.97 4.62
CA ILE H 350 -15.92 -21.49 5.94
C ILE H 350 -17.00 -22.51 6.26
N GLY H 351 -16.56 -23.73 6.57
CA GLY H 351 -17.48 -24.76 7.06
C GLY H 351 -17.62 -24.73 8.58
N PRO H 352 -18.25 -25.78 9.16
CA PRO H 352 -18.29 -25.88 10.61
C PRO H 352 -16.96 -26.31 11.20
N MET H 353 -16.77 -26.05 12.49
CA MET H 353 -15.67 -26.65 13.19
C MET H 353 -15.95 -28.16 13.34
N ILE H 354 -14.89 -28.93 13.52
CA ILE H 354 -15.01 -30.38 13.56
C ILE H 354 -15.80 -30.86 14.78
N GLU H 355 -15.70 -30.17 15.92
CA GLU H 355 -16.42 -30.57 17.12
C GLU H 355 -16.52 -29.49 18.20
N GLU H 356 -17.55 -29.64 19.03
CA GLU H 356 -17.86 -28.67 20.09
C GLU H 356 -16.68 -28.18 20.93
N LYS H 357 -15.78 -29.07 21.33
CA LYS H 357 -14.67 -28.68 22.20
C LYS H 357 -13.66 -27.79 21.48
N ALA H 358 -13.64 -27.86 20.14
CA ALA H 358 -12.86 -26.91 19.33
C ALA H 358 -13.40 -25.51 19.48
N ILE H 359 -14.72 -25.38 19.54
CA ILE H 359 -15.38 -24.08 19.72
C ILE H 359 -15.13 -23.50 21.10
N THR H 360 -15.17 -24.35 22.12
CA THR H 360 -14.88 -23.92 23.50
C THR H 360 -13.49 -23.29 23.58
N LYS H 361 -12.53 -23.96 22.95
CA LYS H 361 -11.13 -23.47 22.95
C LYS H 361 -11.04 -22.07 22.31
N VAL H 362 -11.67 -21.90 21.16
CA VAL H 362 -11.62 -20.62 20.47
C VAL H 362 -12.28 -19.56 21.36
N LYS H 363 -13.35 -19.95 22.07
CA LYS H 363 -14.01 -19.05 23.03
C LYS H 363 -13.12 -18.70 24.21
N ALA H 364 -12.39 -19.69 24.73
CA ALA H 364 -11.47 -19.45 25.84
C ALA H 364 -10.34 -18.52 25.41
N HIS H 365 -9.82 -18.74 24.20
CA HIS H 365 -8.79 -17.87 23.63
C HIS H 365 -9.29 -16.41 23.53
N ILE H 366 -10.46 -16.23 22.94
CA ILE H 366 -11.08 -14.92 22.81
C ILE H 366 -11.34 -14.24 24.14
N GLU H 367 -11.84 -15.00 25.12
CA GLU H 367 -12.16 -14.46 26.45
C GLU H 367 -10.90 -14.04 27.20
N ASP H 368 -9.88 -14.89 27.16
CA ASP H 368 -8.59 -14.56 27.77
C ASP H 368 -7.98 -13.27 27.22
N ALA H 369 -8.05 -13.11 25.89
CA ALA H 369 -7.47 -11.92 25.23
C ALA H 369 -8.21 -10.65 25.71
N VAL H 370 -9.53 -10.67 25.60
CA VAL H 370 -10.36 -9.51 25.96
C VAL H 370 -10.25 -9.19 27.45
N SER H 371 -10.24 -10.21 28.30
CA SER H 371 -10.02 -9.96 29.71
C SER H 371 -8.67 -9.26 29.94
N LYS H 372 -7.68 -9.52 29.09
CA LYS H 372 -6.36 -8.92 29.25
C LYS H 372 -6.15 -7.63 28.44
N GLY H 373 -7.16 -7.16 27.74
CA GLY H 373 -7.06 -5.85 27.11
C GLY H 373 -7.18 -5.87 25.60
N ALA H 374 -7.23 -7.06 24.99
CA ALA H 374 -7.44 -7.19 23.54
C ALA H 374 -8.88 -6.79 23.14
N LYS H 375 -9.08 -6.26 21.94
CA LYS H 375 -10.42 -5.93 21.48
C LYS H 375 -10.90 -6.87 20.35
N LEU H 376 -12.06 -7.51 20.51
CA LEU H 376 -12.65 -8.28 19.40
C LEU H 376 -13.32 -7.31 18.42
N ILE H 377 -12.68 -7.10 17.27
CA ILE H 377 -13.16 -6.13 16.32
C ILE H 377 -14.16 -6.72 15.35
N THR H 378 -14.15 -8.03 15.17
CA THR H 378 -15.06 -8.66 14.21
C THR H 378 -15.36 -10.06 14.70
N GLY H 379 -16.58 -10.54 14.36
CA GLY H 379 -16.98 -11.93 14.52
C GLY H 379 -16.58 -12.59 15.83
N GLY H 380 -16.19 -13.86 15.75
CA GLY H 380 -15.75 -14.57 16.96
C GLY H 380 -16.91 -14.87 17.89
N LYS H 381 -18.00 -15.37 17.31
CA LYS H 381 -19.14 -15.85 18.10
C LYS H 381 -19.78 -17.11 17.47
N GLU H 382 -20.56 -17.82 18.27
CA GLU H 382 -21.28 -18.99 17.80
C GLU H 382 -22.39 -18.60 16.84
N LEU H 383 -22.61 -19.43 15.83
CA LEU H 383 -23.64 -19.21 14.82
C LEU H 383 -24.65 -20.34 14.82
N GLY H 384 -24.67 -21.17 15.86
CA GLY H 384 -25.55 -22.32 15.91
C GLY H 384 -24.84 -23.56 15.46
N GLY H 385 -25.17 -24.69 16.07
CA GLY H 385 -24.54 -25.95 15.68
C GLY H 385 -23.03 -25.92 15.93
N LEU H 386 -22.27 -26.40 14.94
CA LEU H 386 -20.80 -26.43 15.04
C LEU H 386 -20.15 -25.23 14.28
N PHE H 387 -20.99 -24.30 13.87
CA PHE H 387 -20.53 -23.12 13.19
C PHE H 387 -20.07 -22.02 14.17
N PHE H 388 -18.89 -21.49 13.89
CA PHE H 388 -18.36 -20.33 14.60
C PHE H 388 -18.05 -19.26 13.56
N GLU H 389 -18.21 -17.98 13.92
CA GLU H 389 -17.96 -16.87 13.00
C GLU H 389 -16.49 -16.42 13.01
N PRO H 390 -15.86 -16.34 11.82
CA PRO H 390 -14.49 -15.79 11.76
C PRO H 390 -14.37 -14.43 12.47
N GLY H 391 -13.30 -14.26 13.23
CA GLY H 391 -13.10 -13.06 14.02
C GLY H 391 -11.64 -12.60 14.06
N ILE H 392 -11.46 -11.36 14.54
CA ILE H 392 -10.15 -10.70 14.60
C ILE H 392 -9.99 -10.02 15.96
N LEU H 393 -8.89 -10.28 16.64
CA LEU H 393 -8.53 -9.54 17.85
C LEU H 393 -7.45 -8.50 17.50
N THR H 394 -7.56 -7.28 18.05
CA THR H 394 -6.47 -6.30 18.02
C THR H 394 -5.92 -6.09 19.42
N GLY H 395 -4.74 -5.50 19.53
CA GLY H 395 -4.08 -5.34 20.81
C GLY H 395 -3.71 -6.64 21.50
N VAL H 396 -3.41 -7.66 20.72
CA VAL H 396 -3.01 -8.95 21.29
C VAL H 396 -1.54 -8.81 21.77
N THR H 397 -1.23 -9.45 22.90
CA THR H 397 0.08 -9.36 23.53
C THR H 397 0.62 -10.75 23.97
N SER H 398 1.86 -10.77 24.43
CA SER H 398 2.59 -12.01 24.69
C SER H 398 2.19 -12.67 26.01
N ASP H 399 1.23 -12.05 26.71
CA ASP H 399 0.75 -12.53 28.01
C ASP H 399 -0.57 -13.28 27.88
N MET H 400 -1.12 -13.25 26.67
CA MET H 400 -2.39 -13.87 26.38
C MET H 400 -2.18 -15.31 25.86
N LEU H 401 -3.03 -16.20 26.35
CA LEU H 401 -3.01 -17.63 26.01
C LEU H 401 -2.71 -17.93 24.51
N VAL H 402 -3.30 -17.18 23.60
CA VAL H 402 -3.10 -17.47 22.16
C VAL H 402 -1.61 -17.30 21.76
N ALA H 403 -0.86 -16.50 22.53
CA ALA H 403 0.55 -16.29 22.27
C ALA H 403 1.27 -17.62 22.40
N LYS H 404 0.84 -18.44 23.37
CA LYS H 404 1.52 -19.71 23.63
C LYS H 404 0.76 -20.93 23.12
N GLU H 405 -0.54 -20.83 22.96
CA GLU H 405 -1.38 -22.00 22.69
C GLU H 405 -2.05 -21.88 21.31
N GLU H 406 -2.15 -22.99 20.61
CA GLU H 406 -2.67 -23.01 19.25
C GLU H 406 -4.20 -22.94 19.28
N THR H 407 -4.79 -21.95 18.59
CA THR H 407 -6.25 -21.78 18.64
C THR H 407 -6.98 -22.92 17.90
N PHE H 408 -6.44 -23.30 16.75
CA PHE H 408 -7.04 -24.29 15.89
C PHE H 408 -8.48 -23.90 15.49
N GLY H 409 -8.65 -22.59 15.23
CA GLY H 409 -9.93 -22.04 14.84
C GLY H 409 -9.79 -20.75 14.05
N PRO H 410 -10.92 -20.21 13.58
CA PRO H 410 -10.88 -19.05 12.67
C PRO H 410 -10.83 -17.69 13.37
N LEU H 411 -9.78 -17.48 14.16
CA LEU H 411 -9.55 -16.28 14.94
C LEU H 411 -8.18 -15.67 14.61
N ALA H 412 -8.14 -14.43 14.11
CA ALA H 412 -6.87 -13.81 13.73
C ALA H 412 -6.45 -12.88 14.83
N PRO H 413 -5.41 -13.23 15.63
CA PRO H 413 -4.90 -12.36 16.70
C PRO H 413 -3.70 -11.45 16.33
N LEU H 414 -3.92 -10.14 16.38
CA LEU H 414 -2.96 -9.19 15.84
C LEU H 414 -2.12 -8.57 16.94
N PHE H 415 -0.86 -9.02 17.01
CA PHE H 415 0.13 -8.50 17.94
C PHE H 415 0.92 -7.38 17.22
N ALA H 416 0.94 -6.19 17.79
CA ALA H 416 1.82 -5.08 17.33
C ALA H 416 3.29 -5.32 17.69
N PHE H 417 4.23 -4.91 16.83
CA PHE H 417 5.66 -4.88 17.22
C PHE H 417 6.36 -3.67 16.62
N ASP H 418 7.50 -3.29 17.19
CA ASP H 418 8.27 -2.18 16.69
C ASP H 418 9.47 -2.59 15.87
N THR H 419 10.27 -3.52 16.39
CA THR H 419 11.52 -3.93 15.73
C THR H 419 11.66 -5.39 15.29
N GLU H 420 12.62 -5.57 14.39
CA GLU H 420 12.91 -6.86 13.81
C GLU H 420 13.47 -7.80 14.91
N GLU H 421 14.32 -7.27 15.78
CA GLU H 421 14.98 -8.06 16.80
C GLU H 421 13.95 -8.60 17.82
N GLU H 422 12.93 -7.80 18.00
CA GLU H 422 11.86 -8.04 18.94
C GLU H 422 10.97 -9.12 18.42
N VAL H 423 10.57 -9.00 17.16
CA VAL H 423 9.61 -9.92 16.61
C VAL H 423 10.24 -11.29 16.37
N ILE H 424 11.55 -11.35 16.13
CA ILE H 424 12.24 -12.64 16.04
C ILE H 424 12.25 -13.37 17.40
N ALA H 425 12.60 -12.65 18.48
CA ALA H 425 12.59 -13.24 19.83
C ALA H 425 11.20 -13.77 20.18
N GLN H 426 10.20 -12.95 19.93
CA GLN H 426 8.84 -13.35 20.19
C GLN H 426 8.39 -14.54 19.31
N ALA H 427 8.75 -14.49 18.02
CA ALA H 427 8.47 -15.60 17.10
C ALA H 427 9.02 -16.94 17.65
N ASN H 428 10.24 -16.92 18.16
CA ASN H 428 10.98 -18.12 18.51
C ASN H 428 10.72 -18.59 19.95
N ASP H 429 9.83 -17.91 20.66
CA ASP H 429 9.62 -18.15 22.09
C ASP H 429 8.46 -19.13 22.18
N THR H 430 8.75 -20.35 21.78
CA THR H 430 7.79 -21.40 21.81
C THR H 430 8.60 -22.66 21.80
N ILE H 431 8.02 -23.73 22.33
CA ILE H 431 8.60 -25.04 22.17
C ILE H 431 8.44 -25.56 20.74
N PHE H 432 7.59 -24.90 19.95
CA PHE H 432 7.32 -25.37 18.59
C PHE H 432 8.19 -24.74 17.50
N GLY H 433 8.10 -25.34 16.32
CA GLY H 433 8.99 -24.99 15.23
C GLY H 433 8.61 -25.58 13.89
N LEU H 434 7.34 -25.49 13.57
CA LEU H 434 6.80 -26.10 12.37
C LEU H 434 6.89 -25.07 11.22
N ALA H 435 5.91 -24.18 11.13
CA ALA H 435 5.88 -23.22 10.05
C ALA H 435 5.81 -21.82 10.60
N ALA H 436 6.44 -20.88 9.88
CA ALA H 436 6.43 -19.43 10.20
C ALA H 436 6.37 -18.70 8.85
N TYR H 437 5.95 -17.45 8.85
CA TYR H 437 5.73 -16.67 7.62
C TYR H 437 6.15 -15.21 7.88
N PHE H 438 6.70 -14.54 6.86
CA PHE H 438 6.96 -13.13 6.99
C PHE H 438 6.94 -12.40 5.63
N TYR H 439 6.57 -11.12 5.67
CA TYR H 439 6.43 -10.32 4.46
C TYR H 439 7.37 -9.15 4.56
N THR H 440 8.22 -9.00 3.55
CA THR H 440 9.11 -7.83 3.42
C THR H 440 9.58 -7.81 1.97
N GLU H 441 9.86 -6.61 1.47
CA GLU H 441 10.55 -6.46 0.18
C GLU H 441 12.06 -6.12 0.34
N ASN H 442 12.53 -6.06 1.57
CA ASN H 442 13.93 -5.81 1.78
C ASN H 442 14.76 -7.07 1.67
N PHE H 443 15.70 -7.09 0.72
CA PHE H 443 16.54 -8.27 0.47
C PHE H 443 17.31 -8.76 1.70
N SER H 444 18.01 -7.86 2.36
CA SER H 444 18.79 -8.22 3.50
C SER H 444 17.95 -8.76 4.67
N ARG H 445 16.82 -8.13 4.92
CA ARG H 445 15.94 -8.59 5.98
C ARG H 445 15.45 -10.01 5.68
N ALA H 446 15.12 -10.27 4.42
CA ALA H 446 14.69 -11.61 3.97
C ALA H 446 15.68 -12.67 4.46
N ILE H 447 16.96 -12.44 4.18
CA ILE H 447 18.00 -13.36 4.63
C ILE H 447 18.03 -13.47 6.16
N ARG H 448 18.09 -12.33 6.84
CA ARG H 448 18.24 -12.31 8.29
C ARG H 448 17.09 -13.04 8.98
N VAL H 449 15.86 -12.75 8.59
CA VAL H 449 14.65 -13.32 9.23
C VAL H 449 14.44 -14.78 8.86
N SER H 450 14.62 -15.09 7.59
CA SER H 450 14.42 -16.45 7.18
C SER H 450 15.36 -17.36 7.95
N GLU H 451 16.63 -16.95 8.10
CA GLU H 451 17.59 -17.76 8.79
C GLU H 451 17.37 -17.76 10.30
N ALA H 452 16.91 -16.64 10.86
CA ALA H 452 16.75 -16.56 12.33
C ALA H 452 15.50 -17.31 12.85
N LEU H 453 14.46 -17.46 12.04
CA LEU H 453 13.25 -18.15 12.43
C LEU H 453 13.55 -19.66 12.66
N GLU H 454 13.36 -20.11 13.90
CA GLU H 454 13.61 -21.49 14.33
C GLU H 454 12.43 -22.34 13.99
N TYR H 455 12.29 -22.61 12.68
CA TYR H 455 11.15 -23.30 12.07
C TYR H 455 11.65 -24.23 10.93
N GLY H 456 10.96 -25.32 10.70
CA GLY H 456 11.30 -26.24 9.63
C GLY H 456 10.87 -25.69 8.29
N MET H 457 9.90 -24.77 8.32
CA MET H 457 9.34 -24.20 7.10
C MET H 457 9.01 -22.70 7.26
N VAL H 458 9.42 -21.91 6.29
CA VAL H 458 9.26 -20.47 6.31
C VAL H 458 8.69 -20.02 4.95
N GLY H 459 7.49 -19.44 4.97
CA GLY H 459 6.99 -18.69 3.79
C GLY H 459 7.51 -17.27 3.84
N HIS H 460 8.04 -16.78 2.72
CA HIS H 460 8.41 -15.38 2.57
C HIS H 460 7.54 -14.76 1.48
N ASN H 461 6.76 -13.73 1.86
CA ASN H 461 5.71 -13.10 1.00
C ASN H 461 4.64 -14.02 0.48
N THR H 462 4.31 -15.06 1.23
CA THR H 462 3.28 -15.98 0.78
C THR H 462 2.79 -16.74 2.00
N GLY H 463 1.48 -17.01 2.05
CA GLY H 463 0.92 -17.76 3.16
C GLY H 463 0.64 -19.20 2.79
N LEU H 464 1.04 -19.58 1.58
CA LEU H 464 0.85 -20.93 1.05
C LEU H 464 2.22 -21.47 0.63
N ILE H 465 2.63 -22.55 1.27
CA ILE H 465 3.98 -23.09 1.09
C ILE H 465 3.93 -24.58 0.76
N SER H 466 2.71 -25.14 0.77
CA SER H 466 2.47 -26.58 0.77
C SER H 466 2.55 -27.12 -0.65
N ASN H 467 3.31 -28.19 -0.84
CA ASN H 467 3.37 -28.90 -2.12
C ASN H 467 4.03 -30.25 -1.85
N GLU H 468 4.30 -31.03 -2.88
CA GLU H 468 4.87 -32.35 -2.69
C GLU H 468 6.38 -32.41 -2.87
N VAL H 469 6.99 -31.33 -3.35
CA VAL H 469 8.37 -31.33 -3.83
C VAL H 469 9.34 -30.76 -2.81
N ALA H 470 8.83 -30.06 -1.80
CA ALA H 470 9.71 -29.58 -0.76
C ALA H 470 9.61 -30.38 0.54
N PRO H 471 10.65 -30.27 1.42
CA PRO H 471 10.58 -31.06 2.67
C PRO H 471 9.73 -30.42 3.73
N PHE H 472 8.69 -31.14 4.15
CA PHE H 472 7.78 -30.62 5.16
C PHE H 472 7.98 -31.29 6.52
N GLY H 473 8.04 -30.49 7.56
CA GLY H 473 8.27 -31.01 8.92
C GLY H 473 8.77 -29.93 9.83
N GLY H 474 9.00 -30.27 11.08
CA GLY H 474 9.30 -29.30 12.10
C GLY H 474 10.65 -29.52 12.73
N VAL H 475 11.12 -28.47 13.41
CA VAL H 475 12.23 -28.52 14.38
C VAL H 475 11.69 -28.40 15.83
N LYS H 476 12.58 -28.41 16.81
CA LYS H 476 12.18 -28.35 18.22
C LYS H 476 11.12 -29.44 18.50
N GLN H 477 10.01 -29.10 19.19
CA GLN H 477 9.00 -30.10 19.51
C GLN H 477 7.92 -30.28 18.46
N SER H 478 8.10 -29.74 17.27
CA SER H 478 7.09 -29.85 16.20
C SER H 478 7.31 -31.12 15.38
N GLY H 479 8.40 -31.84 15.62
CA GLY H 479 8.56 -33.15 14.95
C GLY H 479 9.94 -33.67 14.63
N LEU H 480 9.93 -34.81 13.95
CA LEU H 480 11.11 -35.55 13.50
C LEU H 480 10.83 -36.01 12.08
N GLY H 481 11.80 -35.89 11.18
CA GLY H 481 11.64 -36.34 9.80
C GLY H 481 11.01 -35.35 8.88
N ARG H 482 11.08 -35.62 7.58
CA ARG H 482 10.45 -34.72 6.61
C ARG H 482 9.56 -35.49 5.68
N GLU H 483 8.53 -34.82 5.19
CA GLU H 483 7.64 -35.44 4.19
C GLU H 483 7.69 -34.66 2.90
N GLY H 484 7.35 -35.36 1.81
CA GLY H 484 7.57 -34.83 0.45
C GLY H 484 9.06 -34.69 0.07
N SER H 485 9.31 -34.28 -1.18
CA SER H 485 10.65 -33.91 -1.67
C SER H 485 11.58 -35.10 -1.86
N LYS H 486 12.80 -34.80 -2.29
CA LYS H 486 13.85 -35.77 -2.37
C LYS H 486 14.26 -36.33 -1.03
N TYR H 487 13.81 -35.77 0.09
CA TYR H 487 14.14 -36.35 1.41
C TYR H 487 13.08 -37.26 2.02
N GLY H 488 11.89 -37.35 1.42
CA GLY H 488 10.81 -38.09 2.06
C GLY H 488 11.06 -39.58 2.07
N ILE H 489 11.62 -40.13 1.00
CA ILE H 489 11.63 -41.59 0.84
C ILE H 489 12.63 -42.21 1.81
N GLU H 490 13.65 -41.46 2.18
CA GLU H 490 14.65 -41.99 3.06
C GLU H 490 14.08 -42.34 4.44
N GLU H 491 12.95 -41.74 4.82
CA GLU H 491 12.32 -42.08 6.09
C GLU H 491 11.86 -43.52 6.15
N TYR H 492 11.72 -44.15 5.00
CA TYR H 492 11.23 -45.53 4.89
C TYR H 492 12.29 -46.49 4.33
N LEU H 493 13.56 -46.10 4.38
CA LEU H 493 14.66 -46.91 3.85
C LEU H 493 15.71 -47.00 4.93
N GLU H 494 16.53 -48.04 4.90
CA GLU H 494 17.68 -48.12 5.78
C GLU H 494 18.92 -48.10 4.92
N THR H 495 19.98 -47.53 5.44
CA THR H 495 21.22 -47.42 4.72
C THR H 495 22.14 -48.60 5.04
N LYS H 496 22.69 -49.22 4.00
CA LYS H 496 23.63 -50.30 4.19
C LYS H 496 24.93 -49.98 3.50
N TYR H 497 25.99 -50.03 4.30
CA TYR H 497 27.38 -49.90 3.85
C TYR H 497 27.92 -51.30 3.58
N ILE H 498 28.34 -51.53 2.34
CA ILE H 498 29.04 -52.74 1.96
C ILE H 498 30.50 -52.44 1.63
N CYS H 499 31.41 -53.06 2.38
CA CYS H 499 32.83 -52.97 2.18
C CYS H 499 33.31 -54.31 1.61
N SER H 500 33.78 -54.32 0.37
CA SER H 500 34.23 -55.55 -0.28
C SER H 500 35.71 -55.55 -0.64
N ALA H 501 36.45 -56.55 -0.18
CA ALA H 501 37.80 -56.77 -0.63
C ALA H 501 37.79 -57.54 -1.94
N TYR H 502 38.76 -57.26 -2.80
CA TYR H 502 38.95 -58.00 -4.02
C TYR H 502 40.46 -58.14 -4.25
N LYS H 503 40.84 -59.05 -5.14
CA LYS H 503 42.25 -59.31 -5.43
C LYS H 503 42.59 -58.52 -6.68
N ARG H 504 43.63 -57.70 -6.60
CA ARG H 504 44.10 -56.93 -7.74
C ARG H 504 44.88 -57.82 -8.69
S SO4 I . -18.15 19.57 -30.39
O1 SO4 I . -17.07 19.39 -31.37
O2 SO4 I . -17.76 18.85 -29.18
O3 SO4 I . -18.39 20.95 -30.00
O4 SO4 I . -19.37 19.01 -30.98
O1 MES J . -14.62 13.17 -11.61
C2 MES J . -13.23 13.41 -11.43
C3 MES J . -12.80 14.59 -12.27
N4 MES J . -13.58 15.70 -11.77
C5 MES J . -15.00 15.50 -11.98
C6 MES J . -15.42 14.26 -11.20
C7 MES J . -13.18 16.82 -12.58
C8 MES J . -14.22 16.93 -13.70
S MES J . -13.68 18.17 -14.65
O1S MES J . -13.55 17.93 -16.08
O2S MES J . -14.53 19.37 -14.38
O3S MES J . -12.35 18.48 -14.13
S SO4 K . -46.79 18.66 30.59
O1 SO4 K . -46.82 17.19 30.59
O2 SO4 K . -47.60 19.13 31.71
O3 SO4 K . -45.41 19.12 30.72
O4 SO4 K . -47.30 19.21 29.34
O1 MES L . -50.30 26.72 11.65
C2 MES L . -50.63 27.46 12.82
C3 MES L . -49.37 28.17 13.27
N4 MES L . -48.44 27.12 13.68
C5 MES L . -48.15 26.07 12.74
C6 MES L . -49.37 25.67 11.93
C7 MES L . -47.25 27.60 14.34
C8 MES L . -47.15 26.75 15.59
S MES L . -47.12 27.68 16.97
O1S MES L . -47.70 26.95 18.11
O2S MES L . -45.71 28.00 17.28
O3S MES L . -47.88 28.91 16.79
S SO4 M . -16.57 43.18 42.18
O1 SO4 M . -15.34 42.81 41.48
O2 SO4 M . -16.79 42.41 43.41
O3 SO4 M . -16.57 44.61 42.50
O4 SO4 M . -17.70 42.87 41.30
O1 MES N . -4.30 39.53 26.27
C2 MES N . -4.92 38.28 26.53
C3 MES N . -6.38 38.49 26.88
N4 MES N . -6.97 39.13 25.72
C5 MES N . -6.38 40.46 25.54
C6 MES N . -4.92 40.27 25.22
C7 MES N . -8.36 39.35 26.01
C8 MES N . -8.39 39.34 27.53
S MES N . -9.26 38.04 28.09
O1S MES N . -9.42 38.19 29.55
O2S MES N . -10.56 38.00 27.39
O3S MES N . -8.51 36.79 27.86
S SO4 O . -13.15 59.85 -23.53
O1 SO4 O . -13.05 58.61 -22.77
O2 SO4 O . -14.24 60.62 -22.91
O3 SO4 O . -11.88 60.58 -23.44
O4 SO4 O . -13.44 59.52 -24.93
O1 MES P . -26.58 61.04 -7.22
C2 MES P . -27.00 60.85 -8.57
C3 MES P . -26.37 59.60 -9.17
N4 MES P . -24.93 59.59 -8.90
C5 MES P . -24.43 60.10 -7.63
C6 MES P . -25.20 61.34 -7.21
C7 MES P . -24.40 58.28 -9.16
C8 MES P . -23.60 58.47 -10.44
S MES P . -24.40 57.68 -11.64
O1S MES P . -23.90 57.92 -13.02
O2S MES P . -24.20 56.27 -11.22
O3S MES P . -25.82 58.03 -11.64
S SO4 Q . 29.52 -46.09 32.39
O1 SO4 Q . 30.29 -46.82 31.39
O2 SO4 Q . 28.92 -47.04 33.32
O3 SO4 Q . 30.36 -45.12 33.10
O4 SO4 Q . 28.44 -45.36 31.73
O1 MES R . 38.24 -51.87 14.23
C2 MES R . 36.89 -52.29 14.02
C3 MES R . 35.94 -51.45 14.86
N4 MES R . 36.16 -50.08 14.42
C5 MES R . 37.45 -49.62 14.87
C6 MES R . 38.50 -50.46 14.14
C7 MES R . 35.11 -49.21 14.94
C8 MES R . 34.89 -49.63 16.38
S MES R . 33.29 -49.96 16.60
O1S MES R . 32.91 -50.11 18.01
O2S MES R . 32.52 -48.89 15.94
O3S MES R . 33.00 -51.25 15.93
S SO4 S . 51.05 -16.81 -24.63
O1 SO4 S . 50.24 -18.01 -24.80
O2 SO4 S . 50.42 -15.91 -23.65
O3 SO4 S . 52.37 -17.20 -24.13
O4 SO4 S . 51.18 -16.14 -25.93
O1 MES T . 40.65 -11.88 -7.37
C2 MES T . 39.60 -11.46 -8.21
C3 MES T . 39.69 -12.22 -9.52
N4 MES T . 39.58 -13.59 -9.09
C5 MES T . 40.76 -13.98 -8.37
C6 MES T . 40.67 -13.25 -7.05
C7 MES T . 39.37 -14.49 -10.21
C8 MES T . 40.30 -13.97 -11.29
S MES T . 39.59 -14.36 -12.72
O1S MES T . 40.19 -13.68 -13.89
O2S MES T . 39.63 -15.82 -12.89
O3S MES T . 38.18 -13.99 -12.60
S SO4 U . 22.22 -38.86 -43.22
O1 SO4 U . 22.90 -39.16 -44.47
O2 SO4 U . 22.04 -40.05 -42.39
O3 SO4 U . 23.03 -37.90 -42.46
O4 SO4 U . 20.94 -38.24 -43.56
O1 MES V . 19.18 -52.47 -27.96
C2 MES V . 20.57 -52.22 -27.98
C3 MES V . 20.82 -50.78 -28.41
N4 MES V . 20.19 -49.94 -27.40
C5 MES V . 18.74 -50.12 -27.42
C6 MES V . 18.44 -51.59 -27.11
C7 MES V . 20.59 -48.54 -27.58
C8 MES V . 20.88 -48.25 -29.07
S MES V . 22.44 -47.74 -29.33
O1S MES V . 22.77 -47.41 -30.74
O2S MES V . 22.82 -46.59 -28.48
O3S MES V . 23.31 -48.89 -29.05
S SO4 W . -8.54 -40.05 16.96
O1 SO4 W . -9.67 -40.97 16.88
O2 SO4 W . -8.22 -39.74 18.35
O3 SO4 W . -7.35 -40.66 16.36
O4 SO4 W . -8.86 -38.84 16.19
O1 MES X . -3.52 -26.13 2.47
C2 MES X . -2.78 -25.56 3.55
C3 MES X . -2.21 -26.61 4.51
N4 MES X . -1.43 -27.55 3.72
C5 MES X . -2.34 -28.23 2.83
C6 MES X . -2.79 -27.18 1.81
C7 MES X . -0.67 -28.47 4.56
C8 MES X . -1.57 -28.86 5.72
S MES X . -0.80 -29.26 7.14
O1S MES X . -1.80 -29.65 8.17
O2S MES X . 0.19 -30.34 6.91
O3S MES X . -0.09 -28.10 7.70
#